data_4OKN
#
_entry.id   4OKN
#
_cell.length_a   65.550
_cell.length_b   159.620
_cell.length_c   266.160
_cell.angle_alpha   90.00
_cell.angle_beta   90.00
_cell.angle_gamma   90.00
#
_symmetry.space_group_name_H-M   'P 21 21 21'
#
loop_
_entity.id
_entity.type
_entity.pdbx_description
1 polymer 'L-lactate dehydrogenase A chain'
2 non-polymer '1,4-DIHYDRONICOTINAMIDE ADENINE DINUCLEOTIDE'
3 non-polymer 'OXALATE ION'
4 non-polymer 'SULFATE ION'
5 non-polymer 'KANAMYCIN A'
6 water water
#
_entity_poly.entity_id   1
_entity_poly.type   'polypeptide(L)'
_entity_poly.pdbx_seq_one_letter_code
;ATLKDQLIYNLLKEEQTPQNKITVVGVGAVGMACAISILMKDLADELALVDVIEDKLKGEMMDLQHGSLFLRTPKIVSGK
DYNVTANSKLVIITAGARQQEGESRLNLVQRNVNIFKFIIPNVVKYSPNCKLLIVSNPVDILTYVAWKISGFPKNRVIGS
GCNLDSARFRYLMGERLGVHPLSCHGWVLGEHGDSSVPVWSGMNVAGVSLKTLHPDLGTDKDKEQWKEVHKQVVESAYEV
IKLKGYTSWAIGLSVADLAESIMKNLRRVHPVSTMIKGLYGIKDDVFLSVPCILGQNGISDLVKVTLTSEEEARLKKSAD
TLWGIQKELQFHHHHHH
;
_entity_poly.pdbx_strand_id   A,B,C,D,E,F,G,H
#
# COMPACT_ATOMS: atom_id res chain seq x y z
N ALA A 1 6.13 -36.80 -21.78
CA ALA A 1 5.43 -35.53 -22.16
C ALA A 1 4.52 -35.05 -21.03
N THR A 2 4.41 -33.73 -20.91
CA THR A 2 3.46 -33.13 -20.00
C THR A 2 2.05 -33.48 -20.47
N LEU A 3 1.11 -33.51 -19.54
CA LEU A 3 -0.28 -33.79 -19.85
C LEU A 3 -0.75 -32.87 -20.96
N LYS A 4 -0.44 -31.59 -20.85
CA LYS A 4 -0.75 -30.61 -21.88
C LYS A 4 -0.24 -30.99 -23.27
N ASP A 5 0.97 -31.55 -23.34
CA ASP A 5 1.56 -31.97 -24.61
C ASP A 5 0.87 -33.22 -25.15
N GLN A 6 0.47 -34.13 -24.26
CA GLN A 6 -0.25 -35.34 -24.66
C GLN A 6 -1.63 -35.00 -25.21
N LEU A 7 -2.27 -34.00 -24.61
CA LEU A 7 -3.61 -33.57 -24.98
C LEU A 7 -3.66 -32.72 -26.25
N ILE A 8 -2.76 -31.75 -26.32
CA ILE A 8 -2.79 -30.65 -27.27
C ILE A 8 -1.55 -30.65 -28.16
N TYR A 9 -1.77 -30.69 -29.48
CA TYR A 9 -0.71 -30.49 -30.48
C TYR A 9 -0.62 -29.02 -30.88
N ASN A 10 0.49 -28.36 -30.54
CA ASN A 10 0.69 -26.96 -30.94
C ASN A 10 1.00 -26.78 -32.42
N LEU A 11 0.23 -25.92 -33.09
CA LEU A 11 0.49 -25.55 -34.49
C LEU A 11 1.30 -24.27 -34.58
N LEU A 12 1.03 -23.29 -33.73
CA LEU A 12 1.88 -22.11 -33.69
C LEU A 12 2.01 -21.51 -32.32
N LYS A 13 3.16 -20.90 -32.10
CA LYS A 13 3.33 -20.04 -30.96
C LYS A 13 2.98 -18.66 -31.44
N GLU A 14 1.87 -18.18 -30.90
CA GLU A 14 1.24 -16.95 -31.32
C GLU A 14 2.03 -15.75 -30.83
N GLU A 15 1.36 -14.59 -30.81
CA GLU A 15 1.90 -13.42 -30.15
C GLU A 15 0.83 -12.85 -29.22
N GLN A 16 1.23 -11.92 -28.37
CA GLN A 16 0.30 -11.26 -27.44
C GLN A 16 -0.17 -9.97 -28.09
N THR A 17 -0.96 -10.10 -29.17
CA THR A 17 -1.35 -8.96 -30.00
C THR A 17 -2.84 -8.69 -29.85
N PRO A 18 -3.25 -7.99 -28.78
CA PRO A 18 -4.68 -7.76 -28.59
C PRO A 18 -5.22 -6.71 -29.57
N GLN A 19 -6.42 -6.93 -30.05
CA GLN A 19 -6.98 -6.12 -31.12
C GLN A 19 -7.93 -5.04 -30.62
N ASN A 20 -8.41 -5.20 -29.39
CA ASN A 20 -9.45 -4.36 -28.85
C ASN A 20 -9.24 -4.28 -27.36
N LYS A 21 -8.09 -3.74 -26.97
CA LYS A 21 -7.70 -3.75 -25.59
C LYS A 21 -8.16 -2.49 -24.91
N ILE A 22 -8.75 -2.64 -23.72
CA ILE A 22 -9.13 -1.51 -22.87
C ILE A 22 -8.38 -1.58 -21.56
N THR A 23 -7.84 -0.43 -21.13
CA THR A 23 -7.23 -0.30 -19.81
C THR A 23 -8.11 0.58 -18.95
N VAL A 24 -8.30 0.18 -17.69
CA VAL A 24 -8.99 1.01 -16.70
C VAL A 24 -7.95 1.41 -15.66
N VAL A 25 -7.80 2.71 -15.45
CA VAL A 25 -6.84 3.20 -14.47
C VAL A 25 -7.59 3.64 -13.23
N GLY A 26 -7.31 2.94 -12.12
CA GLY A 26 -7.98 3.16 -10.84
C GLY A 26 -9.04 2.09 -10.68
N VAL A 27 -8.92 1.27 -9.64
CA VAL A 27 -9.85 0.13 -9.44
C VAL A 27 -10.68 0.30 -8.18
N GLY A 28 -11.16 1.51 -7.92
CA GLY A 28 -12.11 1.76 -6.84
C GLY A 28 -13.51 1.46 -7.30
N ALA A 29 -14.48 2.10 -6.65
CA ALA A 29 -15.88 1.86 -6.96
C ALA A 29 -16.19 2.11 -8.44
N VAL A 30 -15.72 3.24 -8.95
CA VAL A 30 -16.01 3.65 -10.33
C VAL A 30 -15.26 2.78 -11.32
N GLY A 31 -13.97 2.58 -11.08
CA GLY A 31 -13.16 1.75 -11.98
C GLY A 31 -13.76 0.37 -12.18
N MET A 32 -14.17 -0.28 -11.10
CA MET A 32 -14.63 -1.65 -11.17
C MET A 32 -16.05 -1.74 -11.73
N ALA A 33 -16.85 -0.70 -11.49
CA ALA A 33 -18.16 -0.61 -12.13
C ALA A 33 -17.98 -0.46 -13.66
N CYS A 34 -16.99 0.34 -14.07
CA CYS A 34 -16.68 0.48 -15.50
C CYS A 34 -16.23 -0.87 -16.06
N ALA A 35 -15.32 -1.54 -15.34
CA ALA A 35 -14.80 -2.84 -15.75
C ALA A 35 -15.86 -3.94 -15.92
N ILE A 36 -16.73 -4.12 -14.93
CA ILE A 36 -17.73 -5.19 -15.01
C ILE A 36 -18.72 -4.91 -16.15
N SER A 37 -19.07 -3.63 -16.31
CA SER A 37 -19.96 -3.18 -17.39
C SER A 37 -19.37 -3.47 -18.76
N ILE A 38 -18.09 -3.15 -18.91
CA ILE A 38 -17.35 -3.44 -20.14
C ILE A 38 -17.24 -4.94 -20.42
N LEU A 39 -16.90 -5.70 -19.39
CA LEU A 39 -16.75 -7.13 -19.50
C LEU A 39 -18.06 -7.80 -19.92
N MET A 40 -19.17 -7.36 -19.34
CA MET A 40 -20.46 -7.95 -19.65
C MET A 40 -21.06 -7.46 -20.97
N LYS A 41 -20.41 -6.48 -21.61
CA LYS A 41 -20.83 -6.03 -22.93
C LYS A 41 -19.85 -6.43 -24.07
N ASP A 42 -18.88 -7.30 -23.79
CA ASP A 42 -17.94 -7.82 -24.78
C ASP A 42 -17.29 -6.74 -25.64
N LEU A 43 -16.86 -5.68 -25.00
CA LEU A 43 -16.29 -4.56 -25.71
C LEU A 43 -14.80 -4.74 -25.96
N ALA A 44 -14.16 -5.69 -25.28
CA ALA A 44 -12.70 -5.84 -25.36
C ALA A 44 -12.24 -7.29 -25.40
N ASP A 45 -11.13 -7.54 -26.08
CA ASP A 45 -10.49 -8.87 -26.04
C ASP A 45 -9.41 -8.93 -24.96
N GLU A 46 -9.08 -7.79 -24.36
CA GLU A 46 -8.15 -7.73 -23.23
C GLU A 46 -8.44 -6.54 -22.29
N LEU A 47 -8.52 -6.82 -20.99
CA LEU A 47 -8.78 -5.79 -19.99
C LEU A 47 -7.54 -5.68 -19.12
N ALA A 48 -6.92 -4.49 -19.11
CA ALA A 48 -5.82 -4.15 -18.19
C ALA A 48 -6.30 -3.23 -17.07
N LEU A 49 -5.87 -3.53 -15.85
CA LEU A 49 -6.19 -2.72 -14.69
C LEU A 49 -4.90 -2.18 -14.08
N VAL A 50 -4.94 -0.92 -13.64
CA VAL A 50 -3.79 -0.28 -13.00
C VAL A 50 -4.26 0.49 -11.78
N ASP A 51 -3.43 0.49 -10.74
CA ASP A 51 -3.66 1.27 -9.53
C ASP A 51 -2.35 1.37 -8.74
N VAL A 52 -2.29 2.26 -7.75
CA VAL A 52 -1.10 2.34 -6.87
C VAL A 52 -1.21 1.48 -5.60
N ILE A 53 -2.42 1.05 -5.26
CA ILE A 53 -2.61 0.15 -4.14
C ILE A 53 -2.54 -1.27 -4.72
N GLU A 54 -1.41 -1.94 -4.52
CA GLU A 54 -1.11 -3.18 -5.21
C GLU A 54 -1.94 -4.37 -4.78
N ASP A 55 -2.26 -4.45 -3.50
CA ASP A 55 -3.01 -5.60 -3.01
C ASP A 55 -4.46 -5.53 -3.50
N LYS A 56 -5.05 -4.35 -3.40
CA LYS A 56 -6.38 -4.08 -3.94
C LYS A 56 -6.44 -4.44 -5.43
N LEU A 57 -5.42 -4.00 -6.17
CA LEU A 57 -5.33 -4.21 -7.61
C LEU A 57 -5.35 -5.70 -7.95
N LYS A 58 -4.45 -6.44 -7.33
CA LYS A 58 -4.34 -7.88 -7.57
C LYS A 58 -5.64 -8.59 -7.20
N GLY A 59 -6.23 -8.20 -6.08
CA GLY A 59 -7.48 -8.81 -5.61
C GLY A 59 -8.64 -8.61 -6.56
N GLU A 60 -8.79 -7.38 -7.07
CA GLU A 60 -9.83 -7.07 -8.04
C GLU A 60 -9.61 -7.84 -9.35
N MET A 61 -8.36 -7.92 -9.81
CA MET A 61 -8.05 -8.70 -11.02
C MET A 61 -8.45 -10.16 -10.84
N MET A 62 -8.00 -10.76 -9.74
CA MET A 62 -8.28 -12.15 -9.44
C MET A 62 -9.77 -12.43 -9.38
N ASP A 63 -10.50 -11.53 -8.73
CA ASP A 63 -11.95 -11.70 -8.60
C ASP A 63 -12.59 -11.72 -9.98
N LEU A 64 -12.14 -10.85 -10.89
CA LEU A 64 -12.68 -10.84 -12.25
C LEU A 64 -12.28 -12.10 -13.02
N GLN A 65 -11.08 -12.58 -12.81
CA GLN A 65 -10.61 -13.76 -13.52
C GLN A 65 -11.42 -14.98 -13.13
N HIS A 66 -11.81 -15.07 -11.87
CA HIS A 66 -12.59 -16.21 -11.37
C HIS A 66 -13.96 -16.31 -12.03
N GLY A 67 -14.46 -15.19 -12.55
CA GLY A 67 -15.63 -15.17 -13.38
C GLY A 67 -15.39 -15.37 -14.87
N SER A 68 -14.17 -15.73 -15.28
CA SER A 68 -13.86 -15.87 -16.72
C SER A 68 -14.80 -16.83 -17.43
N LEU A 69 -15.22 -17.88 -16.74
CA LEU A 69 -16.14 -18.85 -17.33
C LEU A 69 -17.41 -18.20 -17.89
N PHE A 70 -17.85 -17.15 -17.24
CA PHE A 70 -19.09 -16.46 -17.59
C PHE A 70 -18.84 -15.23 -18.49
N LEU A 71 -17.62 -15.08 -18.99
CA LEU A 71 -17.26 -13.93 -19.81
C LEU A 71 -16.71 -14.37 -21.17
N ARG A 72 -16.59 -13.42 -22.08
CA ARG A 72 -15.98 -13.65 -23.40
C ARG A 72 -14.85 -12.65 -23.63
N THR A 73 -14.08 -12.40 -22.59
CA THR A 73 -12.91 -11.51 -22.63
C THR A 73 -11.76 -12.33 -22.11
N PRO A 74 -10.96 -12.96 -23.01
CA PRO A 74 -10.10 -14.06 -22.57
C PRO A 74 -8.88 -13.67 -21.73
N LYS A 75 -8.44 -12.42 -21.83
CA LYS A 75 -7.27 -11.93 -21.08
C LYS A 75 -7.59 -10.74 -20.16
N ILE A 76 -7.37 -10.95 -18.86
CA ILE A 76 -7.54 -9.91 -17.84
C ILE A 76 -6.24 -9.80 -17.07
N VAL A 77 -5.53 -8.67 -17.19
CA VAL A 77 -4.23 -8.49 -16.55
C VAL A 77 -4.24 -7.24 -15.67
N SER A 78 -3.20 -7.10 -14.84
CA SER A 78 -3.08 -5.89 -14.02
C SER A 78 -1.69 -5.68 -13.50
N GLY A 79 -1.47 -4.49 -12.99
CA GLY A 79 -0.19 -4.17 -12.36
C GLY A 79 -0.01 -2.70 -12.16
N LYS A 80 0.80 -2.35 -11.14
CA LYS A 80 1.17 -0.99 -10.84
C LYS A 80 2.01 -0.39 -11.97
N ASP A 81 2.71 -1.24 -12.71
CA ASP A 81 3.55 -0.79 -13.81
C ASP A 81 2.74 -0.74 -15.12
N TYR A 82 2.94 0.33 -15.88
CA TYR A 82 2.11 0.61 -17.03
C TYR A 82 2.40 -0.26 -18.26
N ASN A 83 3.46 -1.08 -18.21
CA ASN A 83 3.72 -2.04 -19.33
C ASN A 83 2.55 -3.04 -19.58
N VAL A 84 1.72 -3.29 -18.57
CA VAL A 84 0.52 -4.11 -18.76
C VAL A 84 -0.53 -3.40 -19.62
N THR A 85 -0.41 -2.09 -19.79
CA THR A 85 -1.41 -1.30 -20.54
C THR A 85 -1.08 -1.09 -22.03
N ALA A 86 0.03 -1.67 -22.49
CA ALA A 86 0.57 -1.39 -23.81
C ALA A 86 -0.41 -1.72 -24.95
N ASN A 87 -0.46 -0.86 -25.96
CA ASN A 87 -1.30 -1.02 -27.15
C ASN A 87 -2.81 -1.04 -26.82
N SER A 88 -3.24 -0.26 -25.83
CA SER A 88 -4.66 -0.12 -25.54
C SER A 88 -5.27 0.78 -26.61
N LYS A 89 -6.45 0.40 -27.08
CA LYS A 89 -7.23 1.26 -27.99
C LYS A 89 -7.90 2.36 -27.19
N LEU A 90 -8.29 2.04 -25.95
CA LEU A 90 -9.06 2.94 -25.10
C LEU A 90 -8.54 2.85 -23.67
N VAL A 91 -8.21 3.98 -23.07
CA VAL A 91 -7.74 4.00 -21.71
C VAL A 91 -8.65 4.89 -20.88
N ILE A 92 -9.24 4.30 -19.85
CA ILE A 92 -10.25 4.96 -19.05
C ILE A 92 -9.65 5.34 -17.70
N ILE A 93 -9.60 6.64 -17.42
CA ILE A 93 -8.99 7.15 -16.19
C ILE A 93 -10.08 7.40 -15.16
N THR A 94 -10.11 6.57 -14.12
CA THR A 94 -11.07 6.72 -13.04
C THR A 94 -10.39 7.01 -11.69
N ALA A 95 -9.12 7.39 -11.73
CA ALA A 95 -8.34 7.50 -10.50
C ALA A 95 -8.60 8.82 -9.76
N GLY A 96 -8.58 8.75 -8.44
CA GLY A 96 -8.52 9.94 -7.61
C GLY A 96 -9.58 10.09 -6.55
N ALA A 97 -9.48 11.20 -5.83
CA ALA A 97 -10.39 11.56 -4.77
C ALA A 97 -11.78 11.86 -5.34
N ARG A 98 -12.77 11.53 -4.52
CA ARG A 98 -14.17 11.72 -4.84
C ARG A 98 -14.81 12.65 -3.81
N GLN A 99 -15.89 13.31 -4.19
CA GLN A 99 -16.55 14.27 -3.31
C GLN A 99 -17.19 13.53 -2.17
N GLN A 100 -17.03 14.06 -0.96
CA GLN A 100 -17.78 13.59 0.18
C GLN A 100 -19.11 14.32 0.19
N GLU A 101 -20.02 13.84 1.02
CA GLU A 101 -21.33 14.47 1.19
C GLU A 101 -21.20 15.99 1.26
N GLY A 102 -21.93 16.69 0.40
CA GLY A 102 -22.02 18.15 0.44
C GLY A 102 -20.82 18.90 -0.13
N GLU A 103 -19.93 18.18 -0.83
CA GLU A 103 -18.69 18.76 -1.34
C GLU A 103 -18.74 18.90 -2.86
N SER A 104 -18.27 20.04 -3.38
CA SER A 104 -18.21 20.26 -4.83
C SER A 104 -17.09 19.45 -5.50
N ARG A 105 -17.36 18.98 -6.71
CA ARG A 105 -16.36 18.28 -7.53
C ARG A 105 -15.16 19.19 -7.82
N LEU A 106 -15.40 20.49 -7.83
CA LEU A 106 -14.36 21.48 -8.08
C LEU A 106 -13.35 21.52 -6.93
N ASN A 107 -13.77 21.03 -5.76
CA ASN A 107 -12.93 20.90 -4.59
C ASN A 107 -11.94 19.72 -4.66
N LEU A 108 -12.04 18.91 -5.71
CA LEU A 108 -11.14 17.76 -5.90
C LEU A 108 -9.91 18.09 -6.76
N VAL A 109 -9.87 19.28 -7.32
CA VAL A 109 -9.03 19.53 -8.49
C VAL A 109 -7.52 19.44 -8.21
N GLN A 110 -7.06 20.02 -7.12
CA GLN A 110 -5.61 20.05 -6.86
C GLN A 110 -5.09 18.63 -6.61
N ARG A 111 -5.75 17.92 -5.69
CA ARG A 111 -5.44 16.51 -5.44
C ARG A 111 -5.37 15.68 -6.72
N ASN A 112 -6.34 15.88 -7.61
CA ASN A 112 -6.45 15.03 -8.80
C ASN A 112 -5.61 15.49 -9.97
N VAL A 113 -5.27 16.77 -10.00
CA VAL A 113 -4.33 17.24 -11.01
C VAL A 113 -2.97 16.60 -10.73
N ASN A 114 -2.61 16.51 -9.47
CA ASN A 114 -1.34 15.88 -9.09
C ASN A 114 -1.29 14.43 -9.56
N ILE A 115 -2.38 13.69 -9.35
CA ILE A 115 -2.39 12.29 -9.75
C ILE A 115 -2.42 12.12 -11.29
N PHE A 116 -2.98 13.10 -12.00
CA PHE A 116 -2.94 13.07 -13.48
C PHE A 116 -1.54 13.37 -14.01
N LYS A 117 -0.76 14.13 -13.27
CA LYS A 117 0.61 14.39 -13.67
C LYS A 117 1.44 13.12 -13.60
N PHE A 118 1.08 12.22 -12.68
CA PHE A 118 1.74 10.91 -12.57
C PHE A 118 1.24 9.96 -13.67
N ILE A 119 -0.08 9.84 -13.76
CA ILE A 119 -0.73 8.84 -14.61
C ILE A 119 -0.54 9.05 -16.10
N ILE A 120 -0.81 10.26 -16.57
CA ILE A 120 -1.00 10.50 -17.99
C ILE A 120 0.28 10.28 -18.80
N PRO A 121 1.43 10.75 -18.31
CA PRO A 121 2.65 10.45 -19.07
C PRO A 121 2.91 8.94 -19.20
N ASN A 122 2.54 8.18 -18.18
CA ASN A 122 2.77 6.75 -18.19
C ASN A 122 1.86 6.01 -19.16
N VAL A 123 0.62 6.48 -19.31
CA VAL A 123 -0.31 5.88 -20.27
C VAL A 123 0.10 6.18 -21.72
N VAL A 124 0.53 7.42 -21.99
CA VAL A 124 0.92 7.81 -23.36
C VAL A 124 2.19 7.10 -23.81
N LYS A 125 3.10 6.86 -22.87
CA LYS A 125 4.32 6.11 -23.16
C LYS A 125 4.01 4.75 -23.78
N TYR A 126 3.07 4.02 -23.20
CA TYR A 126 2.75 2.64 -23.62
C TYR A 126 1.56 2.50 -24.58
N SER A 127 0.71 3.52 -24.69
CA SER A 127 -0.39 3.51 -25.69
C SER A 127 -0.51 4.88 -26.37
N PRO A 128 0.47 5.23 -27.23
CA PRO A 128 0.45 6.54 -27.87
C PRO A 128 -0.71 6.77 -28.83
N ASN A 129 -1.36 5.70 -29.31
CA ASN A 129 -2.47 5.84 -30.25
C ASN A 129 -3.83 5.63 -29.62
N CYS A 130 -3.91 5.55 -28.30
CA CYS A 130 -5.19 5.29 -27.64
C CYS A 130 -6.07 6.53 -27.64
N LYS A 131 -7.36 6.31 -27.36
CA LYS A 131 -8.24 7.38 -26.98
C LYS A 131 -8.25 7.40 -25.46
N LEU A 132 -8.29 8.60 -24.89
CA LEU A 132 -8.39 8.75 -23.44
C LEU A 132 -9.83 9.08 -23.08
N LEU A 133 -10.40 8.29 -22.18
CA LEU A 133 -11.72 8.58 -21.65
C LEU A 133 -11.55 8.93 -20.18
N ILE A 134 -11.80 10.19 -19.86
CA ILE A 134 -11.54 10.74 -18.53
C ILE A 134 -12.81 10.66 -17.72
N VAL A 135 -12.73 10.04 -16.54
CA VAL A 135 -13.89 9.92 -15.67
C VAL A 135 -13.73 10.65 -14.34
N SER A 136 -12.50 10.74 -13.83
CA SER A 136 -12.24 11.40 -12.54
C SER A 136 -12.83 12.81 -12.51
N ASN A 137 -13.26 13.24 -11.32
CA ASN A 137 -13.78 14.59 -11.13
C ASN A 137 -12.72 15.58 -10.66
N PRO A 138 -12.85 16.86 -11.04
CA PRO A 138 -13.87 17.42 -11.92
C PRO A 138 -13.59 17.07 -13.38
N VAL A 139 -14.49 16.29 -13.97
CA VAL A 139 -14.20 15.59 -15.23
C VAL A 139 -13.86 16.51 -16.39
N ASP A 140 -14.52 17.66 -16.47
CA ASP A 140 -14.25 18.60 -17.56
C ASP A 140 -12.83 19.16 -17.45
N ILE A 141 -12.48 19.65 -16.27
CA ILE A 141 -11.16 20.22 -16.01
C ILE A 141 -10.08 19.17 -16.25
N LEU A 142 -10.30 17.97 -15.73
CA LEU A 142 -9.34 16.88 -15.87
C LEU A 142 -9.22 16.33 -17.31
N THR A 143 -10.24 16.52 -18.14
CA THR A 143 -10.13 16.25 -19.57
C THR A 143 -9.16 17.24 -20.23
N TYR A 144 -9.26 18.50 -19.85
CA TYR A 144 -8.32 19.52 -20.31
C TYR A 144 -6.90 19.17 -19.85
N VAL A 145 -6.77 18.76 -18.58
CA VAL A 145 -5.48 18.42 -18.00
C VAL A 145 -4.88 17.23 -18.71
N ALA A 146 -5.69 16.20 -18.92
CA ALA A 146 -5.23 15.04 -19.67
C ALA A 146 -4.80 15.45 -21.09
N TRP A 147 -5.59 16.33 -21.73
CA TRP A 147 -5.29 16.82 -23.07
C TRP A 147 -3.94 17.51 -23.08
N LYS A 148 -3.73 18.33 -22.06
CA LYS A 148 -2.52 19.14 -21.94
C LYS A 148 -1.27 18.34 -21.62
N ILE A 149 -1.37 17.36 -20.72
CA ILE A 149 -0.21 16.54 -20.36
C ILE A 149 0.12 15.56 -21.49
N SER A 150 -0.90 15.01 -22.16
CA SER A 150 -0.68 14.01 -23.20
C SER A 150 -0.09 14.57 -24.49
N GLY A 151 -0.43 15.80 -24.82
CA GLY A 151 -0.13 16.35 -26.15
C GLY A 151 -0.93 15.67 -27.26
N PHE A 152 -1.96 14.91 -26.89
CA PHE A 152 -2.83 14.27 -27.86
C PHE A 152 -3.63 15.34 -28.60
N PRO A 153 -3.97 15.09 -29.87
CA PRO A 153 -4.96 15.94 -30.52
C PRO A 153 -6.31 15.82 -29.81
N LYS A 154 -7.12 16.86 -29.89
CA LYS A 154 -8.37 16.96 -29.11
C LYS A 154 -9.40 15.83 -29.38
N ASN A 155 -9.39 15.23 -30.56
CA ASN A 155 -10.34 14.14 -30.86
C ASN A 155 -10.17 12.90 -29.97
N ARG A 156 -8.95 12.66 -29.52
CA ARG A 156 -8.61 11.46 -28.75
C ARG A 156 -8.64 11.68 -27.25
N VAL A 157 -9.16 12.82 -26.80
CA VAL A 157 -9.28 13.12 -25.36
C VAL A 157 -10.71 13.54 -25.04
N ILE A 158 -11.41 12.65 -24.34
CA ILE A 158 -12.87 12.70 -24.20
C ILE A 158 -13.19 12.60 -22.72
N GLY A 159 -14.06 13.47 -22.22
CA GLY A 159 -14.52 13.37 -20.83
C GLY A 159 -15.90 12.76 -20.81
N SER A 160 -16.16 11.88 -19.85
CA SER A 160 -17.44 11.21 -19.75
C SER A 160 -18.57 12.24 -19.72
N GLY A 161 -18.28 13.41 -19.14
CA GLY A 161 -19.10 14.60 -19.32
C GLY A 161 -20.54 14.47 -18.88
N CYS A 162 -21.44 14.91 -19.73
CA CYS A 162 -22.85 14.95 -19.38
C CYS A 162 -23.64 13.78 -19.92
N ASN A 163 -22.96 12.76 -20.44
CA ASN A 163 -23.63 11.52 -20.85
C ASN A 163 -24.48 10.97 -19.69
N LEU A 164 -23.91 10.98 -18.49
CA LEU A 164 -24.63 10.59 -17.27
C LEU A 164 -25.74 11.59 -16.85
N ASP A 165 -25.45 12.88 -16.89
CA ASP A 165 -26.46 13.88 -16.50
C ASP A 165 -27.69 13.79 -17.40
N SER A 166 -27.43 13.56 -18.69
CA SER A 166 -28.50 13.42 -19.68
C SER A 166 -29.27 12.12 -19.44
N ALA A 167 -28.57 11.03 -19.10
CA ALA A 167 -29.23 9.77 -18.74
C ALA A 167 -30.18 9.93 -17.54
N ARG A 168 -29.69 10.61 -16.50
CA ARG A 168 -30.48 10.85 -15.29
C ARG A 168 -31.70 11.68 -15.63
N PHE A 169 -31.48 12.69 -16.45
CA PHE A 169 -32.51 13.58 -16.92
C PHE A 169 -33.63 12.79 -17.60
N ARG A 170 -33.24 11.88 -18.50
CA ARG A 170 -34.19 11.09 -19.28
C ARG A 170 -34.91 10.07 -18.39
N TYR A 171 -34.22 9.53 -17.39
CA TYR A 171 -34.88 8.70 -16.37
C TYR A 171 -36.01 9.45 -15.65
N LEU A 172 -35.71 10.68 -15.24
CA LEU A 172 -36.66 11.49 -14.46
C LEU A 172 -37.81 11.95 -15.34
N MET A 173 -37.48 12.38 -16.56
CA MET A 173 -38.48 12.65 -17.59
C MET A 173 -39.37 11.40 -17.70
N GLY A 174 -38.72 10.24 -17.83
CA GLY A 174 -39.41 8.98 -17.99
C GLY A 174 -40.38 8.69 -16.88
N GLU A 175 -39.93 8.92 -15.65
CA GLU A 175 -40.78 8.69 -14.48
C GLU A 175 -41.99 9.64 -14.53
N ARG A 176 -41.78 10.90 -14.90
CA ARG A 176 -42.91 11.84 -15.00
C ARG A 176 -43.94 11.48 -16.07
N LEU A 177 -43.50 11.01 -17.23
CA LEU A 177 -44.43 10.74 -18.34
C LEU A 177 -44.94 9.30 -18.44
N GLY A 178 -44.36 8.39 -17.66
CA GLY A 178 -44.67 6.96 -17.77
C GLY A 178 -44.12 6.35 -19.05
N VAL A 179 -42.94 6.79 -19.46
CA VAL A 179 -42.32 6.37 -20.72
C VAL A 179 -40.90 5.93 -20.44
N HIS A 180 -40.46 4.88 -21.12
CA HIS A 180 -39.09 4.41 -20.94
C HIS A 180 -38.11 5.52 -21.35
N PRO A 181 -37.01 5.71 -20.59
CA PRO A 181 -35.95 6.69 -20.89
C PRO A 181 -35.41 6.68 -22.33
N LEU A 182 -35.28 5.49 -22.91
CA LEU A 182 -34.94 5.31 -24.34
C LEU A 182 -35.78 6.17 -25.27
N SER A 183 -37.05 6.37 -24.94
CA SER A 183 -37.98 7.08 -25.79
C SER A 183 -38.23 8.51 -25.33
N CYS A 184 -37.64 8.87 -24.19
CA CYS A 184 -37.58 10.24 -23.74
C CYS A 184 -36.26 10.86 -24.15
N HIS A 185 -36.32 11.93 -24.92
CA HIS A 185 -35.11 12.60 -25.34
C HIS A 185 -34.99 13.95 -24.66
N GLY A 186 -33.81 14.23 -24.12
CA GLY A 186 -33.53 15.53 -23.54
C GLY A 186 -32.05 15.61 -23.26
N TRP A 187 -31.51 16.83 -23.32
CA TRP A 187 -30.07 17.01 -23.24
C TRP A 187 -29.68 17.98 -22.14
N VAL A 188 -28.72 17.54 -21.33
CA VAL A 188 -28.05 18.40 -20.36
C VAL A 188 -26.63 18.58 -20.87
N LEU A 189 -26.24 19.83 -21.07
CA LEU A 189 -24.94 20.20 -21.60
C LEU A 189 -24.13 21.02 -20.57
N GLY A 190 -22.86 21.26 -20.90
CA GLY A 190 -21.99 22.10 -20.09
C GLY A 190 -21.16 21.32 -19.10
N GLU A 191 -21.04 21.88 -17.90
CA GLU A 191 -20.24 21.27 -16.85
C GLU A 191 -20.93 20.02 -16.40
N HIS A 192 -20.17 18.97 -16.16
CA HIS A 192 -20.65 17.88 -15.33
C HIS A 192 -20.60 18.36 -13.88
N GLY A 193 -21.61 19.14 -13.50
CA GLY A 193 -21.64 19.75 -12.18
C GLY A 193 -22.78 20.73 -12.01
N ASP A 194 -22.63 21.63 -11.06
CA ASP A 194 -23.72 22.49 -10.63
C ASP A 194 -24.22 23.45 -11.71
N SER A 195 -23.36 23.78 -12.67
CA SER A 195 -23.74 24.75 -13.70
C SER A 195 -24.21 24.11 -15.03
N SER A 196 -24.53 22.83 -15.01
CA SER A 196 -25.04 22.13 -16.21
C SER A 196 -26.32 22.80 -16.74
N VAL A 197 -26.51 22.68 -18.05
CA VAL A 197 -27.58 23.39 -18.75
C VAL A 197 -28.61 22.41 -19.32
N PRO A 198 -29.86 22.52 -18.85
CA PRO A 198 -30.94 21.71 -19.41
C PRO A 198 -31.50 22.36 -20.67
N VAL A 199 -31.38 21.70 -21.81
CA VAL A 199 -31.84 22.27 -23.07
C VAL A 199 -33.33 21.95 -23.27
N TRP A 200 -34.15 22.86 -22.75
CA TRP A 200 -35.59 22.71 -22.75
C TRP A 200 -36.15 22.58 -24.16
N SER A 201 -35.56 23.32 -25.09
CA SER A 201 -36.00 23.33 -26.49
C SER A 201 -35.90 21.97 -27.16
N GLY A 202 -34.95 21.15 -26.72
CA GLY A 202 -34.72 19.84 -27.33
C GLY A 202 -35.53 18.69 -26.75
N MET A 203 -36.15 18.89 -25.60
CA MET A 203 -36.87 17.81 -24.93
C MET A 203 -38.10 17.37 -25.70
N ASN A 204 -38.22 16.06 -25.92
CA ASN A 204 -39.29 15.53 -26.76
C ASN A 204 -39.54 14.04 -26.57
N VAL A 205 -40.74 13.63 -26.96
CA VAL A 205 -41.09 12.22 -27.11
C VAL A 205 -41.68 12.08 -28.51
N ALA A 206 -41.23 11.07 -29.25
CA ALA A 206 -41.60 10.87 -30.66
C ALA A 206 -41.48 12.12 -31.52
N GLY A 207 -40.52 12.97 -31.18
CA GLY A 207 -40.29 14.20 -31.91
C GLY A 207 -41.26 15.34 -31.62
N VAL A 208 -42.14 15.19 -30.63
CA VAL A 208 -43.04 16.32 -30.29
C VAL A 208 -42.42 17.11 -29.13
N SER A 209 -42.11 18.38 -29.42
CA SER A 209 -41.47 19.28 -28.49
C SER A 209 -42.35 19.58 -27.27
N LEU A 210 -41.81 19.30 -26.09
CA LEU A 210 -42.48 19.58 -24.84
C LEU A 210 -42.63 21.10 -24.63
N LYS A 211 -41.64 21.87 -25.07
CA LYS A 211 -41.66 23.32 -24.92
C LYS A 211 -42.78 23.94 -25.76
N THR A 212 -43.01 23.39 -26.94
CA THR A 212 -44.12 23.82 -27.78
C THR A 212 -45.48 23.55 -27.12
N LEU A 213 -45.63 22.38 -26.51
CA LEU A 213 -46.90 22.05 -25.82
C LEU A 213 -47.10 22.91 -24.58
N HIS A 214 -46.01 23.15 -23.86
CA HIS A 214 -46.03 23.79 -22.56
C HIS A 214 -44.97 24.89 -22.58
N PRO A 215 -45.32 26.06 -23.12
CA PRO A 215 -44.36 27.17 -23.29
C PRO A 215 -43.67 27.59 -21.99
N ASP A 216 -44.34 27.42 -20.85
CA ASP A 216 -43.74 27.76 -19.55
C ASP A 216 -42.91 26.61 -18.96
N LEU A 217 -42.36 25.75 -19.82
CA LEU A 217 -41.56 24.60 -19.38
C LEU A 217 -40.20 25.05 -18.85
N GLY A 218 -39.87 24.61 -17.64
CA GLY A 218 -38.56 24.91 -17.05
C GLY A 218 -38.38 26.38 -16.68
N THR A 219 -39.49 27.08 -16.52
CA THR A 219 -39.47 28.48 -16.17
C THR A 219 -39.94 28.59 -14.72
N ASP A 220 -39.94 29.79 -14.17
CA ASP A 220 -40.42 30.01 -12.81
C ASP A 220 -41.93 29.86 -12.70
N LYS A 221 -42.66 30.42 -13.65
CA LYS A 221 -44.13 30.28 -13.68
C LYS A 221 -44.63 28.90 -14.15
N ASP A 222 -43.72 27.92 -14.26
CA ASP A 222 -44.09 26.54 -14.58
C ASP A 222 -44.85 25.89 -13.42
N LYS A 223 -46.15 25.74 -13.57
CA LYS A 223 -46.97 25.12 -12.51
C LYS A 223 -46.51 23.68 -12.23
N GLU A 224 -45.99 23.00 -13.25
CA GLU A 224 -45.52 21.63 -13.09
C GLU A 224 -44.06 21.53 -12.61
N GLN A 225 -43.39 22.68 -12.51
CA GLN A 225 -42.06 22.75 -11.90
C GLN A 225 -41.04 21.84 -12.58
N TRP A 226 -41.02 21.84 -13.91
CA TRP A 226 -40.05 21.00 -14.63
C TRP A 226 -38.61 21.39 -14.35
N LYS A 227 -38.37 22.63 -13.93
CA LYS A 227 -37.06 23.07 -13.45
C LYS A 227 -36.55 22.19 -12.28
N GLU A 228 -37.47 21.58 -11.57
CA GLU A 228 -37.13 20.70 -10.44
C GLU A 228 -36.50 19.38 -10.93
N VAL A 229 -36.81 19.01 -12.16
CA VAL A 229 -36.21 17.83 -12.76
C VAL A 229 -34.71 18.07 -13.00
N HIS A 230 -34.38 19.23 -13.57
CA HIS A 230 -32.97 19.58 -13.75
C HIS A 230 -32.24 19.75 -12.41
N LYS A 231 -32.90 20.39 -11.45
CA LYS A 231 -32.39 20.48 -10.08
C LYS A 231 -32.04 19.09 -9.58
N GLN A 232 -32.98 18.16 -9.73
CA GLN A 232 -32.73 16.80 -9.28
C GLN A 232 -31.54 16.15 -9.98
N VAL A 233 -31.35 16.45 -11.27
CA VAL A 233 -30.16 16.00 -12.00
C VAL A 233 -28.90 16.57 -11.34
N VAL A 234 -28.92 17.88 -11.07
CA VAL A 234 -27.79 18.55 -10.42
C VAL A 234 -27.45 17.92 -9.07
N GLU A 235 -28.50 17.61 -8.29
CA GLU A 235 -28.33 17.15 -6.93
C GLU A 235 -28.20 15.63 -6.83
N SER A 236 -28.38 14.93 -7.95
CA SER A 236 -28.42 13.47 -7.92
C SER A 236 -27.17 12.84 -7.32
N ALA A 237 -25.97 13.26 -7.73
CA ALA A 237 -24.75 12.69 -7.17
C ALA A 237 -24.68 12.86 -5.66
N TYR A 238 -24.99 14.06 -5.17
CA TYR A 238 -24.91 14.35 -3.75
C TYR A 238 -25.92 13.49 -2.98
N GLU A 239 -27.09 13.31 -3.55
CA GLU A 239 -28.13 12.51 -2.90
C GLU A 239 -27.69 11.05 -2.77
N VAL A 240 -27.08 10.50 -3.83
CA VAL A 240 -26.60 9.12 -3.82
C VAL A 240 -25.39 8.99 -2.87
N ILE A 241 -24.50 9.98 -2.88
CA ILE A 241 -23.34 10.02 -1.96
C ILE A 241 -23.79 10.11 -0.50
N LYS A 242 -24.85 10.88 -0.24
CA LYS A 242 -25.40 10.99 1.10
C LYS A 242 -25.92 9.64 1.60
N LEU A 243 -26.44 8.84 0.68
CA LEU A 243 -27.08 7.57 1.05
C LEU A 243 -26.11 6.39 1.09
N LYS A 244 -25.28 6.23 0.06
CA LYS A 244 -24.35 5.09 0.00
C LYS A 244 -22.86 5.47 -0.01
N GLY A 245 -22.55 6.75 0.09
CA GLY A 245 -21.14 7.21 0.22
C GLY A 245 -20.36 7.50 -1.05
N TYR A 246 -20.93 7.19 -2.23
CA TYR A 246 -20.27 7.36 -3.53
C TYR A 246 -21.27 6.98 -4.61
N THR A 247 -21.00 7.34 -5.88
CA THR A 247 -21.79 6.78 -6.99
C THR A 247 -20.91 5.86 -7.81
N SER A 248 -21.50 4.79 -8.35
CA SER A 248 -20.72 3.84 -9.16
C SER A 248 -21.46 3.23 -10.35
N TRP A 249 -22.65 2.66 -10.09
CA TRP A 249 -23.31 1.86 -11.14
C TRP A 249 -23.71 2.69 -12.36
N ALA A 250 -24.35 3.84 -12.14
CA ALA A 250 -24.81 4.67 -13.26
C ALA A 250 -23.65 5.16 -14.13
N ILE A 251 -22.58 5.65 -13.50
CA ILE A 251 -21.41 6.09 -14.27
C ILE A 251 -20.74 4.92 -14.98
N GLY A 252 -20.75 3.75 -14.33
CA GLY A 252 -20.21 2.54 -14.94
C GLY A 252 -20.90 2.23 -16.26
N LEU A 253 -22.22 2.34 -16.25
CA LEU A 253 -23.02 2.09 -17.45
C LEU A 253 -22.87 3.21 -18.49
N SER A 254 -22.76 4.46 -18.03
CA SER A 254 -22.54 5.58 -18.95
C SER A 254 -21.22 5.40 -19.70
N VAL A 255 -20.17 5.09 -18.95
CA VAL A 255 -18.84 4.88 -19.52
C VAL A 255 -18.81 3.72 -20.52
N ALA A 256 -19.53 2.65 -20.20
CA ALA A 256 -19.64 1.51 -21.09
C ALA A 256 -20.32 1.92 -22.38
N ASP A 257 -21.37 2.74 -22.25
CA ASP A 257 -22.11 3.26 -23.39
C ASP A 257 -21.16 4.01 -24.33
N LEU A 258 -20.32 4.85 -23.75
CA LEU A 258 -19.34 5.65 -24.49
C LEU A 258 -18.28 4.74 -25.12
N ALA A 259 -17.79 3.78 -24.34
CA ALA A 259 -16.85 2.78 -24.82
C ALA A 259 -17.40 1.96 -26.00
N GLU A 260 -18.69 1.63 -25.93
CA GLU A 260 -19.31 0.86 -27.00
C GLU A 260 -19.22 1.62 -28.32
N SER A 261 -19.57 2.91 -28.29
CA SER A 261 -19.54 3.72 -29.48
C SER A 261 -18.13 3.86 -30.05
N ILE A 262 -17.14 4.00 -29.19
CA ILE A 262 -15.76 4.15 -29.63
C ILE A 262 -15.24 2.85 -30.26
N MET A 263 -15.33 1.76 -29.51
CA MET A 263 -14.77 0.47 -29.91
C MET A 263 -15.50 -0.12 -31.12
N LYS A 264 -16.81 0.12 -31.24
CA LYS A 264 -17.57 -0.42 -32.37
C LYS A 264 -17.77 0.59 -33.50
N ASN A 265 -17.13 1.75 -33.40
CA ASN A 265 -17.21 2.81 -34.40
C ASN A 265 -18.63 3.21 -34.78
N LEU A 266 -19.50 3.39 -33.78
CA LEU A 266 -20.93 3.52 -34.06
C LEU A 266 -21.34 4.86 -34.65
N ARG A 267 -20.61 5.91 -34.28
CA ARG A 267 -20.93 7.29 -34.68
C ARG A 267 -22.27 7.72 -34.09
N ARG A 268 -22.53 7.28 -32.87
CA ARG A 268 -23.63 7.81 -32.08
C ARG A 268 -23.21 9.15 -31.49
N VAL A 269 -24.21 9.95 -31.14
CA VAL A 269 -23.99 11.27 -30.61
C VAL A 269 -24.12 11.24 -29.09
N HIS A 270 -23.08 11.72 -28.38
CA HIS A 270 -23.09 11.80 -26.91
C HIS A 270 -22.64 13.14 -26.39
N PRO A 271 -23.25 13.63 -25.29
CA PRO A 271 -22.76 14.83 -24.65
C PRO A 271 -21.53 14.47 -23.81
N VAL A 272 -20.35 14.75 -24.36
CA VAL A 272 -19.08 14.44 -23.69
C VAL A 272 -18.19 15.67 -23.64
N SER A 273 -17.31 15.71 -22.65
CA SER A 273 -16.42 16.85 -22.45
C SER A 273 -15.43 16.95 -23.61
N THR A 274 -15.42 18.12 -24.24
CA THR A 274 -14.60 18.34 -25.40
C THR A 274 -14.22 19.80 -25.46
N MET A 275 -13.21 20.10 -26.27
CA MET A 275 -12.71 21.45 -26.41
C MET A 275 -13.71 22.26 -27.24
N ILE A 276 -14.29 23.31 -26.67
CA ILE A 276 -15.31 24.09 -27.39
C ILE A 276 -14.93 25.55 -27.71
N LYS A 277 -13.65 25.90 -27.51
CA LYS A 277 -13.11 27.18 -27.99
C LYS A 277 -13.61 27.48 -29.39
N GLY A 278 -14.13 28.69 -29.60
CA GLY A 278 -14.69 29.08 -30.88
C GLY A 278 -16.20 29.04 -30.93
N LEU A 279 -16.85 28.29 -30.04
CA LEU A 279 -18.32 28.26 -29.96
C LEU A 279 -18.83 29.15 -28.83
N TYR A 280 -19.99 29.75 -29.05
CA TYR A 280 -20.69 30.54 -28.02
C TYR A 280 -19.85 31.65 -27.41
N GLY A 281 -18.99 32.26 -28.23
CA GLY A 281 -18.13 33.34 -27.77
C GLY A 281 -17.04 32.93 -26.81
N ILE A 282 -16.86 31.63 -26.58
CA ILE A 282 -15.80 31.14 -25.72
C ILE A 282 -14.50 31.14 -26.51
N LYS A 283 -13.44 31.71 -25.93
CA LYS A 283 -12.16 31.87 -26.64
C LYS A 283 -10.93 31.34 -25.89
N ASP A 284 -11.16 30.61 -24.79
CA ASP A 284 -10.08 29.89 -24.09
C ASP A 284 -10.21 28.39 -24.31
N ASP A 285 -9.19 27.64 -23.89
CA ASP A 285 -9.16 26.20 -24.05
C ASP A 285 -10.05 25.47 -23.03
N VAL A 286 -11.34 25.76 -23.06
CA VAL A 286 -12.24 25.20 -22.07
C VAL A 286 -12.83 23.91 -22.63
N PHE A 287 -12.86 22.88 -21.78
CA PHE A 287 -13.55 21.63 -22.09
C PHE A 287 -14.88 21.58 -21.34
N LEU A 288 -15.94 21.16 -22.03
CA LEU A 288 -17.22 20.85 -21.40
C LEU A 288 -18.12 20.12 -22.40
N SER A 289 -19.30 19.70 -21.94
CA SER A 289 -20.13 18.80 -22.74
C SER A 289 -21.00 19.48 -23.77
N VAL A 290 -20.82 19.03 -25.01
CA VAL A 290 -21.74 19.34 -26.11
C VAL A 290 -21.90 18.00 -26.87
N PRO A 291 -23.05 17.80 -27.57
CA PRO A 291 -23.17 16.50 -28.25
C PRO A 291 -22.06 16.28 -29.27
N CYS A 292 -21.37 15.14 -29.19
CA CYS A 292 -20.32 14.77 -30.15
C CYS A 292 -20.58 13.45 -30.83
N ILE A 293 -20.10 13.34 -32.07
CA ILE A 293 -20.07 12.07 -32.78
C ILE A 293 -18.86 11.25 -32.32
N LEU A 294 -19.12 10.07 -31.75
CA LEU A 294 -18.09 9.21 -31.16
C LEU A 294 -17.88 7.96 -31.98
N GLY A 295 -16.61 7.66 -32.26
CA GLY A 295 -16.26 6.49 -33.05
C GLY A 295 -14.83 6.06 -32.83
N GLN A 296 -14.29 5.32 -33.79
CA GLN A 296 -12.97 4.71 -33.67
C GLN A 296 -11.84 5.73 -33.47
N ASN A 297 -12.01 6.95 -33.97
CA ASN A 297 -11.01 8.00 -33.74
C ASN A 297 -11.45 8.97 -32.64
N GLY A 298 -12.26 8.50 -31.71
CA GLY A 298 -12.82 9.37 -30.67
C GLY A 298 -13.88 10.33 -31.19
N ILE A 299 -13.79 11.60 -30.80
CA ILE A 299 -14.72 12.63 -31.28
C ILE A 299 -14.33 13.13 -32.67
N SER A 300 -15.12 12.77 -33.68
CA SER A 300 -14.86 13.19 -35.07
C SER A 300 -15.58 14.49 -35.41
N ASP A 301 -16.62 14.82 -34.66
CA ASP A 301 -17.49 15.91 -35.02
C ASP A 301 -18.25 16.41 -33.82
N LEU A 302 -18.62 17.69 -33.84
CA LEU A 302 -19.45 18.32 -32.82
C LEU A 302 -20.79 18.66 -33.45
N VAL A 303 -21.88 18.43 -32.73
CA VAL A 303 -23.17 18.96 -33.12
C VAL A 303 -23.34 20.36 -32.51
N LYS A 304 -23.88 21.27 -33.30
CA LYS A 304 -24.07 22.65 -32.89
C LYS A 304 -25.51 22.86 -32.47
N VAL A 305 -25.75 22.80 -31.17
CA VAL A 305 -27.10 22.97 -30.64
C VAL A 305 -27.52 24.42 -30.78
N THR A 306 -28.77 24.64 -31.13
CA THR A 306 -29.33 25.98 -31.17
C THR A 306 -29.75 26.36 -29.74
N LEU A 307 -28.91 27.15 -29.07
CA LEU A 307 -29.21 27.59 -27.70
C LEU A 307 -29.88 28.95 -27.69
N THR A 308 -30.77 29.16 -26.72
CA THR A 308 -31.25 30.52 -26.44
C THR A 308 -30.08 31.33 -25.89
N SER A 309 -30.26 32.64 -25.79
CA SER A 309 -29.19 33.48 -25.30
C SER A 309 -29.00 33.28 -23.79
N GLU A 310 -30.06 32.89 -23.08
CA GLU A 310 -29.93 32.53 -21.66
C GLU A 310 -29.11 31.26 -21.49
N GLU A 311 -29.44 30.24 -22.28
CA GLU A 311 -28.70 28.99 -22.29
C GLU A 311 -27.25 29.26 -22.68
N GLU A 312 -27.08 30.02 -23.76
CA GLU A 312 -25.75 30.33 -24.25
C GLU A 312 -24.96 31.05 -23.15
N ALA A 313 -25.63 31.92 -22.42
CA ALA A 313 -25.03 32.66 -21.30
C ALA A 313 -24.62 31.72 -20.16
N ARG A 314 -25.52 30.83 -19.76
CA ARG A 314 -25.20 29.80 -18.77
C ARG A 314 -23.88 29.11 -19.13
N LEU A 315 -23.82 28.64 -20.37
CA LEU A 315 -22.69 27.87 -20.89
C LEU A 315 -21.40 28.68 -20.81
N LYS A 316 -21.48 29.94 -21.21
CA LYS A 316 -20.34 30.86 -21.16
C LYS A 316 -19.89 31.09 -19.72
N LYS A 317 -20.86 31.29 -18.83
CA LYS A 317 -20.64 31.51 -17.40
C LYS A 317 -19.89 30.33 -16.79
N SER A 318 -20.33 29.14 -17.18
CA SER A 318 -19.70 27.88 -16.78
C SER A 318 -18.28 27.78 -17.34
N ALA A 319 -18.11 28.16 -18.60
CA ALA A 319 -16.81 28.14 -19.25
C ALA A 319 -15.81 28.99 -18.51
N ASP A 320 -16.23 30.18 -18.10
CA ASP A 320 -15.35 31.13 -17.43
C ASP A 320 -14.94 30.65 -16.03
N THR A 321 -15.86 29.99 -15.33
CA THR A 321 -15.56 29.34 -14.06
C THR A 321 -14.43 28.29 -14.23
N LEU A 322 -14.58 27.45 -15.25
CA LEU A 322 -13.63 26.37 -15.50
C LEU A 322 -12.28 26.94 -15.93
N TRP A 323 -12.30 27.91 -16.84
CA TRP A 323 -11.06 28.55 -17.26
C TRP A 323 -10.37 29.29 -16.10
N GLY A 324 -11.17 29.81 -15.17
CA GLY A 324 -10.63 30.49 -13.98
C GLY A 324 -9.72 29.55 -13.19
N ILE A 325 -10.15 28.31 -13.05
CA ILE A 325 -9.38 27.29 -12.32
C ILE A 325 -8.18 26.79 -13.14
N GLN A 326 -8.42 26.49 -14.42
CA GLN A 326 -7.39 25.94 -15.31
C GLN A 326 -6.23 26.87 -15.59
N LYS A 327 -6.48 28.17 -15.67
CA LYS A 327 -5.45 29.14 -16.02
C LYS A 327 -4.27 29.15 -15.04
N GLU A 328 -4.52 28.77 -13.80
CA GLU A 328 -3.48 28.81 -12.75
C GLU A 328 -2.67 27.52 -12.67
N LEU A 329 -3.17 26.45 -13.27
CA LEU A 329 -2.48 25.16 -13.27
C LEU A 329 -1.22 25.23 -14.16
N GLN A 330 -0.14 24.57 -13.74
CA GLN A 330 1.08 24.50 -14.56
C GLN A 330 1.56 23.06 -14.76
N PHE A 331 2.19 22.79 -15.92
CA PHE A 331 2.57 21.45 -16.34
C PHE A 331 4.04 21.37 -16.70
N ALA B 1 -54.96 21.36 -19.35
CA ALA B 1 -54.58 20.00 -18.90
C ALA B 1 -53.06 19.92 -18.67
N THR B 2 -52.64 18.90 -17.93
CA THR B 2 -51.22 18.69 -17.66
C THR B 2 -50.46 18.40 -18.96
N LEU B 3 -49.15 18.64 -18.94
CA LEU B 3 -48.28 18.35 -20.08
C LEU B 3 -48.43 16.92 -20.52
N LYS B 4 -48.44 16.02 -19.55
CA LYS B 4 -48.56 14.60 -19.83
C LYS B 4 -49.84 14.24 -20.57
N ASP B 5 -50.97 14.78 -20.12
CA ASP B 5 -52.25 14.54 -20.77
C ASP B 5 -52.34 15.15 -22.17
N GLN B 6 -51.72 16.31 -22.36
CA GLN B 6 -51.60 16.90 -23.71
C GLN B 6 -50.77 16.04 -24.66
N LEU B 7 -49.75 15.38 -24.12
CA LEU B 7 -48.83 14.58 -24.92
C LEU B 7 -49.35 13.18 -25.16
N ILE B 8 -49.89 12.57 -24.11
CA ILE B 8 -50.22 11.16 -24.11
C ILE B 8 -51.72 10.94 -23.89
N TYR B 9 -52.34 10.18 -24.78
CA TYR B 9 -53.74 9.75 -24.61
C TYR B 9 -53.77 8.33 -24.04
N ASN B 10 -54.18 8.19 -22.78
CA ASN B 10 -54.21 6.87 -22.12
C ASN B 10 -55.30 5.98 -22.68
N LEU B 11 -54.95 4.72 -22.93
CA LEU B 11 -55.91 3.70 -23.38
C LEU B 11 -56.42 2.88 -22.21
N LEU B 12 -55.53 2.47 -21.31
CA LEU B 12 -55.96 1.79 -20.12
C LEU B 12 -54.91 1.87 -19.05
N LYS B 13 -55.37 1.70 -17.81
CA LYS B 13 -54.49 1.73 -16.66
C LYS B 13 -54.50 0.31 -16.12
N GLU B 14 -54.31 0.14 -14.82
CA GLU B 14 -54.36 -1.16 -14.20
C GLU B 14 -53.15 -1.95 -14.65
N GLU B 15 -52.24 -2.17 -13.71
CA GLU B 15 -51.01 -2.90 -13.98
C GLU B 15 -51.32 -4.40 -14.04
N GLN B 16 -50.32 -5.18 -14.39
CA GLN B 16 -50.39 -6.64 -14.36
C GLN B 16 -49.47 -7.09 -13.23
N THR B 17 -49.70 -8.29 -12.70
CA THR B 17 -48.76 -8.84 -11.74
C THR B 17 -47.44 -9.02 -12.48
N PRO B 18 -46.33 -8.68 -11.83
CA PRO B 18 -45.01 -8.71 -12.49
C PRO B 18 -44.69 -10.12 -13.01
N GLN B 19 -44.18 -10.23 -14.23
CA GLN B 19 -44.03 -11.52 -14.90
C GLN B 19 -42.71 -12.26 -14.63
N ASN B 20 -41.61 -11.51 -14.55
CA ASN B 20 -40.28 -12.08 -14.43
C ASN B 20 -39.47 -11.33 -13.37
N LYS B 21 -39.92 -11.43 -12.11
CA LYS B 21 -39.38 -10.58 -11.07
C LYS B 21 -38.30 -11.27 -10.25
N ILE B 22 -37.18 -10.59 -10.05
CA ILE B 22 -36.12 -11.09 -9.18
C ILE B 22 -35.98 -10.14 -7.99
N THR B 23 -35.77 -10.72 -6.82
CA THR B 23 -35.48 -9.97 -5.60
C THR B 23 -34.09 -10.37 -5.14
N VAL B 24 -33.32 -9.38 -4.69
CA VAL B 24 -32.05 -9.62 -4.02
C VAL B 24 -32.13 -9.07 -2.59
N VAL B 25 -31.80 -9.93 -1.63
CA VAL B 25 -31.79 -9.58 -0.22
C VAL B 25 -30.36 -9.40 0.21
N GLY B 26 -30.04 -8.20 0.67
CA GLY B 26 -28.68 -7.85 1.09
C GLY B 26 -28.05 -7.02 0.00
N VAL B 27 -27.74 -5.77 0.31
CA VAL B 27 -27.13 -4.85 -0.67
C VAL B 27 -25.68 -4.51 -0.34
N GLY B 28 -25.01 -5.44 0.33
CA GLY B 28 -23.56 -5.43 0.45
C GLY B 28 -22.96 -5.78 -0.90
N ALA B 29 -21.64 -5.84 -0.97
CA ALA B 29 -20.93 -6.02 -2.24
C ALA B 29 -21.38 -7.24 -3.04
N VAL B 30 -21.66 -8.35 -2.37
CA VAL B 30 -22.08 -9.56 -3.03
C VAL B 30 -23.44 -9.38 -3.65
N GLY B 31 -24.37 -8.85 -2.85
CA GLY B 31 -25.72 -8.61 -3.35
C GLY B 31 -25.72 -7.67 -4.55
N MET B 32 -24.95 -6.59 -4.48
CA MET B 32 -24.96 -5.64 -5.58
C MET B 32 -24.35 -6.22 -6.84
N ALA B 33 -23.31 -7.04 -6.68
CA ALA B 33 -22.71 -7.73 -7.82
C ALA B 33 -23.72 -8.67 -8.47
N CYS B 34 -24.51 -9.38 -7.67
CA CYS B 34 -25.56 -10.20 -8.25
C CYS B 34 -26.54 -9.33 -9.03
N ALA B 35 -26.90 -8.19 -8.47
CA ALA B 35 -27.89 -7.30 -9.08
C ALA B 35 -27.42 -6.77 -10.42
N ILE B 36 -26.21 -6.20 -10.48
CA ILE B 36 -25.71 -5.62 -11.71
C ILE B 36 -25.55 -6.69 -12.81
N SER B 37 -25.11 -7.89 -12.43
CA SER B 37 -24.93 -8.98 -13.36
C SER B 37 -26.28 -9.42 -13.95
N ILE B 38 -27.29 -9.45 -13.08
CA ILE B 38 -28.66 -9.79 -13.48
C ILE B 38 -29.26 -8.74 -14.41
N LEU B 39 -29.03 -7.48 -14.09
CA LEU B 39 -29.47 -6.37 -14.95
C LEU B 39 -28.81 -6.39 -16.32
N MET B 40 -27.54 -6.74 -16.36
CA MET B 40 -26.83 -6.71 -17.64
C MET B 40 -27.10 -7.93 -18.52
N LYS B 41 -27.68 -8.97 -17.96
CA LYS B 41 -28.11 -10.12 -18.74
C LYS B 41 -29.61 -10.11 -19.05
N ASP B 42 -30.29 -9.00 -18.76
CA ASP B 42 -31.74 -8.87 -19.04
C ASP B 42 -32.56 -10.07 -18.54
N LEU B 43 -32.29 -10.54 -17.32
CA LEU B 43 -33.01 -11.71 -16.80
C LEU B 43 -34.34 -11.37 -16.13
N ALA B 44 -34.56 -10.09 -15.80
CA ALA B 44 -35.79 -9.71 -15.07
C ALA B 44 -36.49 -8.50 -15.67
N ASP B 45 -37.82 -8.48 -15.58
CA ASP B 45 -38.55 -7.28 -15.96
C ASP B 45 -38.78 -6.37 -14.76
N GLU B 46 -38.60 -6.90 -13.55
CA GLU B 46 -38.54 -6.08 -12.34
C GLU B 46 -37.53 -6.63 -11.33
N LEU B 47 -36.79 -5.73 -10.70
CA LEU B 47 -35.79 -6.08 -9.70
C LEU B 47 -36.06 -5.40 -8.38
N ALA B 48 -36.34 -6.16 -7.32
CA ALA B 48 -36.49 -5.60 -5.97
C ALA B 48 -35.23 -5.85 -5.14
N LEU B 49 -34.79 -4.82 -4.40
CA LEU B 49 -33.73 -4.93 -3.40
C LEU B 49 -34.32 -4.70 -2.01
N VAL B 50 -33.90 -5.51 -1.04
CA VAL B 50 -34.30 -5.32 0.35
C VAL B 50 -33.11 -5.48 1.29
N ASP B 51 -33.06 -4.64 2.32
CA ASP B 51 -32.07 -4.73 3.39
C ASP B 51 -32.62 -3.95 4.61
N VAL B 52 -31.93 -4.06 5.75
CA VAL B 52 -32.26 -3.28 6.94
C VAL B 52 -31.63 -1.89 6.95
N ILE B 53 -30.50 -1.75 6.27
CA ILE B 53 -29.81 -0.48 6.19
C ILE B 53 -30.55 0.39 5.18
N GLU B 54 -31.33 1.33 5.66
CA GLU B 54 -32.26 2.06 4.79
C GLU B 54 -31.55 3.01 3.82
N ASP B 55 -30.52 3.72 4.28
CA ASP B 55 -29.81 4.68 3.42
C ASP B 55 -29.03 4.04 2.29
N LYS B 56 -28.16 3.09 2.61
CA LYS B 56 -27.42 2.39 1.57
C LYS B 56 -28.37 1.76 0.55
N LEU B 57 -29.40 1.09 1.07
CA LEU B 57 -30.41 0.46 0.24
C LEU B 57 -30.97 1.41 -0.81
N LYS B 58 -31.52 2.53 -0.34
CA LYS B 58 -32.08 3.58 -1.20
C LYS B 58 -31.03 4.12 -2.18
N GLY B 59 -29.81 4.35 -1.68
CA GLY B 59 -28.71 4.85 -2.50
C GLY B 59 -28.38 3.94 -3.67
N GLU B 60 -28.33 2.63 -3.37
CA GLU B 60 -28.02 1.65 -4.39
C GLU B 60 -29.13 1.58 -5.44
N MET B 61 -30.37 1.64 -4.98
CA MET B 61 -31.52 1.68 -5.88
C MET B 61 -31.37 2.87 -6.82
N MET B 62 -31.21 4.05 -6.25
CA MET B 62 -31.13 5.28 -7.04
C MET B 62 -30.02 5.25 -8.09
N ASP B 63 -28.87 4.70 -7.70
CA ASP B 63 -27.72 4.67 -8.56
C ASP B 63 -27.94 3.73 -9.74
N LEU B 64 -28.70 2.65 -9.52
CA LEU B 64 -29.05 1.71 -10.57
C LEU B 64 -30.11 2.32 -11.48
N GLN B 65 -31.07 3.00 -10.88
CA GLN B 65 -32.13 3.66 -11.64
C GLN B 65 -31.57 4.74 -12.57
N HIS B 66 -30.56 5.45 -12.09
CA HIS B 66 -29.94 6.50 -12.90
C HIS B 66 -29.32 5.92 -14.16
N GLY B 67 -29.04 4.62 -14.14
CA GLY B 67 -28.57 3.90 -15.31
C GLY B 67 -29.64 3.21 -16.14
N SER B 68 -30.92 3.49 -15.87
CA SER B 68 -32.05 2.86 -16.60
C SER B 68 -31.97 2.97 -18.11
N LEU B 69 -31.50 4.11 -18.62
CA LEU B 69 -31.35 4.32 -20.05
C LEU B 69 -30.51 3.21 -20.71
N PHE B 70 -29.54 2.68 -19.97
CA PHE B 70 -28.61 1.70 -20.48
C PHE B 70 -29.01 0.27 -20.16
N LEU B 71 -30.19 0.08 -19.59
CA LEU B 71 -30.66 -1.24 -19.18
C LEU B 71 -31.96 -1.57 -19.88
N ARG B 72 -32.39 -2.82 -19.77
CA ARG B 72 -33.70 -3.25 -20.30
C ARG B 72 -34.53 -3.89 -19.17
N THR B 73 -34.39 -3.33 -17.96
CA THR B 73 -35.17 -3.75 -16.80
C THR B 73 -35.93 -2.52 -16.26
N PRO B 74 -37.21 -2.39 -16.65
CA PRO B 74 -37.89 -1.08 -16.55
C PRO B 74 -38.36 -0.67 -15.14
N LYS B 75 -38.40 -1.62 -14.21
CA LYS B 75 -38.75 -1.33 -12.83
C LYS B 75 -37.70 -1.85 -11.84
N ILE B 76 -37.04 -0.93 -11.15
CA ILE B 76 -36.16 -1.26 -10.05
C ILE B 76 -36.77 -0.62 -8.80
N VAL B 77 -36.98 -1.42 -7.75
CA VAL B 77 -37.56 -0.91 -6.50
C VAL B 77 -36.76 -1.39 -5.28
N SER B 78 -36.92 -0.71 -4.16
CA SER B 78 -36.30 -1.14 -2.90
C SER B 78 -37.04 -0.64 -1.69
N GLY B 79 -36.82 -1.30 -0.57
CA GLY B 79 -37.42 -0.90 0.72
C GLY B 79 -37.00 -1.88 1.81
N LYS B 80 -37.04 -1.44 3.07
CA LYS B 80 -36.75 -2.33 4.18
C LYS B 80 -37.89 -3.32 4.37
N ASP B 81 -39.09 -2.90 3.98
CA ASP B 81 -40.29 -3.70 4.10
C ASP B 81 -40.39 -4.67 2.91
N TYR B 82 -40.65 -5.95 3.21
CA TYR B 82 -40.61 -7.01 2.21
C TYR B 82 -41.81 -7.03 1.24
N ASN B 83 -42.77 -6.13 1.41
CA ASN B 83 -43.83 -5.98 0.41
C ASN B 83 -43.30 -5.61 -0.98
N VAL B 84 -42.15 -4.95 -1.05
CA VAL B 84 -41.53 -4.64 -2.35
C VAL B 84 -41.11 -5.91 -3.12
N THR B 85 -40.94 -7.03 -2.43
CA THR B 85 -40.45 -8.28 -3.03
C THR B 85 -41.58 -9.17 -3.58
N ALA B 86 -42.82 -8.72 -3.42
CA ALA B 86 -43.97 -9.56 -3.72
C ALA B 86 -44.00 -10.01 -5.18
N ASN B 87 -44.47 -11.24 -5.39
CA ASN B 87 -44.60 -11.84 -6.70
C ASN B 87 -43.24 -11.99 -7.41
N SER B 88 -42.21 -12.38 -6.66
CA SER B 88 -40.89 -12.66 -7.24
C SER B 88 -40.84 -14.09 -7.69
N LYS B 89 -40.28 -14.33 -8.87
CA LYS B 89 -40.06 -15.67 -9.38
C LYS B 89 -38.85 -16.29 -8.66
N LEU B 90 -37.85 -15.45 -8.40
CA LEU B 90 -36.59 -15.88 -7.82
C LEU B 90 -36.15 -14.88 -6.75
N VAL B 91 -35.81 -15.39 -5.56
CA VAL B 91 -35.34 -14.56 -4.48
C VAL B 91 -33.94 -15.00 -4.06
N ILE B 92 -32.99 -14.09 -4.21
CA ILE B 92 -31.59 -14.37 -3.97
C ILE B 92 -31.19 -13.79 -2.60
N ILE B 93 -30.77 -14.65 -1.68
CA ILE B 93 -30.38 -14.23 -0.34
C ILE B 93 -28.87 -14.16 -0.20
N THR B 94 -28.36 -12.95 0.04
CA THR B 94 -26.93 -12.72 0.28
C THR B 94 -26.68 -12.14 1.68
N ALA B 95 -27.74 -11.99 2.46
CA ALA B 95 -27.62 -11.35 3.78
C ALA B 95 -27.05 -12.32 4.79
N GLY B 96 -26.19 -11.82 5.69
CA GLY B 96 -25.64 -12.64 6.76
C GLY B 96 -24.86 -11.89 7.83
N ALA B 97 -24.45 -12.63 8.85
CA ALA B 97 -23.63 -12.10 9.93
C ALA B 97 -22.22 -11.83 9.46
N ARG B 98 -21.57 -10.84 10.04
CA ARG B 98 -20.16 -10.62 9.80
C ARG B 98 -19.35 -11.18 10.96
N GLN B 99 -18.20 -11.77 10.64
CA GLN B 99 -17.34 -12.38 11.64
C GLN B 99 -16.53 -11.34 12.38
N GLN B 100 -16.10 -11.67 13.59
CA GLN B 100 -15.34 -10.76 14.45
C GLN B 100 -14.07 -11.47 14.91
N GLU B 101 -13.34 -10.87 15.86
CA GLU B 101 -12.05 -11.42 16.34
C GLU B 101 -11.95 -12.96 16.21
N GLY B 102 -12.77 -13.68 16.96
CA GLY B 102 -12.85 -15.15 16.83
C GLY B 102 -13.84 -15.50 15.74
N GLU B 103 -14.85 -16.34 15.99
CA GLU B 103 -15.05 -17.05 17.25
C GLU B 103 -16.13 -18.11 17.03
N SER B 104 -15.73 -19.38 16.97
CA SER B 104 -16.65 -20.51 16.93
C SER B 104 -17.51 -20.56 15.66
N ARG B 105 -17.37 -21.66 14.91
CA ARG B 105 -18.17 -21.89 13.70
C ARG B 105 -19.65 -21.99 14.08
N LEU B 106 -19.92 -22.69 15.17
CA LEU B 106 -21.27 -22.80 15.72
C LEU B 106 -21.89 -21.43 15.99
N ASN B 107 -21.16 -20.57 16.71
CA ASN B 107 -21.60 -19.20 17.02
C ASN B 107 -21.96 -18.42 15.77
N LEU B 108 -21.06 -18.48 14.78
CA LEU B 108 -21.25 -17.79 13.50
C LEU B 108 -22.54 -18.23 12.82
N VAL B 109 -22.72 -19.54 12.66
CA VAL B 109 -23.94 -20.08 12.03
C VAL B 109 -25.20 -19.70 12.80
N GLN B 110 -25.11 -19.72 14.12
CA GLN B 110 -26.27 -19.39 14.95
C GLN B 110 -26.76 -17.95 14.72
N ARG B 111 -25.82 -17.03 14.52
CA ARG B 111 -26.16 -15.63 14.26
C ARG B 111 -26.82 -15.45 12.88
N ASN B 112 -26.39 -16.25 11.89
CA ASN B 112 -27.07 -16.27 10.61
C ASN B 112 -28.47 -16.89 10.73
N VAL B 113 -28.58 -17.97 11.50
CA VAL B 113 -29.88 -18.59 11.71
C VAL B 113 -30.84 -17.53 12.20
N ASN B 114 -30.40 -16.76 13.20
CA ASN B 114 -31.25 -15.73 13.80
C ASN B 114 -31.67 -14.69 12.78
N ILE B 115 -30.72 -14.28 11.94
CA ILE B 115 -31.00 -13.36 10.84
C ILE B 115 -31.97 -13.99 9.84
N PHE B 116 -31.81 -15.29 9.57
CA PHE B 116 -32.69 -16.00 8.61
C PHE B 116 -34.12 -16.19 9.14
N LYS B 117 -34.25 -16.32 10.45
CA LYS B 117 -35.58 -16.48 11.05
C LYS B 117 -36.45 -15.23 10.84
N PHE B 118 -35.82 -14.09 10.58
CA PHE B 118 -36.56 -12.88 10.23
C PHE B 118 -36.78 -12.81 8.72
N ILE B 119 -35.71 -12.99 7.97
CA ILE B 119 -35.77 -12.80 6.52
C ILE B 119 -36.70 -13.82 5.84
N ILE B 120 -36.47 -15.10 6.09
CA ILE B 120 -37.12 -16.16 5.32
C ILE B 120 -38.64 -16.15 5.41
N PRO B 121 -39.23 -16.05 6.63
CA PRO B 121 -40.68 -15.94 6.67
C PRO B 121 -41.21 -14.72 5.91
N ASN B 122 -40.48 -13.61 5.96
CA ASN B 122 -40.90 -12.42 5.21
C ASN B 122 -40.93 -12.67 3.70
N VAL B 123 -39.96 -13.43 3.21
CA VAL B 123 -39.84 -13.72 1.78
C VAL B 123 -40.99 -14.63 1.33
N VAL B 124 -41.21 -15.71 2.06
CA VAL B 124 -42.26 -16.67 1.72
C VAL B 124 -43.66 -16.08 1.81
N LYS B 125 -43.87 -15.14 2.75
CA LYS B 125 -45.15 -14.44 2.86
C LYS B 125 -45.52 -13.72 1.56
N TYR B 126 -44.54 -13.08 0.92
CA TYR B 126 -44.82 -12.21 -0.23
C TYR B 126 -44.57 -12.89 -1.57
N SER B 127 -43.76 -13.95 -1.57
CA SER B 127 -43.53 -14.72 -2.79
C SER B 127 -43.60 -16.21 -2.46
N PRO B 128 -44.81 -16.70 -2.16
CA PRO B 128 -44.95 -18.10 -1.75
C PRO B 128 -44.54 -19.09 -2.82
N ASN B 129 -44.53 -18.64 -4.08
CA ASN B 129 -44.25 -19.52 -5.20
C ASN B 129 -42.82 -19.42 -5.73
N CYS B 130 -41.98 -18.61 -5.09
CA CYS B 130 -40.62 -18.35 -5.59
C CYS B 130 -39.68 -19.54 -5.38
N LYS B 131 -38.56 -19.48 -6.09
CA LYS B 131 -37.41 -20.34 -5.84
C LYS B 131 -36.46 -19.53 -4.98
N LEU B 132 -35.84 -20.20 -4.01
CA LEU B 132 -34.91 -19.54 -3.10
C LEU B 132 -33.53 -19.94 -3.53
N LEU B 133 -32.68 -18.95 -3.80
CA LEU B 133 -31.26 -19.17 -4.09
C LEU B 133 -30.46 -18.57 -2.94
N ILE B 134 -29.83 -19.43 -2.15
CA ILE B 134 -29.07 -19.00 -0.97
C ILE B 134 -27.59 -18.85 -1.32
N VAL B 135 -27.09 -17.64 -1.12
CA VAL B 135 -25.72 -17.29 -1.47
C VAL B 135 -24.89 -17.03 -0.22
N SER B 136 -25.52 -16.60 0.87
CA SER B 136 -24.84 -16.30 2.12
C SER B 136 -24.06 -17.49 2.65
N ASN B 137 -22.92 -17.25 3.30
CA ASN B 137 -22.10 -18.33 3.86
C ASN B 137 -22.35 -18.50 5.36
N PRO B 138 -22.12 -19.72 5.89
CA PRO B 138 -21.74 -20.92 5.15
C PRO B 138 -22.93 -21.48 4.37
N VAL B 139 -22.78 -21.58 3.06
CA VAL B 139 -23.93 -21.75 2.17
C VAL B 139 -24.70 -23.08 2.33
N ASP B 140 -23.97 -24.16 2.59
CA ASP B 140 -24.60 -25.47 2.67
C ASP B 140 -25.50 -25.60 3.90
N ILE B 141 -24.99 -25.13 5.04
CA ILE B 141 -25.79 -25.04 6.25
C ILE B 141 -26.93 -24.04 6.09
N LEU B 142 -26.67 -22.90 5.43
CA LEU B 142 -27.71 -21.88 5.33
C LEU B 142 -28.82 -22.23 4.34
N THR B 143 -28.52 -23.05 3.35
CA THR B 143 -29.54 -23.60 2.47
C THR B 143 -30.45 -24.51 3.27
N TYR B 144 -29.87 -25.35 4.13
CA TYR B 144 -30.65 -26.18 5.05
C TYR B 144 -31.58 -25.30 5.90
N VAL B 145 -31.00 -24.27 6.51
CA VAL B 145 -31.74 -23.36 7.39
C VAL B 145 -32.91 -22.70 6.67
N ALA B 146 -32.67 -22.23 5.44
CA ALA B 146 -33.73 -21.62 4.64
C ALA B 146 -34.82 -22.62 4.25
N TRP B 147 -34.41 -23.85 3.97
CA TRP B 147 -35.33 -24.92 3.64
C TRP B 147 -36.25 -25.21 4.84
N LYS B 148 -35.62 -25.36 6.00
CA LYS B 148 -36.35 -25.62 7.24
C LYS B 148 -37.35 -24.52 7.63
N ILE B 149 -36.94 -23.27 7.50
CA ILE B 149 -37.78 -22.15 7.88
C ILE B 149 -38.88 -21.89 6.85
N SER B 150 -38.56 -22.00 5.55
CA SER B 150 -39.55 -21.71 4.51
C SER B 150 -40.69 -22.73 4.45
N GLY B 151 -40.39 -23.99 4.77
CA GLY B 151 -41.31 -25.09 4.47
C GLY B 151 -41.42 -25.39 2.98
N PHE B 152 -40.56 -24.80 2.15
CA PHE B 152 -40.57 -25.04 0.71
C PHE B 152 -40.10 -26.46 0.38
N PRO B 153 -40.70 -27.09 -0.65
CA PRO B 153 -40.17 -28.38 -1.06
C PRO B 153 -38.73 -28.20 -1.55
N LYS B 154 -37.93 -29.25 -1.45
CA LYS B 154 -36.48 -29.15 -1.73
C LYS B 154 -36.13 -28.63 -3.13
N ASN B 155 -37.02 -28.83 -4.11
CA ASN B 155 -36.76 -28.37 -5.48
C ASN B 155 -36.65 -26.84 -5.59
N ARG B 156 -37.29 -26.11 -4.67
CA ARG B 156 -37.29 -24.64 -4.71
C ARG B 156 -36.37 -23.98 -3.71
N VAL B 157 -35.46 -24.73 -3.11
CA VAL B 157 -34.45 -24.14 -2.24
C VAL B 157 -33.10 -24.60 -2.72
N ILE B 158 -32.32 -23.66 -3.23
CA ILE B 158 -31.07 -23.94 -3.91
C ILE B 158 -29.97 -23.13 -3.25
N GLY B 159 -28.82 -23.74 -3.03
CA GLY B 159 -27.63 -23.03 -2.54
C GLY B 159 -26.62 -22.87 -3.65
N SER B 160 -26.01 -21.70 -3.77
CA SER B 160 -25.02 -21.50 -4.84
C SER B 160 -23.91 -22.56 -4.78
N GLY B 161 -23.56 -23.00 -3.58
CA GLY B 161 -22.79 -24.22 -3.39
C GLY B 161 -21.41 -24.17 -4.02
N CYS B 162 -21.08 -25.18 -4.83
CA CYS B 162 -19.76 -25.24 -5.49
C CYS B 162 -19.76 -24.72 -6.94
N ASN B 163 -20.75 -23.87 -7.24
CA ASN B 163 -20.89 -23.31 -8.56
C ASN B 163 -19.68 -22.45 -8.86
N LEU B 164 -19.35 -21.58 -7.91
CA LEU B 164 -18.20 -20.72 -8.08
C LEU B 164 -16.94 -21.55 -7.95
N ASP B 165 -16.92 -22.52 -7.03
CA ASP B 165 -15.72 -23.37 -6.88
C ASP B 165 -15.36 -24.02 -8.21
N SER B 166 -16.36 -24.60 -8.88
CA SER B 166 -16.17 -25.26 -10.17
C SER B 166 -15.72 -24.30 -11.29
N ALA B 167 -16.34 -23.12 -11.36
CA ALA B 167 -15.94 -22.10 -12.34
C ALA B 167 -14.51 -21.62 -12.10
N ARG B 168 -14.11 -21.54 -10.84
CA ARG B 168 -12.71 -21.26 -10.49
C ARG B 168 -11.77 -22.39 -10.91
N PHE B 169 -12.22 -23.62 -10.70
CA PHE B 169 -11.43 -24.75 -11.12
C PHE B 169 -11.20 -24.71 -12.64
N ARG B 170 -12.24 -24.40 -13.39
CA ARG B 170 -12.15 -24.35 -14.86
C ARG B 170 -11.29 -23.21 -15.37
N TYR B 171 -11.30 -22.07 -14.67
CA TYR B 171 -10.40 -20.97 -14.97
C TYR B 171 -8.94 -21.43 -14.83
N LEU B 172 -8.63 -22.08 -13.73
CA LEU B 172 -7.22 -22.43 -13.42
C LEU B 172 -6.78 -23.56 -14.32
N MET B 173 -7.72 -24.43 -14.67
CA MET B 173 -7.49 -25.50 -15.63
C MET B 173 -7.19 -24.88 -16.99
N GLY B 174 -7.98 -23.88 -17.37
CA GLY B 174 -7.78 -23.15 -18.61
C GLY B 174 -6.44 -22.44 -18.70
N GLU B 175 -6.01 -21.82 -17.60
CA GLU B 175 -4.70 -21.16 -17.51
C GLU B 175 -3.57 -22.15 -17.82
N ARG B 176 -3.64 -23.34 -17.22
CA ARG B 176 -2.60 -24.37 -17.41
C ARG B 176 -2.60 -24.97 -18.81
N LEU B 177 -3.77 -25.18 -19.40
CA LEU B 177 -3.86 -25.85 -20.69
C LEU B 177 -3.86 -24.90 -21.89
N GLY B 178 -3.98 -23.59 -21.66
CA GLY B 178 -4.11 -22.62 -22.75
C GLY B 178 -5.43 -22.76 -23.50
N VAL B 179 -6.51 -23.02 -22.77
CA VAL B 179 -7.84 -23.23 -23.34
C VAL B 179 -8.86 -22.44 -22.54
N HIS B 180 -9.78 -21.80 -23.23
CA HIS B 180 -10.85 -21.08 -22.57
C HIS B 180 -11.64 -21.97 -21.60
N PRO B 181 -11.98 -21.44 -20.40
CA PRO B 181 -12.72 -22.19 -19.38
C PRO B 181 -14.00 -22.91 -19.88
N LEU B 182 -14.73 -22.26 -20.79
CA LEU B 182 -15.87 -22.88 -21.51
C LEU B 182 -15.59 -24.28 -22.08
N SER B 183 -14.38 -24.48 -22.59
CA SER B 183 -14.00 -25.74 -23.22
C SER B 183 -13.24 -26.67 -22.25
N CYS B 184 -12.97 -26.18 -21.04
CA CYS B 184 -12.41 -27.00 -19.99
C CYS B 184 -13.57 -27.44 -19.11
N HIS B 185 -13.68 -28.74 -18.87
CA HIS B 185 -14.81 -29.28 -18.11
C HIS B 185 -14.31 -29.94 -16.85
N GLY B 186 -14.97 -29.68 -15.74
CA GLY B 186 -14.45 -30.15 -14.46
C GLY B 186 -15.36 -29.75 -13.34
N TRP B 187 -15.52 -30.65 -12.37
CA TRP B 187 -16.53 -30.47 -11.34
C TRP B 187 -15.91 -30.55 -9.95
N VAL B 188 -16.26 -29.57 -9.12
CA VAL B 188 -15.93 -29.56 -7.71
C VAL B 188 -17.25 -29.68 -6.96
N LEU B 189 -17.40 -30.73 -6.17
CA LEU B 189 -18.67 -31.08 -5.56
C LEU B 189 -18.59 -31.12 -4.05
N GLY B 190 -19.75 -31.30 -3.41
CA GLY B 190 -19.81 -31.46 -1.97
C GLY B 190 -19.89 -30.13 -1.25
N GLU B 191 -19.11 -30.00 -0.18
CA GLU B 191 -19.18 -28.80 0.66
C GLU B 191 -18.38 -27.67 0.03
N HIS B 192 -19.01 -26.51 -0.13
CA HIS B 192 -18.33 -25.27 -0.55
C HIS B 192 -17.12 -24.96 0.36
N GLY B 193 -16.04 -24.46 -0.24
CA GLY B 193 -14.85 -24.11 0.53
C GLY B 193 -13.99 -25.31 0.91
N ASP B 194 -13.55 -25.35 2.16
CA ASP B 194 -12.40 -26.14 2.59
C ASP B 194 -12.44 -27.60 2.18
N SER B 195 -13.56 -28.28 2.35
CA SER B 195 -13.62 -29.74 2.13
C SER B 195 -14.29 -30.16 0.81
N SER B 196 -14.33 -29.26 -0.17
CA SER B 196 -14.84 -29.62 -1.48
C SER B 196 -14.04 -30.76 -2.13
N VAL B 197 -14.64 -31.41 -3.11
CA VAL B 197 -14.04 -32.59 -3.74
C VAL B 197 -13.89 -32.36 -5.23
N PRO B 198 -12.63 -32.39 -5.73
CA PRO B 198 -12.39 -32.25 -7.14
C PRO B 198 -12.55 -33.58 -7.82
N VAL B 199 -13.57 -33.72 -8.65
CA VAL B 199 -13.85 -34.99 -9.29
C VAL B 199 -12.94 -35.15 -10.51
N TRP B 200 -11.73 -35.65 -10.27
CA TRP B 200 -10.67 -35.81 -11.29
C TRP B 200 -11.15 -36.60 -12.51
N SER B 201 -12.00 -37.61 -12.28
CA SER B 201 -12.51 -38.49 -13.33
C SER B 201 -13.31 -37.79 -14.44
N GLY B 202 -14.01 -36.71 -14.10
CA GLY B 202 -14.82 -35.98 -15.08
C GLY B 202 -14.08 -34.84 -15.76
N MET B 203 -12.83 -34.62 -15.36
CA MET B 203 -11.99 -33.58 -15.91
C MET B 203 -11.67 -33.88 -17.36
N ASN B 204 -12.11 -33.01 -18.28
CA ASN B 204 -11.85 -33.25 -19.71
C ASN B 204 -11.86 -32.00 -20.58
N VAL B 205 -11.25 -32.14 -21.75
CA VAL B 205 -11.37 -31.17 -22.83
C VAL B 205 -11.79 -31.92 -24.09
N ALA B 206 -12.82 -31.44 -24.77
CA ALA B 206 -13.36 -32.13 -25.96
C ALA B 206 -13.68 -33.61 -25.70
N GLY B 207 -14.12 -33.90 -24.49
CA GLY B 207 -14.41 -35.27 -24.05
C GLY B 207 -13.19 -36.15 -23.81
N VAL B 208 -11.97 -35.61 -23.84
CA VAL B 208 -10.80 -36.46 -23.56
C VAL B 208 -10.44 -36.32 -22.07
N SER B 209 -10.59 -37.43 -21.37
CA SER B 209 -10.40 -37.44 -19.93
C SER B 209 -8.93 -37.25 -19.56
N LEU B 210 -8.64 -36.16 -18.84
CA LEU B 210 -7.29 -35.89 -18.35
C LEU B 210 -6.77 -37.07 -17.54
N LYS B 211 -7.65 -37.72 -16.79
CA LYS B 211 -7.28 -38.90 -15.97
C LYS B 211 -6.82 -40.08 -16.82
N THR B 212 -7.28 -40.18 -18.07
CA THR B 212 -6.85 -41.27 -18.98
C THR B 212 -5.45 -41.03 -19.52
N LEU B 213 -5.19 -39.80 -19.94
CA LEU B 213 -3.86 -39.41 -20.37
C LEU B 213 -2.88 -39.48 -19.22
N HIS B 214 -3.39 -39.30 -17.99
CA HIS B 214 -2.55 -39.05 -16.84
C HIS B 214 -3.22 -39.65 -15.60
N PRO B 215 -3.09 -40.98 -15.42
CA PRO B 215 -3.76 -41.74 -14.34
C PRO B 215 -3.51 -41.25 -12.92
N ASP B 216 -2.33 -40.69 -12.67
CA ASP B 216 -1.98 -40.18 -11.34
C ASP B 216 -2.48 -38.77 -11.07
N LEU B 217 -3.22 -38.19 -12.01
CA LEU B 217 -3.72 -36.82 -11.89
C LEU B 217 -4.42 -36.62 -10.54
N GLY B 218 -3.97 -35.60 -9.82
CA GLY B 218 -4.63 -35.20 -8.58
C GLY B 218 -4.12 -35.89 -7.34
N THR B 219 -3.32 -36.94 -7.51
CA THR B 219 -2.78 -37.72 -6.40
C THR B 219 -1.38 -37.23 -6.05
N ASP B 220 -0.80 -37.81 -5.00
CA ASP B 220 0.56 -37.45 -4.58
C ASP B 220 1.62 -38.06 -5.50
N LYS B 221 1.19 -38.92 -6.42
CA LYS B 221 2.10 -39.55 -7.38
C LYS B 221 2.18 -38.82 -8.72
N ASP B 222 1.60 -37.63 -8.87
CA ASP B 222 1.85 -36.91 -10.12
C ASP B 222 2.78 -35.71 -10.00
N LYS B 223 3.79 -35.73 -10.85
CA LYS B 223 4.80 -34.69 -10.94
C LYS B 223 4.25 -33.31 -11.21
N GLU B 224 3.10 -33.23 -11.88
CA GLU B 224 2.51 -31.93 -12.19
C GLU B 224 1.66 -31.36 -11.05
N GLN B 225 1.42 -32.16 -10.02
CA GLN B 225 0.74 -31.70 -8.81
C GLN B 225 -0.56 -30.97 -9.07
N TRP B 226 -1.47 -31.60 -9.81
CA TRP B 226 -2.77 -31.02 -10.09
C TRP B 226 -3.62 -30.88 -8.83
N LYS B 227 -3.31 -31.65 -7.80
CA LYS B 227 -3.89 -31.42 -6.47
C LYS B 227 -3.77 -29.92 -6.11
N GLU B 228 -2.63 -29.31 -6.43
CA GLU B 228 -2.42 -27.86 -6.21
C GLU B 228 -3.50 -26.98 -6.86
N VAL B 229 -4.06 -27.43 -7.97
CA VAL B 229 -5.12 -26.67 -8.64
C VAL B 229 -6.37 -26.63 -7.75
N HIS B 230 -6.74 -27.78 -7.19
CA HIS B 230 -7.86 -27.82 -6.26
C HIS B 230 -7.57 -27.01 -4.98
N LYS B 231 -6.36 -27.11 -4.43
CA LYS B 231 -5.95 -26.28 -3.30
C LYS B 231 -6.18 -24.79 -3.59
N GLN B 232 -5.82 -24.37 -4.80
CA GLN B 232 -5.99 -22.98 -5.22
C GLN B 232 -7.46 -22.57 -5.27
N VAL B 233 -8.32 -23.48 -5.71
CA VAL B 233 -9.75 -23.24 -5.66
C VAL B 233 -10.14 -22.98 -4.19
N VAL B 234 -9.74 -23.89 -3.31
CA VAL B 234 -10.05 -23.76 -1.89
C VAL B 234 -9.50 -22.46 -1.30
N GLU B 235 -8.30 -22.08 -1.75
CA GLU B 235 -7.53 -20.99 -1.15
C GLU B 235 -7.78 -19.62 -1.80
N SER B 236 -8.33 -19.61 -3.02
CA SER B 236 -8.45 -18.40 -3.82
C SER B 236 -9.41 -17.38 -3.20
N ALA B 237 -10.45 -17.85 -2.51
CA ALA B 237 -11.35 -16.94 -1.79
C ALA B 237 -10.59 -16.22 -0.67
N TYR B 238 -9.83 -16.99 0.10
CA TYR B 238 -9.04 -16.42 1.19
C TYR B 238 -8.06 -15.38 0.66
N GLU B 239 -7.43 -15.65 -0.48
CA GLU B 239 -6.44 -14.73 -1.04
C GLU B 239 -7.09 -13.44 -1.52
N VAL B 240 -8.22 -13.56 -2.22
CA VAL B 240 -8.96 -12.40 -2.69
C VAL B 240 -9.40 -11.55 -1.49
N ILE B 241 -9.92 -12.20 -0.44
CA ILE B 241 -10.34 -11.52 0.79
C ILE B 241 -9.18 -10.76 1.40
N LYS B 242 -8.08 -11.48 1.59
CA LYS B 242 -6.84 -10.91 2.10
C LYS B 242 -6.42 -9.68 1.28
N LEU B 243 -6.61 -9.73 -0.04
CA LEU B 243 -6.13 -8.67 -0.93
C LEU B 243 -7.07 -7.47 -1.07
N LYS B 244 -8.39 -7.72 -1.16
CA LYS B 244 -9.35 -6.62 -1.38
C LYS B 244 -10.46 -6.53 -0.32
N GLY B 245 -10.44 -7.46 0.64
CA GLY B 245 -11.39 -7.44 1.74
C GLY B 245 -12.48 -8.49 1.62
N TYR B 246 -12.82 -8.89 0.40
CA TYR B 246 -14.01 -9.72 0.16
C TYR B 246 -14.06 -10.17 -1.29
N THR B 247 -14.87 -11.19 -1.57
CA THR B 247 -15.20 -11.58 -2.95
C THR B 247 -16.55 -10.98 -3.34
N SER B 248 -16.67 -10.58 -4.60
CA SER B 248 -17.93 -10.05 -5.11
C SER B 248 -18.19 -10.35 -6.60
N TRP B 249 -17.26 -9.99 -7.47
CA TRP B 249 -17.54 -10.05 -8.92
C TRP B 249 -17.82 -11.45 -9.42
N ALA B 250 -16.98 -12.42 -9.03
CA ALA B 250 -17.14 -13.78 -9.53
C ALA B 250 -18.39 -14.44 -8.98
N ILE B 251 -18.71 -14.15 -7.73
CA ILE B 251 -19.97 -14.64 -7.13
C ILE B 251 -21.17 -14.04 -7.90
N GLY B 252 -21.12 -12.75 -8.21
CA GLY B 252 -22.18 -12.11 -8.98
C GLY B 252 -22.42 -12.73 -10.35
N LEU B 253 -21.36 -12.99 -11.10
CA LEU B 253 -21.47 -13.59 -12.44
C LEU B 253 -21.98 -15.03 -12.36
N SER B 254 -21.33 -15.79 -11.48
CA SER B 254 -21.72 -17.14 -11.09
C SER B 254 -23.23 -17.25 -10.78
N VAL B 255 -23.74 -16.33 -9.96
CA VAL B 255 -25.15 -16.35 -9.56
C VAL B 255 -26.09 -15.97 -10.72
N ALA B 256 -25.71 -14.97 -11.51
CA ALA B 256 -26.51 -14.59 -12.67
C ALA B 256 -26.68 -15.76 -13.65
N ASP B 257 -25.66 -16.63 -13.71
CA ASP B 257 -25.69 -17.80 -14.58
C ASP B 257 -26.73 -18.81 -14.12
N LEU B 258 -26.81 -19.01 -12.80
CA LEU B 258 -27.84 -19.85 -12.21
C LEU B 258 -29.23 -19.22 -12.43
N ALA B 259 -29.31 -17.91 -12.22
CA ALA B 259 -30.56 -17.20 -12.42
C ALA B 259 -31.03 -17.33 -13.87
N GLU B 260 -30.08 -17.31 -14.80
CA GLU B 260 -30.43 -17.42 -16.19
C GLU B 260 -31.14 -18.74 -16.48
N SER B 261 -30.54 -19.85 -16.04
CA SER B 261 -31.14 -21.17 -16.21
C SER B 261 -32.55 -21.25 -15.58
N ILE B 262 -32.68 -20.67 -14.39
CA ILE B 262 -33.95 -20.70 -13.63
C ILE B 262 -35.01 -19.85 -14.32
N MET B 263 -34.71 -18.59 -14.57
CA MET B 263 -35.65 -17.66 -15.21
C MET B 263 -36.04 -18.08 -16.62
N LYS B 264 -35.16 -18.76 -17.35
CA LYS B 264 -35.44 -19.08 -18.75
C LYS B 264 -35.82 -20.55 -18.95
N ASN B 265 -36.01 -21.25 -17.83
CA ASN B 265 -36.27 -22.66 -17.85
C ASN B 265 -35.31 -23.47 -18.77
N LEU B 266 -34.00 -23.20 -18.69
CA LEU B 266 -33.02 -23.82 -19.63
C LEU B 266 -32.75 -25.29 -19.42
N ARG B 267 -32.80 -25.75 -18.17
CA ARG B 267 -32.50 -27.13 -17.80
C ARG B 267 -31.03 -27.49 -18.11
N ARG B 268 -30.15 -26.54 -17.83
CA ARG B 268 -28.73 -26.80 -17.82
C ARG B 268 -28.33 -27.39 -16.49
N VAL B 269 -27.17 -28.04 -16.46
CA VAL B 269 -26.71 -28.74 -15.26
C VAL B 269 -25.70 -27.83 -14.55
N HIS B 270 -25.95 -27.53 -13.27
CA HIS B 270 -25.08 -26.66 -12.50
C HIS B 270 -24.68 -27.34 -11.20
N PRO B 271 -23.45 -27.10 -10.72
CA PRO B 271 -23.13 -27.64 -9.40
C PRO B 271 -23.69 -26.71 -8.34
N VAL B 272 -24.81 -27.10 -7.72
CA VAL B 272 -25.43 -26.30 -6.68
C VAL B 272 -25.81 -27.17 -5.49
N SER B 273 -25.96 -26.54 -4.33
CA SER B 273 -26.19 -27.25 -3.11
C SER B 273 -27.66 -27.64 -3.00
N THR B 274 -27.89 -28.93 -2.81
CA THR B 274 -29.22 -29.50 -2.80
C THR B 274 -29.30 -30.57 -1.72
N MET B 275 -30.52 -30.86 -1.27
CA MET B 275 -30.74 -31.83 -0.21
C MET B 275 -30.35 -33.23 -0.71
N ILE B 276 -29.29 -33.82 -0.15
CA ILE B 276 -28.73 -35.07 -0.74
C ILE B 276 -29.00 -36.35 0.03
N LYS B 277 -29.84 -36.26 1.07
CA LYS B 277 -30.29 -37.45 1.81
C LYS B 277 -30.63 -38.58 0.84
N GLY B 278 -30.15 -39.79 1.14
CA GLY B 278 -30.40 -40.95 0.30
C GLY B 278 -29.38 -41.16 -0.81
N LEU B 279 -28.43 -40.23 -0.93
CA LEU B 279 -27.33 -40.36 -1.89
C LEU B 279 -25.98 -40.47 -1.19
N TYR B 280 -25.12 -41.35 -1.69
CA TYR B 280 -23.75 -41.52 -1.18
C TYR B 280 -23.70 -41.95 0.28
N GLY B 281 -24.65 -42.81 0.65
CA GLY B 281 -24.77 -43.29 2.03
C GLY B 281 -25.35 -42.28 3.00
N ILE B 282 -25.62 -41.06 2.56
CA ILE B 282 -25.99 -39.98 3.47
C ILE B 282 -27.44 -40.13 3.94
N LYS B 283 -27.62 -40.10 5.24
CA LYS B 283 -28.94 -40.38 5.80
C LYS B 283 -29.50 -39.20 6.59
N ASP B 284 -28.80 -38.07 6.60
CA ASP B 284 -29.23 -36.89 7.37
C ASP B 284 -29.78 -35.83 6.42
N ASP B 285 -30.58 -34.91 6.96
CA ASP B 285 -31.09 -33.77 6.16
C ASP B 285 -29.99 -32.74 5.94
N VAL B 286 -29.14 -32.99 4.96
CA VAL B 286 -28.01 -32.11 4.66
C VAL B 286 -28.03 -31.71 3.18
N PHE B 287 -27.49 -30.52 2.89
CA PHE B 287 -27.37 -30.01 1.53
C PHE B 287 -25.91 -30.00 1.17
N LEU B 288 -25.60 -30.59 0.01
CA LEU B 288 -24.27 -30.55 -0.58
C LEU B 288 -24.42 -30.36 -2.09
N SER B 289 -23.33 -29.93 -2.72
CA SER B 289 -23.29 -29.70 -4.16
C SER B 289 -23.09 -30.98 -5.00
N VAL B 290 -24.03 -31.20 -5.92
CA VAL B 290 -23.93 -32.20 -6.97
C VAL B 290 -24.46 -31.52 -8.22
N PRO B 291 -24.25 -32.12 -9.40
CA PRO B 291 -24.73 -31.42 -10.58
C PRO B 291 -26.24 -31.52 -10.67
N CYS B 292 -26.92 -30.38 -10.72
CA CYS B 292 -28.40 -30.31 -10.78
C CYS B 292 -28.93 -29.66 -12.04
N ILE B 293 -30.04 -30.20 -12.54
CA ILE B 293 -30.77 -29.59 -13.64
C ILE B 293 -31.62 -28.42 -13.11
N LEU B 294 -31.30 -27.19 -13.56
CA LEU B 294 -31.98 -25.97 -13.12
C LEU B 294 -33.01 -25.52 -14.13
N GLY B 295 -34.21 -25.18 -13.64
CA GLY B 295 -35.28 -24.71 -14.50
C GLY B 295 -36.31 -23.85 -13.78
N GLN B 296 -37.44 -23.64 -14.44
CA GLN B 296 -38.51 -22.81 -13.90
C GLN B 296 -38.99 -23.31 -12.54
N ASN B 297 -38.83 -24.60 -12.27
CA ASN B 297 -39.24 -25.18 -10.98
C ASN B 297 -38.09 -25.35 -9.97
N GLY B 298 -36.96 -24.73 -10.24
CA GLY B 298 -35.77 -24.94 -9.45
C GLY B 298 -35.02 -26.21 -9.87
N ILE B 299 -34.76 -27.09 -8.91
CA ILE B 299 -34.01 -28.30 -9.19
C ILE B 299 -35.01 -29.40 -9.49
N SER B 300 -35.14 -29.75 -10.77
CA SER B 300 -36.10 -30.79 -11.17
C SER B 300 -35.47 -32.18 -11.14
N ASP B 301 -34.15 -32.21 -11.26
CA ASP B 301 -33.40 -33.45 -11.38
C ASP B 301 -31.98 -33.20 -10.93
N LEU B 302 -31.30 -34.26 -10.52
CA LEU B 302 -29.87 -34.19 -10.29
C LEU B 302 -29.15 -35.37 -10.92
N VAL B 303 -27.89 -35.14 -11.24
CA VAL B 303 -27.03 -36.13 -11.85
C VAL B 303 -26.28 -36.89 -10.79
N LYS B 304 -26.30 -38.21 -10.92
CA LYS B 304 -25.65 -39.10 -9.98
C LYS B 304 -24.24 -39.40 -10.50
N VAL B 305 -23.28 -38.65 -10.00
CA VAL B 305 -21.89 -38.78 -10.43
C VAL B 305 -21.30 -40.03 -9.82
N THR B 306 -20.61 -40.83 -10.62
CA THR B 306 -19.92 -41.99 -10.08
C THR B 306 -18.70 -41.49 -9.32
N LEU B 307 -18.71 -41.72 -8.02
CA LEU B 307 -17.63 -41.29 -7.15
C LEU B 307 -16.86 -42.52 -6.74
N THR B 308 -15.57 -42.35 -6.55
CA THR B 308 -14.75 -43.43 -5.99
C THR B 308 -15.11 -43.53 -4.51
N SER B 309 -14.70 -44.61 -3.86
CA SER B 309 -15.02 -44.80 -2.45
C SER B 309 -14.40 -43.69 -1.58
N GLU B 310 -13.19 -43.28 -1.96
CA GLU B 310 -12.51 -42.13 -1.34
C GLU B 310 -13.34 -40.85 -1.45
N GLU B 311 -13.84 -40.56 -2.66
CA GLU B 311 -14.70 -39.41 -2.89
C GLU B 311 -16.06 -39.50 -2.13
N GLU B 312 -16.69 -40.67 -2.13
CA GLU B 312 -17.90 -40.88 -1.34
C GLU B 312 -17.69 -40.63 0.13
N ALA B 313 -16.55 -41.11 0.66
CA ALA B 313 -16.22 -40.94 2.07
C ALA B 313 -15.99 -39.47 2.44
N ARG B 314 -15.48 -38.67 1.50
CA ARG B 314 -15.30 -37.24 1.73
C ARG B 314 -16.66 -36.53 1.84
N LEU B 315 -17.58 -36.86 0.92
CA LEU B 315 -18.92 -36.30 0.98
C LEU B 315 -19.66 -36.75 2.24
N LYS B 316 -19.50 -38.04 2.60
CA LYS B 316 -20.12 -38.54 3.81
C LYS B 316 -19.61 -37.81 5.04
N LYS B 317 -18.28 -37.63 5.13
CA LYS B 317 -17.63 -36.92 6.23
C LYS B 317 -18.17 -35.49 6.33
N SER B 318 -18.23 -34.81 5.18
CA SER B 318 -18.82 -33.47 5.11
C SER B 318 -20.25 -33.48 5.65
N ALA B 319 -21.08 -34.40 5.17
CA ALA B 319 -22.47 -34.51 5.63
C ALA B 319 -22.56 -34.69 7.14
N ASP B 320 -21.69 -35.54 7.70
CA ASP B 320 -21.67 -35.78 9.15
C ASP B 320 -21.40 -34.48 9.90
N THR B 321 -20.37 -33.75 9.47
CA THR B 321 -19.97 -32.52 10.13
C THR B 321 -21.09 -31.48 10.06
N LEU B 322 -21.71 -31.35 8.89
CA LEU B 322 -22.79 -30.39 8.74
C LEU B 322 -23.95 -30.76 9.65
N TRP B 323 -24.34 -32.03 9.65
CA TRP B 323 -25.42 -32.49 10.51
C TRP B 323 -25.08 -32.29 11.99
N GLY B 324 -23.81 -32.49 12.35
CA GLY B 324 -23.33 -32.25 13.72
C GLY B 324 -23.69 -30.84 14.20
N ILE B 325 -23.56 -29.87 13.31
CA ILE B 325 -23.86 -28.48 13.61
C ILE B 325 -25.38 -28.23 13.63
N GLN B 326 -26.06 -28.65 12.58
CA GLN B 326 -27.49 -28.33 12.35
C GLN B 326 -28.41 -28.90 13.41
N LYS B 327 -27.99 -30.02 13.96
CA LYS B 327 -28.67 -30.77 15.00
C LYS B 327 -28.86 -29.94 16.26
N GLU B 328 -27.91 -29.03 16.50
CA GLU B 328 -27.88 -28.19 17.70
C GLU B 328 -28.61 -26.84 17.53
N LEU B 329 -29.10 -26.53 16.32
CA LEU B 329 -29.73 -25.22 16.06
C LEU B 329 -31.17 -25.15 16.57
N GLN B 330 -31.62 -23.93 16.89
CA GLN B 330 -33.01 -23.71 17.29
C GLN B 330 -33.70 -22.71 16.39
N PHE B 331 -34.82 -23.12 15.79
CA PHE B 331 -35.71 -22.23 15.05
C PHE B 331 -37.18 -22.47 15.35
N ALA C 1 -32.64 -51.15 -16.09
CA ALA C 1 -32.45 -49.71 -15.82
C ALA C 1 -31.90 -49.02 -17.05
N THR C 2 -32.52 -47.92 -17.44
CA THR C 2 -32.09 -47.16 -18.61
C THR C 2 -30.85 -46.33 -18.28
N LEU C 3 -30.14 -45.91 -19.32
CA LEU C 3 -29.02 -44.98 -19.15
C LEU C 3 -29.49 -43.74 -18.43
N LYS C 4 -30.61 -43.20 -18.87
CA LYS C 4 -31.21 -42.04 -18.24
C LYS C 4 -31.46 -42.25 -16.74
N ASP C 5 -32.09 -43.37 -16.40
CA ASP C 5 -32.33 -43.76 -14.99
C ASP C 5 -31.05 -43.74 -14.15
N GLN C 6 -30.00 -44.37 -14.67
CA GLN C 6 -28.73 -44.49 -13.96
C GLN C 6 -28.07 -43.13 -13.75
N LEU C 7 -28.19 -42.26 -14.76
CA LEU C 7 -27.49 -41.00 -14.79
C LEU C 7 -28.17 -39.93 -13.94
N ILE C 8 -29.48 -39.85 -14.09
CA ILE C 8 -30.26 -38.76 -13.55
C ILE C 8 -31.35 -39.25 -12.55
N TYR C 9 -31.39 -38.62 -11.38
CA TYR C 9 -32.45 -38.85 -10.41
C TYR C 9 -33.48 -37.73 -10.53
N ASN C 10 -34.74 -38.10 -10.70
CA ASN C 10 -35.83 -37.12 -10.88
C ASN C 10 -36.56 -36.75 -9.58
N LEU C 11 -36.68 -35.45 -9.33
CA LEU C 11 -37.41 -34.92 -8.18
C LEU C 11 -38.82 -34.53 -8.58
N LEU C 12 -38.95 -33.88 -9.73
CA LEU C 12 -40.20 -33.26 -10.16
C LEU C 12 -40.70 -33.84 -11.45
N LYS C 13 -41.92 -34.39 -11.41
CA LYS C 13 -42.53 -34.98 -12.60
C LYS C 13 -43.26 -33.90 -13.40
N GLU C 14 -44.05 -33.07 -12.72
CA GLU C 14 -44.93 -32.14 -13.42
C GLU C 14 -44.16 -31.08 -14.18
N GLU C 15 -44.81 -30.54 -15.22
CA GLU C 15 -44.26 -29.50 -16.05
C GLU C 15 -45.24 -28.33 -16.06
N GLN C 16 -44.83 -27.22 -15.45
CA GLN C 16 -45.59 -25.96 -15.50
C GLN C 16 -45.58 -25.37 -16.91
N THR C 17 -46.56 -24.52 -17.21
CA THR C 17 -46.68 -23.92 -18.53
C THR C 17 -45.49 -23.03 -18.88
N PRO C 18 -45.32 -22.72 -20.17
CA PRO C 18 -44.27 -21.76 -20.57
C PRO C 18 -44.64 -20.34 -20.18
N GLN C 19 -43.70 -19.62 -19.57
CA GLN C 19 -43.97 -18.27 -19.07
C GLN C 19 -43.93 -17.20 -20.18
N ASN C 20 -43.04 -17.34 -21.14
CA ASN C 20 -42.81 -16.27 -22.12
C ASN C 20 -42.87 -16.79 -23.54
N LYS C 21 -44.01 -17.36 -23.90
CA LYS C 21 -44.16 -18.11 -25.14
C LYS C 21 -44.56 -17.20 -26.30
N ILE C 22 -43.92 -17.39 -27.45
CA ILE C 22 -44.27 -16.65 -28.64
C ILE C 22 -44.64 -17.60 -29.75
N THR C 23 -45.62 -17.22 -30.54
CA THR C 23 -46.03 -17.99 -31.70
C THR C 23 -45.85 -17.16 -32.94
N VAL C 24 -45.27 -17.76 -33.98
CA VAL C 24 -45.20 -17.14 -35.29
C VAL C 24 -46.01 -17.99 -36.25
N VAL C 25 -47.07 -17.40 -36.80
CA VAL C 25 -47.92 -18.03 -37.80
C VAL C 25 -47.44 -17.61 -39.19
N GLY C 26 -47.16 -18.60 -40.02
CA GLY C 26 -46.58 -18.40 -41.33
C GLY C 26 -45.07 -18.55 -41.21
N VAL C 27 -44.51 -19.58 -41.84
CA VAL C 27 -43.05 -19.77 -41.77
C VAL C 27 -42.36 -19.55 -43.11
N GLY C 28 -42.87 -18.59 -43.88
CA GLY C 28 -42.20 -18.13 -45.09
C GLY C 28 -41.08 -17.19 -44.74
N ALA C 29 -40.70 -16.33 -45.69
CA ALA C 29 -39.53 -15.47 -45.51
C ALA C 29 -39.63 -14.60 -44.25
N VAL C 30 -40.75 -13.90 -44.14
CA VAL C 30 -40.97 -12.98 -43.04
C VAL C 30 -41.05 -13.77 -41.74
N GLY C 31 -41.77 -14.87 -41.75
CA GLY C 31 -42.05 -15.58 -40.50
C GLY C 31 -40.76 -16.06 -39.88
N MET C 32 -39.92 -16.64 -40.71
CA MET C 32 -38.64 -17.16 -40.23
C MET C 32 -37.62 -16.10 -39.84
N ALA C 33 -37.65 -14.94 -40.51
CA ALA C 33 -36.78 -13.81 -40.13
C ALA C 33 -37.20 -13.27 -38.77
N CYS C 34 -38.51 -13.19 -38.57
CA CYS C 34 -39.03 -12.88 -37.26
C CYS C 34 -38.54 -13.94 -36.29
N ALA C 35 -38.67 -15.21 -36.68
CA ALA C 35 -38.29 -16.29 -35.78
C ALA C 35 -36.85 -16.15 -35.34
N ILE C 36 -35.92 -16.12 -36.31
CA ILE C 36 -34.49 -16.11 -35.98
C ILE C 36 -34.14 -14.86 -35.16
N SER C 37 -34.75 -13.73 -35.50
CA SER C 37 -34.45 -12.47 -34.82
C SER C 37 -34.87 -12.55 -33.35
N ILE C 38 -36.04 -13.13 -33.13
CA ILE C 38 -36.58 -13.34 -31.77
C ILE C 38 -35.70 -14.32 -30.96
N LEU C 39 -35.30 -15.42 -31.60
CA LEU C 39 -34.42 -16.41 -30.95
C LEU C 39 -33.06 -15.82 -30.56
N MET C 40 -32.49 -14.97 -31.41
CA MET C 40 -31.17 -14.41 -31.09
C MET C 40 -31.25 -13.28 -30.10
N LYS C 41 -32.46 -12.84 -29.79
CA LYS C 41 -32.67 -11.81 -28.81
C LYS C 41 -33.26 -12.33 -27.49
N ASP C 42 -33.27 -13.65 -27.30
CA ASP C 42 -33.67 -14.27 -26.04
C ASP C 42 -34.97 -13.71 -25.52
N LEU C 43 -35.97 -13.60 -26.38
CA LEU C 43 -37.22 -12.99 -25.96
C LEU C 43 -38.28 -14.01 -25.56
N ALA C 44 -38.01 -15.29 -25.76
CA ALA C 44 -39.02 -16.32 -25.48
C ALA C 44 -38.41 -17.55 -24.85
N ASP C 45 -39.18 -18.22 -24.00
CA ASP C 45 -38.79 -19.52 -23.46
C ASP C 45 -39.36 -20.66 -24.31
N GLU C 46 -40.35 -20.34 -25.15
CA GLU C 46 -40.94 -21.31 -26.06
C GLU C 46 -41.36 -20.62 -27.36
N LEU C 47 -41.07 -21.27 -28.47
CA LEU C 47 -41.41 -20.73 -29.78
C LEU C 47 -42.23 -21.78 -30.51
N ALA C 48 -43.44 -21.38 -30.89
CA ALA C 48 -44.35 -22.23 -31.63
C ALA C 48 -44.48 -21.70 -33.04
N LEU C 49 -44.55 -22.61 -34.00
CA LEU C 49 -44.65 -22.22 -35.41
C LEU C 49 -45.84 -22.92 -36.01
N VAL C 50 -46.58 -22.20 -36.85
CA VAL C 50 -47.74 -22.73 -37.53
C VAL C 50 -47.70 -22.38 -39.02
N ASP C 51 -48.15 -23.31 -39.85
CA ASP C 51 -48.32 -23.06 -41.27
C ASP C 51 -49.30 -24.09 -41.82
N VAL C 52 -49.79 -23.86 -43.04
CA VAL C 52 -50.62 -24.88 -43.71
C VAL C 52 -49.78 -25.84 -44.55
N ILE C 53 -48.54 -25.47 -44.84
CA ILE C 53 -47.63 -26.35 -45.60
C ILE C 53 -46.82 -27.19 -44.62
N GLU C 54 -47.24 -28.44 -44.41
CA GLU C 54 -46.70 -29.28 -43.33
C GLU C 54 -45.19 -29.58 -43.47
N ASP C 55 -44.78 -29.99 -44.66
CA ASP C 55 -43.37 -30.26 -44.96
C ASP C 55 -42.44 -29.10 -44.55
N LYS C 56 -42.70 -27.96 -45.14
CA LYS C 56 -41.92 -26.75 -44.91
C LYS C 56 -41.90 -26.38 -43.42
N LEU C 57 -43.07 -26.47 -42.78
CA LEU C 57 -43.21 -26.17 -41.35
C LEU C 57 -42.29 -27.03 -40.51
N LYS C 58 -42.38 -28.34 -40.70
CA LYS C 58 -41.53 -29.27 -39.98
C LYS C 58 -40.03 -29.07 -40.28
N GLY C 59 -39.69 -28.84 -41.55
CA GLY C 59 -38.31 -28.59 -41.97
C GLY C 59 -37.71 -27.39 -41.26
N GLU C 60 -38.46 -26.30 -41.23
CA GLU C 60 -38.02 -25.08 -40.57
C GLU C 60 -37.87 -25.27 -39.06
N MET C 61 -38.80 -26.00 -38.45
CA MET C 61 -38.71 -26.30 -37.04
C MET C 61 -37.45 -27.08 -36.75
N MET C 62 -37.26 -28.18 -37.46
CA MET C 62 -36.05 -29.00 -37.29
C MET C 62 -34.75 -28.23 -37.48
N ASP C 63 -34.72 -27.30 -38.44
CA ASP C 63 -33.50 -26.54 -38.75
C ASP C 63 -33.16 -25.65 -37.57
N LEU C 64 -34.20 -25.04 -36.95
CA LEU C 64 -33.99 -24.22 -35.76
C LEU C 64 -33.56 -25.07 -34.58
N GLN C 65 -34.27 -26.18 -34.37
CA GLN C 65 -33.96 -27.11 -33.28
C GLN C 65 -32.47 -27.54 -33.33
N HIS C 66 -31.98 -27.83 -34.53
CA HIS C 66 -30.57 -28.22 -34.71
C HIS C 66 -29.58 -27.17 -34.28
N GLY C 67 -30.02 -25.91 -34.26
CA GLY C 67 -29.21 -24.83 -33.72
C GLY C 67 -29.44 -24.55 -32.25
N SER C 68 -30.20 -25.39 -31.56
CA SER C 68 -30.54 -25.18 -30.12
C SER C 68 -29.33 -24.92 -29.24
N LEU C 69 -28.25 -25.65 -29.49
CA LEU C 69 -27.03 -25.48 -28.72
C LEU C 69 -26.56 -24.03 -28.68
N PHE C 70 -26.87 -23.28 -29.73
CA PHE C 70 -26.43 -21.88 -29.81
C PHE C 70 -27.52 -20.89 -29.37
N LEU C 71 -28.64 -21.40 -28.85
CA LEU C 71 -29.76 -20.52 -28.48
C LEU C 71 -30.06 -20.69 -27.00
N ARG C 72 -31.01 -19.90 -26.49
CA ARG C 72 -31.45 -20.01 -25.09
C ARG C 72 -32.98 -19.99 -25.04
N THR C 73 -33.58 -20.67 -26.02
CA THR C 73 -35.04 -20.87 -26.08
C THR C 73 -35.29 -22.38 -26.14
N PRO C 74 -35.50 -23.01 -24.96
CA PRO C 74 -35.36 -24.47 -24.84
C PRO C 74 -36.45 -25.34 -25.49
N LYS C 75 -37.57 -24.74 -25.86
CA LYS C 75 -38.64 -25.50 -26.49
C LYS C 75 -39.07 -24.84 -27.79
N ILE C 76 -38.92 -25.58 -28.88
CA ILE C 76 -39.33 -25.11 -30.21
C ILE C 76 -40.25 -26.17 -30.79
N VAL C 77 -41.47 -25.75 -31.10
CA VAL C 77 -42.49 -26.66 -31.55
C VAL C 77 -43.20 -26.10 -32.75
N SER C 78 -43.90 -26.97 -33.47
CA SER C 78 -44.71 -26.58 -34.59
C SER C 78 -45.85 -27.56 -34.81
N GLY C 79 -46.85 -27.10 -35.54
CA GLY C 79 -47.90 -27.96 -36.02
C GLY C 79 -48.84 -27.14 -36.88
N LYS C 80 -49.62 -27.85 -37.67
CA LYS C 80 -50.65 -27.24 -38.47
C LYS C 80 -51.86 -26.94 -37.58
N ASP C 81 -51.98 -27.69 -36.48
CA ASP C 81 -53.04 -27.52 -35.48
C ASP C 81 -52.60 -26.51 -34.41
N TYR C 82 -53.52 -25.61 -34.04
CA TYR C 82 -53.20 -24.49 -33.15
C TYR C 82 -53.07 -24.86 -31.66
N ASN C 83 -53.31 -26.11 -31.30
CA ASN C 83 -52.99 -26.57 -29.95
C ASN C 83 -51.52 -26.32 -29.57
N VAL C 84 -50.59 -26.39 -30.54
CA VAL C 84 -49.17 -26.10 -30.25
C VAL C 84 -48.96 -24.65 -29.80
N THR C 85 -49.96 -23.81 -30.06
CA THR C 85 -49.87 -22.40 -29.85
C THR C 85 -50.36 -21.94 -28.48
N ALA C 86 -50.94 -22.87 -27.70
CA ALA C 86 -51.64 -22.53 -26.47
C ALA C 86 -50.81 -21.74 -25.44
N ASN C 87 -51.48 -20.83 -24.74
CA ASN C 87 -50.88 -19.99 -23.70
C ASN C 87 -49.76 -19.10 -24.22
N SER C 88 -49.85 -18.63 -25.47
CA SER C 88 -48.83 -17.72 -26.02
C SER C 88 -49.09 -16.33 -25.47
N LYS C 89 -48.02 -15.65 -25.04
CA LYS C 89 -48.07 -14.25 -24.65
C LYS C 89 -48.24 -13.35 -25.86
N LEU C 90 -47.51 -13.69 -26.93
CA LEU C 90 -47.47 -12.91 -28.17
C LEU C 90 -47.63 -13.84 -29.38
N VAL C 91 -48.54 -13.49 -30.28
CA VAL C 91 -48.75 -14.27 -31.50
C VAL C 91 -48.54 -13.32 -32.66
N ILE C 92 -47.53 -13.62 -33.47
CA ILE C 92 -47.12 -12.78 -34.59
C ILE C 92 -47.63 -13.40 -35.88
N ILE C 93 -48.44 -12.66 -36.63
CA ILE C 93 -49.05 -13.19 -37.84
C ILE C 93 -48.38 -12.68 -39.10
N THR C 94 -47.75 -13.57 -39.84
CA THR C 94 -47.04 -13.24 -41.06
C THR C 94 -47.52 -14.01 -42.28
N ALA C 95 -48.61 -14.75 -42.14
CA ALA C 95 -49.15 -15.55 -43.22
C ALA C 95 -49.79 -14.68 -44.28
N GLY C 96 -49.55 -15.03 -45.52
CA GLY C 96 -50.42 -14.59 -46.61
C GLY C 96 -49.65 -14.19 -47.84
N ALA C 97 -50.40 -13.86 -48.87
CA ALA C 97 -49.86 -13.36 -50.14
C ALA C 97 -49.05 -12.09 -49.93
N ARG C 98 -47.99 -11.97 -50.72
CA ARG C 98 -47.12 -10.81 -50.70
C ARG C 98 -47.17 -10.11 -52.05
N GLN C 99 -46.97 -8.79 -52.05
CA GLN C 99 -47.07 -8.04 -53.30
C GLN C 99 -45.88 -8.38 -54.18
N GLN C 100 -46.13 -8.47 -55.48
CA GLN C 100 -45.10 -8.72 -56.46
C GLN C 100 -44.57 -7.39 -56.96
N GLU C 101 -43.62 -7.46 -57.89
CA GLU C 101 -43.02 -6.25 -58.44
C GLU C 101 -44.14 -5.36 -58.96
N GLY C 102 -44.18 -4.11 -58.48
CA GLY C 102 -45.17 -3.15 -58.97
C GLY C 102 -46.54 -3.20 -58.32
N GLU C 103 -46.83 -4.25 -57.56
CA GLU C 103 -48.17 -4.43 -57.00
C GLU C 103 -48.29 -3.68 -55.68
N SER C 104 -49.40 -2.98 -55.48
CA SER C 104 -49.68 -2.31 -54.22
C SER C 104 -49.97 -3.34 -53.11
N ARG C 105 -49.55 -3.01 -51.89
CA ARG C 105 -49.91 -3.82 -50.73
C ARG C 105 -51.43 -3.95 -50.58
N LEU C 106 -52.15 -2.89 -50.92
CA LEU C 106 -53.62 -2.84 -50.81
C LEU C 106 -54.31 -3.80 -51.80
N ASN C 107 -53.61 -4.17 -52.87
CA ASN C 107 -54.13 -5.15 -53.82
C ASN C 107 -54.22 -6.57 -53.19
N LEU C 108 -53.62 -6.76 -52.01
CA LEU C 108 -53.62 -8.06 -51.32
C LEU C 108 -54.79 -8.28 -50.34
N VAL C 109 -55.68 -7.29 -50.21
CA VAL C 109 -56.72 -7.31 -49.17
C VAL C 109 -57.63 -8.55 -49.23
N GLN C 110 -58.28 -8.76 -50.38
CA GLN C 110 -59.28 -9.81 -50.50
C GLN C 110 -58.65 -11.15 -50.13
N ARG C 111 -57.49 -11.44 -50.72
CA ARG C 111 -56.80 -12.70 -50.48
C ARG C 111 -56.44 -12.86 -49.00
N ASN C 112 -55.83 -11.85 -48.41
CA ASN C 112 -55.36 -11.99 -47.03
C ASN C 112 -56.47 -11.84 -45.95
N VAL C 113 -57.54 -11.14 -46.26
CA VAL C 113 -58.71 -11.14 -45.35
C VAL C 113 -59.24 -12.56 -45.23
N ASN C 114 -59.39 -13.25 -46.36
CA ASN C 114 -59.97 -14.58 -46.36
C ASN C 114 -59.15 -15.59 -45.56
N ILE C 115 -57.83 -15.45 -45.63
CA ILE C 115 -56.91 -16.24 -44.80
C ILE C 115 -57.07 -15.90 -43.31
N PHE C 116 -57.27 -14.61 -43.01
CA PHE C 116 -57.39 -14.15 -41.63
C PHE C 116 -58.64 -14.68 -40.94
N LYS C 117 -59.70 -14.89 -41.73
CA LYS C 117 -60.95 -15.43 -41.23
C LYS C 117 -60.81 -16.84 -40.65
N PHE C 118 -59.83 -17.57 -41.14
CA PHE C 118 -59.48 -18.92 -40.64
C PHE C 118 -58.43 -18.86 -39.50
N ILE C 119 -57.41 -18.03 -39.66
CA ILE C 119 -56.32 -17.98 -38.67
C ILE C 119 -56.72 -17.36 -37.32
N ILE C 120 -57.38 -16.21 -37.32
CA ILE C 120 -57.54 -15.46 -36.08
C ILE C 120 -58.42 -16.20 -35.05
N PRO C 121 -59.55 -16.78 -35.48
CA PRO C 121 -60.35 -17.49 -34.47
C PRO C 121 -59.57 -18.62 -33.80
N ASN C 122 -58.74 -19.32 -34.57
CA ASN C 122 -57.91 -20.38 -34.01
C ASN C 122 -56.84 -19.87 -33.04
N VAL C 123 -56.28 -18.71 -33.31
CA VAL C 123 -55.31 -18.10 -32.40
C VAL C 123 -56.00 -17.79 -31.08
N VAL C 124 -57.15 -17.11 -31.18
CA VAL C 124 -57.90 -16.68 -30.00
C VAL C 124 -58.31 -17.87 -29.13
N LYS C 125 -58.80 -18.94 -29.74
CA LYS C 125 -59.24 -20.12 -29.00
C LYS C 125 -58.18 -20.67 -28.04
N TYR C 126 -56.92 -20.61 -28.45
CA TYR C 126 -55.82 -21.23 -27.69
C TYR C 126 -54.98 -20.26 -26.88
N SER C 127 -54.98 -18.97 -27.25
CA SER C 127 -54.33 -17.94 -26.46
C SER C 127 -55.23 -16.71 -26.28
N PRO C 128 -56.32 -16.84 -25.48
CA PRO C 128 -57.27 -15.73 -25.28
C PRO C 128 -56.68 -14.45 -24.68
N ASN C 129 -55.54 -14.58 -23.98
CA ASN C 129 -54.88 -13.43 -23.35
C ASN C 129 -53.70 -12.88 -24.12
N CYS C 130 -53.46 -13.41 -25.30
CA CYS C 130 -52.27 -13.00 -26.05
C CYS C 130 -52.45 -11.59 -26.59
N LYS C 131 -51.32 -10.97 -26.92
CA LYS C 131 -51.27 -9.80 -27.78
C LYS C 131 -51.06 -10.27 -29.22
N LEU C 132 -51.84 -9.72 -30.13
CA LEU C 132 -51.74 -10.05 -31.54
C LEU C 132 -50.85 -9.01 -32.20
N LEU C 133 -49.81 -9.48 -32.89
CA LEU C 133 -48.91 -8.60 -33.64
C LEU C 133 -48.99 -8.92 -35.12
N ILE C 134 -49.60 -8.03 -35.89
CA ILE C 134 -49.92 -8.29 -37.28
C ILE C 134 -48.81 -7.73 -38.17
N VAL C 135 -48.32 -8.59 -39.08
CA VAL C 135 -47.26 -8.26 -40.03
C VAL C 135 -47.71 -8.40 -41.48
N SER C 136 -48.59 -9.36 -41.75
CA SER C 136 -49.11 -9.60 -43.10
C SER C 136 -49.65 -8.30 -43.69
N ASN C 137 -49.53 -8.14 -45.01
CA ASN C 137 -49.98 -6.93 -45.68
C ASN C 137 -51.35 -7.10 -46.35
N PRO C 138 -52.11 -6.00 -46.48
CA PRO C 138 -51.78 -4.66 -45.96
C PRO C 138 -51.97 -4.60 -44.46
N VAL C 139 -50.88 -4.27 -43.76
CA VAL C 139 -50.79 -4.47 -42.33
C VAL C 139 -51.77 -3.63 -41.53
N ASP C 140 -52.06 -2.42 -41.99
CA ASP C 140 -52.96 -1.55 -41.25
C ASP C 140 -54.36 -2.12 -41.34
N ILE C 141 -54.81 -2.38 -42.57
CA ILE C 141 -56.12 -2.98 -42.79
C ILE C 141 -56.26 -4.33 -42.07
N LEU C 142 -55.23 -5.17 -42.14
CA LEU C 142 -55.33 -6.50 -41.54
C LEU C 142 -55.33 -6.48 -40.00
N THR C 143 -54.78 -5.41 -39.42
CA THR C 143 -54.84 -5.20 -37.98
C THR C 143 -56.28 -4.88 -37.59
N TYR C 144 -56.93 -4.00 -38.36
CA TYR C 144 -58.33 -3.71 -38.20
C TYR C 144 -59.13 -5.02 -38.25
N VAL C 145 -58.90 -5.81 -39.30
CA VAL C 145 -59.60 -7.07 -39.47
C VAL C 145 -59.35 -8.00 -38.29
N ALA C 146 -58.09 -8.12 -37.88
CA ALA C 146 -57.73 -8.95 -36.73
C ALA C 146 -58.43 -8.49 -35.44
N TRP C 147 -58.52 -7.17 -35.27
CA TRP C 147 -59.26 -6.63 -34.13
C TRP C 147 -60.71 -7.08 -34.15
N LYS C 148 -61.39 -6.80 -35.26
CA LYS C 148 -62.80 -7.14 -35.42
C LYS C 148 -63.10 -8.63 -35.31
N ILE C 149 -62.25 -9.46 -35.89
CA ILE C 149 -62.48 -10.90 -35.83
C ILE C 149 -62.23 -11.44 -34.42
N SER C 150 -61.15 -10.99 -33.78
CA SER C 150 -60.76 -11.54 -32.49
C SER C 150 -61.71 -11.15 -31.38
N GLY C 151 -62.30 -9.96 -31.48
CA GLY C 151 -63.09 -9.41 -30.38
C GLY C 151 -62.22 -8.91 -29.22
N PHE C 152 -60.90 -8.95 -29.40
CA PHE C 152 -59.96 -8.46 -28.39
C PHE C 152 -60.15 -6.96 -28.21
N PRO C 153 -59.75 -6.43 -27.04
CA PRO C 153 -59.74 -4.98 -26.93
C PRO C 153 -58.56 -4.41 -27.74
N LYS C 154 -58.71 -3.18 -28.23
CA LYS C 154 -57.73 -2.64 -29.20
C LYS C 154 -56.29 -2.58 -28.71
N ASN C 155 -56.07 -2.46 -27.41
CA ASN C 155 -54.70 -2.42 -26.88
C ASN C 155 -53.88 -3.67 -27.24
N ARG C 156 -54.55 -4.81 -27.41
CA ARG C 156 -53.90 -6.09 -27.60
C ARG C 156 -53.82 -6.54 -29.05
N VAL C 157 -54.21 -5.67 -29.99
CA VAL C 157 -54.04 -5.99 -31.40
C VAL C 157 -53.18 -4.91 -32.06
N ILE C 158 -51.96 -5.27 -32.39
CA ILE C 158 -50.96 -4.31 -32.86
C ILE C 158 -50.52 -4.67 -34.26
N GLY C 159 -50.41 -3.67 -35.14
CA GLY C 159 -49.82 -3.86 -36.45
C GLY C 159 -48.38 -3.38 -36.51
N SER C 160 -47.51 -4.09 -37.21
CA SER C 160 -46.09 -3.74 -37.22
C SER C 160 -45.91 -2.35 -37.79
N GLY C 161 -46.80 -1.98 -38.71
CA GLY C 161 -46.99 -0.59 -39.10
C GLY C 161 -45.72 0.11 -39.55
N CYS C 162 -45.51 1.32 -39.03
CA CYS C 162 -44.41 2.17 -39.52
C CYS C 162 -43.13 2.09 -38.68
N ASN C 163 -43.02 1.10 -37.81
CA ASN C 163 -41.76 0.88 -37.12
C ASN C 163 -40.66 0.66 -38.16
N LEU C 164 -40.96 -0.15 -39.19
CA LEU C 164 -40.03 -0.37 -40.30
C LEU C 164 -39.78 0.89 -41.17
N ASP C 165 -40.83 1.56 -41.62
CA ASP C 165 -40.68 2.79 -42.44
C ASP C 165 -39.80 3.82 -41.73
N SER C 166 -40.05 3.98 -40.43
CA SER C 166 -39.28 4.90 -39.60
C SER C 166 -37.80 4.48 -39.45
N ALA C 167 -37.53 3.20 -39.23
CA ALA C 167 -36.14 2.69 -39.23
C ALA C 167 -35.45 2.99 -40.57
N ARG C 168 -36.13 2.76 -41.67
CA ARG C 168 -35.59 3.05 -43.00
C ARG C 168 -35.27 4.53 -43.18
N PHE C 169 -36.19 5.37 -42.74
CA PHE C 169 -36.04 6.81 -42.80
C PHE C 169 -34.81 7.26 -42.02
N ARG C 170 -34.63 6.71 -40.83
CA ARG C 170 -33.50 7.06 -39.96
C ARG C 170 -32.18 6.52 -40.50
N TYR C 171 -32.25 5.38 -41.17
CA TYR C 171 -31.06 4.86 -41.86
C TYR C 171 -30.62 5.86 -42.94
N LEU C 172 -31.57 6.28 -43.77
CA LEU C 172 -31.29 7.20 -44.86
C LEU C 172 -30.85 8.56 -44.35
N MET C 173 -31.51 9.05 -43.29
CA MET C 173 -31.10 10.27 -42.60
C MET C 173 -29.66 10.12 -42.14
N GLY C 174 -29.35 9.00 -41.49
CA GLY C 174 -27.99 8.68 -41.07
C GLY C 174 -26.96 8.71 -42.18
N GLU C 175 -27.30 8.10 -43.32
CA GLU C 175 -26.41 8.07 -44.47
C GLU C 175 -26.12 9.50 -44.98
N ARG C 176 -27.13 10.35 -44.98
CA ARG C 176 -26.96 11.74 -45.39
C ARG C 176 -26.18 12.61 -44.39
N LEU C 177 -26.33 12.32 -43.10
CA LEU C 177 -25.74 13.17 -42.05
C LEU C 177 -24.40 12.69 -41.50
N GLY C 178 -24.04 11.44 -41.79
CA GLY C 178 -22.84 10.82 -41.23
C GLY C 178 -22.99 10.45 -39.76
N VAL C 179 -24.20 10.01 -39.39
CA VAL C 179 -24.54 9.75 -38.00
C VAL C 179 -25.28 8.43 -37.91
N HIS C 180 -25.03 7.65 -36.86
CA HIS C 180 -25.74 6.39 -36.67
C HIS C 180 -27.25 6.61 -36.60
N PRO C 181 -28.07 5.71 -37.19
CA PRO C 181 -29.53 5.87 -37.16
C PRO C 181 -30.10 6.01 -35.75
N LEU C 182 -29.50 5.32 -34.79
CA LEU C 182 -29.80 5.50 -33.37
C LEU C 182 -29.88 6.94 -32.91
N SER C 183 -28.98 7.77 -33.44
CA SER C 183 -28.93 9.18 -33.05
C SER C 183 -29.69 10.11 -34.01
N CYS C 184 -30.23 9.56 -35.10
CA CYS C 184 -31.09 10.31 -36.00
C CYS C 184 -32.54 10.07 -35.66
N HIS C 185 -33.30 11.14 -35.47
CA HIS C 185 -34.68 11.01 -35.05
C HIS C 185 -35.61 11.59 -36.10
N GLY C 186 -36.52 10.73 -36.57
CA GLY C 186 -37.51 11.14 -37.54
C GLY C 186 -38.60 10.11 -37.58
N TRP C 187 -39.85 10.54 -37.75
CA TRP C 187 -40.97 9.65 -37.66
C TRP C 187 -41.73 9.61 -39.00
N VAL C 188 -42.16 8.42 -39.38
CA VAL C 188 -43.00 8.24 -40.53
C VAL C 188 -44.28 7.57 -39.99
N LEU C 189 -45.42 8.20 -40.24
CA LEU C 189 -46.69 7.76 -39.69
C LEU C 189 -47.71 7.46 -40.77
N GLY C 190 -48.85 6.92 -40.34
CA GLY C 190 -49.98 6.64 -41.21
C GLY C 190 -49.88 5.24 -41.77
N GLU C 191 -50.23 5.09 -43.05
CA GLU C 191 -50.17 3.80 -43.73
C GLU C 191 -48.74 3.31 -43.88
N HIS C 192 -48.52 2.04 -43.55
CA HIS C 192 -47.34 1.33 -44.01
C HIS C 192 -47.50 1.08 -45.51
N GLY C 193 -47.12 2.07 -46.31
CA GLY C 193 -47.38 2.05 -47.75
C GLY C 193 -47.24 3.41 -48.37
N ASP C 194 -47.90 3.60 -49.52
CA ASP C 194 -47.64 4.77 -50.37
C ASP C 194 -48.05 6.11 -49.80
N SER C 195 -49.03 6.10 -48.89
CA SER C 195 -49.58 7.34 -48.35
C SER C 195 -48.97 7.70 -46.98
N SER C 196 -47.85 7.08 -46.63
CA SER C 196 -47.15 7.36 -45.37
C SER C 196 -46.72 8.81 -45.29
N VAL C 197 -46.60 9.30 -44.06
CA VAL C 197 -46.38 10.72 -43.81
C VAL C 197 -45.09 10.94 -43.04
N PRO C 198 -44.14 11.68 -43.63
CA PRO C 198 -42.94 12.03 -42.89
C PRO C 198 -43.16 13.29 -42.04
N VAL C 199 -42.96 13.17 -40.74
CA VAL C 199 -43.18 14.31 -39.86
C VAL C 199 -41.91 15.15 -39.84
N TRP C 200 -41.75 16.02 -40.83
CA TRP C 200 -40.58 16.92 -40.94
C TRP C 200 -40.35 17.74 -39.68
N SER C 201 -41.44 18.25 -39.12
CA SER C 201 -41.38 19.14 -37.94
C SER C 201 -40.72 18.49 -36.73
N GLY C 202 -40.70 17.16 -36.68
CA GLY C 202 -40.10 16.43 -35.58
C GLY C 202 -38.70 15.90 -35.83
N MET C 203 -38.18 16.05 -37.04
CA MET C 203 -36.86 15.50 -37.32
C MET C 203 -35.77 16.28 -36.58
N ASN C 204 -34.86 15.54 -35.93
CA ASN C 204 -33.84 16.15 -35.08
C ASN C 204 -32.64 15.26 -34.83
N VAL C 205 -31.51 15.87 -34.50
CA VAL C 205 -30.35 15.17 -33.96
C VAL C 205 -29.96 15.90 -32.67
N ALA C 206 -29.81 15.17 -31.58
CA ALA C 206 -29.52 15.75 -30.25
C ALA C 206 -30.51 16.85 -29.85
N GLY C 207 -31.77 16.66 -30.23
CA GLY C 207 -32.83 17.62 -29.95
C GLY C 207 -32.83 18.89 -30.78
N VAL C 208 -31.94 19.03 -31.75
CA VAL C 208 -31.94 20.23 -32.59
C VAL C 208 -32.78 20.00 -33.84
N SER C 209 -33.78 20.85 -34.02
CA SER C 209 -34.75 20.71 -35.09
C SER C 209 -34.11 20.99 -36.45
N LEU C 210 -34.06 19.98 -37.31
CA LEU C 210 -33.58 20.15 -38.69
C LEU C 210 -34.42 21.17 -39.45
N LYS C 211 -35.74 21.11 -39.29
CA LYS C 211 -36.68 22.04 -39.91
C LYS C 211 -36.42 23.49 -39.52
N THR C 212 -36.09 23.71 -38.25
CA THR C 212 -35.75 25.04 -37.77
C THR C 212 -34.44 25.52 -38.40
N LEU C 213 -33.43 24.65 -38.45
CA LEU C 213 -32.19 24.96 -39.18
C LEU C 213 -32.46 25.18 -40.66
N HIS C 214 -33.41 24.43 -41.22
CA HIS C 214 -33.61 24.37 -42.65
C HIS C 214 -35.09 24.43 -43.03
N PRO C 215 -35.69 25.65 -43.00
CA PRO C 215 -37.12 25.85 -43.28
C PRO C 215 -37.65 25.23 -44.57
N ASP C 216 -36.80 25.04 -45.58
CA ASP C 216 -37.18 24.36 -46.82
C ASP C 216 -37.29 22.84 -46.70
N LEU C 217 -36.83 22.29 -45.57
CA LEU C 217 -36.85 20.84 -45.37
C LEU C 217 -38.22 20.25 -45.68
N GLY C 218 -38.24 19.29 -46.60
CA GLY C 218 -39.48 18.57 -46.92
C GLY C 218 -40.43 19.30 -47.84
N THR C 219 -39.95 20.40 -48.42
CA THR C 219 -40.72 21.20 -49.37
C THR C 219 -40.23 20.84 -50.77
N ASP C 220 -41.02 21.13 -51.79
CA ASP C 220 -40.64 20.86 -53.17
C ASP C 220 -39.40 21.66 -53.62
N LYS C 221 -39.33 22.94 -53.26
CA LYS C 221 -38.17 23.75 -53.64
C LYS C 221 -37.11 23.80 -52.53
N ASP C 222 -36.76 22.61 -52.05
CA ASP C 222 -35.65 22.38 -51.14
C ASP C 222 -34.46 22.00 -52.00
N LYS C 223 -33.37 22.77 -51.94
CA LYS C 223 -32.21 22.49 -52.78
C LYS C 223 -31.62 21.11 -52.48
N GLU C 224 -31.72 20.68 -51.23
CA GLU C 224 -31.20 19.37 -50.84
C GLU C 224 -32.16 18.23 -51.14
N GLN C 225 -33.40 18.56 -51.53
CA GLN C 225 -34.39 17.58 -51.95
C GLN C 225 -34.63 16.47 -50.94
N TRP C 226 -34.98 16.85 -49.71
CA TRP C 226 -35.20 15.88 -48.64
C TRP C 226 -36.48 15.08 -48.83
N LYS C 227 -37.44 15.59 -49.58
CA LYS C 227 -38.61 14.78 -49.95
C LYS C 227 -38.16 13.44 -50.55
N GLU C 228 -37.03 13.45 -51.25
CA GLU C 228 -36.48 12.22 -51.85
C GLU C 228 -36.19 11.15 -50.81
N VAL C 229 -35.84 11.57 -49.60
CA VAL C 229 -35.61 10.64 -48.51
C VAL C 229 -36.91 9.90 -48.19
N HIS C 230 -38.03 10.64 -48.12
CA HIS C 230 -39.33 10.00 -47.88
C HIS C 230 -39.76 9.16 -49.09
N LYS C 231 -39.54 9.69 -50.29
CA LYS C 231 -39.74 8.91 -51.52
C LYS C 231 -39.05 7.56 -51.47
N GLN C 232 -37.78 7.56 -51.02
CA GLN C 232 -37.00 6.33 -50.95
C GLN C 232 -37.60 5.40 -49.92
N VAL C 233 -38.14 5.94 -48.84
CA VAL C 233 -38.82 5.13 -47.82
C VAL C 233 -40.04 4.43 -48.42
N VAL C 234 -40.87 5.20 -49.11
CA VAL C 234 -42.07 4.67 -49.79
C VAL C 234 -41.67 3.59 -50.79
N GLU C 235 -40.65 3.86 -51.60
CA GLU C 235 -40.20 2.97 -52.66
C GLU C 235 -39.37 1.78 -52.21
N SER C 236 -38.89 1.80 -50.97
CA SER C 236 -37.87 0.83 -50.53
C SER C 236 -38.31 -0.63 -50.70
N ALA C 237 -39.53 -0.98 -50.27
CA ALA C 237 -40.00 -2.36 -50.42
C ALA C 237 -40.06 -2.77 -51.88
N TYR C 238 -40.52 -1.85 -52.72
CA TYR C 238 -40.66 -2.13 -54.14
C TYR C 238 -39.29 -2.40 -54.78
N GLU C 239 -38.28 -1.64 -54.41
CA GLU C 239 -36.92 -1.84 -54.90
C GLU C 239 -36.34 -3.18 -54.44
N VAL C 240 -36.51 -3.47 -53.16
CA VAL C 240 -36.01 -4.71 -52.60
C VAL C 240 -36.72 -5.93 -53.23
N ILE C 241 -38.04 -5.84 -53.36
CA ILE C 241 -38.81 -6.87 -54.06
C ILE C 241 -38.28 -7.13 -55.48
N LYS C 242 -38.07 -6.08 -56.26
CA LYS C 242 -37.59 -6.31 -57.62
C LYS C 242 -36.16 -6.86 -57.66
N LEU C 243 -35.33 -6.54 -56.67
CA LEU C 243 -33.97 -7.06 -56.61
C LEU C 243 -33.83 -8.51 -56.11
N LYS C 244 -34.47 -8.84 -54.98
CA LYS C 244 -34.40 -10.18 -54.40
C LYS C 244 -35.73 -10.92 -54.34
N GLY C 245 -36.82 -10.30 -54.78
CA GLY C 245 -38.11 -10.99 -54.83
C GLY C 245 -39.08 -10.71 -53.68
N TYR C 246 -38.59 -10.24 -52.55
CA TYR C 246 -39.40 -10.06 -51.34
C TYR C 246 -38.55 -9.30 -50.32
N THR C 247 -39.15 -8.84 -49.21
CA THR C 247 -38.36 -8.31 -48.08
C THR C 247 -38.51 -9.26 -46.89
N SER C 248 -37.49 -9.32 -46.03
CA SER C 248 -37.55 -10.20 -44.86
C SER C 248 -36.69 -9.74 -43.68
N TRP C 249 -35.41 -9.43 -43.90
CA TRP C 249 -34.53 -9.17 -42.78
C TRP C 249 -34.94 -7.96 -41.97
N ALA C 250 -35.22 -6.87 -42.65
CA ALA C 250 -35.53 -5.62 -41.96
C ALA C 250 -36.83 -5.73 -41.15
N ILE C 251 -37.87 -6.31 -41.74
CA ILE C 251 -39.14 -6.52 -41.03
C ILE C 251 -38.95 -7.52 -39.89
N GLY C 252 -38.10 -8.54 -40.11
CA GLY C 252 -37.72 -9.46 -39.05
C GLY C 252 -37.23 -8.70 -37.83
N LEU C 253 -36.33 -7.75 -38.06
CA LEU C 253 -35.69 -7.00 -36.99
C LEU C 253 -36.66 -6.00 -36.36
N SER C 254 -37.48 -5.36 -37.19
CA SER C 254 -38.49 -4.44 -36.68
C SER C 254 -39.47 -5.18 -35.80
N VAL C 255 -39.93 -6.35 -36.26
CA VAL C 255 -40.79 -7.17 -35.43
C VAL C 255 -40.16 -7.58 -34.10
N ALA C 256 -38.88 -7.98 -34.11
CA ALA C 256 -38.22 -8.34 -32.87
C ALA C 256 -38.14 -7.16 -31.92
N ASP C 257 -37.91 -5.96 -32.46
CA ASP C 257 -37.85 -4.72 -31.69
C ASP C 257 -39.20 -4.45 -30.99
N LEU C 258 -40.30 -4.69 -31.69
CA LEU C 258 -41.64 -4.57 -31.11
C LEU C 258 -41.88 -5.67 -30.07
N ALA C 259 -41.57 -6.91 -30.42
CA ALA C 259 -41.71 -8.02 -29.48
C ALA C 259 -40.90 -7.78 -28.22
N GLU C 260 -39.71 -7.21 -28.37
CA GLU C 260 -38.88 -6.91 -27.21
C GLU C 260 -39.59 -5.97 -26.24
N SER C 261 -40.16 -4.89 -26.77
CA SER C 261 -40.87 -3.94 -25.90
C SER C 261 -42.07 -4.60 -25.21
N ILE C 262 -42.77 -5.46 -25.94
CA ILE C 262 -44.00 -6.07 -25.44
C ILE C 262 -43.64 -7.09 -24.36
N MET C 263 -42.76 -8.03 -24.72
CA MET C 263 -42.36 -9.14 -23.84
C MET C 263 -41.62 -8.67 -22.59
N LYS C 264 -40.82 -7.62 -22.69
CA LYS C 264 -40.10 -7.07 -21.52
C LYS C 264 -40.77 -5.88 -20.84
N ASN C 265 -42.00 -5.55 -21.24
CA ASN C 265 -42.77 -4.43 -20.67
C ASN C 265 -41.96 -3.11 -20.67
N LEU C 266 -41.31 -2.79 -21.77
CA LEU C 266 -40.37 -1.67 -21.77
C LEU C 266 -41.03 -0.29 -21.73
N ARG C 267 -42.23 -0.15 -22.30
CA ARG C 267 -42.91 1.14 -22.39
C ARG C 267 -42.12 2.11 -23.28
N ARG C 268 -41.48 1.58 -24.31
CA ARG C 268 -40.90 2.40 -25.36
C ARG C 268 -41.98 2.80 -26.35
N VAL C 269 -41.69 3.83 -27.14
CA VAL C 269 -42.64 4.39 -28.09
C VAL C 269 -42.30 3.93 -29.50
N HIS C 270 -43.29 3.33 -30.19
CA HIS C 270 -43.10 2.82 -31.54
C HIS C 270 -44.28 3.28 -32.41
N PRO C 271 -44.01 3.60 -33.66
CA PRO C 271 -45.11 3.89 -34.56
C PRO C 271 -45.68 2.58 -35.06
N VAL C 272 -46.84 2.20 -34.54
CA VAL C 272 -47.48 0.92 -34.88
C VAL C 272 -48.96 1.12 -35.20
N SER C 273 -49.54 0.17 -35.95
CA SER C 273 -50.91 0.34 -36.42
C SER C 273 -51.90 0.20 -35.26
N THR C 274 -52.75 1.21 -35.10
CA THR C 274 -53.71 1.21 -34.04
C THR C 274 -54.94 2.03 -34.46
N MET C 275 -56.00 1.88 -33.70
CA MET C 275 -57.22 2.61 -34.01
C MET C 275 -57.00 4.07 -33.64
N ILE C 276 -57.07 4.98 -34.61
CA ILE C 276 -56.94 6.43 -34.32
C ILE C 276 -58.23 7.23 -34.47
N LYS C 277 -59.38 6.55 -34.37
CA LYS C 277 -60.67 7.23 -34.39
C LYS C 277 -60.63 8.35 -33.35
N GLY C 278 -60.92 9.57 -33.79
CA GLY C 278 -61.12 10.70 -32.87
C GLY C 278 -59.97 11.69 -32.78
N LEU C 279 -58.93 11.48 -33.59
CA LEU C 279 -57.78 12.38 -33.67
C LEU C 279 -57.58 12.81 -35.11
N TYR C 280 -56.97 13.97 -35.29
CA TYR C 280 -56.67 14.50 -36.63
C TYR C 280 -57.88 14.56 -37.55
N GLY C 281 -59.06 14.71 -36.97
CA GLY C 281 -60.31 14.78 -37.72
C GLY C 281 -60.92 13.47 -38.17
N ILE C 282 -60.38 12.34 -37.71
CA ILE C 282 -60.81 11.03 -38.20
C ILE C 282 -61.99 10.45 -37.42
N LYS C 283 -63.09 10.18 -38.13
CA LYS C 283 -64.36 9.78 -37.51
C LYS C 283 -64.66 8.28 -37.61
N ASP C 284 -63.92 7.57 -38.46
CA ASP C 284 -64.20 6.16 -38.70
C ASP C 284 -63.22 5.28 -37.93
N ASP C 285 -63.43 3.97 -37.99
CA ASP C 285 -62.59 3.04 -37.25
C ASP C 285 -61.27 2.76 -38.00
N VAL C 286 -60.56 3.79 -38.45
CA VAL C 286 -59.32 3.61 -39.20
C VAL C 286 -58.19 3.12 -38.32
N PHE C 287 -57.37 2.20 -38.83
CA PHE C 287 -56.10 1.83 -38.21
C PHE C 287 -54.95 2.35 -39.05
N LEU C 288 -54.01 3.02 -38.40
CA LEU C 288 -52.75 3.38 -39.03
C LEU C 288 -51.74 3.69 -37.93
N SER C 289 -50.51 3.96 -38.34
CA SER C 289 -49.43 4.16 -37.38
C SER C 289 -49.41 5.55 -36.78
N VAL C 290 -49.35 5.58 -35.47
CA VAL C 290 -49.05 6.78 -34.70
C VAL C 290 -48.10 6.29 -33.59
N PRO C 291 -47.39 7.18 -32.88
CA PRO C 291 -46.50 6.63 -31.86
C PRO C 291 -47.27 6.07 -30.65
N CYS C 292 -46.91 4.87 -30.21
CA CYS C 292 -47.66 4.19 -29.17
C CYS C 292 -46.69 3.69 -28.12
N ILE C 293 -47.10 3.76 -26.86
CA ILE C 293 -46.34 3.17 -25.77
C ILE C 293 -46.65 1.68 -25.74
N LEU C 294 -45.61 0.87 -25.80
CA LEU C 294 -45.76 -0.53 -26.02
C LEU C 294 -45.22 -1.32 -24.83
N GLY C 295 -46.01 -2.26 -24.32
CA GLY C 295 -45.64 -2.99 -23.10
C GLY C 295 -46.38 -4.31 -22.93
N GLN C 296 -46.48 -4.76 -21.68
CA GLN C 296 -47.01 -6.09 -21.38
C GLN C 296 -48.48 -6.22 -21.75
N ASN C 297 -49.21 -5.10 -21.73
CA ASN C 297 -50.60 -5.06 -22.14
C ASN C 297 -50.80 -4.53 -23.56
N GLY C 298 -49.75 -4.59 -24.38
CA GLY C 298 -49.84 -4.13 -25.75
C GLY C 298 -49.70 -2.63 -25.80
N ILE C 299 -50.62 -1.96 -26.50
CA ILE C 299 -50.61 -0.51 -26.59
C ILE C 299 -51.40 0.10 -25.43
N SER C 300 -50.67 0.66 -24.46
CA SER C 300 -51.29 1.25 -23.28
C SER C 300 -51.65 2.73 -23.47
N ASP C 301 -51.03 3.36 -24.46
CA ASP C 301 -51.09 4.81 -24.66
C ASP C 301 -50.67 5.20 -26.07
N LEU C 302 -51.24 6.31 -26.56
CA LEU C 302 -50.87 6.94 -27.84
C LEU C 302 -50.20 8.26 -27.55
N VAL C 303 -49.20 8.63 -28.34
CA VAL C 303 -48.68 9.99 -28.29
C VAL C 303 -49.44 10.82 -29.32
N LYS C 304 -49.90 11.99 -28.90
CA LYS C 304 -50.56 12.93 -29.78
C LYS C 304 -49.48 13.80 -30.45
N VAL C 305 -49.10 13.46 -31.67
CA VAL C 305 -48.09 14.24 -32.39
C VAL C 305 -48.69 15.56 -32.86
N THR C 306 -47.97 16.66 -32.63
CA THR C 306 -48.41 17.98 -33.07
C THR C 306 -47.99 18.22 -34.53
N LEU C 307 -48.91 17.95 -35.45
CA LEU C 307 -48.64 18.07 -36.87
C LEU C 307 -48.91 19.45 -37.40
N THR C 308 -48.13 19.88 -38.40
CA THR C 308 -48.47 21.08 -39.18
C THR C 308 -49.72 20.74 -39.97
N SER C 309 -50.41 21.76 -40.48
CA SER C 309 -51.67 21.54 -41.18
C SER C 309 -51.46 20.72 -42.45
N GLU C 310 -50.33 20.91 -43.11
CA GLU C 310 -49.96 20.05 -44.23
C GLU C 310 -49.72 18.60 -43.78
N GLU C 311 -48.99 18.42 -42.68
CA GLU C 311 -48.68 17.07 -42.18
C GLU C 311 -49.97 16.35 -41.79
N GLU C 312 -50.84 17.07 -41.12
CA GLU C 312 -52.14 16.55 -40.74
C GLU C 312 -53.01 16.20 -41.94
N ALA C 313 -53.01 17.04 -42.96
CA ALA C 313 -53.79 16.77 -44.18
C ALA C 313 -53.29 15.49 -44.86
N ARG C 314 -51.97 15.33 -44.96
CA ARG C 314 -51.40 14.10 -45.53
C ARG C 314 -51.85 12.90 -44.68
N LEU C 315 -51.79 13.04 -43.35
CA LEU C 315 -52.24 11.96 -42.47
C LEU C 315 -53.74 11.68 -42.63
N LYS C 316 -54.53 12.73 -42.84
CA LYS C 316 -55.96 12.59 -43.07
C LYS C 316 -56.23 11.91 -44.41
N LYS C 317 -55.45 12.28 -45.42
CA LYS C 317 -55.51 11.65 -46.73
C LYS C 317 -55.27 10.15 -46.58
N SER C 318 -54.24 9.81 -45.81
CA SER C 318 -53.85 8.42 -45.57
C SER C 318 -54.99 7.62 -44.94
N ALA C 319 -55.64 8.22 -43.95
CA ALA C 319 -56.78 7.59 -43.27
C ALA C 319 -57.97 7.40 -44.20
N ASP C 320 -58.18 8.36 -45.11
CA ASP C 320 -59.25 8.29 -46.08
C ASP C 320 -58.99 7.17 -47.09
N THR C 321 -57.75 7.09 -47.59
CA THR C 321 -57.36 6.01 -48.50
C THR C 321 -57.68 4.65 -47.83
N LEU C 322 -57.26 4.51 -46.58
CA LEU C 322 -57.44 3.24 -45.84
C LEU C 322 -58.92 2.93 -45.54
N TRP C 323 -59.67 3.90 -45.02
CA TRP C 323 -61.09 3.65 -44.72
C TRP C 323 -61.87 3.30 -45.99
N GLY C 324 -61.47 3.90 -47.10
CA GLY C 324 -62.07 3.59 -48.41
C GLY C 324 -61.98 2.11 -48.73
N ILE C 325 -60.89 1.46 -48.31
CA ILE C 325 -60.76 0.02 -48.50
C ILE C 325 -61.46 -0.75 -47.40
N GLN C 326 -61.20 -0.38 -46.15
CA GLN C 326 -61.87 -1.01 -45.01
C GLN C 326 -63.38 -1.07 -45.19
N LYS C 327 -63.95 0.10 -45.48
CA LYS C 327 -65.40 0.30 -45.58
C LYS C 327 -66.13 -0.81 -46.32
N GLU C 328 -65.53 -1.35 -47.38
CA GLU C 328 -66.10 -2.47 -48.13
C GLU C 328 -65.34 -3.77 -47.82
N LEU C 329 -65.57 -4.31 -46.62
CA LEU C 329 -65.04 -5.61 -46.22
C LEU C 329 -66.19 -6.49 -45.75
N GLN C 330 -65.95 -7.80 -45.70
CA GLN C 330 -66.91 -8.74 -45.12
C GLN C 330 -66.15 -9.83 -44.37
N PHE C 331 -66.55 -10.06 -43.11
CA PHE C 331 -65.88 -11.05 -42.24
C PHE C 331 -66.80 -11.66 -41.20
N ALA D 1 -23.29 25.91 -45.51
CA ALA D 1 -24.47 26.18 -46.38
C ALA D 1 -25.50 25.07 -46.25
N THR D 2 -25.02 23.83 -46.28
CA THR D 2 -25.88 22.66 -46.17
C THR D 2 -26.47 22.51 -44.75
N LEU D 3 -27.58 21.79 -44.65
CA LEU D 3 -28.18 21.43 -43.36
C LEU D 3 -27.14 20.73 -42.50
N LYS D 4 -26.45 19.76 -43.11
CA LYS D 4 -25.38 19.02 -42.45
C LYS D 4 -24.34 19.95 -41.81
N ASP D 5 -23.86 20.93 -42.56
CA ASP D 5 -22.82 21.83 -42.05
C ASP D 5 -23.37 22.79 -41.00
N GLN D 6 -24.62 23.19 -41.14
CA GLN D 6 -25.26 24.01 -40.11
C GLN D 6 -25.41 23.23 -38.81
N LEU D 7 -25.64 21.92 -38.94
CA LEU D 7 -25.81 21.01 -37.80
C LEU D 7 -24.51 20.55 -37.17
N ILE D 8 -23.56 20.14 -38.03
CA ILE D 8 -22.39 19.41 -37.60
C ILE D 8 -21.12 20.19 -37.94
N TYR D 9 -20.25 20.37 -36.95
CA TYR D 9 -18.92 20.90 -37.19
C TYR D 9 -17.89 19.76 -37.21
N ASN D 10 -17.20 19.62 -38.34
CA ASN D 10 -16.31 18.50 -38.56
C ASN D 10 -14.92 18.78 -38.00
N LEU D 11 -14.32 17.77 -37.36
CA LEU D 11 -12.95 17.84 -36.84
C LEU D 11 -11.98 17.01 -37.69
N LEU D 12 -12.42 15.82 -38.11
CA LEU D 12 -11.57 14.85 -38.80
C LEU D 12 -12.17 14.42 -40.13
N LYS D 13 -11.31 14.30 -41.14
CA LYS D 13 -11.71 13.72 -42.41
C LYS D 13 -11.28 12.26 -42.43
N GLU D 14 -10.03 12.02 -42.03
CA GLU D 14 -9.43 10.69 -42.08
C GLU D 14 -10.29 9.67 -41.37
N GLU D 15 -10.26 8.44 -41.88
CA GLU D 15 -11.05 7.35 -41.31
C GLU D 15 -10.60 6.03 -41.95
N GLN D 16 -11.55 5.16 -42.29
CA GLN D 16 -11.28 3.91 -43.02
C GLN D 16 -10.50 2.87 -42.22
N THR D 17 -10.43 1.66 -42.82
CA THR D 17 -9.85 0.48 -42.20
C THR D 17 -10.65 0.15 -40.95
N PRO D 18 -11.69 -0.68 -41.11
CA PRO D 18 -12.37 -1.16 -39.92
C PRO D 18 -11.50 -2.15 -39.20
N GLN D 19 -11.77 -2.35 -37.93
CA GLN D 19 -10.97 -3.24 -37.08
C GLN D 19 -11.42 -4.68 -37.19
N ASN D 20 -12.67 -4.89 -37.57
CA ASN D 20 -13.31 -6.18 -37.35
C ASN D 20 -14.25 -6.47 -38.48
N LYS D 21 -13.69 -6.48 -39.68
CA LYS D 21 -14.46 -6.65 -40.89
C LYS D 21 -14.63 -8.13 -41.20
N ILE D 22 -15.83 -8.50 -41.59
CA ILE D 22 -16.12 -9.87 -41.97
C ILE D 22 -16.79 -9.83 -43.34
N THR D 23 -16.39 -10.74 -44.23
CA THR D 23 -17.03 -10.89 -45.51
C THR D 23 -17.76 -12.23 -45.58
N VAL D 24 -18.94 -12.22 -46.19
CA VAL D 24 -19.66 -13.44 -46.56
C VAL D 24 -19.76 -13.49 -48.07
N VAL D 25 -19.29 -14.59 -48.65
CA VAL D 25 -19.34 -14.77 -50.09
C VAL D 25 -20.44 -15.77 -50.37
N GLY D 26 -21.34 -15.40 -51.27
CA GLY D 26 -22.53 -16.19 -51.52
C GLY D 26 -23.60 -15.64 -50.62
N VAL D 27 -24.66 -15.09 -51.21
CA VAL D 27 -25.79 -14.58 -50.46
C VAL D 27 -27.06 -15.42 -50.68
N GLY D 28 -26.89 -16.73 -50.77
CA GLY D 28 -28.03 -17.64 -50.78
C GLY D 28 -28.49 -17.91 -49.38
N ALA D 29 -29.22 -19.02 -49.20
CA ALA D 29 -29.82 -19.29 -47.89
C ALA D 29 -28.75 -19.37 -46.79
N VAL D 30 -27.66 -20.07 -47.06
CA VAL D 30 -26.60 -20.22 -46.07
C VAL D 30 -25.91 -18.89 -45.78
N GLY D 31 -25.48 -18.18 -46.81
CA GLY D 31 -24.76 -16.92 -46.62
C GLY D 31 -25.54 -15.91 -45.79
N MET D 32 -26.80 -15.72 -46.13
CA MET D 32 -27.63 -14.75 -45.44
C MET D 32 -27.97 -15.19 -44.01
N ALA D 33 -28.07 -16.50 -43.76
CA ALA D 33 -28.25 -16.97 -42.39
C ALA D 33 -26.98 -16.72 -41.56
N CYS D 34 -25.80 -16.94 -42.14
CA CYS D 34 -24.57 -16.51 -41.50
C CYS D 34 -24.54 -15.03 -41.24
N ALA D 35 -24.93 -14.24 -42.24
CA ALA D 35 -24.92 -12.78 -42.12
C ALA D 35 -25.77 -12.30 -40.95
N ILE D 36 -27.03 -12.72 -40.90
CA ILE D 36 -27.92 -12.24 -39.86
C ILE D 36 -27.48 -12.72 -38.47
N SER D 37 -26.96 -13.94 -38.39
CA SER D 37 -26.45 -14.46 -37.13
C SER D 37 -25.24 -13.67 -36.65
N ILE D 38 -24.36 -13.30 -37.59
CA ILE D 38 -23.16 -12.51 -37.27
C ILE D 38 -23.52 -11.08 -36.83
N LEU D 39 -24.46 -10.46 -37.54
CA LEU D 39 -24.92 -9.11 -37.22
C LEU D 39 -25.56 -9.05 -35.84
N MET D 40 -26.37 -10.04 -35.53
CA MET D 40 -27.05 -10.07 -34.25
C MET D 40 -26.15 -10.48 -33.11
N LYS D 41 -24.93 -10.90 -33.42
CA LYS D 41 -23.97 -11.19 -32.38
C LYS D 41 -22.88 -10.10 -32.29
N ASP D 42 -23.06 -8.98 -32.99
CA ASP D 42 -22.11 -7.87 -32.91
C ASP D 42 -20.66 -8.34 -33.03
N LEU D 43 -20.38 -9.17 -34.03
CA LEU D 43 -19.00 -9.67 -34.23
C LEU D 43 -18.16 -8.79 -35.16
N ALA D 44 -18.81 -7.87 -35.86
CA ALA D 44 -18.19 -7.06 -36.91
C ALA D 44 -18.53 -5.59 -36.83
N ASP D 45 -17.60 -4.74 -37.26
CA ASP D 45 -17.90 -3.32 -37.45
C ASP D 45 -18.17 -2.98 -38.90
N GLU D 46 -17.90 -3.94 -39.78
CA GLU D 46 -18.23 -3.82 -41.19
C GLU D 46 -18.52 -5.20 -41.76
N LEU D 47 -19.57 -5.30 -42.57
CA LEU D 47 -19.94 -6.56 -43.19
C LEU D 47 -20.02 -6.36 -44.69
N ALA D 48 -19.27 -7.16 -45.44
CA ALA D 48 -19.24 -7.10 -46.91
C ALA D 48 -19.84 -8.38 -47.45
N LEU D 49 -20.67 -8.25 -48.48
CA LEU D 49 -21.32 -9.38 -49.14
C LEU D 49 -20.86 -9.43 -50.59
N VAL D 50 -20.63 -10.65 -51.08
CA VAL D 50 -20.26 -10.86 -52.49
C VAL D 50 -21.09 -11.98 -53.06
N ASP D 51 -21.51 -11.82 -54.30
CA ASP D 51 -22.20 -12.87 -55.06
C ASP D 51 -22.04 -12.50 -56.51
N VAL D 52 -22.18 -13.49 -57.39
CA VAL D 52 -22.12 -13.27 -58.82
C VAL D 52 -23.44 -12.70 -59.38
N ILE D 53 -24.56 -12.96 -58.70
CA ILE D 53 -25.86 -12.42 -59.12
C ILE D 53 -26.05 -11.04 -58.51
N GLU D 54 -26.00 -10.00 -59.35
CA GLU D 54 -25.92 -8.62 -58.89
C GLU D 54 -27.19 -8.05 -58.28
N ASP D 55 -28.34 -8.32 -58.90
CA ASP D 55 -29.62 -7.85 -58.37
C ASP D 55 -29.92 -8.49 -57.03
N LYS D 56 -29.84 -9.81 -56.97
CA LYS D 56 -29.98 -10.53 -55.69
C LYS D 56 -29.06 -9.96 -54.60
N LEU D 57 -27.81 -9.69 -54.95
CA LEU D 57 -26.84 -9.19 -53.97
C LEU D 57 -27.23 -7.83 -53.40
N LYS D 58 -27.54 -6.90 -54.29
CA LYS D 58 -27.96 -5.58 -53.86
C LYS D 58 -29.22 -5.64 -53.01
N GLY D 59 -30.18 -6.47 -53.41
CA GLY D 59 -31.44 -6.60 -52.65
C GLY D 59 -31.24 -7.07 -51.22
N GLU D 60 -30.37 -8.07 -51.05
CA GLU D 60 -30.05 -8.60 -49.73
C GLU D 60 -29.30 -7.56 -48.90
N MET D 61 -28.35 -6.87 -49.51
CA MET D 61 -27.62 -5.80 -48.83
C MET D 61 -28.58 -4.72 -48.33
N MET D 62 -29.44 -4.23 -49.22
CA MET D 62 -30.40 -3.19 -48.88
C MET D 62 -31.35 -3.61 -47.76
N ASP D 63 -31.70 -4.89 -47.74
CA ASP D 63 -32.68 -5.39 -46.77
C ASP D 63 -32.04 -5.35 -45.37
N LEU D 64 -30.78 -5.75 -45.27
CA LEU D 64 -30.03 -5.66 -44.03
C LEU D 64 -29.82 -4.23 -43.61
N GLN D 65 -29.46 -3.37 -44.56
CA GLN D 65 -29.19 -1.97 -44.25
C GLN D 65 -30.43 -1.29 -43.66
N HIS D 66 -31.60 -1.69 -44.16
CA HIS D 66 -32.84 -1.14 -43.65
C HIS D 66 -33.12 -1.48 -42.21
N GLY D 67 -32.46 -2.52 -41.69
CA GLY D 67 -32.55 -2.89 -40.29
C GLY D 67 -31.41 -2.31 -39.43
N SER D 68 -30.58 -1.43 -40.02
CA SER D 68 -29.42 -0.83 -39.34
C SER D 68 -29.72 -0.27 -37.96
N LEU D 69 -30.84 0.42 -37.84
CA LEU D 69 -31.29 0.97 -36.55
C LEU D 69 -31.28 -0.07 -35.44
N PHE D 70 -31.54 -1.32 -35.80
CA PHE D 70 -31.67 -2.40 -34.83
C PHE D 70 -30.36 -3.18 -34.64
N LEU D 71 -29.27 -2.74 -35.28
CA LEU D 71 -27.99 -3.46 -35.20
C LEU D 71 -26.90 -2.50 -34.74
N ARG D 72 -25.72 -3.04 -34.44
CA ARG D 72 -24.56 -2.25 -34.05
C ARG D 72 -23.37 -2.59 -34.96
N THR D 73 -23.66 -2.65 -36.25
CA THR D 73 -22.67 -2.89 -37.29
C THR D 73 -22.89 -1.76 -38.29
N PRO D 74 -22.11 -0.67 -38.18
CA PRO D 74 -22.45 0.58 -38.85
C PRO D 74 -22.21 0.60 -40.34
N LYS D 75 -21.45 -0.35 -40.88
CA LYS D 75 -21.18 -0.38 -42.32
C LYS D 75 -21.48 -1.76 -42.94
N ILE D 76 -22.41 -1.78 -43.89
CA ILE D 76 -22.79 -2.97 -44.63
C ILE D 76 -22.67 -2.62 -46.11
N VAL D 77 -21.77 -3.33 -46.81
CA VAL D 77 -21.46 -3.08 -48.22
C VAL D 77 -21.51 -4.37 -49.04
N SER D 78 -21.72 -4.23 -50.35
CA SER D 78 -21.74 -5.38 -51.24
C SER D 78 -21.22 -5.02 -52.62
N GLY D 79 -20.80 -6.03 -53.33
CA GLY D 79 -20.45 -5.91 -54.73
C GLY D 79 -20.08 -7.25 -55.33
N LYS D 80 -20.18 -7.32 -56.64
CA LYS D 80 -19.70 -8.45 -57.43
C LYS D 80 -18.17 -8.49 -57.43
N ASP D 81 -17.58 -7.30 -57.40
CA ASP D 81 -16.14 -7.09 -57.32
C ASP D 81 -15.62 -7.27 -55.90
N TYR D 82 -14.46 -7.91 -55.77
CA TYR D 82 -13.93 -8.27 -54.45
C TYR D 82 -13.24 -7.12 -53.73
N ASN D 83 -13.10 -5.98 -54.39
CA ASN D 83 -12.57 -4.80 -53.75
C ASN D 83 -13.36 -4.41 -52.49
N VAL D 84 -14.68 -4.64 -52.49
CA VAL D 84 -15.53 -4.34 -51.32
C VAL D 84 -15.17 -5.21 -50.10
N THR D 85 -14.53 -6.34 -50.37
CA THR D 85 -14.02 -7.27 -49.37
C THR D 85 -12.67 -6.88 -48.72
N ALA D 86 -12.07 -5.80 -49.19
CA ALA D 86 -10.72 -5.40 -48.75
C ALA D 86 -10.59 -5.42 -47.24
N ASN D 87 -9.49 -6.01 -46.77
CA ASN D 87 -9.04 -5.94 -45.36
C ASN D 87 -9.89 -6.68 -44.35
N SER D 88 -10.51 -7.78 -44.76
CA SER D 88 -11.36 -8.57 -43.89
C SER D 88 -10.53 -9.38 -42.91
N LYS D 89 -10.99 -9.51 -41.67
CA LYS D 89 -10.30 -10.36 -40.70
C LYS D 89 -10.72 -11.80 -40.94
N LEU D 90 -11.93 -11.96 -41.46
CA LEU D 90 -12.57 -13.26 -41.62
C LEU D 90 -13.41 -13.21 -42.87
N VAL D 91 -13.25 -14.21 -43.73
CA VAL D 91 -14.03 -14.33 -44.96
C VAL D 91 -14.68 -15.70 -44.95
N ILE D 92 -16.00 -15.72 -45.07
CA ILE D 92 -16.83 -16.94 -44.97
C ILE D 92 -17.35 -17.30 -46.36
N ILE D 93 -16.98 -18.48 -46.87
CA ILE D 93 -17.34 -18.89 -48.23
C ILE D 93 -18.49 -19.87 -48.18
N THR D 94 -19.65 -19.41 -48.64
CA THR D 94 -20.86 -20.20 -48.69
C THR D 94 -21.29 -20.46 -50.12
N ALA D 95 -20.66 -19.81 -51.09
CA ALA D 95 -21.09 -19.95 -52.47
C ALA D 95 -20.88 -21.36 -52.98
N GLY D 96 -21.89 -21.88 -53.66
CA GLY D 96 -21.77 -23.18 -54.28
C GLY D 96 -23.08 -23.88 -54.50
N ALA D 97 -23.01 -24.95 -55.28
CA ALA D 97 -24.12 -25.85 -55.50
C ALA D 97 -24.43 -26.61 -54.21
N ARG D 98 -25.73 -26.83 -53.97
CA ARG D 98 -26.16 -27.56 -52.79
C ARG D 98 -26.75 -28.88 -53.19
N GLN D 99 -26.66 -29.85 -52.28
CA GLN D 99 -27.07 -31.20 -52.62
C GLN D 99 -28.58 -31.31 -52.76
N GLN D 100 -29.03 -32.05 -53.76
CA GLN D 100 -30.45 -32.29 -53.97
C GLN D 100 -30.93 -33.39 -53.02
N GLU D 101 -32.25 -33.63 -52.99
CA GLU D 101 -32.83 -34.61 -52.08
C GLU D 101 -32.06 -35.95 -51.99
N GLY D 102 -31.91 -36.65 -53.09
CA GLY D 102 -31.22 -37.94 -53.00
C GLY D 102 -29.72 -37.89 -53.24
N GLU D 103 -29.03 -36.88 -52.72
CA GLU D 103 -27.68 -36.59 -53.25
C GLU D 103 -26.64 -36.43 -52.15
N SER D 104 -25.52 -37.12 -52.33
CA SER D 104 -24.35 -36.93 -51.49
C SER D 104 -23.73 -35.53 -51.69
N ARG D 105 -23.28 -34.94 -50.60
CA ARG D 105 -22.46 -33.73 -50.63
C ARG D 105 -21.20 -33.93 -51.50
N LEU D 106 -20.71 -35.17 -51.55
CA LEU D 106 -19.51 -35.48 -52.31
C LEU D 106 -19.73 -35.39 -53.81
N ASN D 107 -20.99 -35.48 -54.25
CA ASN D 107 -21.31 -35.33 -55.67
C ASN D 107 -21.21 -33.86 -56.18
N LEU D 108 -21.03 -32.94 -55.24
CA LEU D 108 -20.92 -31.50 -55.50
C LEU D 108 -19.48 -31.07 -55.82
N VAL D 109 -18.55 -32.01 -55.69
CA VAL D 109 -17.16 -31.60 -55.59
C VAL D 109 -16.68 -30.83 -56.82
N GLN D 110 -16.96 -31.34 -58.02
CA GLN D 110 -16.43 -30.75 -59.25
C GLN D 110 -17.01 -29.35 -59.52
N ARG D 111 -18.32 -29.22 -59.33
CA ARG D 111 -19.00 -27.95 -59.49
C ARG D 111 -18.42 -26.88 -58.55
N ASN D 112 -18.24 -27.23 -57.28
CA ASN D 112 -17.82 -26.24 -56.28
C ASN D 112 -16.32 -25.97 -56.29
N VAL D 113 -15.53 -26.94 -56.75
CA VAL D 113 -14.11 -26.70 -57.05
C VAL D 113 -14.01 -25.63 -58.13
N ASN D 114 -14.78 -25.80 -59.20
CA ASN D 114 -14.83 -24.80 -60.26
C ASN D 114 -15.08 -23.40 -59.69
N ILE D 115 -16.00 -23.30 -58.75
CA ILE D 115 -16.36 -22.01 -58.18
C ILE D 115 -15.21 -21.44 -57.34
N PHE D 116 -14.58 -22.29 -56.54
CA PHE D 116 -13.47 -21.89 -55.67
C PHE D 116 -12.23 -21.46 -56.46
N LYS D 117 -12.00 -22.07 -57.62
CA LYS D 117 -10.92 -21.63 -58.50
C LYS D 117 -11.02 -20.15 -58.82
N PHE D 118 -12.25 -19.64 -58.97
CA PHE D 118 -12.44 -18.20 -59.20
C PHE D 118 -12.49 -17.41 -57.90
N ILE D 119 -13.21 -17.94 -56.90
CA ILE D 119 -13.45 -17.18 -55.69
C ILE D 119 -12.17 -16.97 -54.86
N ILE D 120 -11.42 -18.02 -54.59
CA ILE D 120 -10.35 -17.96 -53.58
C ILE D 120 -9.24 -16.98 -53.96
N PRO D 121 -8.73 -17.04 -55.20
CA PRO D 121 -7.66 -16.09 -55.56
C PRO D 121 -8.10 -14.63 -55.41
N ASN D 122 -9.38 -14.37 -55.64
CA ASN D 122 -9.94 -13.03 -55.55
C ASN D 122 -10.05 -12.56 -54.11
N VAL D 123 -10.44 -13.49 -53.24
CA VAL D 123 -10.53 -13.24 -51.80
C VAL D 123 -9.15 -12.90 -51.24
N VAL D 124 -8.15 -13.74 -51.56
CA VAL D 124 -6.84 -13.60 -50.95
C VAL D 124 -6.10 -12.36 -51.43
N LYS D 125 -6.34 -11.97 -52.68
CA LYS D 125 -5.80 -10.72 -53.26
C LYS D 125 -6.19 -9.50 -52.40
N TYR D 126 -7.44 -9.47 -51.95
CA TYR D 126 -7.95 -8.31 -51.21
C TYR D 126 -7.82 -8.40 -49.69
N SER D 127 -7.75 -9.62 -49.15
CA SER D 127 -7.53 -9.82 -47.72
C SER D 127 -6.44 -10.87 -47.48
N PRO D 128 -5.19 -10.55 -47.85
CA PRO D 128 -4.16 -11.59 -47.73
C PRO D 128 -3.96 -12.12 -46.31
N ASN D 129 -4.43 -11.38 -45.29
CA ASN D 129 -4.23 -11.79 -43.90
C ASN D 129 -5.45 -12.34 -43.22
N CYS D 130 -6.53 -12.54 -43.94
CA CYS D 130 -7.76 -13.03 -43.32
C CYS D 130 -7.58 -14.48 -42.90
N LYS D 131 -8.57 -14.94 -42.15
CA LYS D 131 -8.81 -16.35 -41.92
C LYS D 131 -9.95 -16.70 -42.87
N LEU D 132 -9.84 -17.86 -43.51
CA LEU D 132 -10.85 -18.35 -44.42
C LEU D 132 -11.70 -19.34 -43.65
N LEU D 133 -13.01 -19.10 -43.66
CA LEU D 133 -13.92 -20.08 -43.09
C LEU D 133 -14.79 -20.63 -44.21
N ILE D 134 -14.62 -21.91 -44.47
CA ILE D 134 -15.23 -22.56 -45.62
C ILE D 134 -16.50 -23.26 -45.18
N VAL D 135 -17.61 -23.02 -45.89
CA VAL D 135 -18.91 -23.60 -45.53
C VAL D 135 -19.47 -24.45 -46.68
N SER D 136 -19.20 -24.07 -47.92
CA SER D 136 -19.64 -24.80 -49.11
C SER D 136 -19.34 -26.29 -49.03
N ASN D 137 -20.21 -27.11 -49.64
CA ASN D 137 -20.02 -28.56 -49.58
C ASN D 137 -19.36 -29.10 -50.84
N PRO D 138 -18.61 -30.21 -50.71
CA PRO D 138 -18.35 -30.89 -49.45
C PRO D 138 -17.23 -30.18 -48.67
N VAL D 139 -17.60 -29.68 -47.49
CA VAL D 139 -16.79 -28.70 -46.75
C VAL D 139 -15.36 -29.09 -46.45
N ASP D 140 -15.14 -30.38 -46.16
CA ASP D 140 -13.81 -30.87 -45.86
C ASP D 140 -12.89 -30.78 -47.06
N ILE D 141 -13.35 -31.31 -48.18
CA ILE D 141 -12.59 -31.32 -49.41
C ILE D 141 -12.32 -29.90 -49.90
N LEU D 142 -13.33 -29.03 -49.79
CA LEU D 142 -13.22 -27.66 -50.22
C LEU D 142 -12.35 -26.82 -49.30
N THR D 143 -12.21 -27.23 -48.03
CA THR D 143 -11.26 -26.56 -47.17
C THR D 143 -9.81 -26.88 -47.64
N TYR D 144 -9.57 -28.14 -47.99
CA TYR D 144 -8.30 -28.53 -48.64
C TYR D 144 -8.04 -27.72 -49.92
N VAL D 145 -9.07 -27.61 -50.75
CA VAL D 145 -8.96 -26.86 -52.00
C VAL D 145 -8.67 -25.38 -51.74
N ALA D 146 -9.36 -24.79 -50.77
CA ALA D 146 -9.13 -23.40 -50.40
C ALA D 146 -7.68 -23.17 -49.96
N TRP D 147 -7.18 -24.09 -49.15
CA TRP D 147 -5.82 -24.03 -48.63
C TRP D 147 -4.78 -24.14 -49.77
N LYS D 148 -4.95 -25.14 -50.62
CA LYS D 148 -4.10 -25.34 -51.80
C LYS D 148 -4.03 -24.12 -52.71
N ILE D 149 -5.19 -23.59 -53.06
CA ILE D 149 -5.28 -22.48 -54.00
C ILE D 149 -4.73 -21.21 -53.38
N SER D 150 -5.15 -20.92 -52.16
CA SER D 150 -4.78 -19.66 -51.50
C SER D 150 -3.28 -19.50 -51.22
N GLY D 151 -2.63 -20.60 -50.83
CA GLY D 151 -1.25 -20.55 -50.38
C GLY D 151 -1.13 -20.21 -48.89
N PHE D 152 -2.26 -19.99 -48.23
CA PHE D 152 -2.30 -19.66 -46.79
C PHE D 152 -1.72 -20.80 -45.94
N PRO D 153 -1.14 -20.45 -44.79
CA PRO D 153 -0.78 -21.52 -43.88
C PRO D 153 -2.06 -22.16 -43.33
N LYS D 154 -1.97 -23.44 -43.04
CA LYS D 154 -3.12 -24.24 -42.65
C LYS D 154 -3.91 -23.68 -41.46
N ASN D 155 -3.27 -22.93 -40.55
CA ASN D 155 -4.02 -22.37 -39.41
C ASN D 155 -5.10 -21.38 -39.84
N ARG D 156 -4.90 -20.74 -40.98
CA ARG D 156 -5.85 -19.73 -41.47
C ARG D 156 -6.86 -20.22 -42.48
N VAL D 157 -6.95 -21.54 -42.63
CA VAL D 157 -7.96 -22.12 -43.52
C VAL D 157 -8.79 -23.17 -42.76
N ILE D 158 -10.05 -22.83 -42.51
CA ILE D 158 -10.86 -23.55 -41.54
C ILE D 158 -12.18 -23.93 -42.19
N GLY D 159 -12.58 -25.18 -42.07
CA GLY D 159 -13.90 -25.62 -42.56
C GLY D 159 -14.93 -25.70 -41.44
N SER D 160 -16.17 -25.32 -41.71
CA SER D 160 -17.20 -25.31 -40.65
C SER D 160 -17.29 -26.69 -40.03
N GLY D 161 -17.11 -27.72 -40.87
CA GLY D 161 -16.84 -29.08 -40.41
C GLY D 161 -17.94 -29.68 -39.54
N CYS D 162 -17.55 -30.32 -38.44
CA CYS D 162 -18.50 -31.04 -37.59
C CYS D 162 -19.01 -30.26 -36.38
N ASN D 163 -18.75 -28.95 -36.37
CA ASN D 163 -19.32 -28.08 -35.35
C ASN D 163 -20.86 -28.22 -35.38
N LEU D 164 -21.44 -28.33 -36.58
CA LEU D 164 -22.88 -28.49 -36.78
C LEU D 164 -23.37 -29.89 -36.40
N ASP D 165 -22.62 -30.91 -36.84
CA ASP D 165 -22.95 -32.31 -36.60
C ASP D 165 -22.93 -32.58 -35.12
N SER D 166 -21.96 -32.00 -34.43
CA SER D 166 -21.91 -32.14 -32.98
C SER D 166 -23.06 -31.39 -32.25
N ALA D 167 -23.43 -30.20 -32.72
CA ALA D 167 -24.61 -29.50 -32.17
C ALA D 167 -25.89 -30.32 -32.32
N ARG D 168 -26.06 -30.97 -33.48
CA ARG D 168 -27.21 -31.82 -33.73
C ARG D 168 -27.21 -33.02 -32.79
N PHE D 169 -26.05 -33.63 -32.66
CA PHE D 169 -25.84 -34.76 -31.77
C PHE D 169 -26.20 -34.38 -30.34
N ARG D 170 -25.80 -33.19 -29.92
CA ARG D 170 -26.05 -32.74 -28.54
C ARG D 170 -27.52 -32.39 -28.34
N TYR D 171 -28.15 -31.80 -29.34
CA TYR D 171 -29.58 -31.56 -29.32
C TYR D 171 -30.34 -32.89 -29.12
N LEU D 172 -29.98 -33.91 -29.89
CA LEU D 172 -30.65 -35.21 -29.79
C LEU D 172 -30.34 -35.90 -28.45
N MET D 173 -29.10 -35.78 -27.99
CA MET D 173 -28.76 -36.25 -26.65
C MET D 173 -29.67 -35.58 -25.62
N GLY D 174 -29.76 -34.26 -25.68
CA GLY D 174 -30.58 -33.48 -24.77
C GLY D 174 -32.04 -33.89 -24.76
N GLU D 175 -32.53 -34.28 -25.92
CA GLU D 175 -33.93 -34.72 -26.04
C GLU D 175 -34.12 -36.06 -25.34
N ARG D 176 -33.17 -36.96 -25.46
CA ARG D 176 -33.31 -38.27 -24.80
C ARG D 176 -33.12 -38.18 -23.29
N LEU D 177 -32.26 -37.26 -22.85
CA LEU D 177 -31.90 -37.20 -21.44
C LEU D 177 -32.71 -36.16 -20.64
N GLY D 178 -33.47 -35.31 -21.32
CA GLY D 178 -34.25 -34.25 -20.66
C GLY D 178 -33.32 -33.16 -20.12
N VAL D 179 -32.31 -32.81 -20.91
CA VAL D 179 -31.27 -31.88 -20.49
C VAL D 179 -30.90 -30.94 -21.64
N HIS D 180 -30.59 -29.68 -21.35
CA HIS D 180 -30.17 -28.72 -22.40
C HIS D 180 -28.90 -29.20 -23.12
N PRO D 181 -28.83 -29.02 -24.44
CA PRO D 181 -27.65 -29.39 -25.22
C PRO D 181 -26.31 -28.85 -24.68
N LEU D 182 -26.34 -27.65 -24.12
CA LEU D 182 -25.17 -27.06 -23.45
C LEU D 182 -24.55 -28.00 -22.44
N SER D 183 -25.37 -28.79 -21.76
CA SER D 183 -24.90 -29.66 -20.69
C SER D 183 -24.72 -31.12 -21.12
N CYS D 184 -25.04 -31.40 -22.38
CA CYS D 184 -24.81 -32.72 -22.98
C CYS D 184 -23.57 -32.63 -23.85
N HIS D 185 -22.55 -33.41 -23.54
CA HIS D 185 -21.31 -33.33 -24.29
C HIS D 185 -21.08 -34.59 -25.09
N GLY D 186 -20.94 -34.42 -26.39
CA GLY D 186 -20.62 -35.54 -27.28
C GLY D 186 -20.04 -34.98 -28.56
N TRP D 187 -19.06 -35.67 -29.13
CA TRP D 187 -18.32 -35.18 -30.29
C TRP D 187 -18.54 -36.08 -31.51
N VAL D 188 -18.87 -35.45 -32.63
CA VAL D 188 -18.89 -36.12 -33.92
C VAL D 188 -17.72 -35.58 -34.70
N LEU D 189 -16.80 -36.45 -35.12
CA LEU D 189 -15.59 -36.05 -35.83
C LEU D 189 -15.52 -36.61 -37.26
N GLY D 190 -14.49 -36.20 -37.98
CA GLY D 190 -14.25 -36.68 -39.34
C GLY D 190 -14.99 -35.88 -40.40
N GLU D 191 -15.50 -36.58 -41.41
CA GLU D 191 -16.23 -35.96 -42.50
C GLU D 191 -17.52 -35.28 -42.07
N HIS D 192 -17.74 -34.06 -42.53
CA HIS D 192 -19.07 -33.46 -42.41
C HIS D 192 -19.93 -34.13 -43.49
N GLY D 193 -20.48 -35.29 -43.14
CA GLY D 193 -21.14 -36.17 -44.12
C GLY D 193 -21.35 -37.56 -43.57
N ASP D 194 -21.46 -38.53 -44.48
CA ASP D 194 -21.94 -39.89 -44.17
C ASP D 194 -20.97 -40.77 -43.37
N SER D 195 -19.69 -40.42 -43.41
CA SER D 195 -18.68 -41.22 -42.72
C SER D 195 -18.25 -40.56 -41.42
N SER D 196 -19.06 -39.62 -40.91
CA SER D 196 -18.76 -38.98 -39.62
C SER D 196 -18.67 -40.02 -38.49
N VAL D 197 -17.96 -39.67 -37.42
CA VAL D 197 -17.64 -40.61 -36.35
C VAL D 197 -18.15 -40.15 -34.98
N PRO D 198 -19.10 -40.88 -34.39
CA PRO D 198 -19.57 -40.53 -33.05
C PRO D 198 -18.57 -41.02 -32.00
N VAL D 199 -18.05 -40.13 -31.16
CA VAL D 199 -17.08 -40.53 -30.15
C VAL D 199 -17.81 -40.96 -28.88
N TRP D 200 -18.29 -42.19 -28.89
CA TRP D 200 -19.12 -42.73 -27.81
C TRP D 200 -18.38 -42.73 -26.49
N SER D 201 -17.05 -42.92 -26.56
CA SER D 201 -16.20 -43.05 -25.38
C SER D 201 -15.95 -41.75 -24.62
N GLY D 202 -16.26 -40.61 -25.24
CA GLY D 202 -16.10 -39.32 -24.59
C GLY D 202 -17.43 -38.70 -24.16
N MET D 203 -18.54 -39.33 -24.50
CA MET D 203 -19.85 -38.73 -24.21
C MET D 203 -20.13 -38.71 -22.72
N ASN D 204 -20.63 -37.59 -22.23
CA ASN D 204 -20.84 -37.38 -20.82
C ASN D 204 -21.83 -36.28 -20.54
N VAL D 205 -22.37 -36.32 -19.33
CA VAL D 205 -23.07 -35.20 -18.72
C VAL D 205 -22.41 -34.98 -17.38
N ALA D 206 -22.00 -33.74 -17.11
CA ALA D 206 -21.32 -33.38 -15.86
C ALA D 206 -20.10 -34.24 -15.55
N GLY D 207 -19.38 -34.64 -16.60
CA GLY D 207 -18.17 -35.45 -16.43
C GLY D 207 -18.44 -36.94 -16.20
N VAL D 208 -19.70 -37.35 -16.23
CA VAL D 208 -20.07 -38.75 -16.01
C VAL D 208 -20.08 -39.44 -17.36
N SER D 209 -19.17 -40.39 -17.56
CA SER D 209 -19.09 -41.13 -18.83
C SER D 209 -20.34 -41.97 -19.05
N LEU D 210 -21.03 -41.72 -20.14
CA LEU D 210 -22.21 -42.51 -20.48
C LEU D 210 -21.83 -43.94 -20.86
N LYS D 211 -20.69 -44.11 -21.53
CA LYS D 211 -20.22 -45.42 -21.98
C LYS D 211 -19.88 -46.36 -20.82
N THR D 212 -19.36 -45.81 -19.72
CA THR D 212 -19.07 -46.60 -18.54
C THR D 212 -20.35 -47.00 -17.82
N LEU D 213 -21.30 -46.07 -17.70
CA LEU D 213 -22.61 -46.40 -17.13
C LEU D 213 -23.33 -47.43 -18.00
N HIS D 214 -23.20 -47.29 -19.31
CA HIS D 214 -23.92 -48.14 -20.26
C HIS D 214 -22.94 -48.63 -21.34
N PRO D 215 -22.26 -49.75 -21.08
CA PRO D 215 -21.17 -50.25 -21.94
C PRO D 215 -21.56 -50.57 -23.38
N ASP D 216 -22.82 -50.91 -23.62
CA ASP D 216 -23.30 -51.15 -24.98
C ASP D 216 -23.65 -49.88 -25.74
N LEU D 217 -23.53 -48.72 -25.10
CA LEU D 217 -23.74 -47.45 -25.78
C LEU D 217 -23.00 -47.45 -27.12
N GLY D 218 -23.73 -47.21 -28.19
CA GLY D 218 -23.15 -47.09 -29.52
C GLY D 218 -22.94 -48.39 -30.26
N THR D 219 -23.17 -49.54 -29.62
CA THR D 219 -23.06 -50.84 -30.29
C THR D 219 -24.41 -51.27 -30.87
N ASP D 220 -24.39 -52.33 -31.68
CA ASP D 220 -25.60 -52.87 -32.29
C ASP D 220 -26.55 -53.49 -31.29
N LYS D 221 -26.03 -54.14 -30.25
CA LYS D 221 -26.89 -54.83 -29.27
C LYS D 221 -27.56 -53.89 -28.25
N ASP D 222 -27.13 -52.63 -28.22
CA ASP D 222 -27.70 -51.62 -27.32
C ASP D 222 -29.22 -51.62 -27.39
N LYS D 223 -29.86 -51.99 -26.29
CA LYS D 223 -31.32 -52.05 -26.24
C LYS D 223 -31.95 -50.66 -26.45
N GLU D 224 -31.23 -49.61 -26.08
CA GLU D 224 -31.71 -48.25 -26.28
C GLU D 224 -31.38 -47.68 -27.66
N GLN D 225 -30.63 -48.43 -28.46
CA GLN D 225 -30.33 -48.01 -29.85
C GLN D 225 -29.73 -46.62 -29.94
N TRP D 226 -28.68 -46.32 -29.19
CA TRP D 226 -28.07 -45.00 -29.25
C TRP D 226 -27.38 -44.73 -30.60
N LYS D 227 -26.93 -45.79 -31.26
CA LYS D 227 -26.39 -45.66 -32.61
C LYS D 227 -27.37 -44.94 -33.53
N GLU D 228 -28.66 -45.10 -33.26
CA GLU D 228 -29.70 -44.40 -34.03
C GLU D 228 -29.59 -42.87 -33.96
N VAL D 229 -29.05 -42.36 -32.85
CA VAL D 229 -28.86 -40.92 -32.68
C VAL D 229 -27.84 -40.42 -33.70
N HIS D 230 -26.76 -41.17 -33.92
CA HIS D 230 -25.76 -40.75 -34.89
C HIS D 230 -26.30 -40.96 -36.29
N LYS D 231 -27.08 -42.01 -36.49
CA LYS D 231 -27.78 -42.18 -37.77
C LYS D 231 -28.63 -40.95 -38.07
N GLN D 232 -29.34 -40.45 -37.05
CA GLN D 232 -30.15 -39.22 -37.18
C GLN D 232 -29.29 -38.01 -37.54
N VAL D 233 -28.13 -37.92 -36.92
CA VAL D 233 -27.19 -36.86 -37.24
C VAL D 233 -26.76 -36.93 -38.72
N VAL D 234 -26.36 -38.12 -39.16
CA VAL D 234 -25.93 -38.29 -40.55
C VAL D 234 -27.07 -37.90 -41.50
N GLU D 235 -28.29 -38.31 -41.16
CA GLU D 235 -29.44 -38.18 -42.06
C GLU D 235 -30.11 -36.82 -41.97
N SER D 236 -29.71 -36.00 -40.98
CA SER D 236 -30.44 -34.79 -40.60
C SER D 236 -30.53 -33.79 -41.76
N ALA D 237 -29.43 -33.57 -42.47
CA ALA D 237 -29.46 -32.63 -43.60
C ALA D 237 -30.40 -33.10 -44.68
N TYR D 238 -30.36 -34.39 -45.01
CA TYR D 238 -31.20 -34.91 -46.07
C TYR D 238 -32.67 -34.78 -45.66
N GLU D 239 -32.94 -35.02 -44.39
CA GLU D 239 -34.29 -34.99 -43.85
C GLU D 239 -34.82 -33.55 -43.95
N VAL D 240 -34.01 -32.59 -43.50
CA VAL D 240 -34.34 -31.18 -43.60
C VAL D 240 -34.44 -30.76 -45.07
N ILE D 241 -33.51 -31.22 -45.90
CA ILE D 241 -33.57 -30.90 -47.32
C ILE D 241 -34.86 -31.42 -47.95
N LYS D 242 -35.27 -32.64 -47.63
CA LYS D 242 -36.52 -33.20 -48.14
C LYS D 242 -37.73 -32.34 -47.71
N LEU D 243 -37.68 -31.77 -46.51
CA LEU D 243 -38.85 -31.07 -45.95
C LEU D 243 -38.99 -29.64 -46.46
N LYS D 244 -37.88 -28.88 -46.49
CA LYS D 244 -37.91 -27.46 -46.85
C LYS D 244 -37.02 -27.05 -48.03
N GLY D 245 -36.24 -27.98 -48.56
CA GLY D 245 -35.44 -27.71 -49.76
C GLY D 245 -33.94 -27.53 -49.54
N TYR D 246 -33.54 -27.19 -48.32
CA TYR D 246 -32.14 -26.82 -48.02
C TYR D 246 -32.03 -26.67 -46.50
N THR D 247 -30.81 -26.56 -45.97
CA THR D 247 -30.61 -26.20 -44.56
C THR D 247 -29.95 -24.82 -44.50
N SER D 248 -30.26 -24.04 -43.48
CA SER D 248 -29.73 -22.69 -43.37
C SER D 248 -29.52 -22.20 -41.95
N TRP D 249 -30.54 -22.30 -41.08
CA TRP D 249 -30.47 -21.65 -39.75
C TRP D 249 -29.41 -22.25 -38.83
N ALA D 250 -29.35 -23.56 -38.75
CA ALA D 250 -28.38 -24.18 -37.86
C ALA D 250 -26.94 -23.94 -38.31
N ILE D 251 -26.70 -23.99 -39.62
CA ILE D 251 -25.32 -23.74 -40.10
C ILE D 251 -24.93 -22.27 -39.90
N GLY D 252 -25.91 -21.38 -40.05
CA GLY D 252 -25.72 -19.98 -39.78
C GLY D 252 -25.28 -19.74 -38.37
N LEU D 253 -25.97 -20.38 -37.44
CA LEU D 253 -25.67 -20.23 -36.04
C LEU D 253 -24.36 -20.91 -35.68
N SER D 254 -24.12 -22.07 -36.28
CA SER D 254 -22.85 -22.80 -36.07
C SER D 254 -21.70 -21.95 -36.58
N VAL D 255 -21.83 -21.40 -37.77
CA VAL D 255 -20.79 -20.51 -38.35
C VAL D 255 -20.60 -19.26 -37.49
N ALA D 256 -21.71 -18.69 -36.99
CA ALA D 256 -21.61 -17.56 -36.08
C ALA D 256 -20.82 -17.94 -34.83
N ASP D 257 -21.03 -19.17 -34.37
CA ASP D 257 -20.31 -19.68 -33.20
C ASP D 257 -18.81 -19.77 -33.44
N LEU D 258 -18.43 -20.26 -34.60
CA LEU D 258 -17.01 -20.33 -35.00
C LEU D 258 -16.41 -18.94 -35.16
N ALA D 259 -17.14 -18.07 -35.85
CA ALA D 259 -16.76 -16.67 -36.01
C ALA D 259 -16.50 -15.96 -34.68
N GLU D 260 -17.34 -16.25 -33.67
CA GLU D 260 -17.20 -15.61 -32.36
C GLU D 260 -15.92 -16.02 -31.67
N SER D 261 -15.56 -17.29 -31.73
CA SER D 261 -14.28 -17.74 -31.16
C SER D 261 -13.09 -17.08 -31.86
N ILE D 262 -13.15 -17.00 -33.18
CA ILE D 262 -12.07 -16.38 -33.97
C ILE D 262 -11.94 -14.87 -33.76
N MET D 263 -13.03 -14.14 -33.95
CA MET D 263 -13.02 -12.69 -33.86
C MET D 263 -12.73 -12.19 -32.46
N LYS D 264 -13.08 -12.95 -31.43
CA LYS D 264 -12.86 -12.51 -30.04
C LYS D 264 -11.69 -13.25 -29.39
N ASN D 265 -11.00 -14.07 -30.18
CA ASN D 265 -9.79 -14.76 -29.72
C ASN D 265 -10.03 -15.58 -28.45
N LEU D 266 -11.13 -16.35 -28.44
CA LEU D 266 -11.56 -17.03 -27.22
C LEU D 266 -10.77 -18.28 -26.89
N ARG D 267 -10.21 -18.96 -27.89
CA ARG D 267 -9.48 -20.21 -27.70
C ARG D 267 -10.40 -21.29 -27.13
N ARG D 268 -11.65 -21.30 -27.61
CA ARG D 268 -12.56 -22.40 -27.39
C ARG D 268 -12.23 -23.53 -28.37
N VAL D 269 -12.65 -24.75 -28.00
CA VAL D 269 -12.39 -25.93 -28.83
C VAL D 269 -13.60 -26.25 -29.68
N HIS D 270 -13.39 -26.42 -30.98
CA HIS D 270 -14.46 -26.73 -31.91
C HIS D 270 -14.03 -27.82 -32.86
N PRO D 271 -14.97 -28.70 -33.28
CA PRO D 271 -14.64 -29.68 -34.28
C PRO D 271 -14.78 -29.06 -35.67
N VAL D 272 -13.65 -28.67 -36.24
CA VAL D 272 -13.63 -28.01 -37.55
C VAL D 272 -12.67 -28.70 -38.53
N SER D 273 -12.87 -28.48 -39.83
CA SER D 273 -12.02 -29.14 -40.85
C SER D 273 -10.61 -28.57 -40.85
N THR D 274 -9.65 -29.46 -40.69
CA THR D 274 -8.26 -29.09 -40.72
C THR D 274 -7.43 -30.27 -41.20
N MET D 275 -6.17 -29.95 -41.46
CA MET D 275 -5.30 -30.91 -42.06
C MET D 275 -4.80 -31.83 -40.96
N ILE D 276 -5.05 -33.12 -41.12
CA ILE D 276 -4.77 -34.06 -40.05
C ILE D 276 -3.66 -35.06 -40.36
N LYS D 277 -2.85 -34.77 -41.39
CA LYS D 277 -1.68 -35.62 -41.70
C LYS D 277 -0.81 -35.79 -40.46
N GLY D 278 -0.30 -37.00 -40.25
CA GLY D 278 0.56 -37.30 -39.11
C GLY D 278 -0.13 -37.92 -37.90
N LEU D 279 -1.46 -37.87 -37.88
CA LEU D 279 -2.24 -38.34 -36.72
C LEU D 279 -3.18 -39.48 -37.09
N TYR D 280 -3.54 -40.29 -36.10
CA TYR D 280 -4.49 -41.41 -36.25
C TYR D 280 -4.15 -42.37 -37.40
N GLY D 281 -2.88 -42.49 -37.74
CA GLY D 281 -2.46 -43.35 -38.84
C GLY D 281 -2.60 -42.74 -40.22
N ILE D 282 -3.01 -41.49 -40.30
CA ILE D 282 -3.29 -40.85 -41.58
C ILE D 282 -2.03 -40.19 -42.14
N LYS D 283 -1.68 -40.54 -43.38
CA LYS D 283 -0.39 -40.14 -43.96
C LYS D 283 -0.53 -39.19 -45.14
N ASP D 284 -1.75 -38.84 -45.51
CA ASP D 284 -1.99 -37.96 -46.65
C ASP D 284 -2.56 -36.62 -46.21
N ASP D 285 -2.58 -35.65 -47.14
CA ASP D 285 -3.02 -34.28 -46.86
C ASP D 285 -4.54 -34.18 -46.71
N VAL D 286 -5.17 -35.10 -46.00
CA VAL D 286 -6.63 -35.02 -45.84
C VAL D 286 -7.02 -33.94 -44.84
N PHE D 287 -8.15 -33.29 -45.10
CA PHE D 287 -8.79 -32.38 -44.17
C PHE D 287 -10.06 -33.07 -43.65
N LEU D 288 -10.24 -33.00 -42.33
CA LEU D 288 -11.29 -33.70 -41.61
C LEU D 288 -11.52 -32.91 -40.32
N SER D 289 -12.69 -33.07 -39.70
CA SER D 289 -12.90 -32.44 -38.39
C SER D 289 -12.26 -33.20 -37.23
N VAL D 290 -11.48 -32.46 -36.46
CA VAL D 290 -11.01 -32.87 -35.13
C VAL D 290 -11.13 -31.65 -34.24
N PRO D 291 -11.11 -31.82 -32.91
CA PRO D 291 -11.25 -30.63 -32.09
C PRO D 291 -10.01 -29.74 -32.20
N CYS D 292 -10.23 -28.46 -32.48
CA CYS D 292 -9.18 -27.45 -32.63
C CYS D 292 -9.44 -26.25 -31.72
N ILE D 293 -8.38 -25.62 -31.24
CA ILE D 293 -8.47 -24.37 -30.51
C ILE D 293 -8.55 -23.23 -31.52
N LEU D 294 -9.64 -22.48 -31.48
CA LEU D 294 -9.86 -21.37 -32.42
C LEU D 294 -9.70 -20.03 -31.75
N GLY D 295 -9.13 -19.09 -32.49
CA GLY D 295 -8.74 -17.81 -31.93
C GLY D 295 -8.34 -16.85 -33.01
N GLN D 296 -7.59 -15.80 -32.64
CA GLN D 296 -7.31 -14.68 -33.54
C GLN D 296 -6.51 -15.11 -34.79
N ASN D 297 -5.77 -16.22 -34.70
CA ASN D 297 -4.92 -16.68 -35.79
C ASN D 297 -5.47 -17.95 -36.44
N GLY D 298 -6.78 -18.14 -36.33
CA GLY D 298 -7.41 -19.39 -36.74
C GLY D 298 -7.12 -20.54 -35.79
N ILE D 299 -6.80 -21.69 -36.36
CA ILE D 299 -6.54 -22.90 -35.61
C ILE D 299 -5.12 -22.84 -35.06
N SER D 300 -5.00 -22.60 -33.75
CA SER D 300 -3.68 -22.51 -33.13
C SER D 300 -3.18 -23.87 -32.64
N ASP D 301 -4.11 -24.74 -32.28
CA ASP D 301 -3.78 -26.07 -31.80
C ASP D 301 -4.89 -27.06 -32.12
N LEU D 302 -4.58 -28.33 -32.00
CA LEU D 302 -5.60 -29.33 -32.08
C LEU D 302 -5.52 -30.29 -30.89
N VAL D 303 -6.68 -30.76 -30.47
CA VAL D 303 -6.73 -31.71 -29.36
C VAL D 303 -6.64 -33.11 -29.94
N LYS D 304 -5.70 -33.91 -29.43
CA LYS D 304 -5.63 -35.31 -29.81
C LYS D 304 -6.61 -36.08 -28.93
N VAL D 305 -7.59 -36.70 -29.56
CA VAL D 305 -8.63 -37.42 -28.85
C VAL D 305 -8.16 -38.85 -28.71
N THR D 306 -8.30 -39.42 -27.51
CA THR D 306 -7.93 -40.82 -27.34
C THR D 306 -9.14 -41.64 -27.74
N LEU D 307 -9.24 -41.87 -29.04
CA LEU D 307 -10.28 -42.72 -29.59
C LEU D 307 -10.03 -44.16 -29.15
N THR D 308 -11.10 -44.95 -29.06
CA THR D 308 -10.93 -46.41 -28.99
C THR D 308 -10.41 -46.81 -30.37
N SER D 309 -9.78 -47.97 -30.48
CA SER D 309 -9.23 -48.39 -31.78
C SER D 309 -10.35 -48.61 -32.80
N GLU D 310 -11.52 -48.99 -32.30
CA GLU D 310 -12.77 -49.05 -33.07
C GLU D 310 -13.13 -47.64 -33.59
N GLU D 311 -13.12 -46.66 -32.70
CA GLU D 311 -13.40 -45.28 -33.09
C GLU D 311 -12.33 -44.74 -34.05
N GLU D 312 -11.06 -45.06 -33.78
CA GLU D 312 -9.94 -44.61 -34.63
C GLU D 312 -10.02 -45.18 -36.05
N ALA D 313 -10.30 -46.47 -36.16
CA ALA D 313 -10.53 -47.10 -37.47
C ALA D 313 -11.64 -46.43 -38.27
N ARG D 314 -12.73 -46.03 -37.60
CA ARG D 314 -13.82 -45.31 -38.28
C ARG D 314 -13.32 -43.96 -38.82
N LEU D 315 -12.54 -43.23 -38.02
CA LEU D 315 -11.97 -41.94 -38.46
C LEU D 315 -11.02 -42.15 -39.64
N LYS D 316 -10.23 -43.22 -39.57
CA LYS D 316 -9.29 -43.59 -40.66
C LYS D 316 -10.04 -43.86 -41.95
N LYS D 317 -11.18 -44.55 -41.84
CA LYS D 317 -12.04 -44.82 -42.99
C LYS D 317 -12.61 -43.53 -43.56
N SER D 318 -12.99 -42.60 -42.68
CA SER D 318 -13.45 -41.29 -43.12
C SER D 318 -12.32 -40.59 -43.87
N ALA D 319 -11.10 -40.65 -43.34
CA ALA D 319 -9.93 -40.10 -44.02
C ALA D 319 -9.73 -40.72 -45.39
N ASP D 320 -9.89 -42.04 -45.47
CA ASP D 320 -9.68 -42.76 -46.73
C ASP D 320 -10.73 -42.36 -47.76
N THR D 321 -12.00 -42.30 -47.38
CA THR D 321 -13.05 -41.88 -48.32
C THR D 321 -12.72 -40.49 -48.88
N LEU D 322 -12.35 -39.56 -48.01
CA LEU D 322 -12.09 -38.19 -48.45
C LEU D 322 -10.87 -38.09 -49.37
N TRP D 323 -9.80 -38.82 -49.05
CA TRP D 323 -8.59 -38.83 -49.88
C TRP D 323 -8.87 -39.39 -51.27
N GLY D 324 -9.68 -40.44 -51.33
CA GLY D 324 -10.13 -41.01 -52.60
C GLY D 324 -10.62 -39.95 -53.57
N ILE D 325 -11.27 -38.92 -53.03
CA ILE D 325 -11.80 -37.84 -53.85
C ILE D 325 -10.75 -36.75 -54.04
N GLN D 326 -10.14 -36.32 -52.94
CA GLN D 326 -9.11 -35.29 -52.99
C GLN D 326 -8.06 -35.57 -54.06
N LYS D 327 -7.54 -36.80 -54.06
CA LYS D 327 -6.39 -37.13 -54.87
C LYS D 327 -6.65 -37.01 -56.37
N GLU D 328 -7.92 -36.95 -56.79
CA GLU D 328 -8.26 -36.83 -58.21
C GLU D 328 -8.31 -35.37 -58.71
N LEU D 329 -8.42 -34.42 -57.79
CA LEU D 329 -8.68 -33.02 -58.16
C LEU D 329 -7.54 -32.35 -58.92
N GLN D 330 -7.90 -31.36 -59.74
CA GLN D 330 -6.96 -30.66 -60.62
C GLN D 330 -6.80 -29.18 -60.24
N PHE D 331 -5.54 -28.76 -60.06
CA PHE D 331 -5.17 -27.36 -59.85
C PHE D 331 -4.16 -26.93 -60.90
N ALA E 1 50.58 -20.71 38.23
CA ALA E 1 49.95 -21.20 39.50
C ALA E 1 49.16 -20.11 40.21
N THR E 2 49.40 -18.85 39.87
CA THR E 2 48.65 -17.75 40.47
C THR E 2 47.20 -17.79 40.01
N LEU E 3 46.31 -17.22 40.83
CA LEU E 3 44.92 -17.08 40.48
C LEU E 3 44.78 -16.49 39.09
N LYS E 4 45.52 -15.42 38.83
CA LYS E 4 45.50 -14.77 37.51
C LYS E 4 45.85 -15.73 36.36
N ASP E 5 46.82 -16.62 36.57
CA ASP E 5 47.27 -17.54 35.52
C ASP E 5 46.33 -18.72 35.33
N GLN E 6 45.70 -19.19 36.40
CA GLN E 6 44.71 -20.28 36.31
C GLN E 6 43.43 -19.81 35.62
N LEU E 7 43.12 -18.52 35.76
CA LEU E 7 41.92 -17.93 35.19
C LEU E 7 42.15 -17.47 33.75
N ILE E 8 43.27 -16.79 33.51
CA ILE E 8 43.51 -16.10 32.25
C ILE E 8 44.72 -16.68 31.48
N TYR E 9 44.45 -17.18 30.28
CA TYR E 9 45.50 -17.66 29.37
C TYR E 9 45.98 -16.48 28.56
N ASN E 10 47.23 -16.07 28.78
CA ASN E 10 47.79 -14.90 28.09
C ASN E 10 48.22 -15.22 26.67
N LEU E 11 47.94 -14.31 25.75
CA LEU E 11 48.32 -14.47 24.33
C LEU E 11 49.33 -13.41 23.87
N LEU E 12 49.03 -12.13 24.11
CA LEU E 12 49.83 -11.04 23.55
C LEU E 12 50.79 -10.41 24.55
N LYS E 13 51.87 -9.86 24.00
CA LYS E 13 52.86 -9.14 24.80
C LYS E 13 52.17 -7.96 25.41
N GLU E 14 52.57 -7.62 26.61
CA GLU E 14 51.85 -6.64 27.44
C GLU E 14 52.43 -5.25 27.20
N GLU E 15 52.82 -4.99 25.96
CA GLU E 15 53.63 -3.83 25.61
C GLU E 15 52.86 -2.52 25.70
N GLN E 16 51.57 -2.56 25.40
CA GLN E 16 50.70 -1.37 25.52
C GLN E 16 51.10 -0.30 24.49
N THR E 17 50.30 0.76 24.36
CA THR E 17 50.65 1.98 23.61
C THR E 17 49.43 2.93 23.62
N PRO E 18 49.63 4.24 23.84
CA PRO E 18 48.52 5.19 24.02
C PRO E 18 48.03 5.78 22.71
N GLN E 19 46.74 5.68 22.41
CA GLN E 19 46.22 6.12 21.10
C GLN E 19 45.62 7.52 21.12
N ASN E 20 44.95 7.85 22.22
CA ASN E 20 44.20 9.08 22.32
C ASN E 20 44.43 9.60 23.72
N LYS E 21 45.68 9.96 23.99
CA LYS E 21 46.08 10.35 25.31
C LYS E 21 45.96 11.85 25.52
N ILE E 22 45.49 12.21 26.71
CA ILE E 22 45.37 13.60 27.09
C ILE E 22 46.09 13.76 28.40
N THR E 23 46.88 14.82 28.51
CA THR E 23 47.44 15.22 29.80
C THR E 23 46.81 16.52 30.30
N VAL E 24 46.58 16.59 31.61
CA VAL E 24 46.18 17.84 32.27
C VAL E 24 47.27 18.22 33.26
N VAL E 25 47.82 19.43 33.13
CA VAL E 25 48.80 19.90 34.07
C VAL E 25 48.19 20.87 35.04
N GLY E 26 48.40 20.60 36.32
CA GLY E 26 47.75 21.35 37.39
C GLY E 26 46.48 20.62 37.72
N VAL E 27 46.35 20.18 38.97
CA VAL E 27 45.14 19.46 39.41
C VAL E 27 44.35 20.22 40.48
N GLY E 28 44.30 21.54 40.32
CA GLY E 28 43.49 22.39 41.21
C GLY E 28 42.06 22.35 40.76
N ALA E 29 41.27 23.36 41.09
CA ALA E 29 39.83 23.34 40.76
C ALA E 29 39.62 23.22 39.26
N VAL E 30 40.40 24.00 38.49
CA VAL E 30 40.21 24.04 37.03
C VAL E 30 40.63 22.73 36.40
N GLY E 31 41.80 22.22 36.76
CA GLY E 31 42.34 21.03 36.11
C GLY E 31 41.49 19.80 36.37
N MET E 32 40.99 19.67 37.58
CA MET E 32 40.11 18.55 37.87
C MET E 32 38.76 18.71 37.18
N ALA E 33 38.33 19.95 36.94
CA ALA E 33 37.06 20.18 36.27
C ALA E 33 37.19 19.76 34.82
N CYS E 34 38.33 20.14 34.22
CA CYS E 34 38.66 19.66 32.88
C CYS E 34 38.74 18.14 32.85
N ALA E 35 39.43 17.55 33.82
CA ALA E 35 39.60 16.10 33.87
C ALA E 35 38.29 15.34 33.90
N ILE E 36 37.41 15.76 34.80
CA ILE E 36 36.14 15.03 34.96
C ILE E 36 35.27 15.14 33.73
N SER E 37 35.26 16.32 33.12
CA SER E 37 34.47 16.55 31.93
C SER E 37 35.02 15.79 30.74
N ILE E 38 36.34 15.71 30.62
CA ILE E 38 36.97 14.91 29.56
C ILE E 38 36.67 13.43 29.78
N LEU E 39 36.77 12.99 31.03
CA LEU E 39 36.48 11.60 31.38
C LEU E 39 35.05 11.19 31.03
N MET E 40 34.10 12.05 31.36
CA MET E 40 32.69 11.74 31.13
C MET E 40 32.24 11.97 29.68
N LYS E 41 33.11 12.49 28.81
CA LYS E 41 32.78 12.57 27.40
C LYS E 41 33.57 11.60 26.52
N ASP E 42 34.30 10.69 27.17
CA ASP E 42 35.04 9.61 26.52
C ASP E 42 35.95 10.10 25.41
N LEU E 43 36.77 11.11 25.71
CA LEU E 43 37.65 11.71 24.69
C LEU E 43 39.06 11.10 24.67
N ALA E 44 39.40 10.37 25.72
CA ALA E 44 40.74 9.83 25.91
C ALA E 44 40.72 8.34 26.23
N ASP E 45 41.71 7.59 25.75
CA ASP E 45 41.96 6.24 26.27
C ASP E 45 42.99 6.25 27.40
N GLU E 46 43.62 7.40 27.62
CA GLU E 46 44.58 7.54 28.71
C GLU E 46 44.62 8.99 29.17
N LEU E 47 44.59 9.17 30.48
CA LEU E 47 44.59 10.51 31.08
C LEU E 47 45.76 10.55 32.04
N ALA E 48 46.62 11.56 31.87
CA ALA E 48 47.75 11.75 32.75
C ALA E 48 47.60 13.07 33.48
N LEU E 49 48.05 13.09 34.74
CA LEU E 49 47.95 14.27 35.56
C LEU E 49 49.32 14.64 36.12
N VAL E 50 49.60 15.93 36.19
CA VAL E 50 50.88 16.45 36.69
C VAL E 50 50.65 17.67 37.57
N ASP E 51 51.29 17.70 38.74
CA ASP E 51 51.27 18.87 39.60
C ASP E 51 52.58 18.86 40.40
N VAL E 52 52.93 19.99 40.99
CA VAL E 52 54.08 20.09 41.91
C VAL E 52 53.76 19.56 43.31
N ILE E 53 52.49 19.58 43.65
CA ILE E 53 52.03 19.14 44.96
C ILE E 53 51.71 17.65 44.90
N GLU E 54 52.65 16.83 45.37
CA GLU E 54 52.60 15.39 45.13
C GLU E 54 51.45 14.66 45.84
N ASP E 55 51.13 15.03 47.08
CA ASP E 55 50.04 14.35 47.77
C ASP E 55 48.68 14.72 47.16
N LYS E 56 48.45 16.01 46.92
CA LYS E 56 47.25 16.45 46.18
C LYS E 56 47.12 15.69 44.85
N LEU E 57 48.24 15.61 44.13
CA LEU E 57 48.26 14.91 42.85
C LEU E 57 47.85 13.43 42.96
N LYS E 58 48.47 12.72 43.90
CA LYS E 58 48.16 11.31 44.12
C LYS E 58 46.70 11.13 44.53
N GLY E 59 46.26 11.97 45.46
CA GLY E 59 44.89 11.94 45.94
C GLY E 59 43.87 12.10 44.84
N GLU E 60 44.07 13.11 43.99
CA GLU E 60 43.15 13.36 42.90
C GLU E 60 43.14 12.21 41.88
N MET E 61 44.31 11.68 41.56
CA MET E 61 44.39 10.48 40.70
C MET E 61 43.61 9.31 41.31
N MET E 62 43.77 9.07 42.60
CA MET E 62 43.13 7.90 43.24
C MET E 62 41.61 8.04 43.23
N ASP E 63 41.15 9.27 43.40
CA ASP E 63 39.73 9.54 43.53
C ASP E 63 39.07 9.20 42.20
N LEU E 64 39.66 9.72 41.11
CA LEU E 64 39.22 9.38 39.74
C LEU E 64 39.29 7.89 39.49
N GLN E 65 40.40 7.26 39.87
CA GLN E 65 40.60 5.83 39.63
C GLN E 65 39.53 4.98 40.32
N HIS E 66 39.12 5.41 41.51
CA HIS E 66 38.04 4.71 42.25
C HIS E 66 36.70 4.72 41.53
N GLY E 67 36.51 5.66 40.60
CA GLY E 67 35.32 5.72 39.76
C GLY E 67 35.45 5.05 38.40
N SER E 68 36.51 4.26 38.21
CA SER E 68 36.83 3.66 36.91
C SER E 68 35.73 2.78 36.38
N LEU E 69 35.02 2.13 37.30
CA LEU E 69 33.87 1.34 36.96
C LEU E 69 32.83 2.11 36.16
N PHE E 70 32.74 3.42 36.41
CA PHE E 70 31.69 4.25 35.82
C PHE E 70 32.19 5.00 34.59
N LEU E 71 33.43 4.73 34.21
CA LEU E 71 34.09 5.41 33.13
C LEU E 71 34.53 4.43 32.02
N ARG E 72 35.01 5.00 30.91
CA ARG E 72 35.51 4.19 29.77
C ARG E 72 36.86 4.73 29.29
N THR E 73 37.68 5.13 30.27
CA THR E 73 39.03 5.63 30.05
C THR E 73 39.94 4.77 30.93
N PRO E 74 40.49 3.68 30.36
CA PRO E 74 41.01 2.58 31.19
C PRO E 74 42.33 2.82 31.92
N LYS E 75 43.05 3.87 31.56
CA LYS E 75 44.30 4.19 32.19
C LYS E 75 44.32 5.65 32.63
N ILE E 76 44.48 5.85 33.95
CA ILE E 76 44.63 7.16 34.54
C ILE E 76 45.92 7.12 35.35
N VAL E 77 46.86 8.02 35.05
CA VAL E 77 48.16 8.05 35.73
C VAL E 77 48.52 9.46 36.23
N SER E 78 49.46 9.53 37.18
CA SER E 78 49.93 10.83 37.65
C SER E 78 51.37 10.76 38.10
N GLY E 79 52.01 11.93 38.12
CA GLY E 79 53.40 12.08 38.61
C GLY E 79 53.81 13.53 38.50
N LYS E 80 54.71 13.98 39.38
CA LYS E 80 55.39 15.27 39.16
C LYS E 80 56.40 15.23 38.00
N ASP E 81 56.80 14.01 37.62
N ASP E 81 56.84 14.04 37.62
CA ASP E 81 57.74 13.80 36.52
CA ASP E 81 57.80 13.92 36.53
C ASP E 81 56.95 13.70 35.21
C ASP E 81 57.06 13.64 35.22
N TYR E 82 57.43 14.37 34.16
CA TYR E 82 56.69 14.42 32.91
C TYR E 82 56.74 13.17 32.02
N ASN E 83 57.46 12.14 32.44
CA ASN E 83 57.46 10.86 31.72
C ASN E 83 56.06 10.21 31.65
N VAL E 84 55.20 10.53 32.61
CA VAL E 84 53.81 10.07 32.62
C VAL E 84 52.97 10.69 31.49
N THR E 85 53.49 11.73 30.85
CA THR E 85 52.74 12.48 29.85
C THR E 85 53.17 12.13 28.42
N ALA E 86 54.13 11.20 28.28
CA ALA E 86 54.71 10.92 26.98
C ALA E 86 53.66 10.54 25.95
N ASN E 87 53.83 11.09 24.75
CA ASN E 87 52.98 10.77 23.61
C ASN E 87 51.52 11.21 23.79
N SER E 88 51.30 12.32 24.49
CA SER E 88 49.95 12.91 24.60
C SER E 88 49.56 13.60 23.29
N LYS E 89 48.31 13.37 22.86
CA LYS E 89 47.71 14.11 21.73
C LYS E 89 47.44 15.55 22.07
N LEU E 90 47.14 15.76 23.34
CA LEU E 90 46.62 17.03 23.77
C LEU E 90 47.06 17.23 25.21
N VAL E 91 47.60 18.39 25.50
CA VAL E 91 48.11 18.70 26.82
C VAL E 91 47.48 20.02 27.25
N ILE E 92 46.79 19.97 28.38
CA ILE E 92 45.96 21.06 28.81
C ILE E 92 46.67 21.67 29.99
N ILE E 93 46.98 22.96 29.92
CA ILE E 93 47.75 23.61 30.98
C ILE E 93 46.85 24.49 31.79
N THR E 94 46.64 24.09 33.04
CA THR E 94 45.76 24.80 33.97
C THR E 94 46.51 25.30 35.20
N ALA E 95 47.83 25.07 35.27
CA ALA E 95 48.62 25.42 36.44
C ALA E 95 48.81 26.93 36.58
N GLY E 96 48.82 27.40 37.84
CA GLY E 96 49.25 28.75 38.16
C GLY E 96 48.31 29.48 39.08
N ALA E 97 48.74 30.65 39.52
CA ALA E 97 47.94 31.53 40.34
C ALA E 97 46.69 31.99 39.60
N ARG E 98 45.65 32.21 40.38
CA ARG E 98 44.36 32.67 39.90
C ARG E 98 44.04 33.98 40.57
N GLN E 99 43.24 34.80 39.89
CA GLN E 99 42.92 36.11 40.40
C GLN E 99 41.95 36.00 41.57
N GLN E 100 42.25 36.75 42.62
CA GLN E 100 41.37 36.85 43.78
C GLN E 100 40.29 37.88 43.57
N GLU E 101 39.33 37.90 44.49
CA GLU E 101 38.36 38.97 44.55
C GLU E 101 39.14 40.29 44.55
N GLY E 102 38.81 41.18 43.62
CA GLY E 102 39.44 42.50 43.54
C GLY E 102 40.63 42.54 42.59
N GLU E 103 40.98 41.42 41.98
CA GLU E 103 42.20 41.31 41.18
C GLU E 103 41.94 41.02 39.71
N SER E 104 42.70 41.68 38.85
CA SER E 104 42.66 41.44 37.40
C SER E 104 43.43 40.19 37.04
N ARG E 105 43.02 39.53 35.96
CA ARG E 105 43.75 38.40 35.40
C ARG E 105 45.16 38.83 34.96
N LEU E 106 45.27 40.07 34.51
CA LEU E 106 46.53 40.63 34.01
C LEU E 106 47.51 40.84 35.15
N ASN E 107 47.05 40.76 36.40
CA ASN E 107 47.95 40.89 37.53
C ASN E 107 48.75 39.61 37.78
N LEU E 108 48.40 38.54 37.05
CA LEU E 108 48.98 37.21 37.24
C LEU E 108 50.18 36.95 36.33
N VAL E 109 50.53 37.90 35.49
CA VAL E 109 51.48 37.67 34.39
C VAL E 109 52.83 37.18 34.89
N GLN E 110 53.45 37.92 35.80
CA GLN E 110 54.79 37.56 36.27
C GLN E 110 54.85 36.15 36.89
N ARG E 111 53.94 35.85 37.81
CA ARG E 111 53.89 34.53 38.44
C ARG E 111 53.68 33.39 37.44
N ASN E 112 52.71 33.55 36.54
CA ASN E 112 52.38 32.46 35.62
C ASN E 112 53.35 32.32 34.43
N VAL E 113 53.95 33.43 33.99
CA VAL E 113 55.05 33.35 33.02
C VAL E 113 56.20 32.52 33.59
N ASN E 114 56.59 32.75 34.83
CA ASN E 114 57.72 32.00 35.41
C ASN E 114 57.41 30.53 35.53
N ILE E 115 56.19 30.22 35.95
CA ILE E 115 55.75 28.83 36.01
C ILE E 115 55.79 28.17 34.63
N PHE E 116 55.36 28.89 33.61
CA PHE E 116 55.32 28.34 32.24
C PHE E 116 56.71 28.01 31.70
N LYS E 117 57.71 28.79 32.11
CA LYS E 117 59.10 28.56 31.66
C LYS E 117 59.63 27.22 32.14
N PHE E 118 59.04 26.70 33.22
CA PHE E 118 59.34 25.37 33.72
C PHE E 118 58.44 24.34 33.00
N ILE E 119 57.15 24.57 33.05
CA ILE E 119 56.21 23.58 32.52
C ILE E 119 56.38 23.28 31.03
N ILE E 120 56.41 24.31 30.20
CA ILE E 120 56.30 24.13 28.76
C ILE E 120 57.48 23.34 28.15
N PRO E 121 58.73 23.65 28.53
CA PRO E 121 59.78 22.80 27.94
C PRO E 121 59.62 21.31 28.31
N ASN E 122 59.16 21.04 29.53
CA ASN E 122 58.96 19.66 29.96
C ASN E 122 57.86 18.93 29.20
N VAL E 123 56.76 19.63 28.90
CA VAL E 123 55.67 18.98 28.18
C VAL E 123 56.09 18.68 26.75
N VAL E 124 56.78 19.64 26.10
CA VAL E 124 57.13 19.44 24.69
C VAL E 124 58.16 18.34 24.54
N LYS E 125 59.06 18.21 25.51
CA LYS E 125 60.04 17.12 25.52
C LYS E 125 59.37 15.76 25.37
N TYR E 126 58.34 15.52 26.18
CA TYR E 126 57.71 14.20 26.19
C TYR E 126 56.56 14.09 25.17
N SER E 127 56.03 15.21 24.69
CA SER E 127 55.00 15.16 23.65
C SER E 127 55.28 16.13 22.51
N PRO E 128 56.33 15.84 21.72
CA PRO E 128 56.75 16.80 20.68
C PRO E 128 55.66 17.07 19.64
N ASN E 129 54.65 16.20 19.52
CA ASN E 129 53.64 16.33 18.49
C ASN E 129 52.26 16.70 19.01
N CYS E 130 52.16 17.00 20.31
CA CYS E 130 50.88 17.28 20.91
C CYS E 130 50.35 18.63 20.47
N LYS E 131 49.06 18.83 20.71
CA LYS E 131 48.49 20.17 20.71
C LYS E 131 48.55 20.69 22.15
N LEU E 132 48.87 21.97 22.31
CA LEU E 132 48.91 22.61 23.62
C LEU E 132 47.68 23.48 23.77
N LEU E 133 46.83 23.18 24.76
CA LEU E 133 45.64 23.98 25.05
C LEU E 133 45.87 24.68 26.40
N ILE E 134 45.97 26.01 26.37
CA ILE E 134 46.37 26.79 27.53
C ILE E 134 45.10 27.31 28.19
N VAL E 135 45.01 27.14 29.52
CA VAL E 135 43.83 27.60 30.30
C VAL E 135 44.23 28.65 31.36
N SER E 136 45.38 28.44 32.00
CA SER E 136 45.93 29.38 32.98
C SER E 136 45.75 30.84 32.53
N ASN E 137 45.50 31.73 33.49
CA ASN E 137 45.32 33.15 33.17
C ASN E 137 46.57 33.95 33.42
N PRO E 138 46.73 35.06 32.70
CA PRO E 138 45.81 35.50 31.64
C PRO E 138 46.03 34.69 30.34
N VAL E 139 44.98 34.05 29.85
CA VAL E 139 45.05 32.98 28.84
C VAL E 139 45.61 33.39 27.49
N ASP E 140 45.34 34.61 27.05
CA ASP E 140 45.86 35.09 25.77
C ASP E 140 47.36 35.25 25.81
N ILE E 141 47.83 36.02 26.80
CA ILE E 141 49.26 36.22 27.01
C ILE E 141 50.00 34.90 27.21
N LEU E 142 49.43 33.99 27.99
CA LEU E 142 50.11 32.72 28.23
C LEU E 142 50.09 31.77 27.04
N THR E 143 49.14 31.96 26.13
CA THR E 143 49.18 31.29 24.84
C THR E 143 50.35 31.83 23.99
N TYR E 144 50.55 33.16 23.97
CA TYR E 144 51.74 33.74 23.34
C TYR E 144 52.99 33.13 23.94
N VAL E 145 53.01 33.07 25.26
CA VAL E 145 54.19 32.58 25.99
C VAL E 145 54.48 31.12 25.69
N ALA E 146 53.46 30.26 25.81
CA ALA E 146 53.60 28.84 25.48
C ALA E 146 54.12 28.66 24.04
N TRP E 147 53.64 29.50 23.14
CA TRP E 147 54.05 29.44 21.75
C TRP E 147 55.53 29.78 21.60
N LYS E 148 55.98 30.84 22.24
CA LYS E 148 57.38 31.27 22.16
C LYS E 148 58.33 30.29 22.82
N ILE E 149 57.92 29.72 23.96
CA ILE E 149 58.78 28.78 24.66
C ILE E 149 58.89 27.45 23.90
N SER E 150 57.73 26.94 23.48
CA SER E 150 57.64 25.61 22.89
C SER E 150 58.34 25.48 21.54
N GLY E 151 58.31 26.55 20.76
CA GLY E 151 58.84 26.51 19.39
C GLY E 151 57.93 25.79 18.42
N PHE E 152 56.74 25.40 18.90
CA PHE E 152 55.73 24.73 18.10
C PHE E 152 55.20 25.70 17.03
N PRO E 153 54.68 25.15 15.92
CA PRO E 153 53.91 25.99 15.01
C PRO E 153 52.62 26.49 15.65
N LYS E 154 52.19 27.68 15.27
CA LYS E 154 51.06 28.32 15.92
C LYS E 154 49.74 27.50 15.90
N ASN E 155 49.55 26.63 14.91
CA ASN E 155 48.34 25.77 14.89
C ASN E 155 48.21 24.83 16.09
N ARG E 156 49.34 24.42 16.66
CA ARG E 156 49.36 23.50 17.79
C ARG E 156 49.44 24.21 19.15
N VAL E 157 49.28 25.52 19.18
CA VAL E 157 49.26 26.25 20.44
C VAL E 157 47.97 27.07 20.58
N ILE E 158 47.06 26.57 21.40
CA ILE E 158 45.68 27.06 21.43
C ILE E 158 45.37 27.56 22.81
N GLY E 159 44.79 28.76 22.93
CA GLY E 159 44.28 29.24 24.23
C GLY E 159 42.77 29.06 24.37
N SER E 160 42.31 28.51 25.49
CA SER E 160 40.85 28.34 25.71
C SER E 160 40.04 29.61 25.39
N GLY E 161 40.62 30.76 25.70
CA GLY E 161 40.19 32.05 25.18
C GLY E 161 38.75 32.39 25.47
N CYS E 162 38.02 32.79 24.43
CA CYS E 162 36.66 33.28 24.59
C CYS E 162 35.55 32.24 24.29
N ASN E 163 35.91 30.97 24.20
CA ASN E 163 34.92 29.92 24.02
C ASN E 163 33.97 29.99 25.22
N LEU E 164 34.53 30.21 26.41
CA LEU E 164 33.74 30.40 27.61
C LEU E 164 32.97 31.73 27.66
N ASP E 165 33.59 32.84 27.28
CA ASP E 165 32.86 34.13 27.27
C ASP E 165 31.67 34.04 26.32
N SER E 166 31.87 33.39 25.18
CA SER E 166 30.82 33.25 24.19
C SER E 166 29.71 32.33 24.71
N ALA E 167 30.09 31.27 25.43
CA ALA E 167 29.11 30.39 26.06
C ALA E 167 28.27 31.16 27.07
N ARG E 168 28.90 31.98 27.90
CA ARG E 168 28.16 32.80 28.85
C ARG E 168 27.26 33.83 28.19
N PHE E 169 27.78 34.46 27.14
CA PHE E 169 27.00 35.38 26.32
C PHE E 169 25.71 34.72 25.79
N ARG E 170 25.84 33.50 25.32
CA ARG E 170 24.73 32.76 24.73
C ARG E 170 23.75 32.27 25.83
N TYR E 171 24.30 31.94 27.00
CA TYR E 171 23.46 31.63 28.15
C TYR E 171 22.58 32.84 28.52
N LEU E 172 23.20 34.02 28.63
CA LEU E 172 22.46 35.23 28.97
C LEU E 172 21.45 35.65 27.89
N MET E 173 21.87 35.53 26.63
CA MET E 173 21.00 35.78 25.49
C MET E 173 19.77 34.87 25.56
N GLY E 174 20.04 33.60 25.78
CA GLY E 174 19.02 32.58 25.95
C GLY E 174 18.02 32.92 27.06
N GLU E 175 18.53 33.40 28.19
CA GLU E 175 17.67 33.81 29.32
C GLU E 175 16.73 34.94 28.95
N ARG E 176 17.25 35.93 28.23
CA ARG E 176 16.43 37.07 27.81
C ARG E 176 15.35 36.67 26.84
N LEU E 177 15.71 35.82 25.86
CA LEU E 177 14.81 35.49 24.76
C LEU E 177 13.97 34.25 25.02
N GLY E 178 14.31 33.45 26.03
CA GLY E 178 13.59 32.20 26.30
C GLY E 178 13.89 31.12 25.28
N VAL E 179 15.17 31.02 24.91
CA VAL E 179 15.62 30.10 23.88
C VAL E 179 16.86 29.39 24.42
N HIS E 180 17.02 28.12 24.11
CA HIS E 180 18.23 27.41 24.54
C HIS E 180 19.48 28.04 23.93
N PRO E 181 20.55 28.15 24.73
CA PRO E 181 21.82 28.71 24.28
C PRO E 181 22.36 28.12 22.96
N LEU E 182 22.15 26.83 22.74
CA LEU E 182 22.51 26.19 21.47
C LEU E 182 21.91 26.86 20.25
N SER E 183 20.70 27.40 20.40
CA SER E 183 19.97 28.05 19.31
C SER E 183 20.13 29.58 19.30
N CYS E 184 20.86 30.10 20.29
CA CYS E 184 21.24 31.51 20.33
C CYS E 184 22.67 31.65 19.85
N HIS E 185 22.89 32.48 18.85
CA HIS E 185 24.22 32.65 18.30
C HIS E 185 24.71 34.07 18.56
N GLY E 186 25.92 34.16 19.11
CA GLY E 186 26.55 35.44 19.35
C GLY E 186 27.98 35.21 19.79
N TRP E 187 28.88 36.08 19.33
CA TRP E 187 30.32 35.86 19.51
C TRP E 187 30.93 36.97 20.34
N VAL E 188 31.72 36.59 21.33
CA VAL E 188 32.58 37.49 22.08
C VAL E 188 34.03 37.18 21.68
N LEU E 189 34.75 38.19 21.21
CA LEU E 189 36.11 38.02 20.71
C LEU E 189 37.11 38.86 21.51
N GLY E 190 38.39 38.73 21.19
CA GLY E 190 39.44 39.52 21.81
C GLY E 190 39.96 38.87 23.07
N GLU E 191 40.27 39.69 24.06
CA GLU E 191 40.81 39.20 25.31
C GLU E 191 39.78 38.37 26.05
N HIS E 192 40.20 37.27 26.64
CA HIS E 192 39.42 36.60 27.65
C HIS E 192 39.54 37.44 28.94
N GLY E 193 38.75 38.51 29.01
CA GLY E 193 38.93 39.49 30.07
C GLY E 193 38.15 40.76 29.82
N ASP E 194 38.59 41.86 30.45
CA ASP E 194 37.80 43.11 30.48
C ASP E 194 37.67 43.74 29.11
N SER E 195 38.58 43.39 28.21
CA SER E 195 38.75 44.03 26.91
C SER E 195 37.98 43.32 25.78
N SER E 196 37.19 42.30 26.13
CA SER E 196 36.52 41.46 25.12
C SER E 196 35.51 42.24 24.31
N VAL E 197 35.17 41.71 23.14
CA VAL E 197 34.37 42.43 22.16
C VAL E 197 33.12 41.63 21.79
N PRO E 198 31.93 42.15 22.14
CA PRO E 198 30.68 41.51 21.70
C PRO E 198 30.37 41.86 20.26
N VAL E 199 30.31 40.87 19.39
CA VAL E 199 30.03 41.14 17.98
C VAL E 199 28.53 41.21 17.76
N TRP E 200 27.95 42.36 18.10
CA TRP E 200 26.50 42.58 17.98
C TRP E 200 26.00 42.28 16.57
N SER E 201 26.80 42.66 15.58
CA SER E 201 26.44 42.49 14.17
C SER E 201 26.23 41.03 13.75
N GLY E 202 26.74 40.08 14.52
CA GLY E 202 26.56 38.66 14.21
C GLY E 202 25.57 37.93 15.09
N MET E 203 25.05 38.59 16.11
CA MET E 203 24.08 38.01 17.01
C MET E 203 22.80 37.66 16.25
N ASN E 204 22.36 36.41 16.37
CA ASN E 204 21.17 35.96 15.67
C ASN E 204 20.53 34.76 16.33
N VAL E 205 19.26 34.54 16.02
CA VAL E 205 18.56 33.29 16.29
C VAL E 205 17.94 32.83 14.96
N ALA E 206 18.22 31.59 14.58
CA ALA E 206 17.71 31.03 13.33
C ALA E 206 18.13 31.86 12.10
N GLY E 207 19.32 32.43 12.17
CA GLY E 207 19.87 33.25 11.10
C GLY E 207 19.30 34.66 11.01
N VAL E 208 18.56 35.08 12.02
CA VAL E 208 17.90 36.38 12.02
C VAL E 208 18.74 37.40 12.79
N SER E 209 19.24 38.41 12.09
CA SER E 209 20.09 39.44 12.71
C SER E 209 19.32 40.29 13.73
N LEU E 210 19.67 40.17 15.00
CA LEU E 210 19.08 41.01 16.05
C LEU E 210 19.37 42.49 15.79
N LYS E 211 20.61 42.77 15.40
CA LYS E 211 21.07 44.12 15.03
C LYS E 211 20.19 44.77 13.94
N THR E 212 19.73 43.95 12.99
CA THR E 212 18.83 44.42 11.95
C THR E 212 17.42 44.63 12.48
N LEU E 213 16.94 43.70 13.31
CA LEU E 213 15.66 43.91 13.98
C LEU E 213 15.70 45.13 14.87
N HIS E 214 16.83 45.34 15.52
CA HIS E 214 16.95 46.33 16.58
C HIS E 214 18.26 47.12 16.39
N PRO E 215 18.24 48.12 15.49
CA PRO E 215 19.41 48.94 15.13
C PRO E 215 20.24 49.43 16.33
N ASP E 216 19.59 49.91 17.38
CA ASP E 216 20.29 50.43 18.57
C ASP E 216 20.92 49.35 19.47
N LEU E 217 20.71 48.08 19.14
CA LEU E 217 21.22 46.97 19.93
C LEU E 217 22.67 47.16 20.38
N GLY E 218 22.89 47.20 21.70
CA GLY E 218 24.25 47.34 22.24
C GLY E 218 24.77 48.77 22.31
N THR E 219 24.01 49.72 21.76
CA THR E 219 24.31 51.16 21.84
C THR E 219 24.04 51.63 23.25
N ASP E 220 24.62 52.76 23.62
CA ASP E 220 24.41 53.34 24.95
C ASP E 220 22.95 53.68 25.19
N LYS E 221 22.22 54.03 24.13
CA LYS E 221 20.80 54.30 24.28
C LYS E 221 19.92 53.39 23.44
N ASP E 222 19.97 52.09 23.73
CA ASP E 222 18.81 51.23 23.48
C ASP E 222 18.11 50.98 24.82
N LYS E 223 16.80 51.09 24.81
CA LYS E 223 16.02 51.05 26.03
C LYS E 223 16.04 49.69 26.71
N GLU E 224 16.47 48.67 25.98
CA GLU E 224 16.59 47.31 26.50
C GLU E 224 17.98 47.04 27.07
N GLN E 225 18.89 47.99 26.91
CA GLN E 225 20.22 47.92 27.52
C GLN E 225 20.91 46.58 27.26
N TRP E 226 21.02 46.19 25.98
CA TRP E 226 21.68 44.91 25.63
C TRP E 226 23.19 44.93 25.94
N LYS E 227 23.77 46.12 25.99
CA LYS E 227 25.16 46.27 26.42
C LYS E 227 25.40 45.63 27.81
N GLU E 228 24.37 45.66 28.65
CA GLU E 228 24.41 45.02 29.97
C GLU E 228 24.73 43.53 29.91
N VAL E 229 24.31 42.84 28.84
CA VAL E 229 24.62 41.43 28.68
C VAL E 229 26.12 41.22 28.52
N HIS E 230 26.77 42.04 27.71
CA HIS E 230 28.23 41.95 27.57
C HIS E 230 28.92 42.33 28.89
N LYS E 231 28.38 43.32 29.59
CA LYS E 231 28.92 43.72 30.88
C LYS E 231 28.92 42.53 31.83
N GLN E 232 27.81 41.82 31.87
CA GLN E 232 27.71 40.60 32.69
C GLN E 232 28.69 39.54 32.25
N VAL E 233 28.93 39.40 30.95
CA VAL E 233 29.95 38.48 30.48
C VAL E 233 31.33 38.86 31.08
N VAL E 234 31.70 40.13 30.94
CA VAL E 234 32.99 40.64 31.45
C VAL E 234 33.10 40.39 32.95
N GLU E 235 32.03 40.67 33.66
CA GLU E 235 32.06 40.60 35.11
C GLU E 235 31.79 39.22 35.68
N SER E 236 31.37 38.26 34.86
CA SER E 236 30.92 36.96 35.35
C SER E 236 31.96 36.22 36.21
N ALA E 237 33.21 36.13 35.76
CA ALA E 237 34.28 35.52 36.59
C ALA E 237 34.39 36.17 37.96
N TYR E 238 34.28 37.50 37.99
CA TYR E 238 34.43 38.25 39.25
C TYR E 238 33.28 37.94 40.21
N GLU E 239 32.07 37.83 39.67
CA GLU E 239 30.91 37.52 40.51
C GLU E 239 31.05 36.13 41.15
N VAL E 240 31.45 35.17 40.33
CA VAL E 240 31.58 33.78 40.76
C VAL E 240 32.74 33.67 41.77
N ILE E 241 33.85 34.37 41.53
CA ILE E 241 34.96 34.42 42.49
C ILE E 241 34.50 35.03 43.82
N LYS E 242 33.77 36.14 43.75
CA LYS E 242 33.23 36.79 44.91
C LYS E 242 32.27 35.87 45.69
N LEU E 243 31.51 35.06 44.97
CA LEU E 243 30.53 34.18 45.61
C LEU E 243 31.16 32.88 46.12
N LYS E 244 31.95 32.20 45.30
CA LYS E 244 32.50 30.90 45.67
C LYS E 244 34.04 30.81 45.74
N GLY E 245 34.75 31.86 45.34
CA GLY E 245 36.22 31.92 45.51
C GLY E 245 37.02 31.70 44.25
N TYR E 246 36.41 31.10 43.24
CA TYR E 246 37.10 30.74 42.01
C TYR E 246 36.04 30.31 41.00
N THR E 247 36.42 30.13 39.74
CA THR E 247 35.53 29.50 38.76
C THR E 247 36.11 28.15 38.37
N SER E 248 35.27 27.19 38.06
CA SER E 248 35.77 25.86 37.67
C SER E 248 34.87 25.10 36.70
N TRP E 249 33.57 25.00 36.99
CA TRP E 249 32.69 24.14 36.18
C TRP E 249 32.57 24.59 34.73
N ALA E 250 32.30 25.87 34.52
CA ALA E 250 32.09 26.37 33.18
C ALA E 250 33.34 26.23 32.33
N ILE E 251 34.51 26.56 32.87
CA ILE E 251 35.75 26.40 32.07
C ILE E 251 36.05 24.92 31.83
N GLY E 252 35.70 24.07 32.80
CA GLY E 252 35.86 22.62 32.65
C GLY E 252 35.09 22.16 31.42
N LEU E 253 33.83 22.58 31.32
CA LEU E 253 33.01 22.21 30.19
C LEU E 253 33.50 22.83 28.86
N SER E 254 33.85 24.11 28.88
CA SER E 254 34.36 24.77 27.67
C SER E 254 35.61 24.06 27.15
N VAL E 255 36.50 23.70 28.07
CA VAL E 255 37.77 23.02 27.69
C VAL E 255 37.48 21.65 27.11
N ALA E 256 36.53 20.94 27.70
CA ALA E 256 36.10 19.65 27.16
C ALA E 256 35.51 19.79 25.73
N ASP E 257 34.70 20.83 25.54
CA ASP E 257 34.19 21.17 24.22
C ASP E 257 35.31 21.38 23.19
N LEU E 258 36.33 22.14 23.57
CA LEU E 258 37.48 22.37 22.69
C LEU E 258 38.21 21.04 22.45
N ALA E 259 38.34 20.25 23.50
CA ALA E 259 39.02 18.96 23.44
C ALA E 259 38.25 18.03 22.50
N GLU E 260 36.92 18.07 22.57
CA GLU E 260 36.12 17.26 21.68
C GLU E 260 36.41 17.58 20.20
N SER E 261 36.41 18.85 19.84
CA SER E 261 36.65 19.18 18.44
C SER E 261 38.03 18.70 17.99
N ILE E 262 39.04 18.86 18.84
CA ILE E 262 40.41 18.46 18.50
C ILE E 262 40.59 16.95 18.41
N MET E 263 40.16 16.23 19.44
CA MET E 263 40.34 14.77 19.51
C MET E 263 39.49 14.01 18.49
N LYS E 264 38.32 14.54 18.14
CA LYS E 264 37.46 13.87 17.16
C LYS E 264 37.60 14.48 15.75
N ASN E 265 38.53 15.42 15.59
CA ASN E 265 38.73 16.08 14.31
C ASN E 265 37.45 16.64 13.68
N LEU E 266 36.63 17.32 14.50
CA LEU E 266 35.29 17.74 14.05
C LEU E 266 35.32 18.91 13.06
N ARG E 267 36.32 19.80 13.19
CA ARG E 267 36.40 21.03 12.37
C ARG E 267 35.19 21.92 12.64
N ARG E 268 34.83 22.01 13.91
CA ARG E 268 33.91 23.05 14.39
C ARG E 268 34.68 24.35 14.59
N VAL E 269 33.93 25.45 14.64
CA VAL E 269 34.48 26.80 14.80
C VAL E 269 34.35 27.24 16.25
N HIS E 270 35.46 27.65 16.85
CA HIS E 270 35.46 28.12 18.24
C HIS E 270 36.26 29.39 18.36
N PRO E 271 35.85 30.32 19.24
CA PRO E 271 36.67 31.49 19.48
C PRO E 271 37.75 31.17 20.51
N VAL E 272 38.98 31.04 20.06
CA VAL E 272 40.11 30.63 20.90
C VAL E 272 41.32 31.55 20.68
N SER E 273 42.23 31.59 21.65
CA SER E 273 43.38 32.48 21.57
C SER E 273 44.36 31.99 20.51
N THR E 274 44.62 32.84 19.52
CA THR E 274 45.56 32.53 18.48
C THR E 274 46.24 33.81 18.00
N MET E 275 47.29 33.61 17.22
CA MET E 275 48.09 34.70 16.71
C MET E 275 47.33 35.36 15.56
N ILE E 276 46.88 36.59 15.76
CA ILE E 276 46.07 37.28 14.73
C ILE E 276 46.85 38.35 13.97
N LYS E 277 48.19 38.35 14.04
CA LYS E 277 48.99 39.30 13.25
C LYS E 277 48.51 39.35 11.81
N GLY E 278 48.13 40.54 11.34
CA GLY E 278 47.84 40.80 9.92
C GLY E 278 46.37 40.77 9.55
N LEU E 279 45.45 40.86 10.51
CA LEU E 279 44.02 40.78 10.22
C LEU E 279 43.23 42.10 10.35
N TYR E 280 43.48 42.87 11.41
CA TYR E 280 42.68 44.07 11.68
C TYR E 280 43.56 45.29 11.83
N GLY E 281 44.36 45.53 10.79
CA GLY E 281 45.40 46.54 10.85
C GLY E 281 46.28 46.28 12.06
N ILE E 282 46.43 45.00 12.40
CA ILE E 282 47.26 44.59 13.52
C ILE E 282 48.52 43.95 12.98
N LYS E 283 49.67 44.52 13.37
CA LYS E 283 50.96 44.19 12.76
C LYS E 283 51.86 43.37 13.66
N ASP E 284 51.49 43.23 14.93
CA ASP E 284 52.35 42.54 15.88
C ASP E 284 51.84 41.14 16.22
N ASP E 285 52.70 40.35 16.87
CA ASP E 285 52.39 38.96 17.22
C ASP E 285 51.39 38.83 18.38
N VAL E 286 50.24 39.50 18.28
CA VAL E 286 49.26 39.49 19.35
C VAL E 286 48.45 38.21 19.33
N PHE E 287 48.27 37.61 20.51
CA PHE E 287 47.34 36.48 20.68
C PHE E 287 46.04 36.93 21.29
N LEU E 288 44.94 36.60 20.63
CA LEU E 288 43.63 36.81 21.19
C LEU E 288 42.62 35.98 20.44
N SER E 289 41.39 35.95 20.97
CA SER E 289 40.35 35.07 20.45
C SER E 289 39.68 35.58 19.18
N VAL E 290 39.71 34.71 18.18
CA VAL E 290 39.07 34.93 16.91
C VAL E 290 38.45 33.56 16.58
N PRO E 291 37.40 33.50 15.73
CA PRO E 291 36.86 32.16 15.50
C PRO E 291 37.81 31.34 14.64
N CYS E 292 38.12 30.12 15.08
CA CYS E 292 39.03 29.22 14.38
C CYS E 292 38.36 27.88 14.11
N ILE E 293 38.73 27.24 13.00
CA ILE E 293 38.36 25.84 12.78
C ILE E 293 39.31 24.95 13.58
N LEU E 294 38.75 24.16 14.50
CA LEU E 294 39.51 23.26 15.36
C LEU E 294 39.38 21.79 14.93
N GLY E 295 40.53 21.11 14.89
CA GLY E 295 40.60 19.72 14.45
C GLY E 295 41.82 18.98 14.98
N GLN E 296 42.12 17.84 14.37
CA GLN E 296 43.24 17.00 14.80
C GLN E 296 44.63 17.69 14.80
N ASN E 297 44.80 18.75 14.00
CA ASN E 297 46.05 19.52 13.98
C ASN E 297 45.96 20.89 14.65
N GLY E 298 44.97 21.05 15.53
CA GLY E 298 44.71 22.31 16.21
C GLY E 298 43.96 23.30 15.34
N ILE E 299 44.44 24.54 15.31
CA ILE E 299 43.84 25.58 14.48
C ILE E 299 44.35 25.47 13.04
N SER E 300 43.49 24.95 12.16
CA SER E 300 43.81 24.69 10.76
C SER E 300 43.48 25.91 9.88
N ASP E 301 42.57 26.74 10.38
CA ASP E 301 42.00 27.86 9.65
C ASP E 301 41.50 28.91 10.64
N LEU E 302 41.45 30.16 10.19
CA LEU E 302 40.83 31.25 10.93
C LEU E 302 39.63 31.71 10.15
N VAL E 303 38.58 32.12 10.86
CA VAL E 303 37.45 32.77 10.22
C VAL E 303 37.63 34.28 10.31
N LYS E 304 37.40 34.95 9.20
CA LYS E 304 37.63 36.39 9.07
C LYS E 304 36.30 37.13 9.26
N VAL E 305 36.02 37.54 10.49
CA VAL E 305 34.74 38.18 10.80
C VAL E 305 34.73 39.62 10.28
N THR E 306 33.66 39.98 9.56
CA THR E 306 33.47 41.35 9.09
C THR E 306 32.87 42.17 10.22
N LEU E 307 33.71 42.93 10.91
CA LEU E 307 33.27 43.72 12.06
C LEU E 307 32.77 45.07 11.61
N THR E 308 31.92 45.70 12.40
CA THR E 308 31.56 47.09 12.12
C THR E 308 32.79 47.91 12.49
N SER E 309 32.79 49.17 12.09
CA SER E 309 33.92 50.03 12.38
C SER E 309 34.21 50.07 13.87
N GLU E 310 33.16 50.17 14.68
CA GLU E 310 33.31 50.26 16.13
C GLU E 310 33.72 48.95 16.77
N GLU E 311 33.19 47.84 16.25
CA GLU E 311 33.58 46.51 16.72
C GLU E 311 35.06 46.28 16.43
N GLU E 312 35.52 46.71 15.24
CA GLU E 312 36.94 46.59 14.87
C GLU E 312 37.83 47.44 15.76
N ALA E 313 37.40 48.65 16.06
CA ALA E 313 38.15 49.54 16.95
C ALA E 313 38.32 48.92 18.34
N ARG E 314 37.26 48.27 18.84
CA ARG E 314 37.31 47.60 20.13
C ARG E 314 38.25 46.41 20.11
N LEU E 315 38.25 45.67 19.00
CA LEU E 315 39.16 44.54 18.84
C LEU E 315 40.61 45.01 18.81
N LYS E 316 40.88 46.08 18.05
CA LYS E 316 42.22 46.65 18.00
C LYS E 316 42.63 47.21 19.37
N LYS E 317 41.68 47.78 20.09
CA LYS E 317 41.95 48.26 21.45
C LYS E 317 42.31 47.10 22.37
N SER E 318 41.61 45.98 22.23
CA SER E 318 41.94 44.79 23.01
C SER E 318 43.35 44.27 22.66
N ALA E 319 43.68 44.35 21.38
CA ALA E 319 44.97 43.91 20.88
C ALA E 319 46.12 44.77 21.40
N ASP E 320 45.93 46.09 21.43
CA ASP E 320 46.99 47.01 21.86
C ASP E 320 47.33 46.78 23.32
N THR E 321 46.27 46.63 24.13
CA THR E 321 46.41 46.39 25.56
C THR E 321 47.22 45.12 25.83
N LEU E 322 46.86 44.04 25.13
CA LEU E 322 47.58 42.78 25.26
C LEU E 322 49.00 42.91 24.75
N TRP E 323 49.16 43.59 23.61
CA TRP E 323 50.47 43.77 23.02
C TRP E 323 51.38 44.55 23.95
N GLY E 324 50.85 45.61 24.56
CA GLY E 324 51.61 46.41 25.53
C GLY E 324 52.19 45.55 26.65
N ILE E 325 51.46 44.51 27.04
CA ILE E 325 51.91 43.58 28.07
C ILE E 325 52.88 42.54 27.46
N GLN E 326 52.48 41.96 26.33
CA GLN E 326 53.37 41.04 25.60
C GLN E 326 54.78 41.60 25.37
N LYS E 327 54.86 42.87 24.95
CA LYS E 327 56.14 43.54 24.65
C LYS E 327 57.22 43.32 25.70
N GLU E 328 56.83 43.49 26.94
CA GLU E 328 57.78 43.57 28.05
C GLU E 328 58.22 42.20 28.59
N LEU E 329 57.77 41.11 27.99
CA LEU E 329 58.25 39.78 28.37
C LEU E 329 59.64 39.49 27.77
N GLN E 330 60.46 38.74 28.50
CA GLN E 330 61.79 38.29 28.03
C GLN E 330 61.93 36.76 28.18
N PHE E 331 62.55 36.12 27.19
CA PHE E 331 62.79 34.67 27.21
C PHE E 331 64.24 34.35 26.87
N ALA F 1 7.50 47.40 19.51
CA ALA F 1 7.54 46.20 20.39
C ALA F 1 8.99 45.84 20.75
N THR F 2 9.15 44.99 21.76
CA THR F 2 10.47 44.55 22.22
C THR F 2 11.18 43.72 21.17
N LEU F 3 12.50 43.62 21.29
CA LEU F 3 13.28 42.80 20.36
C LEU F 3 12.76 41.37 20.40
N LYS F 4 12.59 40.85 21.61
CA LYS F 4 12.00 39.52 21.82
C LYS F 4 10.69 39.31 21.05
N ASP F 5 9.77 40.27 21.14
CA ASP F 5 8.47 40.13 20.50
C ASP F 5 8.57 40.25 18.99
N GLN F 6 9.48 41.10 18.52
CA GLN F 6 9.75 41.19 17.09
C GLN F 6 10.34 39.92 16.52
N LEU F 7 11.13 39.24 17.33
CA LEU F 7 11.79 37.99 16.92
C LEU F 7 10.88 36.76 17.07
N ILE F 8 10.11 36.73 18.16
CA ILE F 8 9.37 35.55 18.56
C ILE F 8 7.88 35.82 18.75
N TYR F 9 7.06 35.05 18.05
CA TYR F 9 5.62 35.08 18.25
C TYR F 9 5.30 33.99 19.26
N ASN F 10 4.74 34.36 20.41
CA ASN F 10 4.42 33.39 21.45
C ASN F 10 3.11 32.68 21.16
N LEU F 11 3.07 31.39 21.50
CA LEU F 11 1.96 30.52 21.20
C LEU F 11 1.29 30.10 22.50
N LEU F 12 2.07 29.51 23.39
CA LEU F 12 1.52 28.87 24.56
C LEU F 12 2.06 29.56 25.79
N LYS F 13 1.19 29.88 26.73
CA LYS F 13 1.65 30.33 28.02
C LYS F 13 2.15 29.09 28.75
N GLU F 14 3.31 29.22 29.37
CA GLU F 14 4.05 28.07 29.88
C GLU F 14 3.41 27.48 31.15
N GLU F 15 4.06 26.46 31.72
CA GLU F 15 3.63 25.86 32.97
C GLU F 15 4.86 25.38 33.76
N GLN F 16 4.71 25.33 35.07
CA GLN F 16 5.78 24.95 36.00
C GLN F 16 5.66 23.47 36.39
N THR F 17 5.84 22.58 35.41
CA THR F 17 5.76 21.15 35.70
C THR F 17 7.06 20.45 35.29
N PRO F 18 8.02 20.37 36.23
CA PRO F 18 9.27 19.66 35.94
C PRO F 18 9.03 18.16 35.82
N GLN F 19 9.47 17.56 34.72
CA GLN F 19 9.16 16.15 34.46
C GLN F 19 10.14 15.17 35.05
N ASN F 20 11.40 15.59 35.18
CA ASN F 20 12.52 14.72 35.56
C ASN F 20 13.50 15.52 36.42
N LYS F 21 12.99 16.06 37.52
CA LYS F 21 13.74 16.98 38.35
C LYS F 21 14.59 16.28 39.40
N ILE F 22 15.82 16.75 39.58
CA ILE F 22 16.67 16.27 40.65
C ILE F 22 17.11 17.48 41.48
N THR F 23 17.06 17.31 42.80
CA THR F 23 17.63 18.27 43.73
C THR F 23 18.89 17.67 44.37
N VAL F 24 19.96 18.46 44.43
CA VAL F 24 21.09 18.14 45.30
C VAL F 24 21.08 19.08 46.51
N VAL F 25 21.04 18.52 47.72
CA VAL F 25 21.15 19.33 48.96
C VAL F 25 22.59 19.31 49.48
N GLY F 26 23.19 20.50 49.60
CA GLY F 26 24.59 20.66 50.01
C GLY F 26 25.45 20.80 48.77
N VAL F 27 26.11 21.95 48.62
CA VAL F 27 26.91 22.21 47.43
C VAL F 27 28.40 22.30 47.75
N GLY F 28 28.84 21.43 48.65
CA GLY F 28 30.23 21.23 48.89
C GLY F 28 30.82 20.29 47.87
N ALA F 29 31.98 19.74 48.21
CA ALA F 29 32.74 18.92 47.27
C ALA F 29 31.90 17.75 46.74
N VAL F 30 31.21 17.06 47.64
CA VAL F 30 30.41 15.91 47.23
C VAL F 30 29.23 16.33 46.38
N GLY F 31 28.47 17.30 46.87
CA GLY F 31 27.29 17.76 46.15
C GLY F 31 27.60 18.18 44.72
N MET F 32 28.66 18.94 44.56
CA MET F 32 28.98 19.47 43.24
C MET F 32 29.51 18.37 42.30
N ALA F 33 30.14 17.34 42.88
CA ALA F 33 30.59 16.18 42.10
C ALA F 33 29.40 15.35 41.64
N CYS F 34 28.41 15.22 42.51
CA CYS F 34 27.13 14.63 42.12
C CYS F 34 26.47 15.43 41.01
N ALA F 35 26.44 16.75 41.18
CA ALA F 35 25.78 17.64 40.23
C ALA F 35 26.37 17.55 38.83
N ILE F 36 27.69 17.65 38.74
CA ILE F 36 28.35 17.72 37.43
C ILE F 36 28.18 16.38 36.77
N SER F 37 28.28 15.30 37.57
CA SER F 37 28.17 13.97 37.04
C SER F 37 26.76 13.72 36.52
N ILE F 38 25.76 14.15 37.28
CA ILE F 38 24.36 14.02 36.87
C ILE F 38 24.11 14.81 35.57
N LEU F 39 24.69 16.02 35.52
CA LEU F 39 24.51 16.92 34.39
C LEU F 39 25.11 16.34 33.11
N MET F 40 26.26 15.70 33.23
CA MET F 40 26.89 15.11 32.05
C MET F 40 26.35 13.76 31.61
N LYS F 41 25.45 13.18 32.41
CA LYS F 41 24.77 11.96 32.02
C LYS F 41 23.31 12.22 31.63
N ASP F 42 22.96 13.49 31.38
CA ASP F 42 21.62 13.92 30.97
C ASP F 42 20.48 13.20 31.72
N LEU F 43 20.61 13.13 33.05
CA LEU F 43 19.59 12.41 33.84
C LEU F 43 18.43 13.28 34.29
N ALA F 44 18.53 14.60 34.15
CA ALA F 44 17.47 15.49 34.63
C ALA F 44 17.15 16.61 33.63
N ASP F 45 15.90 17.02 33.62
CA ASP F 45 15.51 18.19 32.84
C ASP F 45 15.54 19.43 33.72
N GLU F 46 15.71 19.22 35.03
CA GLU F 46 15.84 20.34 35.94
C GLU F 46 16.66 19.94 37.15
N LEU F 47 17.61 20.80 37.52
CA LEU F 47 18.48 20.56 38.65
C LEU F 47 18.35 21.71 39.62
N ALA F 48 17.98 21.38 40.86
CA ALA F 48 17.88 22.34 41.94
C ALA F 48 19.00 22.13 42.94
N LEU F 49 19.56 23.23 43.44
CA LEU F 49 20.61 23.18 44.45
C LEU F 49 20.16 23.94 45.71
N VAL F 50 20.44 23.37 46.87
CA VAL F 50 20.15 23.97 48.16
C VAL F 50 21.37 23.90 49.08
N ASP F 51 21.62 25.00 49.80
CA ASP F 51 22.65 25.06 50.84
C ASP F 51 22.25 26.18 51.79
N VAL F 52 22.82 26.15 53.00
CA VAL F 52 22.64 27.22 53.98
C VAL F 52 23.59 28.40 53.74
N ILE F 53 24.69 28.13 53.02
CA ILE F 53 25.68 29.17 52.71
C ILE F 53 25.23 29.86 51.42
N GLU F 54 24.59 31.01 51.57
CA GLU F 54 23.98 31.69 50.43
C GLU F 54 24.94 32.04 49.31
N ASP F 55 26.09 32.64 49.63
CA ASP F 55 26.97 33.12 48.56
C ASP F 55 27.52 31.96 47.73
N LYS F 56 28.05 30.95 48.41
CA LYS F 56 28.60 29.75 47.78
C LYS F 56 27.56 29.04 46.93
N LEU F 57 26.33 28.94 47.46
CA LEU F 57 25.24 28.35 46.72
C LEU F 57 25.07 29.05 45.38
N LYS F 58 24.95 30.38 45.42
CA LYS F 58 24.72 31.19 44.21
C LYS F 58 25.91 31.09 43.24
N GLY F 59 27.13 31.12 43.79
CA GLY F 59 28.34 31.01 42.97
C GLY F 59 28.43 29.69 42.22
N GLU F 60 28.11 28.58 42.90
CA GLU F 60 28.14 27.27 42.27
C GLU F 60 27.06 27.17 41.18
N MET F 61 25.86 27.68 41.47
CA MET F 61 24.77 27.73 40.50
C MET F 61 25.18 28.49 39.24
N MET F 62 25.69 29.71 39.43
CA MET F 62 26.11 30.53 38.30
C MET F 62 27.13 29.82 37.43
N ASP F 63 28.06 29.13 38.08
CA ASP F 63 29.20 28.49 37.39
C ASP F 63 28.70 27.36 36.48
N LEU F 64 27.79 26.54 36.99
CA LEU F 64 27.09 25.53 36.15
C LEU F 64 26.25 26.18 35.04
N GLN F 65 25.51 27.24 35.37
CA GLN F 65 24.71 27.94 34.38
C GLN F 65 25.52 28.41 33.19
N HIS F 66 26.70 28.95 33.48
CA HIS F 66 27.61 29.41 32.44
C HIS F 66 28.10 28.33 31.48
N GLY F 67 28.04 27.08 31.92
CA GLY F 67 28.29 25.93 31.05
C GLY F 67 27.08 25.31 30.34
N SER F 68 25.92 25.95 30.48
CA SER F 68 24.66 25.48 29.88
C SER F 68 24.74 25.09 28.41
N LEU F 69 25.47 25.89 27.64
CA LEU F 69 25.61 25.64 26.21
C LEU F 69 26.10 24.21 25.95
N PHE F 70 26.91 23.69 26.87
CA PHE F 70 27.54 22.37 26.70
C PHE F 70 26.76 21.24 27.36
N LEU F 71 25.60 21.55 27.95
CA LEU F 71 24.75 20.58 28.66
C LEU F 71 23.36 20.45 27.99
N ARG F 72 22.54 19.52 28.51
CA ARG F 72 21.19 19.31 27.98
C ARG F 72 20.18 19.22 29.15
N THR F 73 20.43 20.08 30.15
CA THR F 73 19.62 20.24 31.34
C THR F 73 19.27 21.73 31.40
N PRO F 74 18.08 22.10 30.89
CA PRO F 74 17.80 23.50 30.55
C PRO F 74 17.48 24.40 31.72
N LYS F 75 17.21 23.82 32.89
CA LYS F 75 16.85 24.60 34.05
C LYS F 75 17.74 24.21 35.23
N ILE F 76 18.48 25.18 35.73
CA ILE F 76 19.35 24.99 36.89
C ILE F 76 19.02 26.08 37.86
N VAL F 77 18.57 25.72 39.06
CA VAL F 77 18.14 26.67 40.07
C VAL F 77 18.73 26.39 41.44
N SER F 78 18.65 27.38 42.31
CA SER F 78 19.15 27.24 43.67
C SER F 78 18.48 28.21 44.61
N GLY F 79 18.56 27.90 45.90
CA GLY F 79 18.04 28.79 46.95
C GLY F 79 18.20 28.13 48.29
N LYS F 80 18.25 28.92 49.36
CA LYS F 80 18.19 28.37 50.71
C LYS F 80 16.78 27.87 51.08
N ASP F 81 15.76 28.38 50.38
CA ASP F 81 14.38 27.97 50.60
C ASP F 81 14.09 26.75 49.72
N TYR F 82 13.40 25.78 50.30
CA TYR F 82 13.12 24.50 49.64
C TYR F 82 12.02 24.55 48.58
N ASN F 83 11.39 25.71 48.42
CA ASN F 83 10.46 25.89 47.32
C ASN F 83 11.11 25.67 45.95
N VAL F 84 12.43 25.87 45.85
CA VAL F 84 13.13 25.62 44.59
C VAL F 84 13.20 24.14 44.27
N THR F 85 12.97 23.29 45.27
CA THR F 85 13.14 21.84 45.14
C THR F 85 11.81 21.12 44.81
N ALA F 86 10.73 21.89 44.70
CA ALA F 86 9.38 21.34 44.48
C ALA F 86 9.31 20.36 43.29
N ASN F 87 8.66 19.22 43.52
CA ASN F 87 8.40 18.24 42.47
C ASN F 87 9.62 17.49 41.95
N SER F 88 10.60 17.28 42.81
CA SER F 88 11.76 16.48 42.42
C SER F 88 11.41 15.00 42.43
N LYS F 89 11.86 14.27 41.41
CA LYS F 89 11.75 12.82 41.43
C LYS F 89 12.74 12.26 42.44
N LEU F 90 13.86 12.97 42.61
CA LEU F 90 15.00 12.44 43.34
C LEU F 90 15.71 13.57 44.04
N VAL F 91 15.93 13.39 45.33
CA VAL F 91 16.57 14.39 46.17
C VAL F 91 17.78 13.74 46.83
N ILE F 92 18.95 14.29 46.53
CA ILE F 92 20.23 13.71 46.95
C ILE F 92 20.76 14.56 48.09
N ILE F 93 20.91 13.96 49.27
CA ILE F 93 21.36 14.70 50.43
C ILE F 93 22.86 14.50 50.65
N THR F 94 23.62 15.60 50.54
CA THR F 94 25.07 15.52 50.76
C THR F 94 25.53 16.45 51.90
N ALA F 95 24.59 17.13 52.55
CA ALA F 95 24.94 18.19 53.52
C ALA F 95 25.55 17.64 54.78
N GLY F 96 26.46 18.42 55.37
CA GLY F 96 26.96 18.14 56.71
C GLY F 96 28.46 18.02 56.87
N ALA F 97 28.90 17.95 58.13
CA ALA F 97 30.30 17.74 58.47
C ALA F 97 30.85 16.45 57.85
N ARG F 98 32.14 16.50 57.47
CA ARG F 98 32.86 15.35 56.92
C ARG F 98 33.97 14.93 57.88
N GLN F 99 34.41 13.67 57.79
CA GLN F 99 35.45 13.16 58.69
C GLN F 99 36.80 13.82 58.38
N GLN F 100 37.50 14.22 59.44
CA GLN F 100 38.88 14.70 59.35
C GLN F 100 39.78 13.49 59.19
N GLU F 101 41.04 13.73 58.83
CA GLU F 101 42.05 12.69 58.81
C GLU F 101 42.08 11.96 60.15
N GLY F 102 41.94 10.64 60.11
CA GLY F 102 41.95 9.82 61.31
C GLY F 102 40.64 9.78 62.10
N GLU F 103 39.61 10.46 61.60
CA GLU F 103 38.29 10.45 62.26
C GLU F 103 37.38 9.43 61.60
N SER F 104 36.64 8.70 62.43
CA SER F 104 35.63 7.76 61.94
C SER F 104 34.39 8.49 61.41
N ARG F 105 33.80 7.97 60.34
CA ARG F 105 32.53 8.51 59.83
C ARG F 105 31.45 8.48 60.94
N LEU F 106 31.56 7.50 61.84
CA LEU F 106 30.60 7.32 62.92
C LEU F 106 30.70 8.42 64.00
N ASN F 107 31.80 9.18 64.00
CA ASN F 107 31.96 10.30 64.93
C ASN F 107 31.18 11.56 64.47
N LEU F 108 30.73 11.56 63.22
CA LEU F 108 29.97 12.69 62.66
C LEU F 108 28.47 12.67 63.02
N VAL F 109 28.00 11.61 63.68
CA VAL F 109 26.55 11.37 63.85
C VAL F 109 25.78 12.54 64.46
N GLN F 110 26.27 13.12 65.55
CA GLN F 110 25.46 14.10 66.30
C GLN F 110 25.20 15.39 65.51
N ARG F 111 26.26 15.96 64.96
CA ARG F 111 26.18 17.15 64.09
C ARG F 111 25.28 16.96 62.85
N ASN F 112 25.40 15.82 62.19
CA ASN F 112 24.61 15.57 60.97
C ASN F 112 23.15 15.16 61.24
N VAL F 113 22.88 14.52 62.38
CA VAL F 113 21.49 14.27 62.81
C VAL F 113 20.74 15.60 62.96
N ASN F 114 21.34 16.54 63.69
CA ASN F 114 20.77 17.88 63.87
C ASN F 114 20.43 18.55 62.54
N ILE F 115 21.34 18.44 61.59
CA ILE F 115 21.18 19.06 60.29
C ILE F 115 20.02 18.43 59.53
N PHE F 116 19.85 17.11 59.66
CA PHE F 116 18.74 16.39 58.98
C PHE F 116 17.38 16.75 59.53
N LYS F 117 17.32 17.03 60.83
CA LYS F 117 16.07 17.44 61.46
C LYS F 117 15.46 18.69 60.81
N PHE F 118 16.31 19.56 60.26
CA PHE F 118 15.84 20.68 59.44
C PHE F 118 15.63 20.28 57.98
N ILE F 119 16.62 19.60 57.39
CA ILE F 119 16.59 19.30 55.96
C ILE F 119 15.41 18.41 55.58
N ILE F 120 15.28 17.27 56.25
CA ILE F 120 14.36 16.24 55.81
C ILE F 120 12.90 16.70 55.81
N PRO F 121 12.40 17.27 56.91
CA PRO F 121 11.01 17.70 56.80
C PRO F 121 10.80 18.70 55.66
N ASN F 122 11.80 19.54 55.39
CA ASN F 122 11.66 20.51 54.33
C ASN F 122 11.63 19.86 52.91
N VAL F 123 12.46 18.85 52.65
CA VAL F 123 12.39 18.22 51.32
C VAL F 123 11.06 17.49 51.12
N VAL F 124 10.58 16.83 52.17
CA VAL F 124 9.35 16.06 52.12
C VAL F 124 8.16 16.96 51.84
N LYS F 125 8.11 18.14 52.44
CA LYS F 125 6.98 19.04 52.22
C LYS F 125 6.85 19.39 50.74
N TYR F 126 7.98 19.65 50.11
CA TYR F 126 8.01 20.11 48.72
C TYR F 126 8.05 18.99 47.66
N SER F 127 8.60 17.83 48.01
CA SER F 127 8.60 16.67 47.11
C SER F 127 8.11 15.42 47.85
N PRO F 128 6.83 15.39 48.25
CA PRO F 128 6.35 14.23 49.00
C PRO F 128 6.49 12.89 48.26
N ASN F 129 6.63 12.91 46.94
CA ASN F 129 6.71 11.69 46.13
C ASN F 129 8.14 11.31 45.69
N CYS F 130 9.14 12.06 46.16
CA CYS F 130 10.52 11.83 45.71
C CYS F 130 11.13 10.54 46.24
N LYS F 131 12.20 10.09 45.59
CA LYS F 131 13.10 9.14 46.21
C LYS F 131 14.17 9.96 46.94
N LEU F 132 14.47 9.57 48.19
CA LEU F 132 15.53 10.20 48.98
C LEU F 132 16.77 9.35 48.86
N LEU F 133 17.86 9.95 48.35
CA LEU F 133 19.17 9.30 48.25
C LEU F 133 20.18 9.99 49.19
N ILE F 134 20.58 9.26 50.23
CA ILE F 134 21.40 9.79 51.31
C ILE F 134 22.88 9.51 51.03
N VAL F 135 23.70 10.56 51.04
CA VAL F 135 25.15 10.44 50.78
C VAL F 135 25.95 10.85 52.02
N SER F 136 25.49 11.85 52.75
CA SER F 136 26.12 12.29 54.00
C SER F 136 26.55 11.12 54.88
N ASN F 137 27.66 11.27 55.59
CA ASN F 137 28.19 10.24 56.48
C ASN F 137 27.82 10.52 57.93
N PRO F 138 27.65 9.46 58.74
CA PRO F 138 27.70 8.04 58.37
C PRO F 138 26.43 7.60 57.61
N VAL F 139 26.61 7.19 56.36
CA VAL F 139 25.50 7.08 55.42
C VAL F 139 24.41 6.11 55.84
N ASP F 140 24.80 5.02 56.47
CA ASP F 140 23.85 3.97 56.85
C ASP F 140 22.96 4.45 57.99
N ILE F 141 23.60 5.02 58.99
CA ILE F 141 22.86 5.58 60.10
C ILE F 141 21.99 6.74 59.64
N LEU F 142 22.51 7.58 58.76
CA LEU F 142 21.73 8.74 58.33
C LEU F 142 20.60 8.37 57.37
N THR F 143 20.70 7.24 56.67
CA THR F 143 19.57 6.72 55.91
C THR F 143 18.41 6.35 56.84
N TYR F 144 18.72 5.73 57.98
CA TYR F 144 17.71 5.39 59.01
C TYR F 144 17.05 6.66 59.55
N VAL F 145 17.86 7.66 59.86
CA VAL F 145 17.39 8.97 60.30
C VAL F 145 16.46 9.63 59.27
N ALA F 146 16.86 9.62 58.00
CA ALA F 146 16.06 10.21 56.95
C ALA F 146 14.70 9.48 56.88
N TRP F 147 14.76 8.16 56.90
CA TRP F 147 13.58 7.31 56.97
C TRP F 147 12.69 7.70 58.15
N LYS F 148 13.26 7.67 59.35
CA LYS F 148 12.51 8.00 60.55
C LYS F 148 11.86 9.37 60.50
N ILE F 149 12.59 10.38 60.04
CA ILE F 149 12.06 11.75 60.05
C ILE F 149 11.03 11.94 58.92
N SER F 150 11.31 11.39 57.75
CA SER F 150 10.40 11.54 56.61
C SER F 150 9.04 10.87 56.81
N GLY F 151 9.02 9.67 57.38
CA GLY F 151 7.81 8.86 57.37
C GLY F 151 7.53 8.24 56.00
N PHE F 152 8.54 8.29 55.13
CA PHE F 152 8.45 7.73 53.80
C PHE F 152 8.36 6.21 53.95
N PRO F 153 7.76 5.55 52.95
CA PRO F 153 7.92 4.09 52.92
C PRO F 153 9.38 3.79 52.56
N LYS F 154 9.90 2.69 53.06
CA LYS F 154 11.34 2.45 53.06
C LYS F 154 11.94 2.29 51.65
N ASN F 155 11.13 1.83 50.69
CA ASN F 155 11.58 1.76 49.29
C ASN F 155 12.07 3.11 48.76
N ARG F 156 11.53 4.20 49.30
CA ARG F 156 11.93 5.52 48.84
C ARG F 156 13.04 6.21 49.66
N VAL F 157 13.70 5.46 50.56
CA VAL F 157 14.83 6.04 51.31
C VAL F 157 16.06 5.17 51.10
N ILE F 158 17.00 5.70 50.33
CA ILE F 158 18.15 4.92 49.83
C ILE F 158 19.45 5.59 50.27
N GLY F 159 20.38 4.78 50.79
CA GLY F 159 21.73 5.27 51.11
C GLY F 159 22.71 4.85 50.03
N SER F 160 23.66 5.72 49.71
CA SER F 160 24.63 5.46 48.64
C SER F 160 25.43 4.20 48.99
N GLY F 161 25.75 4.06 50.27
CA GLY F 161 26.08 2.75 50.85
C GLY F 161 27.36 2.20 50.28
N CYS F 162 27.35 0.90 49.96
CA CYS F 162 28.55 0.26 49.41
C CYS F 162 28.63 0.19 47.90
N ASN F 163 27.86 1.02 47.19
CA ASN F 163 27.98 1.11 45.72
C ASN F 163 29.39 1.52 45.36
N LEU F 164 29.93 2.46 46.14
CA LEU F 164 31.28 2.96 45.96
C LEU F 164 32.32 1.96 46.46
N ASP F 165 32.10 1.36 47.62
CA ASP F 165 33.06 0.40 48.14
C ASP F 165 33.24 -0.76 47.11
N SER F 166 32.13 -1.20 46.52
CA SER F 166 32.17 -2.26 45.53
C SER F 166 32.90 -1.78 44.26
N ALA F 167 32.66 -0.54 43.87
CA ALA F 167 33.33 0.05 42.72
C ALA F 167 34.84 0.01 42.94
N ARG F 168 35.26 0.47 44.12
CA ARG F 168 36.66 0.47 44.51
C ARG F 168 37.24 -0.95 44.48
N PHE F 169 36.47 -1.90 45.02
CA PHE F 169 36.86 -3.30 45.06
C PHE F 169 37.08 -3.83 43.64
N ARG F 170 36.18 -3.48 42.74
CA ARG F 170 36.26 -3.92 41.34
C ARG F 170 37.40 -3.25 40.59
N TYR F 171 37.69 -1.99 40.91
CA TYR F 171 38.86 -1.30 40.38
C TYR F 171 40.14 -2.07 40.75
N LEU F 172 40.31 -2.36 42.04
CA LEU F 172 41.52 -3.07 42.51
C LEU F 172 41.60 -4.50 41.99
N MET F 173 40.45 -5.16 41.87
CA MET F 173 40.39 -6.49 41.25
C MET F 173 40.90 -6.40 39.82
N GLY F 174 40.36 -5.45 39.07
CA GLY F 174 40.78 -5.23 37.69
C GLY F 174 42.27 -4.97 37.55
N GLU F 175 42.83 -4.19 38.47
CA GLU F 175 44.25 -3.87 38.45
C GLU F 175 45.11 -5.14 38.67
N ARG F 176 44.65 -6.03 39.56
CA ARG F 176 45.33 -7.30 39.80
C ARG F 176 45.21 -8.29 38.62
N LEU F 177 44.07 -8.31 37.98
CA LEU F 177 43.78 -9.30 36.93
C LEU F 177 44.11 -8.83 35.51
N GLY F 178 44.30 -7.52 35.30
CA GLY F 178 44.39 -6.95 33.96
C GLY F 178 43.08 -6.99 33.19
N VAL F 179 41.98 -6.66 33.88
CA VAL F 179 40.65 -6.73 33.30
C VAL F 179 39.86 -5.47 33.67
N HIS F 180 39.04 -4.96 32.76
CA HIS F 180 38.27 -3.78 33.08
C HIS F 180 37.34 -4.10 34.24
N PRO F 181 37.22 -3.16 35.19
CA PRO F 181 36.29 -3.31 36.31
C PRO F 181 34.88 -3.77 35.91
N LEU F 182 34.37 -3.28 34.78
CA LEU F 182 33.07 -3.72 34.22
C LEU F 182 32.98 -5.22 34.14
N SER F 183 34.09 -5.89 33.82
CA SER F 183 34.11 -7.35 33.70
C SER F 183 34.59 -8.10 34.95
N CYS F 184 35.01 -7.36 35.98
CA CYS F 184 35.35 -7.95 37.28
C CYS F 184 34.20 -7.79 38.24
N HIS F 185 33.63 -8.89 38.70
CA HIS F 185 32.47 -8.83 39.59
C HIS F 185 32.83 -9.23 41.01
N GLY F 186 32.36 -8.44 41.97
CA GLY F 186 32.57 -8.72 43.38
C GLY F 186 31.86 -7.68 44.23
N TRP F 187 31.36 -8.11 45.38
CA TRP F 187 30.46 -7.30 46.20
C TRP F 187 31.00 -7.04 47.60
N VAL F 188 30.96 -5.78 48.00
CA VAL F 188 31.27 -5.37 49.36
C VAL F 188 29.94 -4.94 49.96
N LEU F 189 29.59 -5.52 51.10
CA LEU F 189 28.27 -5.31 51.70
C LEU F 189 28.41 -4.80 53.13
N GLY F 190 27.27 -4.44 53.74
CA GLY F 190 27.23 -3.96 55.11
C GLY F 190 27.47 -2.46 55.23
N GLU F 191 28.21 -2.06 56.25
CA GLU F 191 28.46 -0.66 56.54
C GLU F 191 29.32 -0.04 55.45
N HIS F 192 28.92 1.13 54.95
CA HIS F 192 29.86 1.98 54.26
C HIS F 192 30.85 2.51 55.31
N GLY F 193 31.85 1.71 55.62
CA GLY F 193 32.86 2.09 56.60
C GLY F 193 33.81 0.95 56.88
N ASP F 194 34.36 0.96 58.09
CA ASP F 194 35.41 0.03 58.48
C ASP F 194 34.93 -1.41 58.59
N SER F 195 33.65 -1.61 58.89
CA SER F 195 33.13 -2.98 59.09
C SER F 195 32.49 -3.60 57.83
N SER F 196 32.84 -3.09 56.65
CA SER F 196 32.30 -3.63 55.39
C SER F 196 32.72 -5.08 55.17
N VAL F 197 31.93 -5.81 54.38
CA VAL F 197 32.12 -7.24 54.21
C VAL F 197 32.37 -7.58 52.75
N PRO F 198 33.59 -8.07 52.44
CA PRO F 198 33.88 -8.53 51.09
C PRO F 198 33.32 -9.92 50.86
N VAL F 199 32.35 -10.05 49.96
CA VAL F 199 31.74 -11.34 49.68
C VAL F 199 32.64 -12.12 48.73
N TRP F 200 33.62 -12.79 49.30
CA TRP F 200 34.58 -13.63 48.55
C TRP F 200 33.89 -14.65 47.65
N SER F 201 32.83 -15.26 48.18
CA SER F 201 32.10 -16.32 47.49
C SER F 201 31.49 -15.90 46.15
N GLY F 202 31.18 -14.60 46.00
CA GLY F 202 30.56 -14.11 44.77
C GLY F 202 31.51 -13.54 43.73
N MET F 203 32.79 -13.46 44.04
CA MET F 203 33.72 -12.83 43.12
C MET F 203 33.98 -13.72 41.92
N ASN F 204 33.92 -13.12 40.75
CA ASN F 204 34.12 -13.88 39.52
C ASN F 204 34.50 -13.00 38.34
N VAL F 205 34.90 -13.67 37.26
CA VAL F 205 35.09 -13.07 35.97
C VAL F 205 34.47 -14.05 34.97
N ALA F 206 33.53 -13.57 34.16
CA ALA F 206 32.83 -14.41 33.20
C ALA F 206 32.15 -15.62 33.84
N GLY F 207 31.68 -15.44 35.07
CA GLY F 207 30.93 -16.47 35.76
C GLY F 207 31.77 -17.53 36.46
N VAL F 208 33.09 -17.41 36.40
CA VAL F 208 33.97 -18.41 37.04
C VAL F 208 34.38 -17.89 38.41
N SER F 209 34.04 -18.69 39.42
CA SER F 209 34.26 -18.33 40.82
C SER F 209 35.75 -18.35 41.14
N LEU F 210 36.27 -17.20 41.53
CA LEU F 210 37.68 -17.12 41.95
C LEU F 210 37.92 -17.94 43.22
N LYS F 211 36.90 -18.02 44.08
CA LYS F 211 36.95 -18.85 45.30
C LYS F 211 37.19 -20.33 45.01
N THR F 212 36.53 -20.85 43.97
CA THR F 212 36.71 -22.23 43.55
C THR F 212 38.09 -22.44 42.90
N LEU F 213 38.57 -21.45 42.16
CA LEU F 213 39.93 -21.51 41.62
C LEU F 213 40.97 -21.48 42.74
N HIS F 214 40.79 -20.57 43.69
CA HIS F 214 41.76 -20.28 44.74
C HIS F 214 41.05 -20.39 46.09
N PRO F 215 40.96 -21.62 46.63
CA PRO F 215 40.28 -21.86 47.91
C PRO F 215 40.68 -20.91 49.04
N ASP F 216 41.96 -20.54 49.10
CA ASP F 216 42.48 -19.65 50.15
C ASP F 216 42.07 -18.18 49.97
N LEU F 217 41.38 -17.86 48.88
CA LEU F 217 40.97 -16.48 48.58
C LEU F 217 40.25 -15.81 49.75
N GLY F 218 40.84 -14.73 50.26
CA GLY F 218 40.26 -13.98 51.37
C GLY F 218 40.78 -14.37 52.73
N THR F 219 41.36 -15.57 52.84
CA THR F 219 41.90 -16.07 54.10
C THR F 219 43.24 -15.40 54.45
N ASP F 220 43.60 -15.47 55.73
CA ASP F 220 44.90 -14.98 56.20
C ASP F 220 46.07 -15.77 55.60
N LYS F 221 45.86 -17.03 55.26
CA LYS F 221 46.95 -17.87 54.77
C LYS F 221 47.01 -18.04 53.24
N ASP F 222 46.55 -17.05 52.48
CA ASP F 222 46.72 -17.11 51.02
C ASP F 222 47.90 -16.24 50.56
N LYS F 223 48.71 -16.80 49.67
CA LYS F 223 49.99 -16.20 49.29
C LYS F 223 49.82 -14.90 48.54
N GLU F 224 48.68 -14.75 47.86
CA GLU F 224 48.38 -13.52 47.14
C GLU F 224 47.75 -12.44 48.03
N GLN F 225 47.40 -12.78 49.25
CA GLN F 225 46.90 -11.80 50.23
C GLN F 225 45.74 -10.99 49.68
N TRP F 226 44.70 -11.66 49.19
CA TRP F 226 43.54 -10.93 48.63
C TRP F 226 42.75 -10.15 49.69
N LYS F 227 42.94 -10.52 50.95
CA LYS F 227 42.34 -9.78 52.04
C LYS F 227 42.85 -8.34 52.04
N GLU F 228 44.09 -8.12 51.56
CA GLU F 228 44.63 -6.77 51.44
C GLU F 228 43.83 -5.89 50.49
N VAL F 229 43.20 -6.50 49.49
CA VAL F 229 42.36 -5.76 48.57
C VAL F 229 41.20 -5.15 49.34
N HIS F 230 40.60 -5.95 50.22
CA HIS F 230 39.50 -5.43 51.03
C HIS F 230 39.95 -4.33 51.96
N LYS F 231 41.16 -4.44 52.50
CA LYS F 231 41.69 -3.44 53.43
C LYS F 231 41.94 -2.10 52.75
N GLN F 232 42.44 -2.13 51.53
CA GLN F 232 42.59 -0.91 50.73
C GLN F 232 41.23 -0.26 50.49
N VAL F 233 40.19 -1.05 50.26
CA VAL F 233 38.82 -0.51 50.13
C VAL F 233 38.42 0.23 51.42
N VAL F 234 38.52 -0.45 52.56
CA VAL F 234 38.29 0.18 53.86
C VAL F 234 39.11 1.46 53.99
N GLU F 235 40.41 1.37 53.71
CA GLU F 235 41.35 2.47 53.96
C GLU F 235 41.34 3.58 52.89
N SER F 236 40.58 3.36 51.81
CA SER F 236 40.66 4.22 50.63
C SER F 236 40.25 5.66 50.92
N ALA F 237 39.11 5.86 51.59
CA ALA F 237 38.68 7.22 51.96
C ALA F 237 39.73 7.93 52.81
N TYR F 238 40.27 7.22 53.79
CA TYR F 238 41.30 7.78 54.67
C TYR F 238 42.57 8.16 53.91
N GLU F 239 43.03 7.29 53.02
CA GLU F 239 44.22 7.59 52.19
C GLU F 239 43.96 8.81 51.31
N VAL F 240 42.81 8.84 50.64
CA VAL F 240 42.45 9.99 49.79
C VAL F 240 42.30 11.26 50.63
N ILE F 241 41.66 11.15 51.79
CA ILE F 241 41.48 12.30 52.67
C ILE F 241 42.84 12.82 53.08
N LYS F 242 43.71 11.92 53.54
CA LYS F 242 45.05 12.30 53.93
C LYS F 242 45.79 13.00 52.78
N LEU F 243 45.59 12.56 51.55
CA LEU F 243 46.35 13.09 50.41
C LEU F 243 45.80 14.42 49.87
N LYS F 244 44.49 14.50 49.65
CA LYS F 244 43.84 15.71 49.12
C LYS F 244 42.81 16.39 50.05
N GLY F 245 42.52 15.83 51.22
CA GLY F 245 41.65 16.49 52.21
C GLY F 245 40.25 15.92 52.31
N TYR F 246 39.79 15.27 51.26
CA TYR F 246 38.41 14.81 51.18
C TYR F 246 38.28 13.91 49.95
N THR F 247 37.15 13.20 49.83
CA THR F 247 36.81 12.47 48.60
C THR F 247 35.62 13.13 47.92
N SER F 248 35.60 13.10 46.59
CA SER F 248 34.54 13.77 45.85
C SER F 248 34.20 13.06 44.54
N TRP F 249 35.19 12.88 43.66
CA TRP F 249 34.91 12.44 42.28
C TRP F 249 34.26 11.07 42.22
N ALA F 250 34.81 10.11 42.95
CA ALA F 250 34.35 8.75 42.84
C ALA F 250 32.93 8.61 43.43
N ILE F 251 32.63 9.35 44.48
CA ILE F 251 31.27 9.33 45.05
C ILE F 251 30.28 9.99 44.10
N GLY F 252 30.69 11.08 43.47
CA GLY F 252 29.87 11.74 42.44
C GLY F 252 29.45 10.81 41.31
N LEU F 253 30.38 9.97 40.87
CA LEU F 253 30.10 9.03 39.80
C LEU F 253 29.25 7.89 40.32
N SER F 254 29.57 7.42 41.52
CA SER F 254 28.76 6.38 42.18
C SER F 254 27.30 6.84 42.33
N VAL F 255 27.11 8.06 42.83
CA VAL F 255 25.76 8.61 43.01
C VAL F 255 25.04 8.80 41.69
N ALA F 256 25.74 9.29 40.67
CA ALA F 256 25.14 9.41 39.34
C ALA F 256 24.67 8.06 38.78
N ASP F 257 25.42 7.02 39.07
CA ASP F 257 25.12 5.64 38.63
C ASP F 257 23.83 5.13 39.29
N LEU F 258 23.65 5.45 40.56
CA LEU F 258 22.41 5.13 41.28
C LEU F 258 21.25 5.95 40.75
N ALA F 259 21.48 7.26 40.57
CA ALA F 259 20.45 8.13 39.98
C ALA F 259 20.07 7.66 38.58
N GLU F 260 21.03 7.13 37.81
CA GLU F 260 20.69 6.63 36.45
C GLU F 260 19.61 5.53 36.50
N SER F 261 19.82 4.52 37.34
CA SER F 261 18.84 3.43 37.51
C SER F 261 17.49 3.91 37.99
N ILE F 262 17.51 4.83 38.93
CA ILE F 262 16.29 5.37 39.51
C ILE F 262 15.50 6.21 38.52
N MET F 263 16.17 7.17 37.88
CA MET F 263 15.51 8.06 36.93
C MET F 263 15.04 7.31 35.69
N LYS F 264 15.83 6.34 35.21
CA LYS F 264 15.45 5.58 34.01
C LYS F 264 14.75 4.26 34.31
N ASN F 265 14.46 4.00 35.58
CA ASN F 265 13.73 2.78 35.99
C ASN F 265 14.39 1.51 35.44
N LEU F 266 15.71 1.43 35.57
CA LEU F 266 16.42 0.32 34.95
C LEU F 266 16.21 -1.03 35.64
N ARG F 267 16.02 -1.02 36.95
CA ARG F 267 15.96 -2.26 37.73
C ARG F 267 17.30 -3.00 37.62
N ARG F 268 18.39 -2.26 37.73
CA ARG F 268 19.70 -2.84 37.94
C ARG F 268 19.84 -3.04 39.42
N VAL F 269 20.75 -3.94 39.80
CA VAL F 269 21.05 -4.24 41.17
C VAL F 269 22.29 -3.49 41.67
N HIS F 270 22.12 -2.75 42.76
CA HIS F 270 23.23 -1.99 43.38
C HIS F 270 23.26 -2.27 44.87
N PRO F 271 24.46 -2.26 45.48
CA PRO F 271 24.54 -2.42 46.92
C PRO F 271 24.40 -1.08 47.60
N VAL F 272 23.23 -0.84 48.19
CA VAL F 272 22.85 0.44 48.76
C VAL F 272 22.27 0.23 50.15
N SER F 273 22.29 1.28 50.98
CA SER F 273 21.82 1.15 52.36
C SER F 273 20.32 0.98 52.39
N THR F 274 19.86 -0.07 53.05
CA THR F 274 18.42 -0.28 53.21
C THR F 274 18.11 -1.04 54.50
N MET F 275 16.83 -0.98 54.86
CA MET F 275 16.29 -1.68 56.02
C MET F 275 16.47 -3.18 55.87
N ILE F 276 17.31 -3.82 56.68
CA ILE F 276 17.52 -5.27 56.54
C ILE F 276 16.90 -6.11 57.67
N LYS F 277 16.12 -5.47 58.54
CA LYS F 277 15.54 -6.18 59.68
C LYS F 277 14.95 -7.52 59.24
N GLY F 278 15.31 -8.55 60.00
CA GLY F 278 14.82 -9.90 59.79
C GLY F 278 15.34 -10.57 58.54
N LEU F 279 16.58 -10.29 58.15
CA LEU F 279 17.11 -10.83 56.90
C LEU F 279 18.51 -11.48 56.99
N TYR F 280 19.15 -11.44 58.15
CA TYR F 280 20.37 -12.24 58.35
C TYR F 280 20.57 -12.50 59.83
N GLY F 281 19.49 -12.89 60.50
CA GLY F 281 19.47 -12.99 61.95
C GLY F 281 19.58 -11.63 62.59
N ILE F 282 19.27 -10.59 61.80
CA ILE F 282 19.32 -9.21 62.27
C ILE F 282 17.91 -8.81 62.66
N LYS F 283 17.75 -8.36 63.90
CA LYS F 283 16.44 -8.11 64.49
C LYS F 283 16.22 -6.65 64.89
N ASP F 284 17.18 -5.79 64.56
CA ASP F 284 17.07 -4.36 64.84
C ASP F 284 16.74 -3.58 63.57
N ASP F 285 16.29 -2.33 63.74
CA ASP F 285 15.94 -1.46 62.61
C ASP F 285 17.20 -0.87 62.00
N VAL F 286 18.08 -1.74 61.51
CA VAL F 286 19.36 -1.34 60.97
C VAL F 286 19.23 -1.18 59.46
N PHE F 287 19.73 -0.05 58.95
CA PHE F 287 19.99 0.12 57.52
C PHE F 287 21.44 -0.22 57.24
N LEU F 288 21.68 -1.08 56.27
CA LEU F 288 23.02 -1.24 55.72
C LEU F 288 22.93 -1.79 54.30
N SER F 289 24.07 -1.98 53.65
CA SER F 289 24.11 -2.34 52.22
C SER F 289 23.92 -3.82 51.91
N VAL F 290 22.92 -4.08 51.09
CA VAL F 290 22.71 -5.39 50.48
C VAL F 290 22.33 -5.08 49.02
N PRO F 291 22.49 -6.05 48.09
CA PRO F 291 22.13 -5.75 46.71
C PRO F 291 20.64 -5.50 46.56
N CYS F 292 20.30 -4.38 45.94
CA CYS F 292 18.91 -3.97 45.83
C CYS F 292 18.56 -3.65 44.38
N ILE F 293 17.36 -4.03 43.97
CA ILE F 293 16.85 -3.65 42.67
C ILE F 293 16.34 -2.21 42.77
N LEU F 294 16.89 -1.34 41.92
CA LEU F 294 16.65 0.09 41.98
C LEU F 294 15.94 0.54 40.70
N GLY F 295 14.84 1.27 40.86
CA GLY F 295 14.12 1.83 39.73
C GLY F 295 13.27 3.02 40.12
N GLN F 296 12.16 3.21 39.39
CA GLN F 296 11.35 4.42 39.54
C GLN F 296 10.70 4.57 40.90
N ASN F 297 10.49 3.46 41.59
CA ASN F 297 9.94 3.46 42.94
C ASN F 297 11.01 3.29 44.03
N GLY F 298 12.27 3.45 43.65
CA GLY F 298 13.38 3.30 44.59
C GLY F 298 13.80 1.84 44.71
N ILE F 299 13.89 1.35 45.95
CA ILE F 299 14.24 -0.05 46.17
C ILE F 299 12.98 -0.92 46.11
N SER F 300 12.77 -1.57 44.97
CA SER F 300 11.56 -2.39 44.79
C SER F 300 11.75 -3.81 45.33
N ASP F 301 13.01 -4.21 45.46
CA ASP F 301 13.37 -5.58 45.78
C ASP F 301 14.79 -5.65 46.36
N LEU F 302 15.01 -6.61 47.26
CA LEU F 302 16.31 -6.94 47.86
C LEU F 302 16.76 -8.28 47.31
N VAL F 303 18.03 -8.41 46.92
CA VAL F 303 18.58 -9.74 46.63
C VAL F 303 19.17 -10.38 47.88
N LYS F 304 18.82 -11.64 48.09
CA LYS F 304 19.26 -12.42 49.25
C LYS F 304 20.55 -13.15 48.90
N VAL F 305 21.70 -12.57 49.22
CA VAL F 305 22.97 -13.23 48.96
C VAL F 305 23.15 -14.35 49.98
N THR F 306 23.55 -15.54 49.52
CA THR F 306 23.84 -16.67 50.42
C THR F 306 25.28 -16.51 50.91
N LEU F 307 25.44 -15.94 52.10
CA LEU F 307 26.74 -15.66 52.68
C LEU F 307 27.30 -16.88 53.37
N THR F 308 28.62 -16.96 53.46
CA THR F 308 29.26 -17.98 54.29
C THR F 308 28.97 -17.65 55.77
N SER F 309 29.32 -18.57 56.66
CA SER F 309 29.17 -18.32 58.09
C SER F 309 29.96 -17.10 58.54
N GLU F 310 31.19 -17.00 58.05
CA GLU F 310 32.05 -15.85 58.36
C GLU F 310 31.46 -14.57 57.79
N GLU F 311 31.14 -14.59 56.50
CA GLU F 311 30.56 -13.43 55.83
C GLU F 311 29.30 -12.99 56.57
N GLU F 312 28.47 -13.94 56.96
CA GLU F 312 27.24 -13.65 57.68
C GLU F 312 27.53 -13.10 59.07
N ALA F 313 28.47 -13.72 59.77
CA ALA F 313 28.88 -13.24 61.09
C ALA F 313 29.32 -11.78 61.00
N ARG F 314 30.28 -11.51 60.11
CA ARG F 314 30.82 -10.16 59.95
C ARG F 314 29.74 -9.13 59.65
N LEU F 315 28.71 -9.54 58.90
CA LEU F 315 27.59 -8.66 58.55
C LEU F 315 26.69 -8.38 59.75
N LYS F 316 26.61 -9.30 60.70
CA LYS F 316 25.79 -9.12 61.89
C LYS F 316 26.48 -8.17 62.88
N LYS F 317 27.78 -8.34 63.10
CA LYS F 317 28.53 -7.41 63.96
C LYS F 317 28.56 -6.01 63.34
N SER F 318 28.71 -5.96 62.02
CA SER F 318 28.58 -4.70 61.26
C SER F 318 27.23 -4.05 61.54
N ALA F 319 26.18 -4.86 61.62
CA ALA F 319 24.84 -4.38 62.00
C ALA F 319 24.75 -4.03 63.47
N ASP F 320 25.44 -4.79 64.31
CA ASP F 320 25.44 -4.52 65.76
C ASP F 320 26.11 -3.18 66.06
N THR F 321 27.29 -2.95 65.47
CA THR F 321 27.98 -1.67 65.62
C THR F 321 27.02 -0.51 65.29
N LEU F 322 26.27 -0.65 64.20
CA LEU F 322 25.35 0.40 63.74
C LEU F 322 24.19 0.64 64.72
N TRP F 323 23.53 -0.42 65.19
CA TRP F 323 22.43 -0.25 66.15
C TRP F 323 22.94 0.28 67.49
N GLY F 324 24.18 -0.06 67.83
CA GLY F 324 24.81 0.45 69.06
C GLY F 324 24.78 1.97 69.11
N ILE F 325 24.89 2.60 67.94
CA ILE F 325 24.79 4.04 67.82
C ILE F 325 23.34 4.47 67.60
N GLN F 326 22.68 3.90 66.59
CA GLN F 326 21.30 4.30 66.24
C GLN F 326 20.38 4.36 67.45
N LYS F 327 20.57 3.43 68.39
CA LYS F 327 19.71 3.30 69.57
C LYS F 327 19.71 4.51 70.51
N GLU F 328 20.77 5.33 70.48
CA GLU F 328 20.89 6.48 71.38
C GLU F 328 20.17 7.72 70.87
N LEU F 329 19.82 7.74 69.59
CA LEU F 329 19.24 8.92 68.95
C LEU F 329 17.84 9.26 69.46
N GLN F 330 17.48 10.53 69.37
CA GLN F 330 16.19 11.02 69.89
C GLN F 330 15.28 11.52 68.77
N PHE F 331 15.71 12.58 68.07
CA PHE F 331 14.90 13.22 67.03
C PHE F 331 13.40 12.98 67.14
N ALA G 1 9.20 -22.68 47.17
CA ALA G 1 9.34 -21.33 46.56
C ALA G 1 10.13 -21.39 45.26
N THR G 2 9.78 -20.54 44.31
CA THR G 2 10.48 -20.48 43.02
C THR G 2 11.90 -19.92 43.18
N LEU G 3 12.74 -20.21 42.20
CA LEU G 3 14.10 -19.68 42.18
C LEU G 3 14.08 -18.17 42.38
N LYS G 4 13.25 -17.48 41.61
CA LYS G 4 13.10 -16.04 41.73
C LYS G 4 12.84 -15.64 43.18
N ASP G 5 11.84 -16.27 43.80
CA ASP G 5 11.46 -15.96 45.18
C ASP G 5 12.56 -16.32 46.19
N GLN G 6 13.34 -17.35 45.90
CA GLN G 6 14.47 -17.71 46.76
C GLN G 6 15.60 -16.67 46.60
N LEU G 7 15.74 -16.12 45.40
CA LEU G 7 16.76 -15.13 45.09
C LEU G 7 16.40 -13.72 45.55
N ILE G 8 15.15 -13.35 45.34
CA ILE G 8 14.70 -11.96 45.45
C ILE G 8 13.54 -11.81 46.42
N TYR G 9 13.69 -10.88 47.36
CA TYR G 9 12.63 -10.54 48.32
C TYR G 9 11.97 -9.25 47.90
N ASN G 10 10.66 -9.31 47.66
CA ASN G 10 9.92 -8.20 47.07
C ASN G 10 9.42 -7.25 48.14
N LEU G 11 9.47 -5.96 47.83
CA LEU G 11 8.93 -4.91 48.70
C LEU G 11 7.68 -4.26 48.13
N LEU G 12 7.58 -4.17 46.80
CA LEU G 12 6.52 -3.40 46.17
C LEU G 12 5.69 -4.17 45.18
N LYS G 13 4.38 -4.02 45.30
CA LYS G 13 3.48 -4.31 44.22
C LYS G 13 3.51 -3.03 43.40
N GLU G 14 4.34 -3.03 42.37
CA GLU G 14 4.67 -1.79 41.67
C GLU G 14 3.58 -1.42 40.66
N GLU G 15 3.74 -0.25 40.04
CA GLU G 15 2.90 0.16 38.91
C GLU G 15 3.79 0.52 37.72
N GLN G 16 3.43 0.01 36.55
CA GLN G 16 4.02 0.50 35.31
C GLN G 16 3.24 1.74 34.88
N THR G 17 3.60 2.89 35.46
CA THR G 17 3.15 4.19 34.97
C THR G 17 4.36 4.86 34.37
N PRO G 18 4.52 4.74 33.04
CA PRO G 18 5.77 5.17 32.45
C PRO G 18 5.86 6.68 32.42
N GLN G 19 7.02 7.20 32.79
CA GLN G 19 7.23 8.63 32.91
C GLN G 19 7.61 9.30 31.58
N ASN G 20 8.30 8.56 30.70
CA ASN G 20 8.87 9.12 29.48
C ASN G 20 8.69 8.16 28.30
N LYS G 21 7.44 7.91 27.97
CA LYS G 21 7.10 6.91 26.96
C LYS G 21 7.00 7.52 25.58
N ILE G 22 7.55 6.81 24.60
CA ILE G 22 7.44 7.20 23.20
C ILE G 22 6.82 6.04 22.42
N THR G 23 5.84 6.34 21.55
CA THR G 23 5.30 5.37 20.59
C THR G 23 5.75 5.71 19.15
N VAL G 24 6.11 4.68 18.39
CA VAL G 24 6.35 4.82 16.96
C VAL G 24 5.28 4.02 16.23
N VAL G 25 4.56 4.68 15.32
CA VAL G 25 3.55 4.01 14.49
C VAL G 25 4.10 3.78 13.09
N GLY G 26 4.08 2.52 12.67
CA GLY G 26 4.70 2.09 11.41
C GLY G 26 6.14 1.65 11.66
N VAL G 27 6.40 0.34 11.62
CA VAL G 27 7.74 -0.21 11.87
C VAL G 27 8.43 -0.61 10.57
N GLY G 28 8.26 0.24 9.55
CA GLY G 28 9.03 0.09 8.32
C GLY G 28 10.37 0.73 8.53
N ALA G 29 11.07 0.98 7.43
CA ALA G 29 12.42 1.53 7.47
C ALA G 29 12.50 2.82 8.29
N VAL G 30 11.55 3.73 8.05
CA VAL G 30 11.49 5.00 8.75
C VAL G 30 11.18 4.79 10.24
N GLY G 31 10.10 4.08 10.53
CA GLY G 31 9.76 3.72 11.92
C GLY G 31 10.92 3.15 12.73
N MET G 32 11.62 2.17 12.17
CA MET G 32 12.71 1.51 12.90
C MET G 32 13.95 2.36 12.94
N ALA G 33 14.15 3.21 11.93
CA ALA G 33 15.25 4.16 11.96
C ALA G 33 15.05 5.14 13.11
N CYS G 34 13.82 5.63 13.26
CA CYS G 34 13.48 6.49 14.38
C CYS G 34 13.68 5.75 15.68
N ALA G 35 13.20 4.51 15.72
CA ALA G 35 13.26 3.71 16.95
C ALA G 35 14.70 3.51 17.44
N ILE G 36 15.58 3.05 16.56
CA ILE G 36 16.97 2.80 16.97
C ILE G 36 17.67 4.08 17.40
N SER G 37 17.41 5.18 16.68
CA SER G 37 18.01 6.46 17.02
C SER G 37 17.56 6.96 18.39
N ILE G 38 16.31 6.67 18.75
CA ILE G 38 15.74 7.09 20.03
C ILE G 38 16.28 6.24 21.17
N LEU G 39 16.36 4.94 20.94
CA LEU G 39 16.96 3.98 21.88
C LEU G 39 18.40 4.33 22.21
N MET G 40 19.18 4.67 21.20
CA MET G 40 20.57 4.99 21.43
C MET G 40 20.83 6.38 22.00
N LYS G 41 19.81 7.24 22.03
CA LYS G 41 19.94 8.54 22.67
C LYS G 41 19.24 8.59 24.04
N ASP G 42 18.80 7.44 24.54
CA ASP G 42 18.16 7.32 25.85
C ASP G 42 17.10 8.38 26.11
N LEU G 43 16.19 8.53 25.14
CA LEU G 43 15.17 9.55 25.24
C LEU G 43 13.90 9.05 25.89
N ALA G 44 13.79 7.74 26.10
CA ALA G 44 12.53 7.15 26.54
C ALA G 44 12.79 6.06 27.57
N ASP G 45 11.86 5.88 28.53
CA ASP G 45 11.97 4.76 29.45
C ASP G 45 11.08 3.60 29.02
N GLU G 46 10.26 3.83 28.00
CA GLU G 46 9.37 2.83 27.43
C GLU G 46 9.07 3.20 26.00
N LEU G 47 9.26 2.22 25.10
CA LEU G 47 9.05 2.38 23.67
C LEU G 47 7.98 1.39 23.24
N ALA G 48 6.91 1.91 22.65
CA ALA G 48 5.85 1.08 22.07
C ALA G 48 5.88 1.18 20.55
N LEU G 49 5.62 0.05 19.89
CA LEU G 49 5.57 -0.03 18.43
C LEU G 49 4.21 -0.56 17.97
N VAL G 50 3.57 0.12 17.02
CA VAL G 50 2.36 -0.40 16.38
C VAL G 50 2.52 -0.46 14.86
N ASP G 51 1.90 -1.47 14.25
CA ASP G 51 1.83 -1.64 12.81
C ASP G 51 0.66 -2.58 12.49
N VAL G 52 0.21 -2.59 11.24
CA VAL G 52 -0.83 -3.51 10.80
C VAL G 52 -0.28 -4.90 10.46
N ILE G 53 1.01 -4.99 10.18
CA ILE G 53 1.60 -6.27 9.87
C ILE G 53 2.08 -6.91 11.16
N GLU G 54 1.31 -7.87 11.66
CA GLU G 54 1.57 -8.46 12.97
C GLU G 54 2.91 -9.19 13.03
N ASP G 55 3.22 -9.98 12.01
CA ASP G 55 4.47 -10.74 12.02
C ASP G 55 5.68 -9.79 12.04
N LYS G 56 5.68 -8.83 11.13
CA LYS G 56 6.76 -7.86 10.99
C LYS G 56 6.93 -7.03 12.27
N LEU G 57 5.80 -6.66 12.87
CA LEU G 57 5.77 -5.95 14.14
C LEU G 57 6.50 -6.76 15.22
N LYS G 58 6.09 -8.01 15.39
CA LYS G 58 6.67 -8.87 16.41
C LYS G 58 8.15 -9.11 16.20
N GLY G 59 8.55 -9.33 14.94
CA GLY G 59 9.95 -9.57 14.61
C GLY G 59 10.83 -8.39 15.03
N GLU G 60 10.37 -7.19 14.70
CA GLU G 60 11.13 -5.99 14.97
C GLU G 60 11.26 -5.76 16.49
N MET G 61 10.15 -5.93 17.20
CA MET G 61 10.16 -5.82 18.66
C MET G 61 11.19 -6.77 19.28
N MET G 62 11.16 -8.04 18.88
CA MET G 62 12.06 -9.05 19.43
C MET G 62 13.50 -8.71 19.15
N ASP G 63 13.77 -8.29 17.93
CA ASP G 63 15.12 -7.97 17.49
C ASP G 63 15.67 -6.87 18.40
N LEU G 64 14.85 -5.86 18.65
CA LEU G 64 15.20 -4.78 19.58
C LEU G 64 15.40 -5.27 21.01
N GLN G 65 14.46 -6.08 21.49
CA GLN G 65 14.56 -6.65 22.84
C GLN G 65 15.81 -7.49 23.03
N HIS G 66 16.25 -8.18 21.97
CA HIS G 66 17.49 -8.95 22.03
C HIS G 66 18.75 -8.09 22.19
N GLY G 67 18.65 -6.80 21.88
CA GLY G 67 19.71 -5.83 22.16
C GLY G 67 19.58 -5.08 23.47
N SER G 68 18.63 -5.48 24.34
CA SER G 68 18.33 -4.77 25.61
C SER G 68 19.53 -4.58 26.52
N LEU G 69 20.45 -5.53 26.52
CA LEU G 69 21.66 -5.44 27.36
C LEU G 69 22.50 -4.22 26.99
N PHE G 70 22.42 -3.80 25.73
CA PHE G 70 23.20 -2.67 25.25
C PHE G 70 22.39 -1.38 25.25
N LEU G 71 21.20 -1.41 25.82
CA LEU G 71 20.31 -0.25 25.82
C LEU G 71 19.94 0.15 27.25
N ARG G 72 19.38 1.34 27.41
CA ARG G 72 18.91 1.81 28.73
C ARG G 72 17.45 2.27 28.64
N THR G 73 16.68 1.49 27.89
CA THR G 73 15.24 1.64 27.76
C THR G 73 14.63 0.29 28.18
N PRO G 74 14.22 0.14 29.44
CA PRO G 74 13.94 -1.17 30.01
C PRO G 74 12.65 -1.87 29.57
N LYS G 75 11.71 -1.14 28.99
CA LYS G 75 10.46 -1.73 28.51
C LYS G 75 10.24 -1.41 27.03
N ILE G 76 10.18 -2.45 26.21
CA ILE G 76 9.88 -2.31 24.79
C ILE G 76 8.68 -3.20 24.50
N VAL G 77 7.56 -2.61 24.10
CA VAL G 77 6.35 -3.39 23.78
C VAL G 77 5.84 -3.14 22.35
N SER G 78 4.92 -3.98 21.88
CA SER G 78 4.32 -3.78 20.57
C SER G 78 2.98 -4.45 20.44
N GLY G 79 2.20 -3.97 19.48
CA GLY G 79 0.90 -4.55 19.20
C GLY G 79 0.12 -3.72 18.21
N LYS G 80 -0.79 -4.37 17.49
CA LYS G 80 -1.69 -3.67 16.59
C LYS G 80 -2.77 -2.94 17.39
N ASP G 81 -3.03 -3.40 18.61
CA ASP G 81 -4.00 -2.76 19.48
C ASP G 81 -3.32 -1.56 20.14
N TYR G 82 -4.02 -0.42 20.11
CA TYR G 82 -3.46 0.84 20.59
C TYR G 82 -3.37 0.96 22.11
N ASN G 83 -3.86 -0.04 22.84
CA ASN G 83 -3.66 -0.10 24.29
C ASN G 83 -2.19 -0.19 24.72
N VAL G 84 -1.31 -0.72 23.86
CA VAL G 84 0.13 -0.71 24.15
C VAL G 84 0.75 0.69 24.09
N THR G 85 0.05 1.65 23.48
CA THR G 85 0.59 3.02 23.33
C THR G 85 0.21 3.97 24.48
N ALA G 86 -0.52 3.46 25.47
CA ALA G 86 -1.18 4.33 26.46
C ALA G 86 -0.19 5.21 27.23
N ASN G 87 -0.62 6.43 27.54
CA ASN G 87 0.17 7.36 28.35
C ASN G 87 1.51 7.74 27.71
N SER G 88 1.52 7.87 26.38
CA SER G 88 2.72 8.24 25.66
C SER G 88 2.91 9.76 25.69
N LYS G 89 4.08 10.20 26.11
CA LYS G 89 4.46 11.62 25.99
C LYS G 89 4.57 12.07 24.53
N LEU G 90 5.05 11.18 23.68
CA LEU G 90 5.34 11.51 22.29
C LEU G 90 4.94 10.37 21.38
N VAL G 91 4.15 10.67 20.35
CA VAL G 91 3.74 9.65 19.41
C VAL G 91 4.15 10.06 18.01
N ILE G 92 4.91 9.17 17.39
CA ILE G 92 5.59 9.44 16.14
C ILE G 92 4.95 8.61 15.03
N ILE G 93 4.35 9.29 14.06
CA ILE G 93 3.62 8.62 12.99
C ILE G 93 4.46 8.53 11.74
N THR G 94 4.91 7.32 11.40
CA THR G 94 5.72 7.07 10.20
C THR G 94 5.03 6.12 9.20
N ALA G 95 3.82 5.70 9.50
CA ALA G 95 3.11 4.76 8.65
C ALA G 95 2.64 5.40 7.33
N GLY G 96 2.55 4.59 6.28
CA GLY G 96 1.96 5.03 5.03
C GLY G 96 2.84 4.74 3.84
N ALA G 97 2.23 4.80 2.65
CA ALA G 97 2.94 4.64 1.39
C ALA G 97 4.07 5.65 1.29
N ARG G 98 5.17 5.23 0.69
CA ARG G 98 6.31 6.10 0.42
C ARG G 98 6.39 6.33 -1.08
N GLN G 99 7.01 7.43 -1.50
CA GLN G 99 7.12 7.73 -2.92
C GLN G 99 8.23 6.88 -3.55
N GLN G 100 7.90 6.20 -4.65
CA GLN G 100 8.92 5.46 -5.41
C GLN G 100 9.53 6.38 -6.45
N GLU G 101 10.51 5.86 -7.18
CA GLU G 101 11.31 6.65 -8.12
C GLU G 101 10.47 7.52 -9.04
N GLY G 102 10.66 8.83 -8.96
CA GLY G 102 10.01 9.78 -9.86
C GLY G 102 8.50 9.83 -9.69
N GLU G 103 8.05 9.82 -8.44
CA GLU G 103 6.61 9.80 -8.14
C GLU G 103 6.10 11.15 -7.63
N SER G 104 6.81 11.72 -6.66
CA SER G 104 6.35 12.93 -5.94
C SER G 104 5.61 12.55 -4.65
N ARG G 105 5.92 13.26 -3.58
CA ARG G 105 5.26 13.03 -2.29
C ARG G 105 3.79 13.42 -2.36
N LEU G 106 3.44 14.24 -3.34
CA LEU G 106 2.07 14.73 -3.49
C LEU G 106 1.12 13.70 -4.10
N ASN G 107 1.67 12.64 -4.68
CA ASN G 107 0.87 11.49 -5.14
C ASN G 107 0.47 10.57 -3.97
N LEU G 108 0.94 10.86 -2.76
CA LEU G 108 0.71 10.00 -1.60
C LEU G 108 -0.51 10.41 -0.76
N VAL G 109 -1.16 11.51 -1.13
CA VAL G 109 -2.21 12.10 -0.31
C VAL G 109 -3.39 11.14 -0.05
N GLN G 110 -4.00 10.58 -1.09
CA GLN G 110 -5.19 9.75 -0.88
C GLN G 110 -4.92 8.56 0.02
N ARG G 111 -3.89 7.79 -0.31
CA ARG G 111 -3.49 6.64 0.51
C ARG G 111 -3.27 7.04 1.96
N ASN G 112 -2.51 8.10 2.18
CA ASN G 112 -2.06 8.42 3.54
C ASN G 112 -3.05 9.20 4.41
N VAL G 113 -3.88 10.04 3.80
CA VAL G 113 -4.98 10.69 4.52
C VAL G 113 -5.95 9.61 5.01
N ASN G 114 -6.22 8.63 4.15
CA ASN G 114 -7.09 7.53 4.48
C ASN G 114 -6.56 6.72 5.66
N ILE G 115 -5.26 6.41 5.62
CA ILE G 115 -4.59 5.72 6.73
C ILE G 115 -4.66 6.51 8.04
N PHE G 116 -4.43 7.82 7.96
CA PHE G 116 -4.44 8.70 9.13
C PHE G 116 -5.80 8.78 9.82
N LYS G 117 -6.87 8.50 9.08
CA LYS G 117 -8.22 8.44 9.65
C LYS G 117 -8.42 7.28 10.63
N PHE G 118 -7.77 6.14 10.39
CA PHE G 118 -7.76 5.04 11.38
C PHE G 118 -6.82 5.36 12.54
N ILE G 119 -5.60 5.81 12.21
CA ILE G 119 -4.54 5.93 13.21
C ILE G 119 -4.83 7.00 14.26
N ILE G 120 -5.01 8.24 13.80
CA ILE G 120 -5.05 9.42 14.68
C ILE G 120 -6.09 9.28 15.83
N PRO G 121 -7.36 8.93 15.53
CA PRO G 121 -8.33 8.73 16.63
C PRO G 121 -7.87 7.70 17.68
N ASN G 122 -7.25 6.60 17.24
CA ASN G 122 -6.72 5.59 18.18
C ASN G 122 -5.58 6.11 19.07
N VAL G 123 -4.63 6.84 18.47
CA VAL G 123 -3.53 7.49 19.21
C VAL G 123 -4.10 8.40 20.29
N VAL G 124 -4.95 9.33 19.90
CA VAL G 124 -5.50 10.31 20.83
C VAL G 124 -6.39 9.68 21.91
N LYS G 125 -7.04 8.57 21.59
CA LYS G 125 -7.84 7.85 22.57
C LYS G 125 -6.96 7.44 23.75
N TYR G 126 -5.81 6.82 23.45
CA TYR G 126 -4.96 6.24 24.48
C TYR G 126 -3.85 7.17 25.02
N SER G 127 -3.57 8.27 24.33
CA SER G 127 -2.60 9.26 24.81
C SER G 127 -3.10 10.66 24.50
N PRO G 128 -4.15 11.09 25.22
CA PRO G 128 -4.79 12.37 24.91
C PRO G 128 -3.92 13.59 25.20
N ASN G 129 -2.91 13.43 26.06
CA ASN G 129 -1.96 14.52 26.37
C ASN G 129 -0.63 14.41 25.65
N CYS G 130 -0.54 13.62 24.60
CA CYS G 130 0.75 13.46 23.92
C CYS G 130 1.04 14.61 22.96
N LYS G 131 2.29 14.67 22.52
CA LYS G 131 2.66 15.48 21.35
C LYS G 131 2.70 14.54 20.16
N LEU G 132 2.08 14.95 19.06
CA LEU G 132 2.08 14.18 17.84
C LEU G 132 3.19 14.69 16.95
N LEU G 133 4.11 13.79 16.61
CA LEU G 133 5.17 14.10 15.66
C LEU G 133 4.90 13.34 14.36
N ILE G 134 4.53 14.07 13.31
CA ILE G 134 4.20 13.48 12.02
C ILE G 134 5.45 13.38 11.13
N VAL G 135 5.60 12.25 10.46
CA VAL G 135 6.76 11.98 9.59
C VAL G 135 6.32 11.51 8.19
N SER G 136 5.21 10.78 8.12
CA SER G 136 4.68 10.26 6.86
C SER G 136 4.50 11.37 5.82
N ASN G 137 4.72 11.05 4.55
CA ASN G 137 4.62 12.04 3.48
C ASN G 137 3.25 12.05 2.81
N PRO G 138 2.83 13.23 2.32
CA PRO G 138 3.52 14.52 2.42
C PRO G 138 3.35 15.13 3.82
N VAL G 139 4.45 15.28 4.53
CA VAL G 139 4.43 15.60 5.96
C VAL G 139 3.65 16.87 6.33
N ASP G 140 3.85 17.92 5.56
CA ASP G 140 3.18 19.18 5.84
C ASP G 140 1.67 18.98 5.72
N ILE G 141 1.23 18.41 4.61
CA ILE G 141 -0.20 18.08 4.43
C ILE G 141 -0.71 17.22 5.59
N LEU G 142 0.07 16.22 5.97
CA LEU G 142 -0.39 15.21 6.92
C LEU G 142 -0.33 15.70 8.36
N THR G 143 0.53 16.69 8.62
CA THR G 143 0.53 17.37 9.90
C THR G 143 -0.81 18.10 10.05
N TYR G 144 -1.21 18.84 9.02
CA TYR G 144 -2.51 19.55 9.02
C TYR G 144 -3.67 18.59 9.26
N VAL G 145 -3.65 17.48 8.54
CA VAL G 145 -4.66 16.44 8.68
C VAL G 145 -4.67 15.85 10.10
N ALA G 146 -3.48 15.50 10.59
CA ALA G 146 -3.37 14.98 11.94
C ALA G 146 -3.98 15.97 12.94
N TRP G 147 -3.71 17.26 12.72
CA TRP G 147 -4.26 18.32 13.55
C TRP G 147 -5.79 18.32 13.52
N LYS G 148 -6.35 18.35 12.31
CA LYS G 148 -7.80 18.41 12.15
C LYS G 148 -8.51 17.21 12.74
N ILE G 149 -7.96 16.02 12.53
CA ILE G 149 -8.56 14.79 13.03
C ILE G 149 -8.39 14.63 14.53
N SER G 150 -7.25 15.05 15.06
CA SER G 150 -6.94 14.80 16.46
C SER G 150 -7.76 15.64 17.42
N GLY G 151 -8.16 16.84 16.99
CA GLY G 151 -8.76 17.81 17.91
C GLY G 151 -7.77 18.48 18.87
N PHE G 152 -6.48 18.19 18.71
CA PHE G 152 -5.43 18.78 19.56
C PHE G 152 -5.20 20.26 19.24
N PRO G 153 -4.72 21.03 20.23
CA PRO G 153 -4.25 22.37 19.94
C PRO G 153 -2.96 22.30 19.13
N LYS G 154 -2.76 23.29 18.27
CA LYS G 154 -1.75 23.21 17.23
C LYS G 154 -0.31 23.03 17.75
N ASN G 155 -0.03 23.51 18.96
CA ASN G 155 1.28 23.35 19.57
C ASN G 155 1.72 21.89 19.73
N ARG G 156 0.75 20.98 19.89
CA ARG G 156 1.02 19.57 20.11
C ARG G 156 0.92 18.70 18.84
N VAL G 157 0.91 19.31 17.67
CA VAL G 157 0.91 18.55 16.41
C VAL G 157 2.04 19.07 15.50
N ILE G 158 3.13 18.34 15.48
CA ILE G 158 4.36 18.80 14.86
C ILE G 158 4.73 17.90 13.70
N GLY G 159 5.18 18.51 12.61
CA GLY G 159 5.69 17.76 11.47
C GLY G 159 7.20 17.84 11.41
N SER G 160 7.83 16.70 11.13
CA SER G 160 9.28 16.65 11.01
C SER G 160 9.83 17.70 10.05
N GLY G 161 9.08 17.97 8.98
CA GLY G 161 9.27 19.17 8.18
C GLY G 161 10.66 19.36 7.61
N CYS G 162 11.19 20.58 7.74
CA CYS G 162 12.48 20.93 7.09
C CYS G 162 13.73 20.81 8.00
N ASN G 163 13.56 20.19 9.17
CA ASN G 163 14.72 19.84 10.02
C ASN G 163 15.72 19.04 9.19
N LEU G 164 15.20 18.09 8.44
CA LEU G 164 16.01 17.22 7.60
C LEU G 164 16.61 18.00 6.43
N ASP G 165 15.77 18.78 5.75
CA ASP G 165 16.22 19.56 4.59
C ASP G 165 17.34 20.51 5.00
N SER G 166 17.17 21.11 6.18
CA SER G 166 18.16 22.02 6.74
C SER G 166 19.43 21.28 7.14
N ALA G 167 19.27 20.06 7.66
CA ALA G 167 20.42 19.18 7.96
C ALA G 167 21.20 18.87 6.70
N ARG G 168 20.46 18.51 5.64
CA ARG G 168 21.08 18.22 4.36
C ARG G 168 21.76 19.48 3.83
N PHE G 169 21.04 20.59 3.91
CA PHE G 169 21.59 21.89 3.50
C PHE G 169 22.91 22.18 4.20
N ARG G 170 22.95 21.93 5.51
CA ARG G 170 24.13 22.25 6.29
C ARG G 170 25.29 21.31 6.00
N TYR G 171 24.99 20.03 5.80
CA TYR G 171 25.99 19.06 5.35
C TYR G 171 26.66 19.52 4.05
N LEU G 172 25.87 19.92 3.07
CA LEU G 172 26.42 20.32 1.76
C LEU G 172 27.20 21.61 1.88
N MET G 173 26.67 22.53 2.69
CA MET G 173 27.36 23.76 3.04
C MET G 173 28.74 23.46 3.67
N GLY G 174 28.76 22.54 4.65
CA GLY G 174 30.00 22.14 5.32
C GLY G 174 31.04 21.52 4.39
N GLU G 175 30.54 20.73 3.45
CA GLU G 175 31.41 20.10 2.48
C GLU G 175 32.12 21.18 1.61
N ARG G 176 31.37 22.21 1.20
CA ARG G 176 31.92 23.29 0.37
C ARG G 176 32.92 24.17 1.13
N LEU G 177 32.70 24.38 2.42
CA LEU G 177 33.51 25.32 3.20
C LEU G 177 34.64 24.67 4.01
N GLY G 178 34.62 23.33 4.14
CA GLY G 178 35.58 22.62 4.99
C GLY G 178 35.28 22.87 6.47
N VAL G 179 34.00 23.00 6.78
CA VAL G 179 33.55 23.25 8.15
C VAL G 179 32.49 22.22 8.52
N HIS G 180 32.51 21.80 9.79
CA HIS G 180 31.47 20.91 10.30
C HIS G 180 30.08 21.55 10.21
N PRO G 181 29.07 20.76 9.78
CA PRO G 181 27.72 21.32 9.66
C PRO G 181 27.18 22.00 10.93
N LEU G 182 27.58 21.55 12.12
CA LEU G 182 27.24 22.20 13.40
C LEU G 182 27.61 23.68 13.42
N SER G 183 28.74 24.02 12.80
CA SER G 183 29.20 25.41 12.74
C SER G 183 28.76 26.13 11.45
N CYS G 184 28.09 25.41 10.54
CA CYS G 184 27.54 26.00 9.31
C CYS G 184 26.07 26.24 9.52
N HIS G 185 25.60 27.47 9.37
CA HIS G 185 24.20 27.79 9.63
C HIS G 185 23.49 28.27 8.40
N GLY G 186 22.31 27.72 8.19
CA GLY G 186 21.50 28.02 7.04
C GLY G 186 20.23 27.22 7.12
N TRP G 187 19.14 27.84 6.68
CA TRP G 187 17.79 27.35 6.93
C TRP G 187 17.04 27.10 5.63
N VAL G 188 16.41 25.94 5.54
CA VAL G 188 15.47 25.67 4.48
C VAL G 188 14.09 25.64 5.12
N LEU G 189 13.21 26.50 4.62
CA LEU G 189 11.85 26.61 5.14
C LEU G 189 10.82 26.23 4.08
N GLY G 190 9.55 26.18 4.47
CA GLY G 190 8.47 25.95 3.53
C GLY G 190 8.08 24.49 3.46
N GLU G 191 7.84 24.01 2.25
CA GLU G 191 7.46 22.62 2.04
C GLU G 191 8.65 21.72 2.24
N HIS G 192 8.45 20.63 2.97
CA HIS G 192 9.38 19.52 2.88
C HIS G 192 9.09 18.86 1.54
N GLY G 193 9.72 19.37 0.48
CA GLY G 193 9.40 18.99 -0.88
C GLY G 193 9.91 20.00 -1.89
N ASP G 194 9.36 19.94 -3.10
CA ASP G 194 9.88 20.68 -4.25
C ASP G 194 9.88 22.19 -4.07
N SER G 195 8.91 22.73 -3.33
CA SER G 195 8.81 24.20 -3.20
C SER G 195 9.57 24.78 -1.99
N SER G 196 10.50 23.99 -1.42
CA SER G 196 11.37 24.44 -0.30
C SER G 196 12.02 25.78 -0.56
N VAL G 197 12.25 26.56 0.49
CA VAL G 197 12.81 27.89 0.36
C VAL G 197 14.15 28.03 1.09
N PRO G 198 15.25 28.22 0.34
CA PRO G 198 16.52 28.41 1.02
C PRO G 198 16.67 29.88 1.43
N VAL G 199 16.99 30.13 2.69
CA VAL G 199 17.09 31.48 3.22
C VAL G 199 18.55 31.95 3.14
N TRP G 200 18.94 32.39 1.94
CA TRP G 200 20.32 32.82 1.66
C TRP G 200 20.75 33.93 2.62
N SER G 201 19.81 34.82 2.92
CA SER G 201 20.04 36.00 3.75
C SER G 201 20.42 35.72 5.20
N GLY G 202 20.08 34.52 5.69
CA GLY G 202 20.47 34.12 7.03
C GLY G 202 21.65 33.16 7.07
N MET G 203 22.17 32.73 5.92
CA MET G 203 23.27 31.77 5.90
C MET G 203 24.57 32.37 6.44
N ASN G 204 25.22 31.64 7.34
CA ASN G 204 26.42 32.18 8.01
C ASN G 204 27.27 31.12 8.71
N VAL G 205 28.53 31.49 8.91
CA VAL G 205 29.50 30.79 9.74
C VAL G 205 30.03 31.81 10.76
N ALA G 206 30.12 31.43 12.03
CA ALA G 206 30.54 32.33 13.11
C ALA G 206 29.87 33.72 13.09
N GLY G 207 28.63 33.75 12.63
CA GLY G 207 27.87 35.00 12.54
C GLY G 207 28.15 35.88 11.35
N VAL G 208 28.98 35.45 10.42
CA VAL G 208 29.28 36.32 9.26
C VAL G 208 28.34 35.95 8.12
N SER G 209 27.59 36.95 7.65
CA SER G 209 26.59 36.75 6.62
C SER G 209 27.27 36.41 5.30
N LEU G 210 26.97 35.22 4.78
CA LEU G 210 27.51 34.81 3.50
C LEU G 210 27.00 35.68 2.35
N LYS G 211 25.76 36.17 2.43
CA LYS G 211 25.23 37.05 1.37
C LYS G 211 25.96 38.38 1.29
N THR G 212 26.40 38.91 2.42
CA THR G 212 27.16 40.17 2.43
C THR G 212 28.50 39.96 1.73
N LEU G 213 29.23 38.93 2.13
CA LEU G 213 30.50 38.58 1.48
C LEU G 213 30.30 38.30 0.00
N HIS G 214 29.24 37.55 -0.31
CA HIS G 214 29.00 37.09 -1.68
C HIS G 214 27.59 37.51 -2.10
N PRO G 215 27.45 38.75 -2.62
CA PRO G 215 26.14 39.30 -2.94
C PRO G 215 25.29 38.48 -3.90
N ASP G 216 25.93 37.77 -4.83
CA ASP G 216 25.22 36.91 -5.80
C ASP G 216 24.84 35.52 -5.27
N LEU G 217 24.91 35.32 -3.94
CA LEU G 217 24.71 33.99 -3.32
C LEU G 217 23.50 33.20 -3.83
N GLY G 218 22.30 33.78 -3.72
CA GLY G 218 21.07 33.07 -4.10
C GLY G 218 20.67 33.09 -5.58
N THR G 219 21.49 33.73 -6.41
CA THR G 219 21.12 34.07 -7.79
C THR G 219 21.74 33.09 -8.78
N ASP G 220 21.13 32.98 -9.97
CA ASP G 220 21.83 32.42 -11.12
C ASP G 220 22.88 33.45 -11.58
N LYS G 221 23.80 32.99 -12.42
CA LYS G 221 25.00 33.77 -12.74
C LYS G 221 25.71 34.19 -11.44
N ASP G 222 26.05 33.15 -10.68
CA ASP G 222 26.88 33.22 -9.49
C ASP G 222 27.93 32.17 -9.79
N LYS G 223 29.18 32.58 -9.96
CA LYS G 223 30.22 31.65 -10.41
C LYS G 223 30.17 30.31 -9.70
N GLU G 224 29.93 30.35 -8.39
CA GLU G 224 29.98 29.15 -7.56
C GLU G 224 28.67 28.36 -7.54
N GLN G 225 27.63 28.87 -8.19
CA GLN G 225 26.39 28.11 -8.39
C GLN G 225 25.77 27.63 -7.07
N TRP G 226 25.72 28.49 -6.07
CA TRP G 226 25.23 28.06 -4.74
C TRP G 226 23.77 27.62 -4.74
N LYS G 227 22.99 28.13 -5.69
CA LYS G 227 21.61 27.68 -5.90
C LYS G 227 21.54 26.15 -6.12
N GLU G 228 22.62 25.57 -6.64
CA GLU G 228 22.74 24.12 -6.82
C GLU G 228 22.68 23.33 -5.50
N VAL G 229 23.22 23.90 -4.42
CA VAL G 229 23.12 23.29 -3.10
C VAL G 229 21.65 23.04 -2.77
N HIS G 230 20.81 24.05 -2.96
CA HIS G 230 19.39 23.92 -2.66
C HIS G 230 18.73 22.94 -3.62
N LYS G 231 19.17 22.96 -4.87
CA LYS G 231 18.74 21.99 -5.87
C LYS G 231 18.97 20.56 -5.35
N GLN G 232 20.17 20.30 -4.85
CA GLN G 232 20.51 18.99 -4.28
C GLN G 232 19.69 18.67 -3.02
N VAL G 233 19.34 19.68 -2.23
CA VAL G 233 18.45 19.45 -1.09
C VAL G 233 17.07 18.99 -1.58
N VAL G 234 16.56 19.68 -2.59
CA VAL G 234 15.27 19.30 -3.21
C VAL G 234 15.30 17.89 -3.80
N GLU G 235 16.33 17.59 -4.58
CA GLU G 235 16.43 16.30 -5.28
C GLU G 235 16.95 15.14 -4.42
N SER G 236 17.46 15.48 -3.24
CA SER G 236 18.04 14.54 -2.30
C SER G 236 17.27 13.22 -2.09
N ALA G 237 16.00 13.31 -1.72
CA ALA G 237 15.19 12.12 -1.47
C ALA G 237 15.01 11.29 -2.75
N TYR G 238 14.96 11.96 -3.90
CA TYR G 238 14.79 11.27 -5.17
C TYR G 238 16.05 10.51 -5.57
N GLU G 239 17.21 11.13 -5.39
CA GLU G 239 18.48 10.45 -5.66
C GLU G 239 18.62 9.22 -4.75
N VAL G 240 18.40 9.43 -3.46
CA VAL G 240 18.56 8.35 -2.49
C VAL G 240 17.57 7.21 -2.77
N ILE G 241 16.32 7.55 -3.04
CA ILE G 241 15.32 6.56 -3.42
C ILE G 241 15.73 5.83 -4.72
N LYS G 242 16.18 6.57 -5.72
CA LYS G 242 16.71 5.97 -6.95
C LYS G 242 17.80 4.94 -6.63
N LEU G 243 18.68 5.28 -5.70
CA LEU G 243 19.85 4.45 -5.40
C LEU G 243 19.54 3.26 -4.47
N LYS G 244 18.89 3.48 -3.33
CA LYS G 244 18.60 2.37 -2.40
C LYS G 244 17.11 2.03 -2.24
N GLY G 245 16.22 2.77 -2.90
CA GLY G 245 14.79 2.44 -2.88
C GLY G 245 13.94 3.24 -1.89
N TYR G 246 14.57 3.82 -0.89
CA TYR G 246 13.86 4.57 0.16
C TYR G 246 14.89 5.34 0.98
N THR G 247 14.43 6.28 1.80
CA THR G 247 15.32 7.00 2.72
C THR G 247 14.89 6.66 4.15
N SER G 248 15.85 6.48 5.05
CA SER G 248 15.57 6.04 6.42
C SER G 248 16.48 6.65 7.49
N TRP G 249 17.80 6.58 7.28
CA TRP G 249 18.74 6.95 8.35
C TRP G 249 18.71 8.42 8.70
N ALA G 250 18.78 9.29 7.69
CA ALA G 250 18.79 10.73 7.94
C ALA G 250 17.52 11.19 8.66
N ILE G 251 16.36 10.74 8.18
CA ILE G 251 15.09 11.07 8.85
C ILE G 251 15.00 10.49 10.27
N GLY G 252 15.58 9.30 10.46
CA GLY G 252 15.63 8.69 11.79
C GLY G 252 16.36 9.58 12.79
N LEU G 253 17.48 10.12 12.35
CA LEU G 253 18.29 11.00 13.16
C LEU G 253 17.59 12.34 13.36
N SER G 254 16.95 12.86 12.31
CA SER G 254 16.24 14.14 12.38
C SER G 254 15.07 14.05 13.36
N VAL G 255 14.33 12.95 13.31
CA VAL G 255 13.24 12.73 14.26
C VAL G 255 13.76 12.63 15.68
N ALA G 256 14.83 11.88 15.85
CA ALA G 256 15.47 11.76 17.16
C ALA G 256 15.86 13.13 17.72
N ASP G 257 16.45 13.97 16.85
CA ASP G 257 16.82 15.34 17.19
C ASP G 257 15.64 16.15 17.71
N LEU G 258 14.49 16.02 17.04
CA LEU G 258 13.28 16.73 17.44
C LEU G 258 12.71 16.13 18.73
N ALA G 259 12.72 14.81 18.82
CA ALA G 259 12.26 14.10 20.03
C ALA G 259 13.12 14.47 21.25
N GLU G 260 14.42 14.72 21.02
CA GLU G 260 15.32 15.13 22.08
C GLU G 260 14.90 16.47 22.66
N SER G 261 14.69 17.45 21.79
CA SER G 261 14.25 18.77 22.23
C SER G 261 12.92 18.71 22.95
N ILE G 262 12.02 17.85 22.47
CA ILE G 262 10.69 17.69 23.08
C ILE G 262 10.79 16.99 24.42
N MET G 263 11.42 15.82 24.46
CA MET G 263 11.46 15.02 25.68
C MET G 263 12.29 15.66 26.80
N LYS G 264 13.30 16.43 26.46
CA LYS G 264 14.17 17.08 27.48
C LYS G 264 13.85 18.55 27.71
N ASN G 265 12.77 19.02 27.09
CA ASN G 265 12.31 20.40 27.23
C ASN G 265 13.38 21.45 26.92
N LEU G 266 14.11 21.25 25.83
CA LEU G 266 15.32 22.02 25.61
C LEU G 266 15.03 23.46 25.16
N ARG G 267 13.93 23.65 24.42
CA ARG G 267 13.61 24.94 23.81
C ARG G 267 14.69 25.35 22.79
N ARG G 268 15.12 24.38 22.00
CA ARG G 268 15.91 24.63 20.82
C ARG G 268 14.99 25.05 19.69
N VAL G 269 15.56 25.74 18.71
CA VAL G 269 14.80 26.16 17.53
C VAL G 269 15.03 25.16 16.38
N HIS G 270 13.93 24.66 15.80
CA HIS G 270 13.97 23.74 14.64
C HIS G 270 12.95 24.19 13.60
N PRO G 271 13.26 24.02 12.32
CA PRO G 271 12.26 24.27 11.30
C PRO G 271 11.35 23.04 11.17
N VAL G 272 10.11 23.17 11.65
CA VAL G 272 9.12 22.09 11.63
C VAL G 272 7.76 22.58 11.13
N SER G 273 6.91 21.63 10.75
CA SER G 273 5.63 21.94 10.14
C SER G 273 4.64 22.43 11.19
N THR G 274 4.11 23.63 10.95
CA THR G 274 3.13 24.22 11.86
C THR G 274 2.31 25.28 11.15
N MET G 275 1.25 25.74 11.81
CA MET G 275 0.44 26.83 11.27
C MET G 275 1.18 28.16 11.35
N ILE G 276 1.28 28.82 10.18
CA ILE G 276 1.94 30.13 10.08
C ILE G 276 0.99 31.25 9.64
N LYS G 277 -0.31 31.03 9.78
CA LYS G 277 -1.30 32.09 9.55
C LYS G 277 -0.94 33.33 10.37
N GLY G 278 -1.05 34.50 9.74
CA GLY G 278 -0.83 35.78 10.42
C GLY G 278 0.56 36.36 10.21
N LEU G 279 1.50 35.53 9.74
CA LEU G 279 2.89 35.98 9.55
C LEU G 279 3.11 36.52 8.14
N TYR G 280 3.70 35.70 7.27
CA TYR G 280 4.42 36.22 6.09
C TYR G 280 3.46 36.61 4.96
N GLY G 281 2.46 37.43 5.29
CA GLY G 281 1.40 37.77 4.35
C GLY G 281 0.50 36.58 4.07
N ILE G 282 0.58 35.57 4.93
CA ILE G 282 -0.10 34.33 4.70
C ILE G 282 -1.33 34.27 5.60
N LYS G 283 -2.50 34.16 4.98
CA LYS G 283 -3.74 33.89 5.69
C LYS G 283 -3.84 32.38 5.56
N ASP G 284 -4.98 31.77 5.86
CA ASP G 284 -5.11 30.30 5.73
C ASP G 284 -4.36 29.52 6.81
N ASP G 285 -4.92 28.36 7.12
CA ASP G 285 -4.37 27.48 8.15
C ASP G 285 -3.29 26.54 7.61
N VAL G 286 -2.48 27.02 6.67
CA VAL G 286 -1.49 26.15 6.02
C VAL G 286 -0.39 25.74 7.00
N PHE G 287 0.01 24.47 6.94
CA PHE G 287 1.10 23.95 7.77
C PHE G 287 2.28 23.81 6.85
N LEU G 288 3.40 24.40 7.27
CA LEU G 288 4.68 24.25 6.58
C LEU G 288 5.78 24.65 7.55
N SER G 289 7.03 24.54 7.13
CA SER G 289 8.14 24.71 8.07
C SER G 289 8.58 26.16 8.26
N VAL G 290 8.66 26.54 9.53
CA VAL G 290 9.20 27.82 9.98
C VAL G 290 10.01 27.50 11.25
N PRO G 291 11.04 28.30 11.60
CA PRO G 291 11.74 27.93 12.83
C PRO G 291 10.87 28.11 14.07
N CYS G 292 10.83 27.07 14.92
CA CYS G 292 9.94 26.99 16.08
C CYS G 292 10.74 26.57 17.32
N ILE G 293 10.37 27.11 18.48
CA ILE G 293 10.95 26.67 19.73
C ILE G 293 10.23 25.40 20.15
N LEU G 294 11.00 24.34 20.39
CA LEU G 294 10.47 23.02 20.74
C LEU G 294 10.81 22.60 22.14
N GLY G 295 9.80 22.15 22.86
CA GLY G 295 9.98 21.71 24.24
C GLY G 295 8.90 20.74 24.67
N GLN G 296 8.66 20.68 25.97
CA GLN G 296 7.77 19.66 26.55
C GLN G 296 6.30 19.86 26.18
N ASN G 297 5.93 21.08 25.77
CA ASN G 297 4.57 21.34 25.28
C ASN G 297 4.48 21.44 23.76
N GLY G 298 5.51 20.94 23.08
CA GLY G 298 5.53 20.94 21.63
C GLY G 298 6.09 22.26 21.15
N ILE G 299 5.43 22.86 20.18
CA ILE G 299 5.80 24.18 19.65
C ILE G 299 5.20 25.26 20.56
N SER G 300 6.04 25.93 21.34
CA SER G 300 5.58 26.97 22.23
C SER G 300 5.65 28.35 21.58
N ASP G 301 6.43 28.45 20.50
CA ASP G 301 6.75 29.75 19.92
C ASP G 301 7.22 29.59 18.49
N LEU G 302 6.96 30.60 17.67
CA LEU G 302 7.46 30.66 16.29
C LEU G 302 8.48 31.78 16.18
N VAL G 303 9.57 31.53 15.47
CA VAL G 303 10.54 32.58 15.18
C VAL G 303 10.21 33.24 13.84
N LYS G 304 10.06 34.56 13.87
CA LYS G 304 9.73 35.32 12.67
C LYS G 304 11.00 35.67 11.91
N VAL G 305 11.23 34.98 10.80
CA VAL G 305 12.44 35.20 10.03
C VAL G 305 12.19 36.36 9.08
N THR G 306 13.05 37.35 9.13
CA THR G 306 12.98 38.44 8.18
C THR G 306 13.53 37.92 6.87
N LEU G 307 12.72 37.93 5.82
CA LEU G 307 13.13 37.43 4.53
C LEU G 307 13.34 38.59 3.57
N THR G 308 14.19 38.39 2.57
CA THR G 308 14.21 39.27 1.40
C THR G 308 12.88 39.17 0.66
N SER G 309 12.63 40.11 -0.25
CA SER G 309 11.41 40.11 -1.05
C SER G 309 11.26 38.81 -1.83
N GLU G 310 12.38 38.34 -2.39
CA GLU G 310 12.39 37.08 -3.14
C GLU G 310 12.11 35.89 -2.24
N GLU G 311 12.80 35.82 -1.10
CA GLU G 311 12.61 34.71 -0.16
C GLU G 311 11.17 34.69 0.35
N GLU G 312 10.61 35.88 0.61
CA GLU G 312 9.19 36.06 0.87
C GLU G 312 8.32 35.41 -0.20
N ALA G 313 8.58 35.79 -1.45
CA ALA G 313 7.79 35.34 -2.60
C ALA G 313 7.81 33.82 -2.70
N ARG G 314 8.99 33.24 -2.56
CA ARG G 314 9.13 31.78 -2.57
C ARG G 314 8.29 31.12 -1.49
N LEU G 315 8.36 31.65 -0.28
CA LEU G 315 7.66 31.02 0.83
C LEU G 315 6.16 31.11 0.65
N LYS G 316 5.69 32.25 0.13
CA LYS G 316 4.27 32.40 -0.16
C LYS G 316 3.82 31.42 -1.22
N LYS G 317 4.67 31.19 -2.21
CA LYS G 317 4.40 30.24 -3.27
C LYS G 317 4.30 28.83 -2.69
N SER G 318 5.27 28.46 -1.86
CA SER G 318 5.27 27.17 -1.20
C SER G 318 4.01 27.02 -0.35
N ALA G 319 3.62 28.09 0.33
CA ALA G 319 2.40 28.11 1.13
C ALA G 319 1.17 27.95 0.25
N ASP G 320 1.10 28.74 -0.82
CA ASP G 320 -0.02 28.70 -1.78
C ASP G 320 -0.19 27.29 -2.37
N THR G 321 0.93 26.64 -2.68
CA THR G 321 0.90 25.30 -3.21
C THR G 321 0.36 24.30 -2.19
N LEU G 322 0.95 24.26 -1.00
CA LEU G 322 0.49 23.33 0.03
C LEU G 322 -0.97 23.56 0.39
N TRP G 323 -1.36 24.83 0.53
CA TRP G 323 -2.75 25.17 0.83
C TRP G 323 -3.70 24.71 -0.26
N GLY G 324 -3.23 24.72 -1.52
CA GLY G 324 -4.03 24.23 -2.64
C GLY G 324 -4.61 22.85 -2.33
N ILE G 325 -3.76 21.98 -1.79
CA ILE G 325 -4.14 20.63 -1.38
C ILE G 325 -4.80 20.63 0.00
N GLN G 326 -4.24 21.38 0.95
CA GLN G 326 -4.77 21.39 2.33
C GLN G 326 -6.20 21.99 2.42
N LYS G 327 -6.47 23.05 1.65
CA LYS G 327 -7.84 23.54 1.38
C LYS G 327 -8.87 22.41 1.28
N GLU G 328 -8.52 21.44 0.45
CA GLU G 328 -9.48 20.46 -0.02
C GLU G 328 -9.85 19.41 1.03
N LEU G 329 -9.21 19.46 2.20
CA LEU G 329 -9.43 18.45 3.25
C LEU G 329 -10.31 18.97 4.38
N GLN G 330 -11.45 18.29 4.61
CA GLN G 330 -12.56 18.82 5.42
C GLN G 330 -13.09 17.90 6.54
N PHE G 331 -13.21 16.59 6.26
CA PHE G 331 -13.74 15.58 7.21
C PHE G 331 -15.23 15.78 7.53
N ALA H 1 38.14 36.53 -5.59
CA ALA H 1 38.44 35.35 -4.75
C ALA H 1 37.13 34.68 -4.32
N THR H 2 37.21 33.40 -3.98
CA THR H 2 36.00 32.62 -3.67
C THR H 2 35.35 33.06 -2.34
N LEU H 3 34.11 32.62 -2.14
CA LEU H 3 33.42 32.87 -0.89
C LEU H 3 34.24 32.28 0.23
N LYS H 4 34.66 31.02 0.03
CA LYS H 4 35.47 30.32 1.04
C LYS H 4 36.73 31.08 1.44
N ASP H 5 37.46 31.59 0.45
CA ASP H 5 38.73 32.26 0.70
C ASP H 5 38.52 33.64 1.35
N GLN H 6 37.39 34.28 1.06
CA GLN H 6 37.00 35.52 1.74
C GLN H 6 36.63 35.26 3.19
N LEU H 7 35.93 34.16 3.40
CA LEU H 7 35.42 33.78 4.71
C LEU H 7 36.52 33.22 5.60
N ILE H 8 37.29 32.31 5.04
CA ILE H 8 38.21 31.47 5.79
C ILE H 8 39.64 31.69 5.34
N TYR H 9 40.52 31.95 6.30
CA TYR H 9 41.95 32.07 6.06
C TYR H 9 42.63 30.77 6.43
N ASN H 10 43.19 30.09 5.44
CA ASN H 10 43.81 28.79 5.65
C ASN H 10 45.18 28.90 6.31
N LEU H 11 45.44 27.98 7.23
CA LEU H 11 46.73 27.95 7.91
C LEU H 11 47.50 26.66 7.59
N LEU H 12 46.81 25.56 7.31
CA LEU H 12 47.49 24.40 6.76
C LEU H 12 46.49 23.35 6.33
N LYS H 13 46.40 23.18 5.01
CA LYS H 13 45.73 22.02 4.46
C LYS H 13 46.81 20.95 4.50
N GLU H 14 46.86 20.24 5.62
CA GLU H 14 48.04 19.46 5.98
C GLU H 14 47.90 18.06 5.41
N GLU H 15 47.01 17.26 5.99
CA GLU H 15 46.74 15.90 5.51
C GLU H 15 45.36 15.47 6.02
N GLN H 16 44.92 14.29 5.59
CA GLN H 16 43.66 13.71 6.08
C GLN H 16 43.91 12.33 6.69
N THR H 17 44.79 12.26 7.67
CA THR H 17 45.13 10.99 8.32
C THR H 17 44.14 10.68 9.45
N PRO H 18 43.20 9.73 9.23
CA PRO H 18 42.24 9.47 10.30
C PRO H 18 42.88 8.60 11.38
N GLN H 19 42.48 8.84 12.64
CA GLN H 19 43.11 8.19 13.79
C GLN H 19 42.33 6.97 14.29
N ASN H 20 41.03 6.98 14.04
CA ASN H 20 40.11 6.00 14.59
C ASN H 20 39.14 5.52 13.52
N LYS H 21 39.68 5.06 12.40
CA LYS H 21 38.84 4.71 11.25
C LYS H 21 38.25 3.30 11.36
N ILE H 22 36.99 3.16 10.96
CA ILE H 22 36.30 1.88 10.94
C ILE H 22 35.64 1.66 9.57
N THR H 23 35.87 0.47 9.00
CA THR H 23 35.20 0.09 7.77
C THR H 23 34.17 -0.99 8.04
N VAL H 24 33.02 -0.89 7.39
CA VAL H 24 32.03 -1.96 7.35
C VAL H 24 31.89 -2.48 5.92
N VAL H 25 32.07 -3.78 5.75
CA VAL H 25 31.99 -4.41 4.44
C VAL H 25 30.64 -5.10 4.32
N GLY H 26 29.87 -4.67 3.32
CA GLY H 26 28.51 -5.14 3.13
C GLY H 26 27.60 -4.15 3.81
N VAL H 27 26.66 -3.57 3.03
CA VAL H 27 25.73 -2.56 3.50
C VAL H 27 24.27 -3.03 3.38
N GLY H 28 24.03 -4.30 3.73
CA GLY H 28 22.68 -4.78 3.87
C GLY H 28 22.13 -4.51 5.27
N ALA H 29 21.12 -5.29 5.65
CA ALA H 29 20.47 -5.08 6.95
C ALA H 29 21.46 -5.06 8.11
N VAL H 30 22.41 -6.01 8.11
CA VAL H 30 23.34 -6.15 9.22
C VAL H 30 24.43 -5.05 9.19
N GLY H 31 25.02 -4.82 8.03
CA GLY H 31 26.02 -3.76 7.88
C GLY H 31 25.54 -2.37 8.29
N MET H 32 24.33 -2.02 7.88
CA MET H 32 23.81 -0.70 8.17
C MET H 32 23.38 -0.54 9.64
N ALA H 33 22.92 -1.63 10.27
CA ALA H 33 22.63 -1.60 11.70
C ALA H 33 23.93 -1.44 12.51
N CYS H 34 24.98 -2.14 12.08
CA CYS H 34 26.29 -1.96 12.70
C CYS H 34 26.74 -0.52 12.49
N ALA H 35 26.52 0.01 11.30
CA ALA H 35 27.02 1.34 10.96
C ALA H 35 26.31 2.39 11.79
N ILE H 36 24.98 2.33 11.81
CA ILE H 36 24.23 3.33 12.57
C ILE H 36 24.63 3.25 14.06
N SER H 37 24.75 2.04 14.58
CA SER H 37 25.10 1.81 15.98
C SER H 37 26.47 2.38 16.33
N ILE H 38 27.42 2.21 15.42
CA ILE H 38 28.77 2.73 15.62
C ILE H 38 28.81 4.25 15.54
N LEU H 39 28.07 4.80 14.58
CA LEU H 39 27.94 6.24 14.43
C LEU H 39 27.35 6.91 15.67
N MET H 40 26.33 6.29 16.26
CA MET H 40 25.66 6.90 17.43
C MET H 40 26.43 6.69 18.74
N LYS H 41 27.48 5.87 18.72
CA LYS H 41 28.32 5.68 19.90
C LYS H 41 29.67 6.41 19.76
N ASP H 42 29.83 7.23 18.73
CA ASP H 42 31.03 8.04 18.51
C ASP H 42 32.31 7.25 18.63
N LEU H 43 32.33 6.10 17.98
CA LEU H 43 33.47 5.19 18.12
C LEU H 43 34.55 5.49 17.11
N ALA H 44 34.19 6.19 16.03
CA ALA H 44 35.11 6.44 14.92
C ALA H 44 35.15 7.90 14.46
N ASP H 45 36.31 8.32 13.93
CA ASP H 45 36.42 9.63 13.28
C ASP H 45 36.27 9.53 11.76
N GLU H 46 36.35 8.32 11.22
CA GLU H 46 35.99 8.09 9.82
C GLU H 46 35.33 6.73 9.66
N LEU H 47 34.28 6.68 8.84
CA LEU H 47 33.55 5.45 8.53
C LEU H 47 33.63 5.19 7.03
N ALA H 48 34.06 3.99 6.63
CA ALA H 48 34.06 3.58 5.21
C ALA H 48 33.09 2.41 4.96
N LEU H 49 32.33 2.50 3.88
CA LEU H 49 31.41 1.45 3.46
C LEU H 49 31.85 0.85 2.14
N VAL H 50 31.74 -0.48 2.04
CA VAL H 50 32.03 -1.15 0.80
C VAL H 50 30.98 -2.22 0.53
N ASP H 51 30.68 -2.44 -0.75
CA ASP H 51 29.73 -3.47 -1.19
C ASP H 51 29.97 -3.63 -2.70
N VAL H 52 29.30 -4.60 -3.30
CA VAL H 52 29.35 -4.80 -4.76
C VAL H 52 28.16 -4.15 -5.48
N ILE H 53 27.03 -3.96 -4.78
CA ILE H 53 25.85 -3.31 -5.40
C ILE H 53 25.98 -1.80 -5.29
N GLU H 54 26.39 -1.18 -6.40
CA GLU H 54 26.81 0.23 -6.42
C GLU H 54 25.67 1.22 -6.13
N ASP H 55 24.51 0.96 -6.73
CA ASP H 55 23.24 1.61 -6.38
C ASP H 55 23.10 1.75 -4.87
N LYS H 56 22.92 0.60 -4.23
CA LYS H 56 22.61 0.52 -2.80
C LYS H 56 23.69 1.19 -1.97
N LEU H 57 24.95 0.91 -2.32
CA LEU H 57 26.08 1.41 -1.55
C LEU H 57 26.09 2.93 -1.51
N LYS H 58 26.00 3.55 -2.69
CA LYS H 58 25.96 5.00 -2.77
C LYS H 58 24.77 5.59 -2.01
N GLY H 59 23.60 4.96 -2.13
CA GLY H 59 22.38 5.44 -1.48
C GLY H 59 22.47 5.43 0.03
N GLU H 60 23.01 4.33 0.58
CA GLU H 60 23.23 4.19 2.01
C GLU H 60 24.22 5.23 2.51
N MET H 61 25.33 5.41 1.78
CA MET H 61 26.33 6.42 2.13
C MET H 61 25.71 7.81 2.21
N MET H 62 24.95 8.18 1.17
CA MET H 62 24.27 9.48 1.11
C MET H 62 23.32 9.65 2.30
N ASP H 63 22.54 8.61 2.60
CA ASP H 63 21.53 8.67 3.65
C ASP H 63 22.18 8.94 5.02
N LEU H 64 23.31 8.28 5.27
CA LEU H 64 24.06 8.49 6.50
C LEU H 64 24.62 9.91 6.54
N GLN H 65 25.24 10.34 5.43
CA GLN H 65 25.84 11.68 5.32
C GLN H 65 24.86 12.80 5.55
N HIS H 66 23.62 12.60 5.10
CA HIS H 66 22.57 13.60 5.32
C HIS H 66 22.20 13.77 6.77
N GLY H 67 22.63 12.83 7.62
CA GLY H 67 22.41 12.94 9.06
C GLY H 67 23.64 13.40 9.80
N SER H 68 24.63 13.93 9.07
CA SER H 68 25.92 14.28 9.65
C SER H 68 25.82 15.35 10.71
N LEU H 69 24.88 16.27 10.54
CA LEU H 69 24.69 17.34 11.50
C LEU H 69 24.46 16.77 12.91
N PHE H 70 23.86 15.59 12.97
CA PHE H 70 23.43 14.97 14.23
C PHE H 70 24.45 13.98 14.77
N LEU H 71 25.60 13.88 14.11
CA LEU H 71 26.61 12.91 14.47
C LEU H 71 27.92 13.64 14.74
N ARG H 72 28.93 12.89 15.18
CA ARG H 72 30.25 13.45 15.48
C ARG H 72 31.33 12.58 14.81
N THR H 73 31.01 12.17 13.59
CA THR H 73 31.89 11.37 12.75
C THR H 73 31.96 12.16 11.44
N PRO H 74 32.98 13.01 11.28
CA PRO H 74 32.99 14.02 10.22
C PRO H 74 33.19 13.50 8.80
N LYS H 75 33.58 12.24 8.66
CA LYS H 75 33.85 11.69 7.34
C LYS H 75 33.23 10.30 7.17
N ILE H 76 32.27 10.23 6.25
CA ILE H 76 31.67 8.99 5.82
C ILE H 76 31.88 8.87 4.32
N VAL H 77 32.45 7.75 3.91
CA VAL H 77 32.75 7.47 2.51
C VAL H 77 32.34 6.06 2.14
N SER H 78 32.30 5.79 0.84
CA SER H 78 31.97 4.47 0.35
C SER H 78 32.53 4.25 -1.03
N GLY H 79 32.50 3.00 -1.47
CA GLY H 79 32.97 2.64 -2.81
C GLY H 79 33.16 1.14 -2.93
N LYS H 80 33.18 0.66 -4.17
CA LYS H 80 33.40 -0.75 -4.45
C LYS H 80 34.90 -1.10 -4.35
N ASP H 81 35.77 -0.15 -4.66
CA ASP H 81 37.21 -0.35 -4.49
C ASP H 81 37.63 -0.09 -3.06
N TYR H 82 38.61 -0.86 -2.60
CA TYR H 82 39.02 -0.84 -1.20
C TYR H 82 39.99 0.27 -0.85
N ASN H 83 40.31 1.14 -1.81
CA ASN H 83 41.16 2.30 -1.52
C ASN H 83 40.51 3.23 -0.48
N VAL H 84 39.17 3.34 -0.52
CA VAL H 84 38.40 4.08 0.48
C VAL H 84 38.53 3.47 1.87
N THR H 85 38.95 2.20 1.93
CA THR H 85 39.05 1.48 3.20
C THR H 85 40.37 1.69 3.92
N ALA H 86 41.30 2.40 3.27
CA ALA H 86 42.69 2.46 3.73
C ALA H 86 42.85 2.91 5.19
N ASN H 87 43.85 2.31 5.84
CA ASN H 87 44.29 2.67 7.21
C ASN H 87 43.21 2.51 8.30
N SER H 88 42.23 1.65 8.06
CA SER H 88 41.20 1.32 9.05
C SER H 88 41.78 0.59 10.24
N LYS H 89 41.47 1.05 11.45
CA LYS H 89 41.82 0.32 12.67
C LYS H 89 40.99 -0.96 12.81
N LEU H 90 39.73 -0.88 12.36
CA LEU H 90 38.80 -1.97 12.54
C LEU H 90 37.99 -2.16 11.27
N VAL H 91 38.05 -3.38 10.72
CA VAL H 91 37.25 -3.74 9.54
C VAL H 91 36.21 -4.79 9.92
N ILE H 92 34.95 -4.47 9.66
CA ILE H 92 33.81 -5.28 10.08
C ILE H 92 33.18 -5.87 8.82
N ILE H 93 33.11 -7.20 8.75
CA ILE H 93 32.66 -7.87 7.54
C ILE H 93 31.29 -8.46 7.79
N THR H 94 30.29 -7.89 7.12
CA THR H 94 28.90 -8.30 7.22
C THR H 94 28.37 -8.92 5.94
N ALA H 95 29.20 -8.95 4.89
CA ALA H 95 28.78 -9.44 3.56
C ALA H 95 28.51 -10.94 3.53
N GLY H 96 27.40 -11.31 2.87
CA GLY H 96 27.15 -12.69 2.51
C GLY H 96 25.69 -13.01 2.44
N ALA H 97 25.37 -14.20 1.94
CA ALA H 97 24.04 -14.76 2.03
C ALA H 97 23.66 -14.99 3.47
N ARG H 98 22.35 -14.91 3.74
CA ARG H 98 21.82 -15.17 5.06
C ARG H 98 20.93 -16.40 5.02
N GLN H 99 20.82 -17.09 6.16
CA GLN H 99 19.94 -18.24 6.31
C GLN H 99 18.50 -17.81 6.02
N GLN H 100 17.80 -18.62 5.25
CA GLN H 100 16.37 -18.42 5.07
C GLN H 100 15.66 -19.20 6.17
N GLU H 101 14.33 -19.05 6.26
CA GLU H 101 13.55 -19.72 7.29
C GLU H 101 13.83 -21.22 7.32
N GLY H 102 14.25 -21.72 8.48
CA GLY H 102 14.53 -23.15 8.66
C GLY H 102 15.90 -23.57 8.16
N GLU H 103 16.60 -22.68 7.47
CA GLU H 103 17.92 -22.99 6.93
C GLU H 103 18.98 -22.81 8.02
N SER H 104 19.96 -23.70 8.05
CA SER H 104 21.09 -23.61 8.98
C SER H 104 22.17 -22.66 8.47
N ARG H 105 22.90 -22.05 9.39
CA ARG H 105 24.02 -21.16 9.06
C ARG H 105 25.19 -21.91 8.40
N LEU H 106 25.26 -23.22 8.65
CA LEU H 106 26.28 -24.07 8.05
C LEU H 106 25.95 -24.35 6.58
N ASN H 107 24.70 -24.15 6.18
CA ASN H 107 24.32 -24.22 4.78
C ASN H 107 24.86 -23.03 3.95
N LEU H 108 25.30 -21.97 4.63
CA LEU H 108 25.83 -20.77 3.95
C LEU H 108 27.32 -20.88 3.57
N VAL H 109 27.97 -21.98 3.94
CA VAL H 109 29.43 -22.03 3.95
C VAL H 109 30.04 -21.77 2.58
N GLN H 110 29.57 -22.52 1.59
CA GLN H 110 30.18 -22.50 0.26
C GLN H 110 30.12 -21.09 -0.33
N ARG H 111 28.91 -20.52 -0.36
CA ARG H 111 28.71 -19.18 -0.91
C ARG H 111 29.58 -18.15 -0.20
N ASN H 112 29.56 -18.17 1.12
CA ASN H 112 30.20 -17.11 1.91
C ASN H 112 31.71 -17.26 2.01
N VAL H 113 32.21 -18.48 1.89
CA VAL H 113 33.65 -18.70 1.78
C VAL H 113 34.17 -18.04 0.49
N ASN H 114 33.45 -18.22 -0.60
CA ASN H 114 33.83 -17.61 -1.88
C ASN H 114 33.84 -16.09 -1.80
N ILE H 115 32.79 -15.53 -1.19
CA ILE H 115 32.67 -14.09 -0.97
C ILE H 115 33.82 -13.60 -0.09
N PHE H 116 34.21 -14.41 0.90
CA PHE H 116 35.36 -14.08 1.73
C PHE H 116 36.68 -14.18 0.99
N LYS H 117 36.79 -15.10 0.04
CA LYS H 117 37.99 -15.19 -0.81
C LYS H 117 38.19 -13.92 -1.63
N PHE H 118 37.08 -13.29 -2.02
CA PHE H 118 37.07 -12.02 -2.73
C PHE H 118 37.39 -10.85 -1.79
N ILE H 119 36.83 -10.88 -0.57
CA ILE H 119 36.90 -9.74 0.34
C ILE H 119 38.23 -9.58 1.10
N ILE H 120 38.65 -10.63 1.80
CA ILE H 120 39.75 -10.52 2.78
C ILE H 120 41.08 -10.05 2.17
N PRO H 121 41.43 -10.53 0.96
CA PRO H 121 42.67 -10.04 0.34
C PRO H 121 42.65 -8.53 0.06
N ASN H 122 41.46 -8.01 -0.22
CA ASN H 122 41.29 -6.59 -0.46
C ASN H 122 41.34 -5.77 0.84
N VAL H 123 40.75 -6.23 1.95
CA VAL H 123 40.88 -5.45 3.20
C VAL H 123 42.34 -5.41 3.68
N VAL H 124 43.03 -6.54 3.63
CA VAL H 124 44.38 -6.63 4.21
C VAL H 124 45.39 -5.77 3.44
N LYS H 125 45.21 -5.65 2.13
CA LYS H 125 46.13 -4.85 1.33
C LYS H 125 46.08 -3.36 1.70
N TYR H 126 44.89 -2.83 1.99
CA TYR H 126 44.75 -1.40 2.32
C TYR H 126 44.77 -1.10 3.81
N SER H 127 44.50 -2.09 4.64
CA SER H 127 44.61 -1.93 6.09
C SER H 127 45.26 -3.15 6.69
N PRO H 128 46.57 -3.28 6.47
CA PRO H 128 47.28 -4.48 6.89
C PRO H 128 47.44 -4.62 8.40
N ASN H 129 47.28 -3.52 9.16
CA ASN H 129 47.39 -3.59 10.61
C ASN H 129 46.05 -3.58 11.34
N CYS H 130 44.96 -3.69 10.60
CA CYS H 130 43.62 -3.60 11.18
C CYS H 130 43.26 -4.84 11.99
N LYS H 131 42.25 -4.69 12.85
CA LYS H 131 41.61 -5.83 13.47
C LYS H 131 40.41 -6.16 12.57
N LEU H 132 40.25 -7.45 12.26
CA LEU H 132 39.10 -7.94 11.51
C LEU H 132 38.04 -8.38 12.51
N LEU H 133 36.81 -7.89 12.35
CA LEU H 133 35.65 -8.38 13.10
C LEU H 133 34.66 -9.03 12.13
N ILE H 134 34.57 -10.36 12.19
CA ILE H 134 33.69 -11.13 11.30
C ILE H 134 32.30 -11.24 11.92
N VAL H 135 31.28 -11.01 11.09
CA VAL H 135 29.88 -11.14 11.51
C VAL H 135 29.10 -12.11 10.63
N SER H 136 29.44 -12.16 9.33
CA SER H 136 28.77 -13.04 8.36
C SER H 136 28.71 -14.49 8.84
N ASN H 137 27.65 -15.21 8.45
CA ASN H 137 27.43 -16.58 8.91
C ASN H 137 27.91 -17.64 7.95
N PRO H 138 28.37 -18.80 8.47
CA PRO H 138 28.49 -19.15 9.90
C PRO H 138 29.70 -18.45 10.49
N VAL H 139 29.47 -17.64 11.53
CA VAL H 139 30.48 -16.70 11.97
C VAL H 139 31.75 -17.38 12.44
N ASP H 140 31.63 -18.53 13.10
CA ASP H 140 32.78 -19.23 13.65
C ASP H 140 33.67 -19.72 12.53
N ILE H 141 33.08 -20.44 11.58
CA ILE H 141 33.82 -20.97 10.44
C ILE H 141 34.39 -19.84 9.57
N LEU H 142 33.64 -18.75 9.42
CA LEU H 142 34.10 -17.63 8.61
C LEU H 142 35.22 -16.83 9.26
N THR H 143 35.28 -16.88 10.59
CA THR H 143 36.40 -16.31 11.34
C THR H 143 37.71 -17.10 11.08
N TYR H 144 37.62 -18.42 11.01
CA TYR H 144 38.76 -19.26 10.63
C TYR H 144 39.17 -18.98 9.19
N VAL H 145 38.18 -18.91 8.30
CA VAL H 145 38.38 -18.61 6.89
C VAL H 145 39.09 -17.26 6.74
N ALA H 146 38.59 -16.26 7.46
CA ALA H 146 39.19 -14.92 7.44
C ALA H 146 40.63 -14.95 7.98
N TRP H 147 40.80 -15.57 9.14
CA TRP H 147 42.13 -15.73 9.71
C TRP H 147 43.10 -16.35 8.70
N LYS H 148 42.70 -17.49 8.13
CA LYS H 148 43.58 -18.22 7.22
C LYS H 148 43.89 -17.49 5.90
N ILE H 149 42.91 -16.78 5.35
CA ILE H 149 43.15 -16.00 4.12
C ILE H 149 43.98 -14.75 4.40
N SER H 150 43.66 -14.04 5.48
CA SER H 150 44.38 -12.83 5.86
C SER H 150 45.85 -13.07 6.15
N GLY H 151 46.18 -14.21 6.76
CA GLY H 151 47.51 -14.41 7.32
C GLY H 151 47.76 -13.60 8.59
N PHE H 152 46.71 -13.04 9.18
CA PHE H 152 46.86 -12.22 10.40
C PHE H 152 47.17 -13.11 11.61
N PRO H 153 47.85 -12.55 12.62
CA PRO H 153 47.92 -13.27 13.88
C PRO H 153 46.54 -13.40 14.53
N LYS H 154 46.21 -14.59 15.02
CA LYS H 154 44.89 -14.91 15.58
C LYS H 154 44.23 -13.82 16.46
N ASN H 155 45.05 -13.11 17.23
CA ASN H 155 44.55 -12.00 18.05
C ASN H 155 43.83 -10.88 17.29
N ARG H 156 44.13 -10.71 16.00
CA ARG H 156 43.50 -9.65 15.19
C ARG H 156 42.40 -10.20 14.26
N VAL H 157 41.89 -11.38 14.57
CA VAL H 157 40.77 -11.93 13.81
C VAL H 157 39.72 -12.41 14.79
N ILE H 158 38.68 -11.59 14.94
CA ILE H 158 37.69 -11.76 15.97
C ILE H 158 36.34 -11.97 15.33
N GLY H 159 35.66 -13.04 15.72
CA GLY H 159 34.29 -13.28 15.26
C GLY H 159 33.30 -12.79 16.29
N SER H 160 32.21 -12.18 15.84
CA SER H 160 31.20 -11.64 16.74
C SER H 160 30.71 -12.73 17.70
N GLY H 161 30.59 -13.95 17.20
CA GLY H 161 30.44 -15.14 18.02
C GLY H 161 29.23 -15.09 18.96
N CYS H 162 29.46 -15.45 20.22
CA CYS H 162 28.35 -15.61 21.17
C CYS H 162 28.06 -14.37 22.02
N ASN H 163 28.71 -13.25 21.70
CA ASN H 163 28.37 -12.00 22.36
C ASN H 163 26.85 -11.76 22.29
N LEU H 164 26.27 -11.99 21.11
CA LEU H 164 24.82 -11.83 20.92
C LEU H 164 24.00 -12.90 21.65
N ASP H 165 24.43 -14.16 21.56
CA ASP H 165 23.66 -15.24 22.20
C ASP H 165 23.59 -15.01 23.69
N SER H 166 24.72 -14.61 24.27
CA SER H 166 24.79 -14.28 25.68
C SER H 166 23.87 -13.11 26.02
N ALA H 167 23.86 -12.07 25.19
CA ALA H 167 22.96 -10.94 25.35
C ALA H 167 21.50 -11.37 25.38
N ARG H 168 21.09 -12.24 24.46
CA ARG H 168 19.71 -12.78 24.45
C ARG H 168 19.43 -13.60 25.70
N PHE H 169 20.41 -14.41 26.09
CA PHE H 169 20.30 -15.21 27.29
C PHE H 169 20.06 -14.34 28.53
N ARG H 170 20.75 -13.20 28.60
CA ARG H 170 20.63 -12.30 29.74
C ARG H 170 19.29 -11.56 29.72
N TYR H 171 18.84 -11.18 28.52
CA TYR H 171 17.50 -10.61 28.37
C TYR H 171 16.41 -11.56 28.87
N LEU H 172 16.51 -12.83 28.53
CA LEU H 172 15.50 -13.80 28.91
C LEU H 172 15.57 -14.08 30.41
N MET H 173 16.79 -14.21 30.91
CA MET H 173 17.03 -14.31 32.34
C MET H 173 16.39 -13.12 33.06
N GLY H 174 16.59 -11.92 32.51
CA GLY H 174 16.00 -10.71 33.09
C GLY H 174 14.48 -10.73 33.09
N GLU H 175 13.91 -11.15 31.96
CA GLU H 175 12.47 -11.17 31.78
C GLU H 175 11.82 -11.99 32.89
N ARG H 176 12.34 -13.17 33.18
CA ARG H 176 11.71 -14.00 34.21
C ARG H 176 12.19 -13.73 35.64
N LEU H 177 13.37 -13.12 35.80
CA LEU H 177 13.80 -12.68 37.13
C LEU H 177 13.27 -11.28 37.50
N GLY H 178 12.84 -10.52 36.52
CA GLY H 178 12.44 -9.13 36.72
C GLY H 178 13.61 -8.26 37.10
N VAL H 179 14.74 -8.44 36.42
CA VAL H 179 15.96 -7.69 36.69
C VAL H 179 16.59 -7.32 35.34
N HIS H 180 17.20 -6.14 35.28
CA HIS H 180 17.76 -5.67 34.02
C HIS H 180 18.87 -6.61 33.54
N PRO H 181 18.95 -6.86 32.24
CA PRO H 181 19.96 -7.74 31.67
C PRO H 181 21.38 -7.43 32.13
N LEU H 182 21.69 -6.14 32.28
CA LEU H 182 22.97 -5.69 32.85
C LEU H 182 23.33 -6.34 34.20
N SER H 183 22.33 -6.61 35.05
CA SER H 183 22.61 -7.24 36.36
C SER H 183 22.38 -8.75 36.38
N CYS H 184 21.92 -9.31 35.25
CA CYS H 184 21.80 -10.76 35.06
C CYS H 184 23.01 -11.28 34.32
N HIS H 185 23.75 -12.18 34.95
CA HIS H 185 25.00 -12.68 34.38
C HIS H 185 24.87 -14.16 34.03
N GLY H 186 25.32 -14.48 32.82
CA GLY H 186 25.21 -15.82 32.26
C GLY H 186 25.91 -15.88 30.92
N TRP H 187 26.59 -17.00 30.65
CA TRP H 187 27.42 -17.13 29.46
C TRP H 187 26.96 -18.28 28.53
N VAL H 188 26.90 -17.98 27.24
CA VAL H 188 26.63 -18.97 26.20
C VAL H 188 27.92 -19.04 25.38
N LEU H 189 28.50 -20.24 25.30
CA LEU H 189 29.80 -20.45 24.68
C LEU H 189 29.67 -21.41 23.50
N GLY H 190 30.76 -21.58 22.77
CA GLY H 190 30.80 -22.52 21.65
C GLY H 190 30.34 -21.90 20.35
N GLU H 191 29.56 -22.67 19.58
CA GLU H 191 29.08 -22.26 18.27
C GLU H 191 28.06 -21.16 18.42
N HIS H 192 28.19 -20.11 17.62
CA HIS H 192 27.09 -19.20 17.41
C HIS H 192 26.15 -19.97 16.51
N GLY H 193 25.31 -20.81 17.10
CA GLY H 193 24.45 -21.69 16.33
C GLY H 193 23.71 -22.67 17.19
N ASP H 194 23.40 -23.82 16.61
CA ASP H 194 22.55 -24.81 17.26
C ASP H 194 23.26 -25.57 18.38
N SER H 195 24.59 -25.67 18.33
CA SER H 195 25.33 -26.42 19.35
C SER H 195 25.91 -25.52 20.46
N SER H 196 25.33 -24.34 20.67
CA SER H 196 25.81 -23.39 21.68
C SER H 196 25.68 -23.97 23.09
N VAL H 197 26.51 -23.49 24.01
CA VAL H 197 26.66 -24.13 25.32
C VAL H 197 26.37 -23.14 26.44
N PRO H 198 25.23 -23.34 27.12
CA PRO H 198 24.89 -22.50 28.27
C PRO H 198 25.66 -22.95 29.50
N VAL H 199 26.45 -22.05 30.08
CA VAL H 199 27.23 -22.40 31.26
C VAL H 199 26.38 -22.10 32.50
N TRP H 200 25.53 -23.07 32.88
CA TRP H 200 24.63 -22.92 34.03
C TRP H 200 25.36 -22.59 35.33
N SER H 201 26.56 -23.13 35.50
CA SER H 201 27.33 -22.91 36.72
C SER H 201 27.76 -21.44 36.92
N GLY H 202 27.87 -20.68 35.83
CA GLY H 202 28.26 -19.27 35.92
C GLY H 202 27.09 -18.31 36.06
N MET H 203 25.87 -18.82 36.01
CA MET H 203 24.68 -17.97 36.09
C MET H 203 24.43 -17.44 37.49
N ASN H 204 24.36 -16.12 37.59
CA ASN H 204 24.22 -15.45 38.87
C ASN H 204 23.61 -14.08 38.73
N VAL H 205 23.03 -13.60 39.83
CA VAL H 205 22.74 -12.18 40.02
C VAL H 205 23.51 -11.76 41.26
N ALA H 206 24.11 -10.58 41.25
CA ALA H 206 24.94 -10.08 42.37
C ALA H 206 25.87 -11.13 42.99
N GLY H 207 26.43 -11.97 42.13
CA GLY H 207 27.34 -13.01 42.58
C GLY H 207 26.70 -14.19 43.32
N VAL H 208 25.37 -14.30 43.33
CA VAL H 208 24.76 -15.51 43.89
C VAL H 208 24.45 -16.51 42.76
N SER H 209 25.04 -17.68 42.88
CA SER H 209 24.91 -18.74 41.88
C SER H 209 23.49 -19.31 41.84
N LEU H 210 22.85 -19.24 40.67
CA LEU H 210 21.52 -19.81 40.47
C LEU H 210 21.55 -21.33 40.60
N LYS H 211 22.67 -21.93 40.16
CA LYS H 211 22.85 -23.38 40.18
C LYS H 211 22.94 -23.95 41.60
N THR H 212 23.69 -23.26 42.47
CA THR H 212 23.79 -23.66 43.88
C THR H 212 22.45 -23.50 44.60
N LEU H 213 21.74 -22.42 44.30
CA LEU H 213 20.44 -22.14 44.90
C LEU H 213 19.40 -23.13 44.42
N HIS H 214 19.53 -23.54 43.16
CA HIS H 214 18.56 -24.38 42.49
C HIS H 214 19.34 -25.41 41.68
N PRO H 215 19.74 -26.52 42.32
CA PRO H 215 20.58 -27.56 41.70
C PRO H 215 20.01 -28.16 40.40
N ASP H 216 18.69 -28.23 40.27
CA ASP H 216 18.04 -28.77 39.07
C ASP H 216 18.18 -27.84 37.84
N LEU H 217 18.58 -26.59 38.07
CA LEU H 217 18.71 -25.57 37.01
C LEU H 217 19.30 -26.13 35.73
N GLY H 218 18.54 -26.03 34.64
CA GLY H 218 19.07 -26.32 33.31
C GLY H 218 18.99 -27.77 32.91
N THR H 219 18.76 -28.66 33.88
CA THR H 219 18.65 -30.09 33.61
C THR H 219 17.20 -30.48 33.34
N ASP H 220 17.05 -31.67 32.76
CA ASP H 220 15.75 -32.29 32.50
C ASP H 220 14.84 -32.40 33.74
N LYS H 221 15.44 -32.49 34.93
CA LYS H 221 14.66 -32.57 36.17
C LYS H 221 14.23 -31.21 36.71
N ASP H 222 14.56 -30.14 35.99
CA ASP H 222 14.20 -28.77 36.36
C ASP H 222 12.71 -28.51 36.19
N LYS H 223 12.01 -28.29 37.29
CA LYS H 223 10.58 -27.99 37.26
C LYS H 223 10.28 -26.64 36.61
N GLU H 224 11.20 -25.69 36.68
CA GLU H 224 11.01 -24.38 36.05
C GLU H 224 11.47 -24.29 34.59
N GLN H 225 12.01 -25.37 34.06
CA GLN H 225 12.28 -25.51 32.63
C GLN H 225 13.26 -24.45 32.11
N TRP H 226 14.32 -24.18 32.87
CA TRP H 226 15.29 -23.16 32.45
C TRP H 226 16.02 -23.54 31.18
N LYS H 227 16.17 -24.83 30.92
CA LYS H 227 16.73 -25.29 29.66
C LYS H 227 16.00 -24.69 28.47
N GLU H 228 14.70 -24.41 28.63
CA GLU H 228 13.91 -23.71 27.61
C GLU H 228 14.49 -22.32 27.27
N VAL H 229 15.06 -21.64 28.25
CA VAL H 229 15.71 -20.35 28.03
C VAL H 229 16.85 -20.48 27.02
N HIS H 230 17.64 -21.54 27.19
CA HIS H 230 18.69 -21.84 26.22
C HIS H 230 18.10 -22.18 24.86
N LYS H 231 17.00 -22.94 24.85
CA LYS H 231 16.36 -23.32 23.59
C LYS H 231 15.83 -22.10 22.84
N GLN H 232 15.31 -21.13 23.59
CA GLN H 232 14.90 -19.86 23.00
C GLN H 232 16.07 -19.10 22.36
N VAL H 233 17.22 -19.10 23.03
CA VAL H 233 18.42 -18.48 22.45
C VAL H 233 18.84 -19.13 21.12
N VAL H 234 18.86 -20.46 21.08
CA VAL H 234 19.18 -21.19 19.85
C VAL H 234 18.21 -20.79 18.73
N GLU H 235 16.92 -20.78 19.05
CA GLU H 235 15.88 -20.59 18.05
C GLU H 235 15.54 -19.11 17.80
N SER H 236 16.14 -18.22 18.58
CA SER H 236 15.83 -16.78 18.49
C SER H 236 15.95 -16.20 17.08
N ALA H 237 17.05 -16.48 16.39
CA ALA H 237 17.21 -15.95 15.03
C ALA H 237 16.15 -16.51 14.10
N TYR H 238 15.82 -17.78 14.29
CA TYR H 238 14.82 -18.46 13.46
C TYR H 238 13.45 -17.82 13.67
N GLU H 239 13.07 -17.55 14.92
CA GLU H 239 11.79 -16.87 15.19
C GLU H 239 11.78 -15.48 14.55
N VAL H 240 12.86 -14.74 14.77
CA VAL H 240 12.97 -13.39 14.22
C VAL H 240 12.92 -13.42 12.69
N ILE H 241 13.72 -14.30 12.09
CA ILE H 241 13.74 -14.48 10.63
C ILE H 241 12.35 -14.84 10.09
N LYS H 242 11.71 -15.81 10.75
CA LYS H 242 10.33 -16.18 10.40
C LYS H 242 9.40 -14.96 10.41
N LEU H 243 9.57 -14.08 11.39
CA LEU H 243 8.64 -12.99 11.62
C LEU H 243 8.90 -11.76 10.73
N LYS H 244 10.17 -11.36 10.56
CA LYS H 244 10.54 -10.21 9.73
C LYS H 244 11.55 -10.51 8.59
N GLY H 245 11.88 -11.78 8.37
CA GLY H 245 12.77 -12.19 7.27
C GLY H 245 14.27 -12.18 7.52
N TYR H 246 14.71 -11.57 8.62
CA TYR H 246 16.14 -11.46 8.95
C TYR H 246 16.32 -10.87 10.36
N THR H 247 17.55 -10.82 10.86
CA THR H 247 17.84 -10.10 12.12
C THR H 247 18.88 -9.02 11.85
N SER H 248 18.81 -7.91 12.58
CA SER H 248 19.74 -6.80 12.35
C SER H 248 20.05 -5.94 13.57
N TRP H 249 19.01 -5.50 14.28
CA TRP H 249 19.22 -4.54 15.36
C TRP H 249 20.03 -5.11 16.51
N ALA H 250 19.73 -6.35 16.92
CA ALA H 250 20.47 -6.97 18.03
C ALA H 250 21.95 -7.20 17.67
N ILE H 251 22.21 -7.73 16.48
CA ILE H 251 23.60 -7.96 16.07
C ILE H 251 24.36 -6.65 15.88
N GLY H 252 23.68 -5.61 15.37
CA GLY H 252 24.29 -4.29 15.23
C GLY H 252 24.79 -3.75 16.56
N LEU H 253 23.93 -3.82 17.57
CA LEU H 253 24.26 -3.35 18.92
C LEU H 253 25.36 -4.21 19.53
N SER H 254 25.32 -5.51 19.28
CA SER H 254 26.33 -6.42 19.77
C SER H 254 27.68 -6.11 19.19
N VAL H 255 27.72 -5.89 17.88
CA VAL H 255 28.94 -5.55 17.17
C VAL H 255 29.52 -4.22 17.67
N ALA H 256 28.65 -3.24 17.93
CA ALA H 256 29.10 -1.93 18.37
C ALA H 256 29.69 -2.01 19.78
N ASP H 257 29.13 -2.89 20.59
CA ASP H 257 29.64 -3.22 21.92
C ASP H 257 31.07 -3.77 21.88
N LEU H 258 31.33 -4.67 20.93
CA LEU H 258 32.67 -5.21 20.77
C LEU H 258 33.59 -4.15 20.15
N ALA H 259 33.06 -3.39 19.20
CA ALA H 259 33.81 -2.30 18.59
C ALA H 259 34.26 -1.31 19.67
N GLU H 260 33.36 -1.02 20.61
CA GLU H 260 33.70 -0.10 21.69
C GLU H 260 34.92 -0.57 22.47
N SER H 261 34.92 -1.84 22.90
CA SER H 261 36.03 -2.40 23.67
C SER H 261 37.34 -2.39 22.90
N ILE H 262 37.28 -2.67 21.60
CA ILE H 262 38.46 -2.64 20.76
C ILE H 262 38.97 -1.21 20.51
N MET H 263 38.08 -0.32 20.07
CA MET H 263 38.48 1.05 19.74
C MET H 263 38.92 1.86 20.95
N LYS H 264 38.30 1.63 22.11
CA LYS H 264 38.67 2.37 23.34
C LYS H 264 39.60 1.56 24.27
N ASN H 265 40.07 0.42 23.81
CA ASN H 265 41.02 -0.42 24.56
C ASN H 265 40.55 -0.78 25.97
N LEU H 266 39.28 -1.13 26.08
CA LEU H 266 38.67 -1.26 27.40
C LEU H 266 39.10 -2.48 28.18
N ARG H 267 39.54 -3.52 27.49
CA ARG H 267 39.91 -4.80 28.12
C ARG H 267 38.73 -5.43 28.91
N ARG H 268 37.52 -5.30 28.35
CA ARG H 268 36.36 -6.01 28.85
C ARG H 268 36.39 -7.43 28.31
N VAL H 269 35.63 -8.32 28.94
CA VAL H 269 35.60 -9.72 28.56
C VAL H 269 34.34 -9.99 27.77
N HIS H 270 34.48 -10.57 26.58
CA HIS H 270 33.33 -10.87 25.72
C HIS H 270 33.49 -12.30 25.21
N PRO H 271 32.36 -13.02 25.05
CA PRO H 271 32.43 -14.31 24.37
C PRO H 271 32.45 -14.12 22.85
N VAL H 272 33.62 -14.31 22.25
CA VAL H 272 33.79 -14.12 20.81
C VAL H 272 34.60 -15.26 20.20
N SER H 273 34.38 -15.48 18.91
CA SER H 273 35.00 -16.58 18.19
C SER H 273 36.50 -16.36 18.13
N THR H 274 37.22 -17.34 18.67
CA THR H 274 38.67 -17.34 18.59
C THR H 274 39.20 -18.78 18.53
N MET H 275 40.47 -18.94 18.20
CA MET H 275 41.05 -20.27 18.17
C MET H 275 41.23 -20.80 19.58
N ILE H 276 40.69 -21.99 19.81
CA ILE H 276 40.72 -22.63 21.14
C ILE H 276 41.57 -23.89 21.15
N LYS H 277 42.41 -24.07 20.13
CA LYS H 277 43.26 -25.24 20.07
C LYS H 277 43.95 -25.46 21.42
N GLY H 278 43.74 -26.63 21.99
CA GLY H 278 44.45 -27.09 23.17
C GLY H 278 43.91 -26.60 24.50
N LEU H 279 42.63 -26.26 24.56
CA LEU H 279 42.03 -25.75 25.80
C LEU H 279 41.02 -26.71 26.41
N TYR H 280 40.17 -27.32 25.58
CA TYR H 280 39.15 -28.23 26.07
C TYR H 280 39.30 -29.58 25.41
N GLY H 281 40.53 -30.08 25.42
CA GLY H 281 40.86 -31.36 24.85
C GLY H 281 40.60 -31.38 23.36
N ILE H 282 41.19 -30.43 22.64
CA ILE H 282 41.06 -30.42 21.18
C ILE H 282 42.32 -29.87 20.50
N LYS H 283 42.84 -30.66 19.56
CA LYS H 283 44.14 -30.40 18.93
C LYS H 283 44.01 -29.75 17.55
N ASP H 284 42.83 -29.23 17.23
CA ASP H 284 42.55 -28.71 15.89
C ASP H 284 42.33 -27.20 15.92
N ASP H 285 42.59 -26.55 14.78
CA ASP H 285 42.48 -25.09 14.64
C ASP H 285 41.03 -24.62 14.53
N VAL H 286 40.22 -24.91 15.55
CA VAL H 286 38.81 -24.59 15.55
C VAL H 286 38.54 -23.25 16.20
N PHE H 287 37.66 -22.46 15.58
CA PHE H 287 37.23 -21.18 16.11
C PHE H 287 35.86 -21.34 16.73
N LEU H 288 35.73 -20.90 17.97
CA LEU H 288 34.42 -20.76 18.62
C LEU H 288 34.53 -19.84 19.83
N SER H 289 33.40 -19.49 20.43
CA SER H 289 33.35 -18.47 21.48
C SER H 289 33.74 -18.95 22.88
N VAL H 290 34.69 -18.23 23.45
CA VAL H 290 35.10 -18.41 24.83
C VAL H 290 35.30 -16.98 25.32
N PRO H 291 35.24 -16.75 26.65
CA PRO H 291 35.36 -15.35 27.03
C PRO H 291 36.77 -14.84 26.74
N CYS H 292 36.84 -13.70 26.08
CA CYS H 292 38.11 -13.14 25.62
C CYS H 292 38.26 -11.71 26.13
N ILE H 293 39.47 -11.31 26.51
CA ILE H 293 39.76 -9.90 26.77
C ILE H 293 39.96 -9.17 25.44
N LEU H 294 39.20 -8.09 25.25
CA LEU H 294 39.18 -7.34 24.01
C LEU H 294 39.68 -5.94 24.21
N GLY H 295 40.66 -5.55 23.40
CA GLY H 295 41.24 -4.22 23.49
C GLY H 295 41.84 -3.78 22.16
N GLN H 296 42.84 -2.90 22.25
CA GLN H 296 43.45 -2.22 21.09
C GLN H 296 44.15 -3.18 20.13
N ASN H 297 44.60 -4.32 20.64
CA ASN H 297 45.26 -5.34 19.84
C ASN H 297 44.37 -6.56 19.60
N GLY H 298 43.07 -6.37 19.66
CA GLY H 298 42.12 -7.46 19.51
C GLY H 298 42.10 -8.35 20.73
N ILE H 299 42.05 -9.66 20.52
CA ILE H 299 41.97 -10.62 21.62
C ILE H 299 43.32 -10.80 22.27
N SER H 300 43.52 -10.22 23.46
CA SER H 300 44.84 -10.30 24.13
C SER H 300 44.96 -11.51 25.05
N ASP H 301 43.83 -11.98 25.56
CA ASP H 301 43.78 -13.05 26.55
C ASP H 301 42.49 -13.83 26.44
N LEU H 302 42.54 -15.11 26.84
CA LEU H 302 41.35 -15.96 26.94
C LEU H 302 41.08 -16.23 28.41
N VAL H 303 39.81 -16.22 28.79
CA VAL H 303 39.43 -16.68 30.13
C VAL H 303 39.15 -18.17 30.07
N LYS H 304 39.82 -18.93 30.92
CA LYS H 304 39.61 -20.37 31.03
C LYS H 304 38.45 -20.64 31.97
N VAL H 305 37.28 -20.89 31.40
CA VAL H 305 36.10 -21.18 32.20
C VAL H 305 36.19 -22.62 32.68
N THR H 306 35.96 -22.85 33.96
CA THR H 306 35.89 -24.21 34.47
C THR H 306 34.50 -24.79 34.19
N LEU H 307 34.46 -25.80 33.33
CA LEU H 307 33.22 -26.39 32.86
C LEU H 307 33.09 -27.75 33.47
N THR H 308 31.85 -28.20 33.67
CA THR H 308 31.61 -29.57 34.10
C THR H 308 32.03 -30.51 32.97
N SER H 309 32.07 -31.80 33.26
CA SER H 309 32.34 -32.81 32.25
C SER H 309 31.30 -32.71 31.15
N GLU H 310 30.06 -32.49 31.57
CA GLU H 310 28.92 -32.43 30.66
C GLU H 310 28.94 -31.14 29.84
N GLU H 311 29.17 -30.01 30.51
CA GLU H 311 29.36 -28.73 29.81
C GLU H 311 30.53 -28.84 28.83
N GLU H 312 31.62 -29.45 29.25
CA GLU H 312 32.79 -29.63 28.40
C GLU H 312 32.50 -30.58 27.23
N ALA H 313 31.68 -31.60 27.46
CA ALA H 313 31.30 -32.55 26.42
C ALA H 313 30.52 -31.84 25.32
N ARG H 314 29.48 -31.10 25.71
CA ARG H 314 28.73 -30.26 24.78
C ARG H 314 29.67 -29.41 23.92
N LEU H 315 30.62 -28.76 24.60
CA LEU H 315 31.55 -27.83 23.95
C LEU H 315 32.55 -28.52 23.04
N LYS H 316 33.04 -29.69 23.46
CA LYS H 316 33.96 -30.47 22.62
C LYS H 316 33.26 -31.03 21.39
N LYS H 317 32.03 -31.51 21.57
CA LYS H 317 31.25 -32.08 20.47
C LYS H 317 30.99 -31.00 19.42
N SER H 318 30.53 -29.84 19.90
CA SER H 318 30.35 -28.65 19.07
C SER H 318 31.61 -28.31 18.29
N ALA H 319 32.77 -28.40 18.93
CA ALA H 319 34.05 -28.12 18.28
C ALA H 319 34.32 -29.05 17.11
N ASP H 320 33.97 -30.33 17.26
CA ASP H 320 34.17 -31.32 16.20
C ASP H 320 33.17 -31.14 15.07
N THR H 321 31.94 -30.76 15.39
CA THR H 321 30.93 -30.41 14.39
C THR H 321 31.48 -29.37 13.42
N LEU H 322 32.11 -28.33 13.95
CA LEU H 322 32.70 -27.26 13.13
C LEU H 322 33.92 -27.74 12.36
N TRP H 323 34.83 -28.45 13.02
CA TRP H 323 36.05 -28.91 12.36
C TRP H 323 35.80 -29.86 11.19
N GLY H 324 34.72 -30.64 11.27
CA GLY H 324 34.33 -31.55 10.20
C GLY H 324 34.13 -30.81 8.89
N ILE H 325 33.37 -29.73 8.95
CA ILE H 325 33.11 -28.87 7.81
C ILE H 325 34.37 -28.10 7.42
N GLN H 326 35.04 -27.59 8.44
CA GLN H 326 36.23 -26.74 8.28
C GLN H 326 37.43 -27.45 7.63
N LYS H 327 37.49 -28.77 7.76
CA LYS H 327 38.60 -29.54 7.20
C LYS H 327 38.58 -29.64 5.67
N GLU H 328 37.46 -29.27 5.06
CA GLU H 328 37.23 -29.52 3.63
C GLU H 328 37.99 -28.60 2.66
N LEU H 329 38.30 -27.37 3.08
CA LEU H 329 39.11 -26.46 2.25
C LEU H 329 40.23 -25.84 3.09
N GLN H 330 41.48 -26.15 2.71
CA GLN H 330 42.67 -25.58 3.33
C GLN H 330 43.79 -25.45 2.29
N PHE H 331 43.54 -24.62 1.27
CA PHE H 331 44.55 -24.30 0.24
C PHE H 331 44.17 -23.02 -0.51
#